data_8VAZ
#
_entry.id   8VAZ
#
_cell.length_a   1.00
_cell.length_b   1.00
_cell.length_c   1.00
_cell.angle_alpha   90.00
_cell.angle_beta   90.00
_cell.angle_gamma   90.00
#
_symmetry.space_group_name_H-M   'P 1'
#
loop_
_entity.id
_entity.type
_entity.pdbx_description
1 polymer 'Calcium-activated potassium channel subunit alpha-1'
2 polymer 'Leucine-rich repeat-containing protein 26'
3 non-polymer 'POTASSIUM ION'
#
loop_
_entity_poly.entity_id
_entity_poly.type
_entity_poly.pdbx_seq_one_letter_code
_entity_poly.pdbx_strand_id
1 'polypeptide(L)'
;MDALIIPVTMEVPCDSRGQRMWWAFLASSMVTFFGGLFIILLWRTLKYLWTVCCHCGGKTKEAQKINNGSSQADGTLKPV
DEKEEAVAAEVGWMTSVKDWAGVMISAQTLTGRVLVVLVFALSIGALVIYFIDSSNPIESCQNFYKDFTLQIDMAFNVFF
LLYFGLRFIAANDKLWFWLEVNSVVDFFTVPPVFVSVYLNRSWLGLRFLRALRLIQFSEILQFLNILKTSNSIKLVNLLS
IFISTWLTAAGFIHLVENSGDPWENFQNNQALTYWECVYLLMVTMSTVGYGDVYAKTTLGRLFMVFFILGGLAMFASYVP
EIIELIGNRKKYGGSYSAVSGRKHIVVCGHITLESVSNFLKDFLHKDRDDVNVEIVFLHNISPNLELEALFKRHFTQVEF
YQGSVLNPHDLARVKIESADACLILANKYCADPDAEDASNIMRVISIKNYHPKIRIITQMLQYHNKAHLLNIPSWNWKEG
DDAICLAELKLGFIAQSCLAQGLSTMLANLFSMRSFIKIEEDTWQKYYLEGVSNEMYTEYLSSAFVGLSFPTVCELCFVK
LKLLMIAIEYKSANRESRILINPGNHLKIQEGTLGFFIASDAKEVKRAFFYCKACHDDITDPKRIKKCGCKRLEDEQPST
LSPKKKQRNGGMRNSPNTSPKLMRHDPLLIPGNDQIDNMDSNVKKYDSTGMFHWCAPKEIEKVILTRSEAAMTVLSGHVV
VCIFGDVSSALIGLRNLVMPLRASNFHYHELKHIVFVGSIEYLKREWETLHNFPKVSILPGTPLSRADLRAVNINLCDMC
VILSANQNNIDDTSLQDKECILASLNIKSMQFDDSIGVLQANSQGFTPPGMDRSSPDNSPVHGMLRQPSITTGVNIPIIT
ELVNDTNVQFLDQDDDDDPDTELYLTQPFACGTAFAVSVLDSLMSATYFNDNILTLIRTLVTGGATPELEALIAEENALR
GGYSTPQTLANRDRCRVAQLALLDGPFADLGDGGCYGDLFCKALKTYNMLCFGIYRLRDAHLSTPSQCTKRYVITNPPYE
FELVPTDLIFCLMQFDSNSLEVLFQ
;
A,B,C,D
2 'polypeptide(L)'
;MRGPSWSRPRPLLLLLLLLSPWPVWAQVSATASPSGSLGAPDCPEVCTCVPGGLASCSALSLPAVPPGLSLRLRALLLDH
NRVRALPPGAFAGAGALQRLDLRENGLHSVHVRAFWGLGALQLLDLSANQLEALAPGTFAPLRALRNLSLAGNRLARLEP
AALGALPLLRSLSLQDNELAALAPGLLGRLPALDALHLRGNPWGCGCALRPLCAWLRRHPLPASEAETVLCVWPGRLTLS
PLTAFSDAAFSHCAQPLALRDLAVVYTLGPASFLVSLASCLALGSGLTACRARRRRLRTAALRPPRPPDPNPDPDPHGCA
SPADPGSPAAAAQAAAAGLEVLFQ
;
E,F,G,H
#
# COMPACT_ATOMS: atom_id res chain seq x y z
N ARG A 20 18.98 52.99 43.19
CA ARG A 20 18.30 51.98 42.37
C ARG A 20 17.29 51.20 43.19
N MET A 21 16.02 51.59 43.11
CA MET A 21 14.93 50.93 43.84
C MET A 21 14.14 50.00 42.95
N TRP A 22 14.82 49.28 42.04
CA TRP A 22 14.14 48.37 41.14
C TRP A 22 13.44 47.24 41.89
N TRP A 23 13.97 46.85 43.05
CA TRP A 23 13.36 45.74 43.79
C TRP A 23 11.97 46.09 44.27
N ALA A 24 11.67 47.36 44.51
CA ALA A 24 10.32 47.75 44.89
C ALA A 24 9.33 47.47 43.77
N PHE A 25 9.64 47.94 42.55
CA PHE A 25 8.78 47.70 41.41
C PHE A 25 8.65 46.21 41.11
N LEU A 26 9.74 45.47 41.20
CA LEU A 26 9.67 44.03 40.94
C LEU A 26 8.86 43.31 42.01
N ALA A 27 9.11 43.63 43.28
CA ALA A 27 8.46 42.92 44.38
C ALA A 27 6.97 43.25 44.46
N SER A 28 6.56 44.43 43.99
CA SER A 28 5.13 44.71 43.91
C SER A 28 4.41 43.70 43.04
N SER A 29 4.93 43.46 41.83
CA SER A 29 4.37 42.45 40.95
C SER A 29 4.50 41.05 41.54
N MET A 30 5.65 40.76 42.18
CA MET A 30 5.86 39.44 42.76
C MET A 30 4.84 39.14 43.85
N VAL A 31 4.59 40.08 44.75
CA VAL A 31 3.61 39.83 45.80
C VAL A 31 2.20 39.80 45.21
N THR A 32 1.91 40.69 44.26
CA THR A 32 0.60 40.71 43.61
C THR A 32 0.26 39.37 42.99
N PHE A 33 1.23 38.73 42.36
CA PHE A 33 1.00 37.41 41.79
C PHE A 33 0.97 36.34 42.88
N PHE A 34 2.07 36.18 43.61
CA PHE A 34 2.26 35.00 44.45
C PHE A 34 1.33 35.00 45.65
N GLY A 35 1.26 36.12 46.40
CA GLY A 35 0.47 36.13 47.61
C GLY A 35 -1.02 36.01 47.31
N GLY A 36 -1.48 36.66 46.24
CA GLY A 36 -2.88 36.53 45.86
C GLY A 36 -3.20 35.12 45.38
N LEU A 37 -2.28 34.50 44.63
CA LEU A 37 -2.49 33.11 44.25
C LEU A 37 -2.56 32.22 45.48
N PHE A 38 -1.69 32.46 46.45
CA PHE A 38 -1.68 31.65 47.67
C PHE A 38 -2.97 31.80 48.45
N ILE A 39 -3.49 33.03 48.56
CA ILE A 39 -4.74 33.19 49.31
C ILE A 39 -5.92 32.62 48.53
N ILE A 40 -5.87 32.63 47.20
CA ILE A 40 -6.92 31.95 46.43
C ILE A 40 -6.90 30.45 46.70
N LEU A 41 -5.70 29.84 46.71
CA LEU A 41 -5.63 28.41 47.05
C LEU A 41 -6.10 28.16 48.47
N LEU A 42 -5.74 29.04 49.41
CA LEU A 42 -6.17 28.86 50.80
C LEU A 42 -7.68 28.94 50.94
N TRP A 43 -8.31 29.88 50.23
CA TRP A 43 -9.77 29.95 50.24
C TRP A 43 -10.39 28.75 49.54
N ARG A 44 -9.71 28.19 48.53
CA ARG A 44 -10.19 26.97 47.89
C ARG A 44 -10.18 25.80 48.87
N THR A 45 -9.14 25.70 49.69
CA THR A 45 -9.10 24.63 50.69
C THR A 45 -10.21 24.77 51.71
N LEU A 46 -10.51 26.00 52.14
CA LEU A 46 -11.58 26.23 53.09
C LEU A 46 -12.95 26.01 52.45
N TRP A 93 -26.71 34.94 43.83
CA TRP A 93 -26.88 36.16 43.05
C TRP A 93 -25.63 36.47 42.23
N MET A 94 -24.48 35.94 42.69
CA MET A 94 -23.23 36.15 41.98
C MET A 94 -23.21 35.49 40.61
N THR A 95 -24.05 34.47 40.39
CA THR A 95 -24.15 33.86 39.07
C THR A 95 -24.69 34.84 38.04
N SER A 96 -25.62 35.71 38.45
CA SER A 96 -26.18 36.69 37.53
C SER A 96 -25.12 37.66 37.03
N VAL A 97 -24.34 38.24 37.95
CA VAL A 97 -23.29 39.17 37.54
C VAL A 97 -22.18 38.44 36.79
N LYS A 98 -21.92 37.17 37.15
CA LYS A 98 -20.92 36.40 36.42
C LYS A 98 -21.33 36.20 34.97
N ASP A 99 -22.59 35.83 34.74
CA ASP A 99 -23.08 35.66 33.37
C ASP A 99 -23.15 36.99 32.64
N TRP A 100 -23.48 38.08 33.34
CA TRP A 100 -23.47 39.39 32.71
C TRP A 100 -22.07 39.76 32.22
N ALA A 101 -21.06 39.54 33.06
CA ALA A 101 -19.69 39.81 32.65
C ALA A 101 -19.26 38.90 31.51
N GLY A 102 -19.66 37.63 31.57
CA GLY A 102 -19.30 36.70 30.51
C GLY A 102 -19.88 37.08 29.16
N VAL A 103 -21.16 37.47 29.15
CA VAL A 103 -21.76 37.90 27.89
C VAL A 103 -21.24 39.26 27.46
N MET A 104 -20.77 40.09 28.41
CA MET A 104 -20.15 41.35 28.04
C MET A 104 -18.81 41.13 27.34
N ILE A 105 -17.98 40.22 27.85
CA ILE A 105 -16.68 39.96 27.26
C ILE A 105 -16.70 38.78 26.30
N SER A 106 -17.89 38.31 25.91
CA SER A 106 -17.99 37.22 24.96
C SER A 106 -17.53 37.66 23.57
N ALA A 107 -16.97 36.71 22.83
CA ALA A 107 -16.50 37.00 21.48
C ALA A 107 -17.65 37.33 20.55
N GLN A 108 -18.78 36.63 20.69
CA GLN A 108 -19.90 36.86 19.79
C GLN A 108 -20.56 38.22 20.00
N THR A 109 -20.50 38.74 21.22
CA THR A 109 -21.07 40.06 21.50
C THR A 109 -20.26 41.14 20.81
N LEU A 110 -20.99 42.07 20.16
CA LEU A 110 -20.33 43.18 19.47
C LEU A 110 -19.53 44.05 20.43
N THR A 111 -20.02 44.20 21.67
CA THR A 111 -19.25 44.88 22.69
C THR A 111 -17.93 44.16 22.94
N GLY A 112 -17.96 42.83 22.96
CA GLY A 112 -16.71 42.07 23.08
C GLY A 112 -15.77 42.31 21.92
N ARG A 113 -16.31 42.37 20.70
CA ARG A 113 -15.49 42.62 19.51
C ARG A 113 -14.79 43.97 19.62
N VAL A 114 -15.56 45.04 19.87
CA VAL A 114 -14.96 46.37 19.92
C VAL A 114 -14.02 46.49 21.11
N LEU A 115 -14.30 45.80 22.21
CA LEU A 115 -13.45 45.89 23.38
C LEU A 115 -12.12 45.18 23.17
N VAL A 116 -12.13 44.01 22.52
CA VAL A 116 -10.86 43.33 22.26
C VAL A 116 -10.04 44.10 21.22
N VAL A 117 -10.70 44.69 20.23
CA VAL A 117 -9.98 45.54 19.29
C VAL A 117 -9.36 46.73 20.01
N LEU A 118 -10.12 47.33 20.93
CA LEU A 118 -9.62 48.49 21.68
C LEU A 118 -8.42 48.12 22.54
N VAL A 119 -8.50 46.99 23.25
CA VAL A 119 -7.39 46.62 24.12
C VAL A 119 -6.16 46.23 23.31
N PHE A 120 -6.36 45.59 22.14
CA PHE A 120 -5.22 45.30 21.28
C PHE A 120 -4.56 46.57 20.79
N ALA A 121 -5.37 47.55 20.34
CA ALA A 121 -4.81 48.80 19.85
C ALA A 121 -4.08 49.56 20.95
N LEU A 122 -4.63 49.55 22.17
CA LEU A 122 -3.98 50.24 23.27
C LEU A 122 -2.70 49.52 23.70
N SER A 123 -2.66 48.19 23.57
CA SER A 123 -1.42 47.46 23.81
C SER A 123 -0.36 47.84 22.79
N ILE A 124 -0.76 48.00 21.52
CA ILE A 124 0.19 48.46 20.51
C ILE A 124 0.71 49.85 20.85
N GLY A 125 -0.20 50.74 21.30
CA GLY A 125 0.23 52.07 21.71
C GLY A 125 1.21 52.04 22.87
N ALA A 126 0.94 51.18 23.86
CA ALA A 126 1.86 51.05 24.99
C ALA A 126 3.21 50.52 24.55
N LEU A 127 3.22 49.58 23.59
CA LEU A 127 4.48 49.08 23.06
C LEU A 127 5.25 50.19 22.35
N VAL A 128 4.55 51.05 21.62
CA VAL A 128 5.20 52.18 20.96
C VAL A 128 5.79 53.13 22.00
N ILE A 129 5.05 53.39 23.08
CA ILE A 129 5.57 54.24 24.16
C ILE A 129 6.82 53.61 24.78
N TYR A 130 6.82 52.28 24.94
CA TYR A 130 8.01 51.60 25.45
C TYR A 130 9.18 51.75 24.50
N PHE A 131 8.93 51.66 23.19
CA PHE A 131 10.00 51.86 22.22
C PHE A 131 10.57 53.26 22.31
N ILE A 132 9.71 54.26 22.49
CA ILE A 132 10.18 55.63 22.62
C ILE A 132 11.00 55.80 23.90
N ASP A 133 10.52 55.24 25.01
CA ASP A 133 11.18 55.42 26.30
C ASP A 133 12.42 54.55 26.47
N SER A 134 12.65 53.57 25.59
CA SER A 134 13.83 52.72 25.70
C SER A 134 15.11 53.53 25.53
N SER A 135 15.07 54.62 24.75
CA SER A 135 16.26 55.46 24.57
C SER A 135 16.65 56.15 25.87
N ASN A 136 15.70 56.39 26.77
CA ASN A 136 15.98 57.01 28.04
C ASN A 136 16.73 56.03 28.94
N PRO A 137 17.40 56.54 29.99
CA PRO A 137 18.07 55.64 30.95
C PRO A 137 17.07 54.71 31.63
N ILE A 138 17.60 53.62 32.17
CA ILE A 138 16.77 52.55 32.73
C ILE A 138 15.96 53.06 33.91
N GLU A 139 16.60 53.81 34.81
CA GLU A 139 15.94 54.28 36.03
C GLU A 139 16.13 55.79 36.12
N SER A 140 15.06 56.54 35.90
CA SER A 140 15.13 58.00 35.95
C SER A 140 13.99 58.56 36.79
N CYS A 141 13.80 59.87 36.76
CA CYS A 141 12.74 60.53 37.52
C CYS A 141 11.96 61.46 36.63
N GLN A 142 10.65 61.52 36.83
CA GLN A 142 9.78 62.39 36.07
C GLN A 142 8.54 62.71 36.91
N ASN A 143 7.76 63.67 36.42
CA ASN A 143 6.58 64.16 37.14
C ASN A 143 5.31 63.80 36.38
N PHE A 144 4.26 63.47 37.13
CA PHE A 144 2.97 63.21 36.53
C PHE A 144 2.40 64.45 35.84
N TYR A 145 2.42 65.59 36.54
CA TYR A 145 1.79 66.78 36.00
C TYR A 145 2.62 67.40 34.87
N LYS A 146 3.94 67.22 34.91
CA LYS A 146 4.78 67.76 33.85
C LYS A 146 4.67 66.93 32.58
N ASP A 147 4.66 65.60 32.71
CA ASP A 147 4.72 64.70 31.56
C ASP A 147 3.33 64.19 31.23
N PHE A 148 2.86 64.49 30.02
CA PHE A 148 1.57 63.97 29.56
C PHE A 148 1.67 62.52 29.13
N THR A 149 2.84 62.09 28.63
CA THR A 149 2.98 60.72 28.14
C THR A 149 2.82 59.71 29.27
N LEU A 150 3.34 60.02 30.45
CA LEU A 150 3.18 59.12 31.60
C LEU A 150 1.71 59.02 32.00
N GLN A 151 0.99 60.14 31.94
CA GLN A 151 -0.45 60.13 32.21
C GLN A 151 -1.19 59.26 31.20
N ILE A 152 -0.81 59.36 29.92
CA ILE A 152 -1.41 58.51 28.90
C ILE A 152 -1.11 57.04 29.19
N ASP A 153 0.13 56.74 29.58
CA ASP A 153 0.52 55.36 29.86
C ASP A 153 -0.29 54.79 31.02
N MET A 154 -0.46 55.56 32.09
CA MET A 154 -1.23 55.04 33.21
C MET A 154 -2.73 54.99 32.91
N ALA A 155 -3.24 55.85 32.02
CA ALA A 155 -4.63 55.70 31.58
C ALA A 155 -4.80 54.38 30.83
N PHE A 156 -3.85 54.06 29.93
CA PHE A 156 -3.86 52.76 29.26
C PHE A 156 -3.83 51.63 30.29
N ASN A 157 -2.97 51.75 31.30
CA ASN A 157 -2.79 50.67 32.27
C ASN A 157 -4.02 50.49 33.15
N VAL A 158 -4.70 51.58 33.53
CA VAL A 158 -5.91 51.43 34.32
C VAL A 158 -7.05 50.90 33.46
N PHE A 159 -7.05 51.17 32.15
CA PHE A 159 -8.02 50.52 31.28
C PHE A 159 -7.77 49.01 31.24
N PHE A 160 -6.50 48.62 31.14
CA PHE A 160 -6.16 47.20 31.23
C PHE A 160 -6.59 46.62 32.58
N LEU A 161 -6.49 47.43 33.64
CA LEU A 161 -6.92 47.00 34.96
C LEU A 161 -8.43 46.73 34.99
N LEU A 162 -9.22 47.62 34.39
CA LEU A 162 -10.66 47.38 34.33
C LEU A 162 -10.98 46.14 33.51
N TYR A 163 -10.28 45.94 32.40
CA TYR A 163 -10.50 44.73 31.60
C TYR A 163 -10.13 43.49 32.39
N PHE A 164 -9.06 43.55 33.18
CA PHE A 164 -8.71 42.44 34.05
C PHE A 164 -9.80 42.17 35.08
N GLY A 165 -10.40 43.23 35.61
CA GLY A 165 -11.50 43.04 36.54
C GLY A 165 -12.68 42.34 35.90
N LEU A 166 -13.06 42.78 34.70
CA LEU A 166 -14.16 42.12 33.96
C LEU A 166 -13.82 40.65 33.67
N ARG A 167 -12.57 40.37 33.32
CA ARG A 167 -12.19 38.99 33.04
C ARG A 167 -12.21 38.14 34.31
N PHE A 168 -11.81 38.72 35.45
CA PHE A 168 -11.74 37.94 36.68
C PHE A 168 -13.13 37.64 37.23
N ILE A 169 -14.03 38.62 37.18
CA ILE A 169 -15.38 38.39 37.73
C ILE A 169 -16.13 37.36 36.89
N ALA A 170 -15.75 37.21 35.62
CA ALA A 170 -16.36 36.21 34.74
C ALA A 170 -15.56 34.93 34.65
N ALA A 171 -14.48 34.80 35.42
CA ALA A 171 -13.62 33.62 35.33
C ALA A 171 -14.33 32.41 35.93
N ASN A 172 -14.38 31.31 35.17
CA ASN A 172 -15.01 30.10 35.67
C ASN A 172 -14.16 29.45 36.78
N ASP A 173 -12.85 29.43 36.59
CA ASP A 173 -11.91 28.89 37.57
C ASP A 173 -10.87 29.96 37.85
N LYS A 174 -10.61 30.21 39.13
CA LYS A 174 -9.68 31.28 39.50
C LYS A 174 -8.24 30.88 39.23
N LEU A 175 -7.91 29.60 39.41
CA LEU A 175 -6.52 29.17 39.25
C LEU A 175 -6.07 29.26 37.80
N TRP A 176 -6.85 28.71 36.87
CA TRP A 176 -6.45 28.72 35.47
C TRP A 176 -6.46 30.13 34.90
N PHE A 177 -7.40 30.98 35.34
CA PHE A 177 -7.36 32.37 34.95
C PHE A 177 -6.17 33.10 35.57
N TRP A 178 -5.71 32.63 36.73
CA TRP A 178 -4.57 33.26 37.39
C TRP A 178 -3.24 32.77 36.84
N LEU A 179 -3.23 31.69 36.06
CA LEU A 179 -2.00 31.17 35.50
C LEU A 179 -1.99 31.26 33.97
N GLU A 180 -2.42 32.38 33.42
CA GLU A 180 -2.40 32.60 31.99
C GLU A 180 -1.59 33.86 31.66
N VAL A 181 -1.36 34.08 30.37
CA VAL A 181 -0.39 35.07 29.92
C VAL A 181 -0.89 36.50 30.19
N ASN A 182 -2.17 36.77 29.91
CA ASN A 182 -2.68 38.13 30.08
C ASN A 182 -2.68 38.54 31.54
N SER A 183 -3.05 37.62 32.43
CA SER A 183 -3.03 37.93 33.86
C SER A 183 -1.63 38.27 34.34
N VAL A 184 -0.64 37.47 33.92
CA VAL A 184 0.72 37.69 34.42
C VAL A 184 1.34 38.94 33.80
N VAL A 185 1.02 39.25 32.54
CA VAL A 185 1.56 40.49 31.97
C VAL A 185 0.92 41.70 32.63
N ASP A 186 -0.38 41.63 32.97
CA ASP A 186 -0.99 42.71 33.71
C ASP A 186 -0.36 42.86 35.09
N PHE A 187 -0.07 41.73 35.75
CA PHE A 187 0.55 41.76 37.07
C PHE A 187 1.93 42.41 37.02
N PHE A 188 2.71 42.08 35.99
CA PHE A 188 4.06 42.62 35.87
C PHE A 188 4.11 43.98 35.18
N THR A 189 2.98 44.51 34.72
CA THR A 189 2.94 45.83 34.11
C THR A 189 2.32 46.89 35.00
N VAL A 190 1.14 46.65 35.56
CA VAL A 190 0.34 47.73 36.15
C VAL A 190 0.81 48.13 37.55
N PRO A 191 1.10 47.21 38.47
CA PRO A 191 1.70 47.63 39.76
C PRO A 191 3.01 48.38 39.58
N PRO A 192 3.86 48.04 38.59
CA PRO A 192 5.02 48.91 38.35
C PRO A 192 4.66 50.36 38.05
N VAL A 193 3.63 50.63 37.25
CA VAL A 193 3.35 52.03 36.96
C VAL A 193 2.66 52.70 38.14
N PHE A 194 1.91 51.95 38.96
CA PHE A 194 1.39 52.56 40.18
C PHE A 194 2.51 52.93 41.15
N VAL A 195 3.51 52.06 41.31
CA VAL A 195 4.64 52.42 42.17
C VAL A 195 5.42 53.58 41.56
N SER A 196 5.52 53.62 40.23
CA SER A 196 6.23 54.71 39.57
C SER A 196 5.54 56.05 39.80
N VAL A 197 4.21 56.08 39.72
CA VAL A 197 3.53 57.35 39.94
C VAL A 197 3.49 57.69 41.43
N TYR A 198 3.53 56.69 42.31
CA TYR A 198 3.57 56.99 43.74
C TYR A 198 4.91 57.60 44.15
N LEU A 199 6.01 56.99 43.73
CA LEU A 199 7.34 57.45 44.11
C LEU A 199 7.93 58.48 43.15
N ASN A 200 7.22 58.81 42.07
CA ASN A 200 7.68 59.78 41.07
C ASN A 200 9.02 59.40 40.47
N ARG A 201 9.29 58.09 40.36
CA ARG A 201 10.50 57.59 39.72
C ARG A 201 10.11 56.53 38.70
N SER A 202 10.65 56.64 37.48
CA SER A 202 10.29 55.76 36.39
C SER A 202 11.39 54.71 36.20
N TRP A 203 10.96 53.45 36.08
CA TRP A 203 11.85 52.34 35.78
C TRP A 203 11.33 51.65 34.53
N LEU A 204 12.26 51.24 33.65
CA LEU A 204 11.85 50.64 32.39
C LEU A 204 11.06 49.35 32.61
N GLY A 205 11.52 48.51 33.55
CA GLY A 205 10.73 47.38 33.97
C GLY A 205 10.51 46.35 32.87
N LEU A 206 9.34 45.73 32.89
CA LEU A 206 8.99 44.65 31.98
C LEU A 206 7.84 45.07 31.07
N ARG A 207 7.87 46.32 30.60
CA ARG A 207 6.81 46.80 29.71
C ARG A 207 6.85 46.13 28.35
N PHE A 208 8.01 45.64 27.91
CA PHE A 208 8.13 44.94 26.64
C PHE A 208 7.23 43.71 26.56
N LEU A 209 6.82 43.17 27.72
CA LEU A 209 5.90 42.05 27.75
C LEU A 209 4.57 42.36 27.08
N ARG A 210 4.23 43.65 26.93
CA ARG A 210 3.02 44.02 26.20
C ARG A 210 3.04 43.48 24.77
N ALA A 211 4.24 43.27 24.20
CA ALA A 211 4.35 42.71 22.87
C ALA A 211 3.69 41.34 22.75
N LEU A 212 3.54 40.61 23.86
CA LEU A 212 2.85 39.33 23.82
C LEU A 212 1.42 39.46 23.32
N ARG A 213 0.79 40.64 23.47
CA ARG A 213 -0.56 40.82 22.95
C ARG A 213 -0.63 40.61 21.45
N LEU A 214 0.50 40.73 20.73
CA LEU A 214 0.51 40.48 19.30
C LEU A 214 0.06 39.06 18.96
N ILE A 215 0.15 38.12 19.92
CA ILE A 215 -0.29 36.76 19.66
C ILE A 215 -1.78 36.71 19.28
N GLN A 216 -2.59 37.63 19.81
CA GLN A 216 -4.00 37.60 19.45
C GLN A 216 -4.32 38.40 18.19
N PHE A 217 -3.30 38.94 17.51
CA PHE A 217 -3.52 39.78 16.33
C PHE A 217 -4.39 39.10 15.29
N SER A 218 -4.12 37.83 15.01
CA SER A 218 -4.89 37.11 14.00
C SER A 218 -6.36 37.09 14.34
N GLU A 219 -6.71 36.91 15.62
CA GLU A 219 -8.11 36.90 16.02
C GLU A 219 -8.78 38.22 15.68
N ILE A 220 -8.06 39.33 15.82
CA ILE A 220 -8.62 40.63 15.43
C ILE A 220 -8.94 40.62 13.94
N LEU A 221 -8.03 40.11 13.12
CA LEU A 221 -8.31 40.01 11.69
C LEU A 221 -9.45 39.05 11.39
N GLN A 222 -9.77 38.14 12.31
CA GLN A 222 -10.94 37.30 12.12
C GLN A 222 -12.22 38.07 12.42
N PHE A 223 -12.17 39.04 13.34
CA PHE A 223 -13.36 39.82 13.67
C PHE A 223 -13.66 40.87 12.60
N LEU A 224 -12.63 41.39 11.93
CA LEU A 224 -12.81 42.39 10.88
C LEU A 224 -13.00 41.76 9.51
N ASN A 225 -13.12 40.43 9.44
CA ASN A 225 -13.36 39.68 8.20
C ASN A 225 -12.23 39.86 7.19
N ILE A 226 -11.04 40.27 7.65
CA ILE A 226 -9.90 40.37 6.75
C ILE A 226 -9.41 38.98 6.35
N LEU A 227 -9.35 38.06 7.30
CA LEU A 227 -8.90 36.69 7.05
C LEU A 227 -10.12 35.77 7.01
N LYS A 228 -10.20 34.95 5.96
CA LYS A 228 -11.30 34.03 5.79
C LYS A 228 -10.86 32.58 5.78
N THR A 229 -9.81 32.24 5.02
CA THR A 229 -9.35 30.87 4.95
C THR A 229 -8.62 30.48 6.24
N SER A 230 -8.57 29.17 6.50
CA SER A 230 -7.92 28.68 7.71
C SER A 230 -6.40 28.75 7.59
N ASN A 231 -5.86 28.52 6.39
CA ASN A 231 -4.42 28.54 6.21
C ASN A 231 -3.85 29.93 6.47
N SER A 232 -4.55 30.97 6.01
CA SER A 232 -4.11 32.34 6.27
C SER A 232 -4.12 32.65 7.76
N ILE A 233 -5.15 32.20 8.47
CA ILE A 233 -5.22 32.43 9.91
C ILE A 233 -4.07 31.73 10.62
N LYS A 234 -3.78 30.48 10.23
CA LYS A 234 -2.68 29.74 10.85
C LYS A 234 -1.34 30.43 10.57
N LEU A 235 -1.13 30.89 9.33
CA LEU A 235 0.12 31.56 9.00
C LEU A 235 0.28 32.86 9.79
N VAL A 236 -0.78 33.65 9.88
CA VAL A 236 -0.71 34.91 10.63
C VAL A 236 -0.46 34.63 12.11
N ASN A 237 -1.09 33.58 12.65
CA ASN A 237 -0.85 33.22 14.04
C ASN A 237 0.60 32.84 14.28
N LEU A 238 1.17 32.03 13.38
CA LEU A 238 2.57 31.63 13.54
C LEU A 238 3.50 32.82 13.47
N LEU A 239 3.28 33.72 12.49
CA LEU A 239 4.13 34.90 12.38
C LEU A 239 3.99 35.79 13.60
N SER A 240 2.77 35.94 14.12
CA SER A 240 2.57 36.78 15.30
C SER A 240 3.29 36.21 16.51
N ILE A 241 3.23 34.89 16.70
CA ILE A 241 3.96 34.27 17.81
C ILE A 241 5.46 34.50 17.66
N PHE A 242 5.98 34.31 16.44
CA PHE A 242 7.41 34.49 16.21
C PHE A 242 7.85 35.92 16.52
N ILE A 243 7.12 36.91 16.02
CA ILE A 243 7.49 38.30 16.25
C ILE A 243 7.37 38.65 17.72
N SER A 244 6.32 38.16 18.39
CA SER A 244 6.12 38.49 19.80
C SER A 244 7.25 37.93 20.66
N THR A 245 7.63 36.67 20.44
CA THR A 245 8.70 36.11 21.25
C THR A 245 10.04 36.76 20.92
N TRP A 246 10.26 37.13 19.65
CA TRP A 246 11.47 37.86 19.28
C TRP A 246 11.57 39.17 20.05
N LEU A 247 10.49 39.96 20.05
CA LEU A 247 10.52 41.26 20.70
C LEU A 247 10.65 41.14 22.22
N THR A 248 9.98 40.16 22.84
CA THR A 248 10.09 40.07 24.29
C THR A 248 11.47 39.56 24.72
N ALA A 249 12.08 38.66 23.93
CA ALA A 249 13.44 38.25 24.23
C ALA A 249 14.40 39.42 24.09
N ALA A 250 14.21 40.24 23.05
CA ALA A 250 15.04 41.42 22.88
C ALA A 250 14.86 42.38 24.06
N GLY A 251 13.64 42.51 24.56
CA GLY A 251 13.40 43.37 25.72
C GLY A 251 14.11 42.86 26.97
N PHE A 252 14.04 41.55 27.22
CA PHE A 252 14.77 40.98 28.36
C PHE A 252 16.26 41.23 28.25
N ILE A 253 16.83 41.02 27.05
CA ILE A 253 18.26 41.23 26.87
C ILE A 253 18.62 42.69 27.08
N HIS A 254 17.82 43.61 26.54
CA HIS A 254 18.07 45.04 26.71
C HIS A 254 18.07 45.41 28.19
N LEU A 255 17.05 44.96 28.92
CA LEU A 255 16.95 45.29 30.34
C LEU A 255 18.16 44.75 31.12
N VAL A 256 18.49 43.48 30.91
CA VAL A 256 19.55 42.87 31.71
C VAL A 256 20.91 43.45 31.37
N GLU A 257 21.14 43.79 30.10
CA GLU A 257 22.45 44.33 29.71
C GLU A 257 22.61 45.77 30.14
N ASN A 258 21.57 46.60 30.00
CA ASN A 258 21.71 48.00 30.38
C ASN A 258 21.66 48.19 31.89
N SER A 259 20.96 47.32 32.62
CA SER A 259 20.90 47.48 34.07
C SER A 259 22.24 47.12 34.72
N GLY A 260 22.82 45.99 34.33
CA GLY A 260 24.05 45.51 34.93
C GLY A 260 23.80 44.47 36.00
N ASP A 261 24.89 43.83 36.43
CA ASP A 261 24.79 42.77 37.42
C ASP A 261 24.56 43.37 38.80
N PRO A 262 23.48 42.99 39.50
CA PRO A 262 23.22 43.56 40.83
C PRO A 262 24.29 43.25 41.85
N TRP A 263 24.93 42.08 41.79
CA TRP A 263 25.91 41.70 42.80
C TRP A 263 27.29 42.31 42.58
N GLU A 264 27.49 43.03 41.48
CA GLU A 264 28.74 43.74 41.23
C GLU A 264 28.54 45.25 41.23
N ASN A 265 27.53 45.73 41.96
CA ASN A 265 27.22 47.16 42.10
C ASN A 265 26.93 47.82 40.75
N PHE A 266 26.37 47.04 39.82
CA PHE A 266 25.91 47.55 38.52
C PHE A 266 27.04 48.22 37.74
N GLN A 267 28.24 47.66 37.82
CA GLN A 267 29.37 48.14 37.06
C GLN A 267 29.59 47.37 35.76
N ASN A 268 28.70 46.43 35.44
CA ASN A 268 28.80 45.62 34.23
C ASN A 268 27.91 46.14 33.10
N ASN A 269 27.38 47.35 33.24
CA ASN A 269 26.43 47.87 32.26
C ASN A 269 27.09 48.03 30.90
N GLN A 270 26.40 47.56 29.87
CA GLN A 270 26.84 47.66 28.49
C GLN A 270 25.79 48.45 27.72
N ALA A 271 26.19 49.57 27.14
CA ALA A 271 25.24 50.49 26.49
C ALA A 271 24.80 49.88 25.16
N LEU A 272 23.66 49.19 25.19
CA LEU A 272 23.06 48.61 24.00
C LEU A 272 21.67 49.20 23.80
N THR A 273 21.40 49.68 22.59
CA THR A 273 20.05 50.09 22.25
C THR A 273 19.15 48.86 22.10
N TYR A 274 17.84 49.10 22.15
CA TYR A 274 16.89 48.00 22.00
C TYR A 274 17.00 47.37 20.62
N TRP A 275 17.18 48.20 19.59
CA TRP A 275 17.26 47.67 18.23
C TRP A 275 18.53 46.85 18.02
N GLU A 276 19.62 47.21 18.71
CA GLU A 276 20.81 46.36 18.68
C GLU A 276 20.53 45.01 19.33
N CYS A 277 19.70 44.98 20.37
CA CYS A 277 19.33 43.70 20.97
C CYS A 277 18.45 42.88 20.03
N VAL A 278 17.56 43.54 19.29
CA VAL A 278 16.77 42.84 18.28
C VAL A 278 17.69 42.25 17.21
N TYR A 279 18.67 43.02 16.77
CA TYR A 279 19.65 42.53 15.80
C TYR A 279 20.43 41.35 16.35
N LEU A 280 20.84 41.43 17.63
CA LEU A 280 21.57 40.33 18.25
C LEU A 280 20.71 39.07 18.32
N LEU A 281 19.44 39.21 18.68
CA LEU A 281 18.55 38.05 18.73
C LEU A 281 18.35 37.44 17.35
N MET A 282 18.21 38.27 16.32
CA MET A 282 18.05 37.74 14.96
C MET A 282 19.31 37.02 14.50
N VAL A 283 20.50 37.57 14.80
CA VAL A 283 21.73 36.90 14.42
C VAL A 283 21.90 35.59 15.19
N THR A 284 21.48 35.56 16.46
CA THR A 284 21.62 34.35 17.26
C THR A 284 20.67 33.25 16.79
N MET A 285 19.39 33.59 16.58
CA MET A 285 18.41 32.58 16.24
C MET A 285 18.63 31.98 14.86
N SER A 286 19.37 32.67 13.98
CA SER A 286 19.74 32.11 12.69
C SER A 286 21.04 31.32 12.74
N THR A 287 21.63 31.19 13.94
CA THR A 287 22.89 30.46 14.15
C THR A 287 24.02 31.02 13.29
N VAL A 288 24.04 32.33 13.11
CA VAL A 288 25.12 32.98 12.38
C VAL A 288 26.21 33.36 13.37
N GLY A 289 25.87 34.22 14.33
CA GLY A 289 26.81 34.59 15.38
C GLY A 289 28.02 35.38 14.91
N TYR A 290 27.79 36.63 14.49
CA TYR A 290 28.91 37.48 14.09
C TYR A 290 29.85 37.73 15.26
N GLY A 291 29.30 38.03 16.43
CA GLY A 291 30.10 38.39 17.58
C GLY A 291 30.44 39.85 17.68
N ASP A 292 29.94 40.69 16.77
CA ASP A 292 30.14 42.13 16.89
C ASP A 292 29.43 42.69 18.13
N VAL A 293 28.21 42.23 18.38
CA VAL A 293 27.46 42.57 19.58
C VAL A 293 27.08 41.27 20.29
N TYR A 294 27.27 41.26 21.61
CA TYR A 294 27.01 40.04 22.39
C TYR A 294 26.78 40.45 23.83
N ALA A 295 26.38 39.45 24.64
CA ALA A 295 26.09 39.68 26.05
C ALA A 295 27.36 39.53 26.88
N LYS A 296 27.69 40.56 27.65
CA LYS A 296 28.87 40.52 28.52
C LYS A 296 28.54 40.24 29.97
N THR A 297 27.33 40.55 30.42
CA THR A 297 26.96 40.30 31.80
C THR A 297 26.66 38.81 32.01
N THR A 298 26.80 38.37 33.26
CA THR A 298 26.58 36.97 33.59
C THR A 298 25.11 36.59 33.38
N LEU A 299 24.19 37.41 33.89
CA LEU A 299 22.78 37.12 33.76
C LEU A 299 22.34 37.21 32.30
N GLY A 300 22.93 38.14 31.54
CA GLY A 300 22.63 38.21 30.12
C GLY A 300 23.08 36.96 29.37
N ARG A 301 24.26 36.45 29.69
CA ARG A 301 24.74 35.23 29.06
C ARG A 301 23.88 34.04 29.44
N LEU A 302 23.44 33.97 30.70
CA LEU A 302 22.54 32.91 31.12
C LEU A 302 21.21 32.97 30.37
N PHE A 303 20.67 34.18 30.21
CA PHE A 303 19.45 34.34 29.43
C PHE A 303 19.67 33.94 27.98
N MET A 304 20.83 34.27 27.42
CA MET A 304 21.12 33.87 26.04
C MET A 304 21.16 32.36 25.90
N VAL A 305 21.74 31.66 26.87
CA VAL A 305 21.77 30.20 26.83
C VAL A 305 20.37 29.64 26.87
N PHE A 306 19.53 30.15 27.78
CA PHE A 306 18.15 29.67 27.85
C PHE A 306 17.38 30.00 26.58
N PHE A 307 17.62 31.18 25.99
CA PHE A 307 16.92 31.53 24.76
C PHE A 307 17.35 30.64 23.60
N ILE A 308 18.63 30.28 23.52
CA ILE A 308 19.07 29.37 22.47
C ILE A 308 18.39 28.02 22.62
N LEU A 309 18.37 27.48 23.84
CA LEU A 309 17.74 26.18 24.06
C LEU A 309 16.24 26.24 23.75
N GLY A 310 15.56 27.28 24.23
CA GLY A 310 14.13 27.40 23.99
C GLY A 310 13.79 27.61 22.53
N GLY A 311 14.61 28.40 21.83
CA GLY A 311 14.38 28.61 20.40
C GLY A 311 14.55 27.33 19.60
N LEU A 312 15.59 26.56 19.91
CA LEU A 312 15.76 25.27 19.22
C LEU A 312 14.60 24.33 19.51
N ALA A 313 14.16 24.27 20.77
CA ALA A 313 13.03 23.41 21.13
C ALA A 313 11.76 23.83 20.41
N MET A 314 11.47 25.13 20.39
CA MET A 314 10.27 25.63 19.74
C MET A 314 10.30 25.41 18.24
N PHE A 315 11.46 25.63 17.60
CA PHE A 315 11.57 25.39 16.17
C PHE A 315 11.37 23.92 15.85
N ALA A 316 11.97 23.03 16.66
CA ALA A 316 11.78 21.60 16.44
C ALA A 316 10.32 21.20 16.61
N SER A 317 9.63 21.83 17.57
CA SER A 317 8.21 21.52 17.77
C SER A 317 7.35 22.04 16.61
N TYR A 318 7.72 23.19 16.04
CA TYR A 318 6.91 23.82 15.01
C TYR A 318 7.30 23.41 13.59
N VAL A 319 8.33 22.57 13.42
CA VAL A 319 8.64 22.03 12.08
C VAL A 319 7.44 21.38 11.38
N PRO A 320 6.65 20.51 12.03
CA PRO A 320 5.51 19.90 11.30
C PRO A 320 4.51 20.91 10.77
N GLU A 321 4.25 21.99 11.50
CA GLU A 321 3.35 23.01 10.98
C GLU A 321 3.95 23.75 9.79
N ILE A 322 5.26 23.95 9.79
CA ILE A 322 5.91 24.53 8.62
C ILE A 322 5.78 23.61 7.42
N ILE A 323 5.96 22.32 7.62
CA ILE A 323 5.80 21.35 6.53
C ILE A 323 4.36 21.36 6.02
N GLU A 324 3.39 21.45 6.93
CA GLU A 324 1.99 21.52 6.52
C GLU A 324 1.70 22.78 5.72
N LEU A 325 2.24 23.92 6.15
CA LEU A 325 2.02 25.17 5.41
C LEU A 325 2.66 25.12 4.04
N ILE A 326 3.86 24.54 3.93
CA ILE A 326 4.44 24.32 2.61
C ILE A 326 3.60 23.34 1.81
N GLY A 327 3.23 22.22 2.43
CA GLY A 327 2.34 21.27 1.82
C GLY A 327 2.97 20.52 0.66
N ASN A 328 2.13 19.74 -0.01
CA ASN A 328 2.51 19.01 -1.22
C ASN A 328 1.79 19.65 -2.40
N ARG A 329 2.53 20.44 -3.18
CA ARG A 329 1.94 21.14 -4.31
C ARG A 329 1.55 20.14 -5.40
N LYS A 330 0.39 20.39 -6.02
CA LYS A 330 -0.06 19.55 -7.12
C LYS A 330 0.82 19.80 -8.34
N LYS A 331 1.44 18.73 -8.85
CA LYS A 331 2.41 18.89 -9.92
C LYS A 331 1.72 19.16 -11.26
N TYR A 332 0.59 18.50 -11.52
CA TYR A 332 -0.09 18.57 -12.81
C TYR A 332 -1.42 19.33 -12.70
N GLY A 333 -1.43 20.41 -11.94
CA GLY A 333 -2.57 21.31 -11.87
C GLY A 333 -2.50 22.37 -12.94
N GLY A 334 -3.20 23.47 -12.69
CA GLY A 334 -3.19 24.58 -13.61
C GLY A 334 -4.03 24.33 -14.85
N SER A 335 -3.83 25.21 -15.84
CA SER A 335 -4.58 25.15 -17.08
C SER A 335 -3.65 25.40 -18.25
N TYR A 336 -4.05 24.91 -19.42
CA TYR A 336 -3.28 25.12 -20.62
C TYR A 336 -3.33 26.58 -21.05
N SER A 337 -2.18 27.12 -21.44
CA SER A 337 -2.07 28.50 -21.89
C SER A 337 -2.04 28.52 -23.41
N ALA A 338 -3.04 29.17 -24.00
CA ALA A 338 -3.15 29.21 -25.46
C ALA A 338 -2.04 30.06 -26.05
N VAL A 339 -1.46 29.58 -27.15
CA VAL A 339 -0.42 30.28 -27.89
C VAL A 339 -0.96 30.57 -29.29
N SER A 340 -0.87 31.82 -29.71
CA SER A 340 -1.39 32.22 -31.01
C SER A 340 -0.60 31.55 -32.14
N GLY A 341 -1.32 31.08 -33.14
CA GLY A 341 -0.71 30.42 -34.27
C GLY A 341 -0.33 28.96 -34.05
N ARG A 342 -0.69 28.39 -32.91
CA ARG A 342 -0.35 27.00 -32.58
C ARG A 342 -1.61 26.27 -32.14
N LYS A 343 -2.07 25.33 -32.96
CA LYS A 343 -3.22 24.52 -32.61
C LYS A 343 -2.83 23.46 -31.58
N HIS A 344 -3.85 22.90 -30.92
CA HIS A 344 -3.61 21.84 -29.96
C HIS A 344 -4.67 20.75 -30.11
N ILE A 345 -4.27 19.54 -29.76
CA ILE A 345 -5.11 18.35 -29.81
C ILE A 345 -5.23 17.80 -28.41
N VAL A 346 -6.46 17.57 -27.96
CA VAL A 346 -6.71 17.06 -26.61
C VAL A 346 -6.88 15.56 -26.68
N VAL A 347 -6.04 14.83 -25.94
CA VAL A 347 -6.04 13.38 -25.93
C VAL A 347 -6.47 12.89 -24.57
N CYS A 348 -7.47 12.01 -24.54
CA CYS A 348 -8.02 11.49 -23.31
C CYS A 348 -8.35 10.02 -23.49
N GLY A 349 -8.84 9.40 -22.42
CA GLY A 349 -9.18 7.99 -22.46
C GLY A 349 -8.27 7.14 -21.60
N HIS A 350 -7.73 6.07 -22.19
CA HIS A 350 -6.81 5.17 -21.49
C HIS A 350 -5.39 5.60 -21.83
N ILE A 351 -4.78 6.35 -20.92
CA ILE A 351 -3.45 6.93 -21.13
C ILE A 351 -2.46 6.09 -20.32
N THR A 352 -1.69 5.25 -21.00
CA THR A 352 -0.65 4.43 -20.41
C THR A 352 0.59 4.52 -21.29
N LEU A 353 1.55 3.64 -21.04
CA LEU A 353 2.83 3.72 -21.74
C LEU A 353 2.70 3.33 -23.21
N GLU A 354 2.02 2.22 -23.49
CA GLU A 354 2.02 1.66 -24.83
C GLU A 354 1.30 2.56 -25.83
N SER A 355 0.07 2.97 -25.49
CA SER A 355 -0.73 3.76 -26.42
C SER A 355 -0.10 5.12 -26.67
N VAL A 356 0.33 5.80 -25.62
CA VAL A 356 0.96 7.10 -25.76
C VAL A 356 2.27 6.97 -26.53
N SER A 357 3.06 5.93 -26.25
CA SER A 357 4.32 5.75 -26.95
C SER A 357 4.10 5.57 -28.44
N ASN A 358 3.16 4.71 -28.83
CA ASN A 358 2.88 4.49 -30.25
C ASN A 358 2.33 5.74 -30.92
N PHE A 359 1.39 6.43 -30.24
CA PHE A 359 0.78 7.60 -30.84
C PHE A 359 1.78 8.74 -31.01
N LEU A 360 2.65 8.93 -30.01
CA LEU A 360 3.68 9.97 -30.14
C LEU A 360 4.74 9.57 -31.15
N LYS A 361 5.04 8.27 -31.28
CA LYS A 361 6.00 7.83 -32.27
C LYS A 361 5.51 8.12 -33.69
N ASP A 362 4.23 7.85 -33.95
CA ASP A 362 3.72 8.13 -35.30
C ASP A 362 3.45 9.62 -35.50
N PHE A 363 2.91 10.30 -34.49
CA PHE A 363 2.46 11.67 -34.66
C PHE A 363 3.62 12.65 -34.74
N LEU A 364 4.62 12.47 -33.88
CA LEU A 364 5.78 13.36 -33.82
C LEU A 364 6.98 12.77 -34.57
N HIS A 365 6.72 12.09 -35.68
CA HIS A 365 7.79 11.51 -36.47
C HIS A 365 8.64 12.61 -37.11
N LYS A 366 9.93 12.32 -37.27
CA LYS A 366 10.87 13.32 -37.76
C LYS A 366 10.57 13.69 -39.22
N ASP A 367 10.17 12.71 -40.04
CA ASP A 367 9.89 12.96 -41.44
C ASP A 367 8.57 13.67 -41.67
N ARG A 368 7.76 13.85 -40.63
CA ARG A 368 6.52 14.61 -40.75
C ARG A 368 6.82 16.05 -41.17
N ASP A 369 5.98 16.58 -42.06
CA ASP A 369 6.13 17.97 -42.48
C ASP A 369 5.87 18.89 -41.28
N ASP A 370 6.47 20.08 -41.33
CA ASP A 370 6.43 20.98 -40.18
C ASP A 370 5.01 21.40 -39.82
N VAL A 371 4.53 20.91 -38.68
CA VAL A 371 3.20 21.23 -38.18
C VAL A 371 3.35 21.81 -36.77
N ASN A 372 2.64 22.90 -36.50
CA ASN A 372 2.72 23.58 -35.23
C ASN A 372 1.51 23.17 -34.38
N VAL A 373 1.58 21.94 -33.86
CA VAL A 373 0.50 21.36 -33.08
C VAL A 373 1.06 20.87 -31.75
N GLU A 374 0.39 21.22 -30.67
CA GLU A 374 0.74 20.76 -29.33
C GLU A 374 -0.29 19.74 -28.85
N ILE A 375 0.17 18.76 -28.09
CA ILE A 375 -0.68 17.66 -27.63
C ILE A 375 -0.86 17.79 -26.12
N VAL A 376 -2.12 17.78 -25.68
CA VAL A 376 -2.47 17.93 -24.27
C VAL A 376 -3.16 16.65 -23.83
N PHE A 377 -2.50 15.89 -22.96
CA PHE A 377 -3.07 14.66 -22.41
C PHE A 377 -3.81 14.98 -21.12
N LEU A 378 -5.12 14.76 -21.10
CA LEU A 378 -5.94 14.99 -19.92
C LEU A 378 -6.29 13.64 -19.30
N HIS A 379 -5.83 13.41 -18.07
CA HIS A 379 -6.10 12.12 -17.44
C HIS A 379 -6.04 12.25 -15.93
N ASN A 380 -6.99 11.61 -15.25
CA ASN A 380 -7.08 11.74 -13.80
C ASN A 380 -5.96 10.98 -13.09
N ILE A 381 -5.57 9.83 -13.61
CA ILE A 381 -4.53 9.03 -12.97
C ILE A 381 -3.17 9.68 -13.22
N SER A 382 -2.43 9.92 -12.14
CA SER A 382 -1.12 10.54 -12.27
C SER A 382 -0.15 9.58 -12.95
N PRO A 383 0.74 10.08 -13.80
CA PRO A 383 1.66 9.20 -14.52
C PRO A 383 2.69 8.58 -13.58
N ASN A 384 3.18 7.41 -13.98
CA ASN A 384 4.25 6.75 -13.24
C ASN A 384 5.59 7.30 -13.71
N LEU A 385 6.68 6.68 -13.25
CA LEU A 385 8.02 7.21 -13.55
C LEU A 385 8.33 7.14 -15.03
N GLU A 386 7.97 6.03 -15.69
CA GLU A 386 8.29 5.87 -17.10
C GLU A 386 7.49 6.83 -17.96
N LEU A 387 6.21 7.02 -17.65
CA LEU A 387 5.41 8.02 -18.35
C LEU A 387 5.96 9.43 -18.13
N GLU A 388 6.38 9.72 -16.89
CA GLU A 388 6.97 11.03 -16.62
C GLU A 388 8.22 11.26 -17.44
N ALA A 389 9.08 10.24 -17.54
CA ALA A 389 10.28 10.36 -18.37
C ALA A 389 9.91 10.56 -19.84
N LEU A 390 8.90 9.82 -20.32
CA LEU A 390 8.49 9.96 -21.71
C LEU A 390 7.96 11.36 -22.00
N PHE A 391 7.19 11.93 -21.06
CA PHE A 391 6.74 13.30 -21.23
C PHE A 391 7.90 14.29 -21.16
N LYS A 392 8.92 14.01 -20.34
CA LYS A 392 10.10 14.88 -20.30
C LYS A 392 10.87 14.85 -21.61
N ARG A 393 10.93 13.71 -22.29
CA ARG A 393 11.62 13.67 -23.57
C ARG A 393 10.93 14.54 -24.62
N HIS A 394 9.63 14.77 -24.49
CA HIS A 394 8.88 15.62 -25.40
C HIS A 394 8.22 16.78 -24.65
N PHE A 395 8.99 17.42 -23.77
CA PHE A 395 8.43 18.50 -22.95
C PHE A 395 8.13 19.75 -23.77
N THR A 396 8.76 19.91 -24.93
CA THR A 396 8.56 21.11 -25.75
C THR A 396 7.30 21.06 -26.60
N GLN A 397 6.67 19.90 -26.75
CA GLN A 397 5.47 19.77 -27.56
C GLN A 397 4.32 19.08 -26.88
N VAL A 398 4.53 18.42 -25.74
CA VAL A 398 3.51 17.60 -25.09
C VAL A 398 3.34 18.08 -23.65
N GLU A 399 2.10 18.32 -23.26
CA GLU A 399 1.77 18.69 -21.88
C GLU A 399 0.76 17.70 -21.32
N PHE A 400 0.83 17.48 -20.01
CA PHE A 400 -0.08 16.58 -19.31
C PHE A 400 -0.80 17.36 -18.21
N TYR A 401 -2.09 17.09 -18.07
CA TYR A 401 -2.90 17.69 -17.02
C TYR A 401 -3.76 16.61 -16.36
N GLN A 402 -3.97 16.76 -15.06
CA GLN A 402 -4.73 15.82 -14.26
C GLN A 402 -6.17 16.30 -14.15
N GLY A 403 -7.10 15.43 -14.54
CA GLY A 403 -8.50 15.80 -14.51
C GLY A 403 -9.32 14.75 -15.22
N SER A 404 -10.62 15.04 -15.32
CA SER A 404 -11.57 14.14 -15.95
C SER A 404 -12.32 14.87 -17.05
N VAL A 405 -12.57 14.16 -18.15
CA VAL A 405 -13.35 14.71 -19.24
C VAL A 405 -14.78 14.99 -18.81
N LEU A 406 -15.33 14.11 -17.96
CA LEU A 406 -16.71 14.24 -17.50
C LEU A 406 -16.94 15.47 -16.63
N ASN A 407 -15.87 16.12 -16.15
CA ASN A 407 -16.02 17.35 -15.38
C ASN A 407 -15.87 18.54 -16.32
N PRO A 408 -16.90 19.38 -16.48
CA PRO A 408 -16.77 20.52 -17.40
C PRO A 408 -15.68 21.51 -17.04
N HIS A 409 -15.36 21.64 -15.75
CA HIS A 409 -14.30 22.56 -15.35
C HIS A 409 -12.95 22.11 -15.91
N ASP A 410 -12.67 20.80 -15.85
CA ASP A 410 -11.44 20.28 -16.42
C ASP A 410 -11.41 20.44 -17.94
N LEU A 411 -12.56 20.33 -18.60
CA LEU A 411 -12.63 20.64 -20.02
C LEU A 411 -12.30 22.10 -20.29
N ALA A 412 -12.75 22.99 -19.41
CA ALA A 412 -12.44 24.41 -19.56
C ALA A 412 -10.96 24.69 -19.31
N ARG A 413 -10.32 23.91 -18.44
CA ARG A 413 -8.90 24.12 -18.15
C ARG A 413 -8.03 23.85 -19.37
N VAL A 414 -8.36 22.82 -20.16
CA VAL A 414 -7.52 22.41 -21.28
C VAL A 414 -7.93 23.14 -22.54
N LYS A 415 -8.83 24.12 -22.40
CA LYS A 415 -9.33 24.93 -23.52
C LYS A 415 -9.88 24.05 -24.64
N ILE A 416 -10.84 23.19 -24.27
CA ILE A 416 -11.46 22.29 -25.24
C ILE A 416 -12.28 23.04 -26.28
N GLU A 417 -12.72 24.27 -25.96
CA GLU A 417 -13.48 25.07 -26.91
C GLU A 417 -12.62 25.65 -28.02
N SER A 418 -11.29 25.63 -27.87
CA SER A 418 -10.39 26.10 -28.91
C SER A 418 -9.52 24.99 -29.48
N ALA A 419 -9.70 23.75 -29.03
CA ALA A 419 -8.91 22.64 -29.55
C ALA A 419 -9.34 22.27 -30.95
N ASP A 420 -8.38 21.80 -31.75
CA ASP A 420 -8.68 21.38 -33.11
C ASP A 420 -9.41 20.06 -33.13
N ALA A 421 -9.02 19.12 -32.26
CA ALA A 421 -9.65 17.81 -32.23
C ALA A 421 -9.44 17.17 -30.87
N CYS A 422 -10.31 16.21 -30.57
CA CYS A 422 -10.22 15.41 -29.36
C CYS A 422 -10.11 13.95 -29.74
N LEU A 423 -9.09 13.28 -29.21
CA LEU A 423 -8.78 11.89 -29.52
C LEU A 423 -8.95 11.05 -28.27
N ILE A 424 -9.81 10.04 -28.36
CA ILE A 424 -10.15 9.20 -27.21
C ILE A 424 -9.57 7.82 -27.46
N LEU A 425 -8.67 7.40 -26.58
CA LEU A 425 -8.02 6.09 -26.65
C LEU A 425 -8.75 5.11 -25.73
N ALA A 426 -8.79 3.86 -26.16
CA ALA A 426 -9.51 2.81 -25.46
C ALA A 426 -8.54 1.87 -24.74
N ASN A 427 -9.02 1.27 -23.66
CA ASN A 427 -8.26 0.28 -22.92
C ASN A 427 -8.46 -1.07 -23.60
N LYS A 428 -7.47 -1.47 -24.41
CA LYS A 428 -7.59 -2.71 -25.18
C LYS A 428 -7.52 -3.96 -24.31
N TYR A 429 -7.10 -3.85 -23.07
CA TYR A 429 -6.97 -5.00 -22.16
C TYR A 429 -7.86 -4.75 -20.96
N CYS A 430 -9.13 -5.13 -21.09
CA CYS A 430 -10.10 -4.95 -20.02
C CYS A 430 -10.95 -6.20 -19.88
N ALA A 431 -11.48 -6.42 -18.68
CA ALA A 431 -12.33 -7.58 -18.45
C ALA A 431 -13.63 -7.50 -19.24
N ASP A 432 -14.25 -6.33 -19.27
CA ASP A 432 -15.52 -6.13 -19.97
C ASP A 432 -15.35 -5.07 -21.05
N PRO A 433 -15.27 -5.46 -22.32
CA PRO A 433 -15.18 -4.45 -23.40
C PRO A 433 -16.41 -3.56 -23.48
N ASP A 434 -17.58 -4.06 -23.12
CA ASP A 434 -18.81 -3.26 -23.20
C ASP A 434 -18.76 -2.08 -22.24
N ALA A 435 -18.23 -2.28 -21.03
CA ALA A 435 -18.11 -1.18 -20.07
C ALA A 435 -17.16 -0.11 -20.59
N GLU A 436 -16.03 -0.51 -21.18
CA GLU A 436 -15.11 0.46 -21.74
C GLU A 436 -15.73 1.22 -22.91
N ASP A 437 -16.49 0.52 -23.75
CA ASP A 437 -17.17 1.18 -24.86
C ASP A 437 -18.20 2.19 -24.35
N ALA A 438 -18.96 1.81 -23.31
CA ALA A 438 -19.94 2.73 -22.74
C ALA A 438 -19.27 3.94 -22.12
N SER A 439 -18.13 3.73 -21.45
CA SER A 439 -17.40 4.86 -20.88
C SER A 439 -16.89 5.80 -21.97
N ASN A 440 -16.37 5.25 -23.06
CA ASN A 440 -15.91 6.09 -24.16
C ASN A 440 -17.07 6.85 -24.81
N ILE A 441 -18.22 6.19 -24.97
CA ILE A 441 -19.38 6.86 -25.54
C ILE A 441 -19.85 7.98 -24.63
N MET A 442 -19.80 7.77 -23.31
CA MET A 442 -20.20 8.82 -22.40
C MET A 442 -19.20 9.98 -22.40
N ARG A 443 -17.91 9.69 -22.58
CA ARG A 443 -16.93 10.76 -22.75
C ARG A 443 -17.22 11.57 -24.01
N VAL A 444 -17.59 10.88 -25.10
CA VAL A 444 -17.97 11.58 -26.33
C VAL A 444 -19.19 12.46 -26.08
N ILE A 445 -20.16 11.93 -25.32
CA ILE A 445 -21.37 12.69 -25.01
C ILE A 445 -21.03 13.95 -24.23
N SER A 446 -20.16 13.82 -23.23
CA SER A 446 -19.75 14.98 -22.43
C SER A 446 -19.05 16.02 -23.28
N ILE A 447 -18.11 15.58 -24.13
CA ILE A 447 -17.36 16.52 -24.95
C ILE A 447 -18.29 17.25 -25.92
N LYS A 448 -19.20 16.51 -26.57
CA LYS A 448 -20.12 17.15 -27.49
C LYS A 448 -21.14 18.02 -26.77
N ASN A 449 -21.42 17.73 -25.50
CA ASN A 449 -22.29 18.60 -24.72
C ASN A 449 -21.60 19.92 -24.41
N TYR A 450 -20.30 19.87 -24.10
CA TYR A 450 -19.58 21.12 -23.85
C TYR A 450 -19.46 21.95 -25.12
N HIS A 451 -19.02 21.33 -26.22
CA HIS A 451 -18.84 22.04 -27.47
C HIS A 451 -19.29 21.16 -28.63
N PRO A 452 -20.47 21.43 -29.22
CA PRO A 452 -21.01 20.51 -30.23
C PRO A 452 -20.27 20.54 -31.56
N LYS A 453 -19.42 21.53 -31.82
CA LYS A 453 -18.76 21.67 -33.11
C LYS A 453 -17.36 21.09 -33.15
N ILE A 454 -16.91 20.44 -32.08
CA ILE A 454 -15.57 19.90 -32.03
C ILE A 454 -15.51 18.60 -32.82
N ARG A 455 -14.32 18.29 -33.35
CA ARG A 455 -14.10 17.05 -34.08
C ARG A 455 -13.53 16.01 -33.14
N ILE A 456 -14.13 14.81 -33.15
CA ILE A 456 -13.80 13.75 -32.22
C ILE A 456 -13.38 12.51 -33.01
N ILE A 457 -12.24 11.94 -32.66
CA ILE A 457 -11.81 10.65 -33.15
C ILE A 457 -11.68 9.72 -31.96
N THR A 458 -12.46 8.65 -31.95
CA THR A 458 -12.54 7.75 -30.81
C THR A 458 -12.15 6.34 -31.20
N GLN A 459 -11.69 5.57 -30.21
CA GLN A 459 -11.40 4.16 -30.40
C GLN A 459 -12.51 3.32 -29.78
N MET A 460 -13.04 2.37 -30.55
CA MET A 460 -14.12 1.51 -30.11
C MET A 460 -13.63 0.06 -30.12
N LEU A 461 -13.92 -0.67 -29.05
CA LEU A 461 -13.46 -2.05 -28.96
C LEU A 461 -14.37 -2.99 -29.73
N GLN A 462 -15.66 -3.00 -29.41
CA GLN A 462 -16.62 -3.90 -30.04
C GLN A 462 -17.37 -3.18 -31.16
N TYR A 463 -17.72 -3.94 -32.20
CA TYR A 463 -18.34 -3.35 -33.38
C TYR A 463 -19.80 -2.99 -33.15
N HIS A 464 -20.52 -3.76 -32.34
CA HIS A 464 -21.93 -3.49 -32.13
C HIS A 464 -22.20 -2.27 -31.27
N ASN A 465 -21.18 -1.70 -30.65
CA ASN A 465 -21.36 -0.56 -29.76
C ASN A 465 -21.31 0.79 -30.49
N LYS A 466 -20.61 0.85 -31.62
CA LYS A 466 -20.45 2.12 -32.33
C LYS A 466 -21.77 2.67 -32.85
N ALA A 467 -22.79 1.82 -32.99
CA ALA A 467 -24.12 2.30 -33.37
C ALA A 467 -24.66 3.28 -32.34
N HIS A 468 -24.25 3.15 -31.07
CA HIS A 468 -24.65 4.11 -30.06
C HIS A 468 -24.21 5.52 -30.42
N LEU A 469 -23.09 5.65 -31.13
CA LEU A 469 -22.62 6.97 -31.55
C LEU A 469 -23.58 7.65 -32.52
N LEU A 470 -24.46 6.89 -33.18
CA LEU A 470 -25.48 7.50 -34.01
C LEU A 470 -26.62 8.11 -33.20
N ASN A 471 -26.72 7.78 -31.92
CA ASN A 471 -27.79 8.34 -31.09
C ASN A 471 -27.48 9.74 -30.59
N ILE A 472 -26.24 10.19 -30.69
CA ILE A 472 -25.87 11.55 -30.29
C ILE A 472 -26.22 12.50 -31.43
N PRO A 473 -27.05 13.51 -31.18
CA PRO A 473 -27.41 14.45 -32.26
C PRO A 473 -26.22 15.25 -32.79
N SER A 474 -25.25 15.57 -31.94
CA SER A 474 -24.11 16.37 -32.35
C SER A 474 -23.04 15.56 -33.08
N TRP A 475 -23.17 14.24 -33.12
CA TRP A 475 -22.20 13.39 -33.80
C TRP A 475 -22.44 13.48 -35.30
N ASN A 476 -21.61 14.25 -35.99
CA ASN A 476 -21.71 14.44 -37.43
C ASN A 476 -20.58 13.67 -38.09
N TRP A 477 -20.92 12.58 -38.77
CA TRP A 477 -19.90 11.79 -39.46
C TRP A 477 -19.35 12.53 -40.67
N LYS A 478 -20.18 13.31 -41.35
CA LYS A 478 -19.74 14.03 -42.53
C LYS A 478 -18.82 15.20 -42.22
N GLU A 479 -18.74 15.62 -40.95
CA GLU A 479 -17.88 16.73 -40.56
C GLU A 479 -16.54 16.28 -39.99
N GLY A 480 -16.28 14.97 -39.97
CA GLY A 480 -14.98 14.47 -39.55
C GLY A 480 -14.96 13.66 -38.27
N ASP A 481 -16.09 13.51 -37.58
CA ASP A 481 -16.14 12.66 -36.41
C ASP A 481 -16.00 11.20 -36.82
N ASP A 482 -15.07 10.49 -36.20
CA ASP A 482 -14.76 9.14 -36.63
C ASP A 482 -14.61 8.22 -35.43
N ALA A 483 -15.02 6.96 -35.64
CA ALA A 483 -14.82 5.88 -34.68
C ALA A 483 -13.99 4.80 -35.35
N ILE A 484 -12.86 4.46 -34.74
CA ILE A 484 -11.98 3.42 -35.26
C ILE A 484 -12.25 2.16 -34.45
N CYS A 485 -12.82 1.15 -35.10
CA CYS A 485 -13.14 -0.11 -34.44
C CYS A 485 -11.92 -1.02 -34.52
N LEU A 486 -11.32 -1.33 -33.38
CA LEU A 486 -10.09 -2.11 -33.36
C LEU A 486 -10.35 -3.55 -33.83
N ALA A 487 -11.38 -4.19 -33.28
CA ALA A 487 -11.66 -5.58 -33.62
C ALA A 487 -12.05 -5.73 -35.08
N GLU A 488 -12.93 -4.84 -35.57
CA GLU A 488 -13.40 -4.93 -36.95
C GLU A 488 -12.24 -4.73 -37.92
N LEU A 489 -11.44 -3.68 -37.71
CA LEU A 489 -10.32 -3.41 -38.62
C LEU A 489 -9.27 -4.51 -38.55
N LYS A 490 -8.94 -4.99 -37.36
CA LYS A 490 -7.92 -6.02 -37.22
C LYS A 490 -8.36 -7.33 -37.88
N LEU A 491 -9.59 -7.77 -37.59
CA LEU A 491 -10.06 -9.02 -38.18
C LEU A 491 -10.27 -8.88 -39.68
N GLY A 492 -10.67 -7.70 -40.16
CA GLY A 492 -10.76 -7.50 -41.59
C GLY A 492 -9.41 -7.55 -42.27
N PHE A 493 -8.39 -6.94 -41.64
CA PHE A 493 -7.04 -7.03 -42.17
C PHE A 493 -6.58 -8.48 -42.25
N ILE A 494 -6.86 -9.25 -41.20
CA ILE A 494 -6.47 -10.67 -41.19
C ILE A 494 -7.21 -11.44 -42.28
N ALA A 495 -8.50 -11.17 -42.46
CA ALA A 495 -9.27 -11.86 -43.50
C ALA A 495 -8.77 -11.51 -44.90
N GLN A 496 -8.48 -10.23 -45.14
CA GLN A 496 -7.96 -9.84 -46.44
C GLN A 496 -6.57 -10.42 -46.69
N SER A 497 -5.77 -10.60 -45.63
CA SER A 497 -4.52 -11.32 -45.77
C SER A 497 -4.75 -12.80 -46.03
N CYS A 498 -5.84 -13.35 -45.50
CA CYS A 498 -6.20 -14.73 -45.83
C CYS A 498 -6.52 -14.86 -47.31
N LEU A 499 -7.23 -13.89 -47.87
CA LEU A 499 -7.51 -13.89 -49.31
C LEU A 499 -6.24 -13.67 -50.11
N ALA A 500 -5.35 -12.80 -49.65
CA ALA A 500 -4.10 -12.51 -50.35
C ALA A 500 -3.07 -12.11 -49.31
N GLN A 501 -2.08 -12.97 -49.09
CA GLN A 501 -1.13 -12.76 -48.01
C GLN A 501 -0.25 -11.54 -48.27
N GLY A 502 0.14 -10.86 -47.20
CA GLY A 502 0.95 -9.67 -47.28
C GLY A 502 0.18 -8.37 -47.42
N LEU A 503 -1.16 -8.44 -47.57
CA LEU A 503 -1.93 -7.21 -47.73
C LEU A 503 -1.95 -6.38 -46.45
N SER A 504 -1.95 -7.03 -45.28
CA SER A 504 -1.94 -6.29 -44.03
C SER A 504 -0.66 -5.47 -43.89
N THR A 505 0.49 -6.06 -44.27
CA THR A 505 1.75 -5.34 -44.23
C THR A 505 1.73 -4.14 -45.18
N MET A 506 1.21 -4.35 -46.40
CA MET A 506 1.14 -3.26 -47.37
C MET A 506 0.27 -2.12 -46.86
N LEU A 507 -0.90 -2.46 -46.31
CA LEU A 507 -1.79 -1.42 -45.79
C LEU A 507 -1.16 -0.70 -44.60
N ALA A 508 -0.53 -1.45 -43.69
CA ALA A 508 0.10 -0.82 -42.53
C ALA A 508 1.21 0.12 -42.94
N ASN A 509 2.01 -0.27 -43.93
CA ASN A 509 3.06 0.60 -44.45
C ASN A 509 2.50 1.71 -45.33
N LEU A 510 1.23 1.63 -45.73
CA LEU A 510 0.68 2.60 -46.66
C LEU A 510 0.10 3.84 -45.97
N PHE A 511 -0.17 3.78 -44.67
CA PHE A 511 -0.64 4.97 -43.94
C PHE A 511 0.24 5.28 -42.73
N SER A 512 1.43 4.70 -42.64
CA SER A 512 2.33 4.97 -41.53
C SER A 512 3.55 5.74 -42.01
N MET A 513 4.06 6.61 -41.15
CA MET A 513 5.24 7.41 -41.46
C MET A 513 6.48 6.57 -41.17
N ARG A 514 7.15 6.12 -42.23
CA ARG A 514 8.33 5.28 -42.11
C ARG A 514 9.54 6.04 -42.64
N SER A 515 10.59 6.12 -41.82
CA SER A 515 11.82 6.75 -42.27
C SER A 515 12.50 5.91 -43.34
N PHE A 516 13.05 6.57 -44.34
CA PHE A 516 13.70 5.90 -45.47
C PHE A 516 15.20 5.79 -45.21
N ILE A 517 15.74 4.60 -45.45
CA ILE A 517 17.16 4.32 -45.30
C ILE A 517 17.69 3.86 -46.65
N LYS A 518 18.82 4.42 -47.08
CA LYS A 518 19.42 4.07 -48.36
C LYS A 518 20.23 2.79 -48.20
N ILE A 519 19.90 1.78 -49.01
CA ILE A 519 20.59 0.49 -49.00
C ILE A 519 21.22 0.28 -50.37
N GLU A 520 22.52 -0.01 -50.39
CA GLU A 520 23.24 -0.23 -51.63
C GLU A 520 23.56 -1.71 -51.88
N GLU A 521 23.61 -2.53 -50.83
CA GLU A 521 23.85 -3.95 -51.02
C GLU A 521 22.62 -4.61 -51.65
N ASP A 522 22.88 -5.60 -52.51
CA ASP A 522 21.81 -6.29 -53.23
C ASP A 522 21.15 -7.28 -52.28
N THR A 523 20.22 -6.76 -51.49
CA THR A 523 19.42 -7.56 -50.56
C THR A 523 17.95 -7.24 -50.79
N TRP A 524 17.08 -8.03 -50.15
CA TRP A 524 15.64 -7.80 -50.26
C TRP A 524 15.22 -6.51 -49.57
N GLN A 525 16.01 -6.03 -48.62
CA GLN A 525 15.65 -4.81 -47.89
C GLN A 525 15.58 -3.60 -48.81
N LYS A 526 16.44 -3.53 -49.83
CA LYS A 526 16.40 -2.37 -50.72
C LYS A 526 15.13 -2.35 -51.55
N TYR A 527 14.73 -3.50 -52.10
CA TYR A 527 13.50 -3.56 -52.87
C TYR A 527 12.27 -3.33 -52.00
N TYR A 528 12.31 -3.79 -50.74
CA TYR A 528 11.20 -3.53 -49.83
C TYR A 528 11.13 -2.04 -49.48
N LEU A 529 12.28 -1.43 -49.18
CA LEU A 529 12.32 -0.03 -48.79
C LEU A 529 11.98 0.91 -49.93
N GLU A 530 12.15 0.49 -51.18
CA GLU A 530 11.65 1.29 -52.29
C GLU A 530 10.13 1.44 -52.21
N GLY A 531 9.44 0.38 -51.82
CA GLY A 531 7.99 0.40 -51.74
C GLY A 531 7.42 0.94 -50.45
N VAL A 532 8.22 0.92 -49.37
CA VAL A 532 7.73 1.44 -48.09
C VAL A 532 7.35 2.92 -48.18
N SER A 533 8.03 3.68 -49.04
CA SER A 533 7.95 5.14 -48.99
C SER A 533 6.61 5.70 -49.42
N ASN A 534 5.70 4.90 -49.96
CA ASN A 534 4.48 5.42 -50.53
C ASN A 534 3.45 5.74 -49.44
N GLU A 535 2.49 6.59 -49.80
CA GLU A 535 1.41 6.99 -48.91
C GLU A 535 0.13 7.20 -49.71
N MET A 536 -0.99 7.29 -49.00
CA MET A 536 -2.28 7.60 -49.60
C MET A 536 -2.53 9.09 -49.61
N TYR A 537 -3.20 9.57 -50.66
CA TYR A 537 -3.62 10.96 -50.76
C TYR A 537 -4.98 11.04 -51.43
N THR A 538 -5.68 12.14 -51.19
CA THR A 538 -6.97 12.41 -51.80
C THR A 538 -6.89 13.70 -52.58
N GLU A 539 -7.47 13.71 -53.79
CA GLU A 539 -7.38 14.90 -54.62
C GLU A 539 -8.57 14.95 -55.57
N TYR A 540 -9.04 16.16 -55.87
CA TYR A 540 -10.11 16.35 -56.82
C TYR A 540 -9.57 16.26 -58.24
N LEU A 541 -10.18 15.41 -59.05
CA LEU A 541 -9.75 15.27 -60.44
C LEU A 541 -10.04 16.53 -61.22
N SER A 542 -9.15 16.84 -62.17
CA SER A 542 -9.34 18.02 -63.00
C SER A 542 -10.50 17.82 -63.96
N SER A 543 -10.99 18.94 -64.50
CA SER A 543 -12.12 18.91 -65.43
C SER A 543 -11.77 18.25 -66.76
N ALA A 544 -10.49 18.02 -67.05
CA ALA A 544 -10.10 17.37 -68.29
C ALA A 544 -10.49 15.90 -68.31
N PHE A 545 -10.64 15.26 -67.15
CA PHE A 545 -10.97 13.84 -67.08
C PHE A 545 -12.46 13.56 -67.13
N VAL A 546 -13.31 14.59 -67.18
CA VAL A 546 -14.74 14.37 -67.13
C VAL A 546 -15.20 13.68 -68.41
N GLY A 547 -16.23 12.84 -68.27
CA GLY A 547 -16.77 12.10 -69.40
C GLY A 547 -15.95 10.91 -69.84
N LEU A 548 -14.89 10.57 -69.13
CA LEU A 548 -14.01 9.46 -69.47
C LEU A 548 -14.20 8.31 -68.49
N SER A 549 -13.96 7.10 -68.98
CA SER A 549 -14.06 5.91 -68.15
C SER A 549 -12.92 5.87 -67.14
N PHE A 550 -13.18 5.21 -66.02
CA PHE A 550 -12.15 5.08 -64.98
C PHE A 550 -10.88 4.38 -65.45
N PRO A 551 -10.92 3.27 -66.21
CA PRO A 551 -9.65 2.69 -66.69
C PRO A 551 -8.80 3.65 -67.51
N THR A 552 -9.44 4.47 -68.36
CA THR A 552 -8.69 5.41 -69.18
C THR A 552 -7.99 6.46 -68.31
N VAL A 553 -8.71 7.02 -67.35
CA VAL A 553 -8.14 8.03 -66.46
C VAL A 553 -7.02 7.43 -65.64
N CYS A 554 -7.21 6.21 -65.13
CA CYS A 554 -6.18 5.55 -64.35
C CYS A 554 -4.93 5.30 -65.18
N GLU A 555 -5.12 4.88 -66.44
CA GLU A 555 -3.97 4.65 -67.32
C GLU A 555 -3.23 5.95 -67.60
N LEU A 556 -3.96 7.04 -67.84
CA LEU A 556 -3.30 8.32 -68.08
C LEU A 556 -2.55 8.81 -66.84
N CYS A 557 -3.13 8.59 -65.65
CA CYS A 557 -2.43 9.00 -64.44
C CYS A 557 -1.18 8.16 -64.20
N PHE A 558 -1.24 6.86 -64.48
CA PHE A 558 -0.09 6.00 -64.22
C PHE A 558 1.03 6.26 -65.22
N VAL A 559 0.70 6.31 -66.52
CA VAL A 559 1.73 6.43 -67.55
C VAL A 559 2.36 7.81 -67.52
N LYS A 560 1.55 8.86 -67.44
CA LYS A 560 2.03 10.23 -67.58
C LYS A 560 2.27 10.92 -66.25
N LEU A 561 1.29 10.90 -65.34
CA LEU A 561 1.42 11.60 -64.08
C LEU A 561 2.17 10.82 -63.01
N LYS A 562 2.51 9.55 -63.29
CA LYS A 562 3.22 8.67 -62.35
C LYS A 562 2.45 8.54 -61.04
N LEU A 563 1.12 8.43 -61.14
CA LEU A 563 0.25 8.28 -59.97
C LEU A 563 -0.63 7.06 -60.15
N LEU A 564 -0.83 6.33 -59.06
CA LEU A 564 -1.69 5.15 -59.04
C LEU A 564 -3.00 5.52 -58.37
N MET A 565 -4.07 5.60 -59.17
CA MET A 565 -5.39 5.94 -58.65
C MET A 565 -6.14 4.66 -58.30
N ILE A 566 -6.58 4.56 -57.06
CA ILE A 566 -7.20 3.35 -56.54
C ILE A 566 -8.72 3.41 -56.59
N ALA A 567 -9.30 4.46 -56.01
CA ALA A 567 -10.75 4.53 -55.83
C ALA A 567 -11.23 5.93 -56.14
N ILE A 568 -12.54 6.04 -56.39
CA ILE A 568 -13.18 7.33 -56.62
C ILE A 568 -14.44 7.43 -55.78
N GLU A 569 -14.71 8.62 -55.25
CA GLU A 569 -15.89 8.85 -54.43
C GLU A 569 -17.04 9.27 -55.34
N TYR A 570 -17.87 8.31 -55.72
CA TYR A 570 -19.01 8.57 -56.59
C TYR A 570 -20.13 9.20 -55.77
N LYS A 571 -20.58 10.38 -56.19
CA LYS A 571 -21.62 11.12 -55.49
C LYS A 571 -22.89 11.13 -56.34
N SER A 572 -23.99 10.67 -55.75
CA SER A 572 -25.29 10.68 -56.41
C SER A 572 -26.33 11.17 -55.43
N ALA A 573 -27.32 11.92 -55.95
CA ALA A 573 -28.40 12.40 -55.11
C ALA A 573 -29.28 11.27 -54.58
N ASN A 574 -29.24 10.10 -55.22
CA ASN A 574 -30.09 8.99 -54.79
C ASN A 574 -29.61 8.40 -53.47
N ARG A 575 -28.30 8.14 -53.36
CA ARG A 575 -27.76 7.40 -52.22
C ARG A 575 -26.50 8.05 -51.68
N GLU A 576 -26.49 9.39 -51.64
CA GLU A 576 -25.41 10.19 -51.02
C GLU A 576 -24.09 9.87 -51.74
N SER A 577 -22.98 9.73 -51.03
CA SER A 577 -21.68 9.47 -51.64
C SER A 577 -21.17 8.11 -51.20
N ARG A 578 -20.56 7.39 -52.14
CA ARG A 578 -20.05 6.05 -51.88
C ARG A 578 -18.70 5.88 -52.59
N ILE A 579 -17.76 5.24 -51.91
CA ILE A 579 -16.44 5.02 -52.49
C ILE A 579 -16.48 3.77 -53.35
N LEU A 580 -16.06 3.91 -54.61
CA LEU A 580 -15.99 2.79 -55.54
C LEU A 580 -14.51 2.43 -55.75
N ILE A 581 -14.18 1.18 -55.46
CA ILE A 581 -12.82 0.67 -55.57
C ILE A 581 -12.66 0.07 -56.96
N ASN A 582 -11.89 0.76 -57.82
CA ASN A 582 -11.58 0.33 -59.18
C ASN A 582 -12.85 0.01 -59.96
N PRO A 583 -13.66 1.01 -60.32
CA PRO A 583 -14.88 0.72 -61.08
C PRO A 583 -14.56 0.32 -62.52
N GLY A 584 -15.53 -0.33 -63.15
CA GLY A 584 -15.36 -0.81 -64.50
C GLY A 584 -15.39 0.31 -65.53
N ASN A 585 -15.25 -0.09 -66.80
CA ASN A 585 -15.21 0.88 -67.88
C ASN A 585 -16.57 1.50 -68.16
N HIS A 586 -17.65 0.91 -67.63
CA HIS A 586 -18.98 1.48 -67.84
C HIS A 586 -19.15 2.80 -67.10
N LEU A 587 -18.53 2.94 -65.93
CA LEU A 587 -18.65 4.16 -65.17
C LEU A 587 -17.87 5.30 -65.83
N LYS A 588 -18.40 6.51 -65.74
CA LYS A 588 -17.78 7.70 -66.31
C LYS A 588 -17.55 8.73 -65.22
N ILE A 589 -16.40 9.42 -65.31
CA ILE A 589 -16.05 10.42 -64.30
C ILE A 589 -16.98 11.63 -64.44
N GLN A 590 -17.59 12.03 -63.32
CA GLN A 590 -18.45 13.19 -63.29
C GLN A 590 -17.64 14.43 -62.93
N GLU A 591 -18.32 15.53 -62.64
CA GLU A 591 -17.67 16.78 -62.27
C GLU A 591 -17.36 16.81 -60.79
N GLY A 592 -16.13 17.17 -60.44
CA GLY A 592 -15.74 17.30 -59.05
C GLY A 592 -15.75 16.01 -58.25
N THR A 593 -15.19 14.95 -58.82
CA THR A 593 -15.15 13.65 -58.16
C THR A 593 -13.81 13.48 -57.45
N LEU A 594 -13.87 13.17 -56.16
CA LEU A 594 -12.66 12.91 -55.39
C LEU A 594 -12.04 11.59 -55.81
N GLY A 595 -10.71 11.56 -55.88
CA GLY A 595 -10.00 10.35 -56.20
C GLY A 595 -8.89 10.08 -55.20
N PHE A 596 -8.62 8.80 -54.98
CA PHE A 596 -7.64 8.34 -54.02
C PHE A 596 -6.42 7.83 -54.77
N PHE A 597 -5.25 8.38 -54.43
CA PHE A 597 -4.01 8.05 -55.12
C PHE A 597 -3.00 7.49 -54.14
N ILE A 598 -2.11 6.66 -54.64
CA ILE A 598 -0.95 6.17 -53.90
C ILE A 598 0.27 6.83 -54.52
N ALA A 599 1.00 7.61 -53.73
CA ALA A 599 2.11 8.38 -54.26
C ALA A 599 3.21 8.50 -53.22
N SER A 600 4.44 8.72 -53.70
CA SER A 600 5.57 8.88 -52.81
C SER A 600 5.53 10.22 -52.09
N ASP A 601 5.19 11.29 -52.81
CA ASP A 601 5.16 12.64 -52.25
C ASP A 601 3.88 13.34 -52.69
N ALA A 602 3.44 14.29 -51.87
CA ALA A 602 2.18 14.98 -52.13
C ALA A 602 2.26 15.97 -53.28
N LYS A 603 3.48 16.38 -53.67
CA LYS A 603 3.61 17.38 -54.73
C LYS A 603 3.13 16.85 -56.07
N GLU A 604 3.42 15.58 -56.37
CA GLU A 604 2.98 15.01 -57.64
C GLU A 604 1.48 14.76 -57.67
N VAL A 605 0.82 14.72 -56.51
CA VAL A 605 -0.62 14.51 -56.47
C VAL A 605 -1.35 15.69 -57.09
N LYS A 606 -0.82 16.91 -56.91
CA LYS A 606 -1.47 18.10 -57.45
C LYS A 606 -1.54 18.11 -58.97
N ARG A 607 -0.70 17.33 -59.64
CA ARG A 607 -0.73 17.29 -61.10
C ARG A 607 -2.06 16.73 -61.62
N ALA A 608 -2.76 15.93 -60.82
CA ALA A 608 -4.05 15.43 -61.25
C ALA A 608 -5.12 16.50 -61.25
N PHE A 609 -4.90 17.60 -60.54
CA PHE A 609 -5.87 18.69 -60.47
C PHE A 609 -5.58 19.80 -61.47
N PHE A 610 -4.33 19.98 -61.90
CA PHE A 610 -3.95 20.98 -62.88
C PHE A 610 -3.50 20.35 -64.19
N TYR A 611 -4.19 19.30 -64.63
CA TYR A 611 -3.85 18.60 -65.86
C TYR A 611 -4.78 19.04 -66.97
N CYS A 612 -4.19 19.45 -68.09
CA CYS A 612 -4.93 19.77 -69.30
C CYS A 612 -4.25 19.11 -70.49
N LYS A 613 -5.07 18.70 -71.47
CA LYS A 613 -4.53 18.00 -72.63
C LYS A 613 -3.69 18.92 -73.52
N ALA A 614 -3.97 20.23 -73.47
CA ALA A 614 -3.26 21.17 -74.33
C ALA A 614 -1.77 21.22 -74.00
N CYS A 615 -1.43 21.27 -72.70
CA CYS A 615 -0.02 21.33 -72.32
C CYS A 615 0.68 20.00 -72.57
N HIS A 616 0.01 18.90 -72.24
CA HIS A 616 0.59 17.57 -72.43
C HIS A 616 -0.46 16.59 -72.95
N ASN A 682 -36.88 -18.26 -54.60
CA ASN A 682 -37.59 -19.33 -53.90
C ASN A 682 -36.90 -19.69 -52.59
N VAL A 683 -35.57 -19.56 -52.58
CA VAL A 683 -34.76 -19.87 -51.41
C VAL A 683 -33.85 -18.67 -51.14
N LYS A 684 -33.62 -18.38 -49.86
CA LYS A 684 -32.79 -17.25 -49.46
C LYS A 684 -31.32 -17.66 -49.50
N LYS A 685 -30.56 -17.05 -50.40
CA LYS A 685 -29.13 -17.28 -50.49
C LYS A 685 -28.30 -16.08 -50.06
N TYR A 686 -28.90 -14.91 -49.91
CA TYR A 686 -28.19 -13.71 -49.52
C TYR A 686 -29.00 -13.00 -48.44
N ASP A 687 -28.39 -11.98 -47.84
CA ASP A 687 -29.07 -11.21 -46.81
C ASP A 687 -30.04 -10.22 -47.47
N SER A 688 -30.63 -9.34 -46.66
CA SER A 688 -31.61 -8.38 -47.18
C SER A 688 -30.95 -7.42 -48.16
N THR A 689 -29.75 -6.95 -47.85
CA THR A 689 -29.03 -6.05 -48.74
C THR A 689 -28.39 -6.77 -49.93
N GLY A 690 -28.26 -8.09 -49.87
CA GLY A 690 -27.69 -8.84 -50.98
C GLY A 690 -26.20 -8.66 -51.15
N MET A 691 -25.48 -8.34 -50.07
CA MET A 691 -24.04 -8.11 -50.14
C MET A 691 -23.22 -9.19 -49.45
N PHE A 692 -23.86 -10.18 -48.84
CA PHE A 692 -23.15 -11.28 -48.18
C PHE A 692 -23.93 -12.56 -48.36
N HIS A 693 -23.22 -13.68 -48.44
CA HIS A 693 -23.87 -14.97 -48.51
C HIS A 693 -24.56 -15.28 -47.19
N TRP A 694 -25.78 -15.80 -47.27
CA TRP A 694 -26.60 -16.05 -46.10
C TRP A 694 -27.22 -17.42 -46.20
N CYS A 695 -27.39 -18.08 -45.06
CA CYS A 695 -27.99 -19.39 -44.99
C CYS A 695 -28.95 -19.44 -43.81
N ALA A 696 -29.80 -20.46 -43.79
CA ALA A 696 -30.74 -20.64 -42.70
C ALA A 696 -30.00 -20.92 -41.40
N PRO A 697 -30.47 -20.39 -40.27
CA PRO A 697 -29.79 -20.64 -39.00
C PRO A 697 -29.76 -22.12 -38.65
N LYS A 698 -28.64 -22.56 -38.08
CA LYS A 698 -28.44 -23.95 -37.71
C LYS A 698 -27.89 -24.02 -36.30
N GLU A 699 -28.24 -25.11 -35.60
CA GLU A 699 -27.76 -25.31 -34.25
C GLU A 699 -26.27 -25.63 -34.25
N ILE A 700 -25.62 -25.35 -33.12
CA ILE A 700 -24.19 -25.57 -33.00
C ILE A 700 -23.85 -27.06 -33.03
N GLU A 701 -24.80 -27.93 -32.70
CA GLU A 701 -24.53 -29.37 -32.71
C GLU A 701 -24.29 -29.91 -34.12
N LYS A 702 -24.80 -29.23 -35.13
CA LYS A 702 -24.62 -29.71 -36.51
C LYS A 702 -23.21 -29.45 -37.03
N VAL A 703 -22.53 -28.42 -36.52
CA VAL A 703 -21.22 -28.06 -37.06
C VAL A 703 -20.06 -28.61 -36.25
N ILE A 704 -20.29 -29.06 -35.01
CA ILE A 704 -19.21 -29.61 -34.21
C ILE A 704 -18.77 -30.94 -34.78
N LEU A 705 -17.46 -31.08 -35.01
CA LEU A 705 -16.88 -32.28 -35.58
C LEU A 705 -15.97 -32.94 -34.55
N THR A 706 -16.06 -34.27 -34.44
CA THR A 706 -15.09 -35.00 -33.65
C THR A 706 -13.79 -35.17 -34.43
N ARG A 707 -12.75 -35.60 -33.74
CA ARG A 707 -11.45 -35.78 -34.38
C ARG A 707 -11.51 -36.81 -35.49
N SER A 708 -12.17 -37.95 -35.23
CA SER A 708 -12.33 -38.96 -36.27
C SER A 708 -13.20 -38.46 -37.41
N GLU A 709 -14.30 -37.76 -37.09
CA GLU A 709 -15.18 -37.24 -38.12
C GLU A 709 -14.47 -36.20 -38.98
N ALA A 710 -13.68 -35.32 -38.34
CA ALA A 710 -12.87 -34.38 -39.10
C ALA A 710 -11.81 -35.08 -39.93
N ALA A 711 -11.33 -36.25 -39.46
CA ALA A 711 -10.39 -37.02 -40.26
C ALA A 711 -11.05 -37.62 -41.49
N MET A 712 -12.31 -38.06 -41.36
CA MET A 712 -13.01 -38.65 -42.51
C MET A 712 -13.21 -37.64 -43.62
N THR A 713 -13.67 -36.44 -43.29
CA THR A 713 -13.83 -35.41 -44.29
C THR A 713 -12.48 -34.88 -44.74
N VAL A 714 -12.41 -34.45 -46.00
CA VAL A 714 -11.18 -33.97 -46.60
C VAL A 714 -11.28 -32.47 -46.77
N LEU A 715 -10.37 -31.74 -46.13
CA LEU A 715 -10.33 -30.28 -46.18
C LEU A 715 -9.07 -29.86 -46.91
N SER A 716 -9.22 -29.08 -47.97
CA SER A 716 -8.08 -28.57 -48.72
C SER A 716 -8.41 -27.18 -49.21
N GLY A 717 -7.43 -26.29 -49.14
CA GLY A 717 -7.66 -24.89 -49.50
C GLY A 717 -8.65 -24.21 -48.59
N HIS A 718 -8.54 -24.43 -47.29
CA HIS A 718 -9.46 -23.89 -46.30
C HIS A 718 -8.73 -22.93 -45.38
N VAL A 719 -9.44 -22.44 -44.37
CA VAL A 719 -8.89 -21.53 -43.37
C VAL A 719 -9.07 -22.17 -42.00
N VAL A 720 -8.00 -22.19 -41.22
CA VAL A 720 -8.01 -22.77 -39.88
C VAL A 720 -7.76 -21.64 -38.88
N VAL A 721 -8.73 -21.41 -38.00
CA VAL A 721 -8.62 -20.36 -37.00
C VAL A 721 -8.38 -21.02 -35.65
N CYS A 722 -7.16 -20.92 -35.15
CA CYS A 722 -6.79 -21.49 -33.86
C CYS A 722 -6.98 -20.44 -32.78
N ILE A 723 -7.90 -20.69 -31.86
CA ILE A 723 -8.34 -19.70 -30.89
C ILE A 723 -7.92 -20.13 -29.50
N PHE A 724 -7.27 -19.22 -28.76
CA PHE A 724 -6.98 -19.41 -27.34
C PHE A 724 -8.02 -18.63 -26.56
N GLY A 725 -9.06 -19.32 -26.09
CA GLY A 725 -10.14 -18.68 -25.38
C GLY A 725 -10.65 -19.53 -24.25
N ASP A 726 -11.20 -18.86 -23.24
CA ASP A 726 -11.77 -19.50 -22.07
C ASP A 726 -13.26 -19.18 -21.98
N VAL A 727 -13.92 -19.77 -20.99
CA VAL A 727 -15.35 -19.51 -20.79
C VAL A 727 -15.58 -18.13 -20.19
N SER A 728 -14.57 -17.52 -19.60
CA SER A 728 -14.69 -16.22 -18.95
C SER A 728 -13.67 -15.22 -19.50
N SER A 729 -13.55 -15.17 -20.81
CA SER A 729 -12.63 -14.26 -21.48
C SER A 729 -13.40 -13.28 -22.36
N ALA A 730 -12.75 -12.16 -22.67
CA ALA A 730 -13.38 -11.14 -23.50
C ALA A 730 -13.60 -11.67 -24.91
N LEU A 731 -14.69 -11.23 -25.53
CA LEU A 731 -15.08 -11.73 -26.83
C LEU A 731 -14.27 -11.04 -27.93
N ILE A 732 -13.70 -11.83 -28.83
CA ILE A 732 -12.98 -11.25 -29.97
C ILE A 732 -13.94 -10.62 -30.95
N GLY A 733 -15.05 -11.31 -31.26
CA GLY A 733 -15.97 -10.82 -32.26
C GLY A 733 -15.66 -11.38 -33.64
N LEU A 734 -15.62 -12.70 -33.75
CA LEU A 734 -15.15 -13.37 -34.96
C LEU A 734 -16.05 -13.15 -36.17
N ARG A 735 -17.25 -12.57 -35.99
CA ARG A 735 -18.07 -12.19 -37.14
C ARG A 735 -17.30 -11.25 -38.05
N ASN A 736 -16.56 -10.30 -37.47
CA ASN A 736 -15.73 -9.39 -38.24
C ASN A 736 -14.65 -10.11 -39.03
N LEU A 737 -14.35 -11.35 -38.68
CA LEU A 737 -13.43 -12.17 -39.46
C LEU A 737 -14.15 -12.99 -40.52
N VAL A 738 -15.40 -13.36 -40.29
CA VAL A 738 -16.10 -14.22 -41.23
C VAL A 738 -16.85 -13.42 -42.29
N MET A 739 -17.34 -12.22 -41.95
CA MET A 739 -18.07 -11.42 -42.92
C MET A 739 -17.25 -11.04 -44.15
N PRO A 740 -15.98 -10.60 -44.05
CA PRO A 740 -15.21 -10.37 -45.28
C PRO A 740 -15.03 -11.60 -46.14
N LEU A 741 -14.95 -12.79 -45.53
CA LEU A 741 -14.75 -14.02 -46.28
C LEU A 741 -16.04 -14.59 -46.86
N ARG A 742 -17.18 -13.95 -46.61
CA ARG A 742 -18.47 -14.44 -47.10
C ARG A 742 -19.19 -13.40 -47.96
N ALA A 743 -18.45 -12.46 -48.56
CA ALA A 743 -19.05 -11.42 -49.37
C ALA A 743 -19.58 -12.01 -50.68
N SER A 744 -20.53 -11.30 -51.29
CA SER A 744 -21.23 -11.81 -52.47
C SER A 744 -20.40 -11.70 -53.74
N ASN A 745 -19.32 -10.94 -53.75
CA ASN A 745 -18.48 -10.89 -54.94
C ASN A 745 -17.70 -12.18 -55.17
N PHE A 746 -17.70 -13.08 -54.19
CA PHE A 746 -17.16 -14.42 -54.36
C PHE A 746 -18.29 -15.37 -54.74
N HIS A 747 -18.02 -16.25 -55.69
CA HIS A 747 -18.97 -17.31 -55.99
C HIS A 747 -19.03 -18.32 -54.86
N TYR A 748 -20.07 -19.14 -54.86
CA TYR A 748 -20.26 -20.11 -53.80
C TYR A 748 -19.15 -21.15 -53.80
N HIS A 749 -18.70 -21.57 -54.98
CA HIS A 749 -17.65 -22.57 -55.06
C HIS A 749 -16.27 -22.01 -54.70
N GLU A 750 -16.10 -20.68 -54.73
CA GLU A 750 -14.85 -20.06 -54.35
C GLU A 750 -14.76 -19.73 -52.87
N LEU A 751 -15.82 -19.97 -52.11
CA LEU A 751 -15.78 -19.71 -50.68
C LEU A 751 -14.85 -20.70 -49.99
N LYS A 752 -14.06 -20.19 -49.06
CA LYS A 752 -13.10 -21.01 -48.34
C LYS A 752 -13.74 -21.52 -47.06
N HIS A 753 -13.64 -22.83 -46.84
CA HIS A 753 -14.18 -23.43 -45.63
C HIS A 753 -13.40 -22.93 -44.42
N ILE A 754 -14.12 -22.65 -43.33
CA ILE A 754 -13.53 -22.10 -42.12
C ILE A 754 -13.73 -23.12 -41.01
N VAL A 755 -12.63 -23.45 -40.32
CA VAL A 755 -12.66 -24.39 -39.20
C VAL A 755 -12.10 -23.67 -37.98
N PHE A 756 -12.94 -23.50 -36.96
CA PHE A 756 -12.51 -22.88 -35.71
C PHE A 756 -12.04 -23.98 -34.76
N VAL A 757 -10.74 -24.04 -34.51
CA VAL A 757 -10.16 -25.01 -33.59
C VAL A 757 -9.92 -24.31 -32.25
N GLY A 758 -10.60 -24.78 -31.21
CA GLY A 758 -10.44 -24.16 -29.91
C GLY A 758 -11.46 -24.68 -28.93
N SER A 759 -11.51 -24.00 -27.78
CA SER A 759 -12.40 -24.40 -26.70
C SER A 759 -13.86 -24.27 -27.13
N ILE A 760 -14.68 -25.21 -26.70
CA ILE A 760 -16.07 -25.23 -27.13
C ILE A 760 -16.94 -24.23 -26.36
N GLU A 761 -16.56 -23.86 -25.14
CA GLU A 761 -17.35 -22.92 -24.36
C GLU A 761 -17.36 -21.54 -25.00
N TYR A 762 -16.18 -21.04 -25.37
CA TYR A 762 -16.06 -19.72 -25.99
C TYR A 762 -16.78 -19.67 -27.33
N LEU A 763 -16.65 -20.74 -28.12
CA LEU A 763 -17.35 -20.79 -29.40
C LEU A 763 -18.86 -20.90 -29.20
N LYS A 764 -19.31 -21.55 -28.13
CA LYS A 764 -20.74 -21.52 -27.82
C LYS A 764 -21.19 -20.11 -27.47
N ARG A 765 -20.34 -19.36 -26.75
CA ARG A 765 -20.69 -17.97 -26.44
C ARG A 765 -20.83 -17.13 -27.71
N GLU A 766 -19.92 -17.31 -28.67
CA GLU A 766 -19.94 -16.47 -29.86
C GLU A 766 -20.66 -17.09 -31.05
N TRP A 767 -21.28 -18.26 -30.91
CA TRP A 767 -21.94 -18.88 -32.06
C TRP A 767 -23.20 -18.14 -32.47
N GLU A 768 -23.82 -17.38 -31.56
CA GLU A 768 -25.09 -16.77 -31.89
C GLU A 768 -24.97 -15.60 -32.87
N THR A 769 -23.75 -15.18 -33.21
CA THR A 769 -23.53 -14.22 -34.29
C THR A 769 -22.90 -14.84 -35.52
N LEU A 770 -22.70 -16.16 -35.54
CA LEU A 770 -22.05 -16.82 -36.67
C LEU A 770 -22.91 -17.86 -37.36
N HIS A 771 -24.08 -18.18 -36.83
CA HIS A 771 -24.86 -19.31 -37.32
C HIS A 771 -25.63 -19.02 -38.60
N ASN A 772 -25.36 -17.90 -39.27
CA ASN A 772 -26.03 -17.57 -40.53
C ASN A 772 -25.09 -17.65 -41.72
N PHE A 773 -23.87 -18.19 -41.55
CA PHE A 773 -22.93 -18.29 -42.64
C PHE A 773 -22.82 -19.73 -43.14
N PRO A 774 -22.61 -19.91 -44.46
CA PRO A 774 -22.77 -21.24 -45.06
C PRO A 774 -21.82 -22.32 -44.56
N LYS A 775 -20.51 -22.10 -44.66
CA LYS A 775 -19.53 -23.15 -44.44
C LYS A 775 -18.62 -22.78 -43.26
N VAL A 776 -19.04 -23.18 -42.07
CA VAL A 776 -18.29 -22.97 -40.84
C VAL A 776 -18.36 -24.25 -40.02
N SER A 777 -17.22 -24.72 -39.52
CA SER A 777 -17.16 -25.92 -38.71
C SER A 777 -16.33 -25.67 -37.46
N ILE A 778 -16.53 -26.52 -36.46
CA ILE A 778 -15.94 -26.34 -35.13
C ILE A 778 -15.17 -27.59 -34.75
N LEU A 779 -13.95 -27.41 -34.26
CA LEU A 779 -13.15 -28.48 -33.67
C LEU A 779 -12.89 -28.16 -32.21
N PRO A 780 -13.60 -28.79 -31.28
CA PRO A 780 -13.42 -28.52 -29.85
C PRO A 780 -12.17 -29.19 -29.27
N GLY A 781 -11.03 -28.56 -29.52
CA GLY A 781 -9.77 -29.08 -29.04
C GLY A 781 -8.85 -27.98 -28.53
N THR A 782 -7.55 -28.12 -28.79
CA THR A 782 -6.56 -27.15 -28.37
C THR A 782 -5.62 -26.86 -29.54
N PRO A 783 -5.32 -25.60 -29.81
CA PRO A 783 -4.35 -25.29 -30.88
C PRO A 783 -2.94 -25.81 -30.59
N LEU A 784 -2.62 -26.11 -29.34
CA LEU A 784 -1.30 -26.60 -28.97
C LEU A 784 -1.17 -28.12 -29.09
N SER A 785 -2.21 -28.80 -29.56
CA SER A 785 -2.18 -30.25 -29.72
C SER A 785 -1.99 -30.61 -31.18
N ARG A 786 -0.99 -31.45 -31.45
CA ARG A 786 -0.68 -31.79 -32.84
C ARG A 786 -1.73 -32.70 -33.46
N ALA A 787 -2.44 -33.49 -32.63
CA ALA A 787 -3.46 -34.38 -33.17
C ALA A 787 -4.61 -33.60 -33.79
N ASP A 788 -5.06 -32.53 -33.14
CA ASP A 788 -6.13 -31.71 -33.68
C ASP A 788 -5.70 -31.03 -34.98
N LEU A 789 -4.47 -30.54 -35.02
CA LEU A 789 -3.97 -29.89 -36.23
C LEU A 789 -3.80 -30.87 -37.38
N ARG A 790 -3.45 -32.13 -37.06
CA ARG A 790 -3.35 -33.14 -38.12
C ARG A 790 -4.73 -33.60 -38.57
N ALA A 791 -5.71 -33.59 -37.68
CA ALA A 791 -7.07 -33.98 -38.06
C ALA A 791 -7.71 -32.98 -39.00
N VAL A 792 -7.33 -31.69 -38.89
CA VAL A 792 -7.92 -30.65 -39.72
C VAL A 792 -7.12 -30.40 -40.99
N ASN A 793 -6.08 -31.21 -41.23
CA ASN A 793 -5.23 -31.10 -42.42
C ASN A 793 -4.59 -29.71 -42.51
N ILE A 794 -3.76 -29.41 -41.51
CA ILE A 794 -3.10 -28.11 -41.45
C ILE A 794 -2.07 -27.92 -42.56
N ASN A 795 -1.61 -29.00 -43.17
CA ASN A 795 -0.65 -28.89 -44.26
C ASN A 795 -1.30 -28.54 -45.60
N LEU A 796 -2.62 -28.53 -45.67
CA LEU A 796 -3.34 -28.21 -46.90
C LEU A 796 -4.13 -26.93 -46.80
N CYS A 797 -4.15 -26.27 -45.65
CA CYS A 797 -4.94 -25.06 -45.49
C CYS A 797 -4.33 -23.90 -46.25
N ASP A 798 -5.20 -22.98 -46.70
CA ASP A 798 -4.72 -21.77 -47.33
C ASP A 798 -4.17 -20.77 -46.32
N MET A 799 -4.69 -20.77 -45.10
CA MET A 799 -4.20 -19.87 -44.07
C MET A 799 -4.54 -20.41 -42.70
N CYS A 800 -3.63 -20.21 -41.75
CA CYS A 800 -3.82 -20.52 -40.34
C CYS A 800 -3.73 -19.22 -39.56
N VAL A 801 -4.82 -18.84 -38.89
CA VAL A 801 -4.91 -17.60 -38.15
C VAL A 801 -4.90 -17.96 -36.66
N ILE A 802 -3.87 -17.49 -35.96
CA ILE A 802 -3.71 -17.79 -34.53
C ILE A 802 -4.15 -16.55 -33.75
N LEU A 803 -5.23 -16.69 -32.98
CA LEU A 803 -5.77 -15.60 -32.20
C LEU A 803 -5.80 -15.98 -30.72
N SER A 804 -5.55 -14.98 -29.88
CA SER A 804 -5.55 -15.16 -28.42
C SER A 804 -6.64 -14.28 -27.83
N ALA A 805 -7.75 -14.89 -27.41
CA ALA A 805 -8.82 -14.14 -26.76
C ALA A 805 -8.44 -13.70 -25.35
N ASN A 806 -7.47 -14.37 -24.72
CA ASN A 806 -7.05 -14.04 -23.37
C ASN A 806 -6.16 -12.80 -23.39
N GLN A 807 -6.79 -11.67 -23.70
CA GLN A 807 -6.12 -10.38 -23.74
C GLN A 807 -6.12 -9.68 -22.38
N ASN A 808 -6.29 -10.44 -21.30
CA ASN A 808 -6.30 -9.85 -19.96
C ASN A 808 -4.93 -9.31 -19.58
N ASN A 809 -4.92 -8.36 -18.66
CA ASN A 809 -3.68 -7.73 -18.24
C ASN A 809 -2.81 -8.70 -17.47
N ILE A 810 -1.50 -8.67 -17.77
CA ILE A 810 -0.52 -9.53 -17.13
C ILE A 810 0.54 -8.61 -16.51
N ASP A 811 1.19 -9.09 -15.45
CA ASP A 811 2.22 -8.30 -14.78
C ASP A 811 3.31 -7.86 -15.74
N ASP A 812 3.69 -8.73 -16.67
CA ASP A 812 4.59 -8.39 -17.76
C ASP A 812 3.82 -8.49 -19.06
N THR A 813 3.75 -7.40 -19.81
CA THR A 813 3.01 -7.40 -21.07
C THR A 813 3.67 -8.26 -22.12
N SER A 814 5.00 -8.35 -22.10
CA SER A 814 5.73 -9.17 -23.07
C SER A 814 5.37 -10.64 -22.99
N LEU A 815 4.82 -11.08 -21.86
CA LEU A 815 4.39 -12.47 -21.69
C LEU A 815 2.95 -12.71 -22.14
N GLN A 816 2.30 -11.70 -22.73
CA GLN A 816 0.95 -11.90 -23.24
C GLN A 816 0.92 -12.66 -24.56
N ASP A 817 2.06 -12.82 -25.23
CA ASP A 817 2.12 -13.46 -26.53
C ASP A 817 2.69 -14.88 -26.48
N LYS A 818 2.79 -15.48 -25.29
CA LYS A 818 3.44 -16.78 -25.16
C LYS A 818 2.67 -17.87 -25.91
N GLU A 819 1.35 -17.89 -25.78
CA GLU A 819 0.58 -18.95 -26.43
C GLU A 819 0.68 -18.88 -27.94
N CYS A 820 0.59 -17.68 -28.50
CA CYS A 820 0.67 -17.52 -29.95
C CYS A 820 2.03 -17.94 -30.49
N ILE A 821 3.11 -17.54 -29.81
CA ILE A 821 4.45 -17.89 -30.28
C ILE A 821 4.68 -19.39 -30.16
N LEU A 822 4.25 -20.00 -29.05
CA LEU A 822 4.38 -21.44 -28.89
C LEU A 822 3.60 -22.19 -29.96
N ALA A 823 2.38 -21.74 -30.25
CA ALA A 823 1.59 -22.39 -31.30
C ALA A 823 2.24 -22.22 -32.66
N SER A 824 2.79 -21.05 -32.95
CA SER A 824 3.43 -20.83 -34.25
C SER A 824 4.64 -21.73 -34.42
N LEU A 825 5.48 -21.83 -33.39
CA LEU A 825 6.65 -22.70 -33.48
C LEU A 825 6.24 -24.17 -33.56
N ASN A 826 5.19 -24.56 -32.84
CA ASN A 826 4.71 -25.93 -32.90
C ASN A 826 4.21 -26.28 -34.30
N ILE A 827 3.49 -25.35 -34.94
CA ILE A 827 3.01 -25.60 -36.30
C ILE A 827 4.18 -25.64 -37.28
N LYS A 828 5.16 -24.75 -37.12
CA LYS A 828 6.30 -24.74 -38.03
C LYS A 828 7.16 -25.98 -37.87
N SER A 829 7.18 -26.59 -36.69
CA SER A 829 8.07 -27.71 -36.43
C SER A 829 7.47 -29.07 -36.76
N MET A 830 6.22 -29.12 -37.25
CA MET A 830 5.61 -30.40 -37.56
C MET A 830 6.20 -31.00 -38.82
N GLN A 831 5.95 -32.30 -39.01
CA GLN A 831 6.42 -33.04 -40.17
C GLN A 831 5.27 -33.83 -40.77
N PHE A 832 5.26 -33.91 -42.11
CA PHE A 832 4.21 -34.61 -42.82
C PHE A 832 4.83 -35.49 -43.91
N ASP A 833 4.08 -36.51 -44.31
CA ASP A 833 4.54 -37.42 -45.35
C ASP A 833 3.53 -37.52 -46.49
N THR A 871 6.89 -31.66 -46.92
CA THR A 871 7.23 -32.71 -45.99
C THR A 871 7.45 -32.16 -44.58
N THR A 872 7.44 -30.83 -44.47
CA THR A 872 7.65 -30.16 -43.20
C THR A 872 6.72 -28.96 -43.11
N GLY A 873 6.48 -28.50 -41.89
CA GLY A 873 5.54 -27.44 -41.63
C GLY A 873 6.07 -26.03 -41.76
N VAL A 874 7.32 -25.85 -42.19
CA VAL A 874 7.86 -24.51 -42.31
C VAL A 874 7.27 -23.77 -43.50
N ASN A 875 6.66 -24.48 -44.45
CA ASN A 875 6.06 -23.87 -45.62
C ASN A 875 4.58 -23.59 -45.44
N ILE A 876 4.01 -23.88 -44.28
CA ILE A 876 2.59 -23.61 -44.04
C ILE A 876 2.40 -22.10 -43.83
N PRO A 877 1.49 -21.45 -44.56
CA PRO A 877 1.28 -20.02 -44.37
C PRO A 877 0.43 -19.75 -43.14
N ILE A 878 0.98 -19.00 -42.19
CA ILE A 878 0.29 -18.67 -40.95
C ILE A 878 0.34 -17.17 -40.72
N ILE A 879 -0.62 -16.68 -39.95
CA ILE A 879 -0.67 -15.29 -39.51
C ILE A 879 -0.86 -15.29 -38.01
N THR A 880 -0.01 -14.55 -37.30
CA THR A 880 -0.01 -14.53 -35.85
C THR A 880 -0.29 -13.12 -35.35
N GLU A 881 -1.32 -12.99 -34.51
CA GLU A 881 -1.61 -11.72 -33.87
C GLU A 881 -0.64 -11.48 -32.72
N LEU A 882 -0.09 -10.29 -32.65
CA LEU A 882 0.90 -9.94 -31.63
C LEU A 882 0.47 -8.68 -30.90
N VAL A 883 0.70 -8.67 -29.59
CA VAL A 883 0.43 -7.50 -28.77
C VAL A 883 1.66 -6.61 -28.67
N ASN A 884 2.81 -7.20 -28.35
CA ASN A 884 4.07 -6.47 -28.26
C ASN A 884 4.82 -6.57 -29.58
N ASP A 885 5.36 -5.45 -30.04
CA ASP A 885 6.11 -5.45 -31.29
C ASP A 885 7.43 -6.21 -31.16
N THR A 886 8.11 -6.05 -30.02
CA THR A 886 9.45 -6.61 -29.85
C THR A 886 9.46 -8.13 -29.91
N ASN A 887 8.30 -8.78 -29.79
CA ASN A 887 8.23 -10.23 -29.87
C ASN A 887 8.21 -10.75 -31.30
N VAL A 888 8.13 -9.87 -32.30
CA VAL A 888 7.94 -10.33 -33.68
C VAL A 888 9.16 -11.12 -34.16
N GLN A 889 10.36 -10.73 -33.72
CA GLN A 889 11.57 -11.44 -34.11
C GLN A 889 11.63 -12.85 -33.52
N PHE A 890 10.76 -13.16 -32.55
CA PHE A 890 10.67 -14.52 -32.04
C PHE A 890 9.93 -15.45 -32.98
N LEU A 891 9.19 -14.90 -33.94
CA LEU A 891 8.41 -15.72 -34.87
C LEU A 891 9.24 -16.23 -36.04
N ASP A 892 10.48 -15.80 -36.18
CA ASP A 892 11.31 -16.19 -37.32
C ASP A 892 12.58 -16.88 -36.81
N GLN A 893 12.96 -17.95 -37.51
CA GLN A 893 14.10 -18.76 -37.11
C GLN A 893 15.38 -18.27 -37.77
N ASP A 894 15.40 -18.25 -39.10
CA ASP A 894 16.60 -17.90 -39.86
C ASP A 894 16.63 -16.40 -40.19
N ASP A 895 16.52 -15.58 -39.15
CA ASP A 895 16.59 -14.13 -39.29
C ASP A 895 17.94 -13.63 -38.79
N ASP A 896 18.61 -12.85 -39.63
CA ASP A 896 19.87 -12.22 -39.28
C ASP A 896 19.66 -10.82 -38.72
N ASP A 897 18.41 -10.45 -38.44
CA ASP A 897 18.09 -9.11 -37.95
C ASP A 897 18.73 -8.88 -36.59
N ASP A 898 19.30 -7.69 -36.41
CA ASP A 898 19.87 -7.30 -35.14
C ASP A 898 18.74 -7.04 -34.13
N PRO A 899 19.02 -7.16 -32.83
CA PRO A 899 17.96 -6.97 -31.83
C PRO A 899 17.36 -5.57 -31.82
N ASP A 900 18.06 -4.57 -32.34
CA ASP A 900 17.55 -3.20 -32.36
C ASP A 900 16.79 -2.86 -33.64
N THR A 901 16.56 -3.86 -34.51
CA THR A 901 15.83 -3.62 -35.74
C THR A 901 14.39 -3.22 -35.44
N GLU A 902 13.91 -2.20 -36.15
CA GLU A 902 12.55 -1.71 -35.94
C GLU A 902 11.54 -2.70 -36.50
N LEU A 903 10.26 -2.47 -36.16
CA LEU A 903 9.21 -3.44 -36.46
C LEU A 903 9.04 -3.65 -37.96
N TYR A 904 9.04 -2.58 -38.74
CA TYR A 904 8.70 -2.71 -40.15
C TYR A 904 9.83 -3.29 -40.99
N LEU A 905 11.04 -3.43 -40.44
CA LEU A 905 12.15 -4.01 -41.18
C LEU A 905 12.38 -5.48 -40.87
N THR A 906 11.70 -6.03 -39.87
CA THR A 906 11.84 -7.45 -39.57
C THR A 906 11.20 -8.30 -40.65
N GLN A 907 11.74 -9.51 -40.82
CA GLN A 907 11.20 -10.43 -41.83
C GLN A 907 9.75 -10.84 -41.57
N PRO A 908 9.32 -11.20 -40.35
CA PRO A 908 7.90 -11.55 -40.18
C PRO A 908 6.94 -10.44 -40.54
N PHE A 909 7.28 -9.18 -40.26
CA PHE A 909 6.41 -8.08 -40.66
C PHE A 909 6.47 -7.87 -42.16
N ALA A 910 7.67 -7.88 -42.73
CA ALA A 910 7.82 -7.63 -44.17
C ALA A 910 7.22 -8.75 -45.00
N CYS A 911 7.18 -9.97 -44.48
CA CYS A 911 6.59 -11.09 -45.20
C CYS A 911 5.09 -11.23 -44.97
N GLY A 912 4.52 -10.45 -44.04
CA GLY A 912 3.10 -10.52 -43.78
C GLY A 912 2.65 -11.69 -42.94
N THR A 913 3.58 -12.40 -42.29
CA THR A 913 3.23 -13.53 -41.45
C THR A 913 2.97 -13.14 -40.00
N ALA A 914 3.06 -11.85 -39.67
CA ALA A 914 2.77 -11.38 -38.33
C ALA A 914 2.01 -10.07 -38.42
N PHE A 915 0.97 -9.93 -37.60
CA PHE A 915 0.14 -8.74 -37.57
C PHE A 915 0.25 -8.13 -36.17
N ALA A 916 0.96 -7.01 -36.05
CA ALA A 916 1.06 -6.30 -34.79
C ALA A 916 -0.08 -5.30 -34.70
N VAL A 917 -0.83 -5.36 -33.60
CA VAL A 917 -2.00 -4.51 -33.44
C VAL A 917 -1.62 -3.04 -33.25
N SER A 918 -0.37 -2.76 -32.90
CA SER A 918 0.05 -1.39 -32.64
C SER A 918 -0.06 -0.50 -33.87
N VAL A 919 -0.06 -1.09 -35.07
CA VAL A 919 -0.22 -0.29 -36.28
C VAL A 919 -1.57 0.41 -36.29
N LEU A 920 -2.57 -0.17 -35.62
CA LEU A 920 -3.87 0.51 -35.50
C LEU A 920 -3.72 1.81 -34.73
N ASP A 921 -2.85 1.83 -33.73
CA ASP A 921 -2.58 3.07 -33.01
C ASP A 921 -1.98 4.12 -33.93
N SER A 922 -1.30 3.70 -34.99
CA SER A 922 -0.83 4.65 -35.98
C SER A 922 -1.98 5.23 -36.78
N LEU A 923 -2.99 4.41 -37.07
CA LEU A 923 -4.07 4.81 -37.97
C LEU A 923 -4.80 6.05 -37.45
N MET A 924 -4.97 6.14 -36.13
CA MET A 924 -5.59 7.32 -35.52
C MET A 924 -4.88 8.60 -35.98
N SER A 925 -3.55 8.62 -35.90
CA SER A 925 -2.82 9.78 -36.39
C SER A 925 -3.06 9.99 -37.88
N ALA A 926 -3.03 8.90 -38.65
CA ALA A 926 -3.31 9.01 -40.07
C ALA A 926 -4.74 9.47 -40.32
N THR A 927 -5.63 9.22 -39.37
CA THR A 927 -7.00 9.70 -39.50
C THR A 927 -7.10 11.21 -39.24
N TYR A 928 -6.21 11.75 -38.39
CA TYR A 928 -6.31 13.16 -38.04
C TYR A 928 -5.96 14.06 -39.22
N PHE A 929 -4.90 13.73 -39.95
CA PHE A 929 -4.46 14.56 -41.06
C PHE A 929 -5.27 14.33 -42.33
N ASN A 930 -6.07 13.26 -42.38
CA ASN A 930 -6.92 13.01 -43.54
C ASN A 930 -8.04 12.07 -43.09
N ASP A 931 -9.27 12.52 -43.20
CA ASP A 931 -10.41 11.74 -42.72
C ASP A 931 -10.95 10.77 -43.76
N ASN A 932 -10.53 10.87 -45.02
CA ASN A 932 -10.99 9.93 -46.04
C ASN A 932 -10.22 8.62 -46.02
N ILE A 933 -9.07 8.59 -45.37
CA ILE A 933 -8.25 7.38 -45.34
C ILE A 933 -8.96 6.26 -44.59
N LEU A 934 -9.59 6.60 -43.45
CA LEU A 934 -10.32 5.60 -42.69
C LEU A 934 -11.49 5.04 -43.49
N THR A 935 -12.22 5.91 -44.20
CA THR A 935 -13.34 5.44 -45.01
C THR A 935 -12.88 4.54 -46.15
N LEU A 936 -11.76 4.91 -46.80
CA LEU A 936 -11.21 4.06 -47.86
C LEU A 936 -10.78 2.70 -47.31
N ILE A 937 -10.13 2.69 -46.15
CA ILE A 937 -9.71 1.44 -45.54
C ILE A 937 -10.92 0.58 -45.18
N ARG A 938 -11.96 1.21 -44.61
CA ARG A 938 -13.15 0.47 -44.22
C ARG A 938 -13.86 -0.13 -45.42
N THR A 939 -13.98 0.62 -46.51
CA THR A 939 -14.65 0.09 -47.69
C THR A 939 -13.80 -0.90 -48.47
N LEU A 940 -12.48 -0.88 -48.28
CA LEU A 940 -11.62 -1.86 -48.93
C LEU A 940 -11.47 -3.14 -48.13
N VAL A 941 -11.60 -3.06 -46.81
CA VAL A 941 -11.22 -4.15 -45.92
C VAL A 941 -12.43 -4.91 -45.41
N THR A 942 -13.45 -4.21 -44.92
CA THR A 942 -14.58 -4.86 -44.29
C THR A 942 -15.49 -5.58 -45.28
N GLY A 943 -15.28 -5.40 -46.57
CA GLY A 943 -16.08 -6.07 -47.57
C GLY A 943 -17.24 -5.28 -48.13
N GLY A 944 -17.32 -3.98 -47.85
CA GLY A 944 -18.38 -3.15 -48.38
C GLY A 944 -19.57 -3.05 -47.46
N ALA A 945 -19.34 -2.68 -46.21
CA ALA A 945 -20.42 -2.54 -45.23
C ALA A 945 -21.07 -1.17 -45.42
N THR A 946 -22.21 -1.15 -46.11
CA THR A 946 -22.92 0.09 -46.33
C THR A 946 -23.60 0.55 -45.04
N PRO A 947 -23.83 1.86 -44.88
CA PRO A 947 -24.51 2.34 -43.68
C PRO A 947 -25.93 1.79 -43.50
N GLU A 948 -26.61 1.44 -44.59
CA GLU A 948 -27.91 0.79 -44.47
C GLU A 948 -27.78 -0.56 -43.78
N LEU A 949 -26.78 -1.34 -44.14
CA LEU A 949 -26.51 -2.58 -43.44
C LEU A 949 -26.13 -2.33 -41.99
N GLU A 950 -25.40 -1.25 -41.73
CA GLU A 950 -25.07 -0.88 -40.36
C GLU A 950 -26.33 -0.62 -39.55
N ALA A 951 -27.27 0.12 -40.12
CA ALA A 951 -28.52 0.42 -39.43
C ALA A 951 -29.35 -0.85 -39.20
N LEU A 952 -29.40 -1.73 -40.20
CA LEU A 952 -30.15 -2.97 -40.05
C LEU A 952 -29.56 -3.85 -38.95
N ILE A 953 -28.23 -3.95 -38.92
CA ILE A 953 -27.57 -4.75 -37.89
C ILE A 953 -27.77 -4.12 -36.51
N ALA A 954 -27.76 -2.79 -36.44
CA ALA A 954 -28.03 -2.12 -35.17
C ALA A 954 -29.45 -2.39 -34.70
N GLU A 955 -30.41 -2.42 -35.63
CA GLU A 955 -31.80 -2.62 -35.26
C GLU A 955 -32.05 -4.05 -34.80
N GLU A 956 -31.56 -5.04 -35.56
CA GLU A 956 -31.91 -6.42 -35.29
C GLU A 956 -30.84 -7.22 -34.56
N ASN A 957 -29.61 -6.70 -34.46
CA ASN A 957 -28.49 -7.40 -33.81
C ASN A 957 -28.21 -8.75 -34.47
N ALA A 958 -28.51 -8.88 -35.75
CA ALA A 958 -28.30 -10.11 -36.50
C ALA A 958 -28.35 -9.78 -37.99
N LEU A 959 -28.07 -10.78 -38.80
CA LEU A 959 -28.13 -10.65 -40.26
C LEU A 959 -29.41 -11.31 -40.75
N ARG A 960 -30.22 -10.56 -41.47
CA ARG A 960 -31.51 -11.03 -41.95
C ARG A 960 -31.43 -11.38 -43.43
N GLY A 961 -31.91 -12.56 -43.78
CA GLY A 961 -31.90 -12.99 -45.17
C GLY A 961 -33.01 -12.33 -45.98
N GLY A 962 -32.93 -12.52 -47.29
CA GLY A 962 -33.92 -11.95 -48.18
C GLY A 962 -33.88 -12.62 -49.54
N TYR A 963 -34.99 -12.50 -50.25
CA TYR A 963 -35.10 -13.10 -51.58
C TYR A 963 -34.33 -12.28 -52.61
N SER A 964 -33.86 -12.97 -53.64
CA SER A 964 -33.03 -12.34 -54.65
C SER A 964 -33.87 -11.44 -55.56
N THR A 965 -33.41 -10.21 -55.76
CA THR A 965 -34.01 -9.24 -56.65
C THR A 965 -32.94 -8.71 -57.57
N PRO A 966 -33.32 -8.18 -58.75
CA PRO A 966 -32.30 -7.61 -59.65
C PRO A 966 -31.48 -6.49 -59.03
N GLN A 967 -32.06 -5.71 -58.11
CA GLN A 967 -31.29 -4.67 -57.44
C GLN A 967 -30.18 -5.25 -56.58
N THR A 968 -30.49 -6.30 -55.81
CA THR A 968 -29.46 -6.95 -54.99
C THR A 968 -28.40 -7.62 -55.85
N LEU A 969 -28.81 -8.26 -56.94
CA LEU A 969 -27.84 -8.90 -57.83
C LEU A 969 -26.95 -7.87 -58.51
N ALA A 970 -27.49 -6.68 -58.82
CA ALA A 970 -26.64 -5.60 -59.31
C ALA A 970 -25.69 -5.12 -58.22
N ASN A 971 -26.17 -5.06 -56.98
CA ASN A 971 -25.31 -4.69 -55.86
C ASN A 971 -24.23 -5.73 -55.59
N ARG A 972 -24.42 -6.96 -56.07
CA ARG A 972 -23.42 -8.01 -55.88
C ARG A 972 -22.12 -7.71 -56.61
N ASP A 973 -22.19 -6.98 -57.74
CA ASP A 973 -21.01 -6.72 -58.56
C ASP A 973 -20.09 -5.74 -57.87
N ARG A 974 -18.92 -6.21 -57.44
CA ARG A 974 -17.90 -5.37 -56.83
C ARG A 974 -16.54 -5.84 -57.32
N CYS A 975 -15.49 -5.38 -56.65
CA CYS A 975 -14.12 -5.82 -56.93
C CYS A 975 -13.53 -6.47 -55.69
N ARG A 976 -12.69 -7.48 -55.92
CA ARG A 976 -12.14 -8.29 -54.84
C ARG A 976 -10.63 -8.31 -54.92
N VAL A 977 -9.99 -8.49 -53.76
CA VAL A 977 -8.54 -8.54 -53.68
C VAL A 977 -8.08 -9.96 -54.02
N ALA A 978 -7.07 -10.06 -54.88
CA ALA A 978 -6.57 -11.37 -55.27
C ALA A 978 -5.08 -11.28 -55.57
N GLN A 979 -4.44 -12.45 -55.64
CA GLN A 979 -3.05 -12.58 -56.07
C GLN A 979 -3.01 -13.47 -57.29
N LEU A 980 -2.28 -13.05 -58.31
CA LEU A 980 -2.12 -13.83 -59.53
C LEU A 980 -0.67 -14.24 -59.74
N ALA A 981 -0.47 -15.39 -60.34
CA ALA A 981 0.85 -15.92 -60.63
C ALA A 981 1.14 -15.80 -62.12
N LEU A 982 2.38 -15.42 -62.45
CA LEU A 982 2.80 -15.23 -63.83
C LEU A 982 3.36 -16.50 -64.46
N LEU A 983 3.24 -17.64 -63.79
CA LEU A 983 3.86 -18.87 -64.28
C LEU A 983 3.16 -19.40 -65.52
N ASP A 984 1.82 -19.46 -65.50
CA ASP A 984 1.07 -20.09 -66.58
C ASP A 984 -0.10 -19.24 -67.07
N GLY A 985 -0.26 -18.01 -66.59
CA GLY A 985 -1.35 -17.17 -67.01
C GLY A 985 -1.10 -16.57 -68.38
N PRO A 986 -2.04 -15.73 -68.81
CA PRO A 986 -1.86 -15.01 -70.09
C PRO A 986 -0.69 -14.05 -70.07
N PHE A 987 -0.22 -13.65 -68.89
CA PHE A 987 0.90 -12.72 -68.77
C PHE A 987 2.23 -13.43 -68.59
N ALA A 988 2.28 -14.74 -68.88
CA ALA A 988 3.49 -15.51 -68.65
C ALA A 988 4.65 -15.03 -69.50
N ASP A 989 4.39 -14.73 -70.77
CA ASP A 989 5.45 -14.24 -71.65
C ASP A 989 5.97 -12.88 -71.18
N LEU A 990 5.07 -12.01 -70.71
CA LEU A 990 5.48 -10.70 -70.23
C LEU A 990 6.19 -10.78 -68.88
N GLY A 991 5.96 -11.85 -68.11
CA GLY A 991 6.61 -12.00 -66.82
C GLY A 991 8.04 -12.49 -66.85
N ASP A 992 8.56 -12.83 -68.04
CA ASP A 992 9.94 -13.30 -68.17
C ASP A 992 10.84 -12.12 -68.48
N GLY A 993 11.20 -11.38 -67.43
CA GLY A 993 12.08 -10.24 -67.56
C GLY A 993 11.43 -8.97 -68.06
N GLY A 994 10.11 -8.95 -68.24
CA GLY A 994 9.44 -7.76 -68.72
C GLY A 994 9.28 -6.69 -67.65
N CYS A 995 8.80 -5.54 -68.09
CA CYS A 995 8.60 -4.40 -67.21
C CYS A 995 7.23 -4.45 -66.56
N TYR A 996 7.14 -3.87 -65.35
CA TYR A 996 5.89 -3.89 -64.60
C TYR A 996 4.84 -2.99 -65.24
N GLY A 997 5.25 -1.89 -65.86
CA GLY A 997 4.30 -0.96 -66.44
C GLY A 997 3.50 -1.58 -67.58
N ASP A 998 4.16 -2.38 -68.41
CA ASP A 998 3.46 -3.07 -69.49
C ASP A 998 2.42 -4.03 -68.93
N LEU A 999 2.78 -4.76 -67.87
CA LEU A 999 1.83 -5.65 -67.22
C LEU A 999 0.63 -4.88 -66.68
N PHE A 1000 0.89 -3.75 -66.02
CA PHE A 1000 -0.19 -2.94 -65.47
C PHE A 1000 -1.12 -2.44 -66.57
N CYS A 1001 -0.53 -1.92 -67.66
CA CYS A 1001 -1.34 -1.38 -68.75
C CYS A 1001 -2.17 -2.48 -69.41
N LYS A 1002 -1.56 -3.64 -69.66
CA LYS A 1002 -2.29 -4.74 -70.29
C LYS A 1002 -3.41 -5.25 -69.41
N ALA A 1003 -3.15 -5.39 -68.10
CA ALA A 1003 -4.18 -5.87 -67.19
C ALA A 1003 -5.32 -4.88 -67.07
N LEU A 1004 -5.01 -3.58 -67.03
CA LEU A 1004 -6.06 -2.58 -66.89
C LEU A 1004 -6.88 -2.45 -68.18
N LYS A 1005 -6.23 -2.56 -69.34
CA LYS A 1005 -6.93 -2.39 -70.60
C LYS A 1005 -7.76 -3.62 -70.97
N THR A 1006 -7.25 -4.82 -70.67
CA THR A 1006 -7.91 -6.04 -71.13
C THR A 1006 -8.98 -6.52 -70.15
N TYR A 1007 -8.59 -6.80 -68.91
CA TYR A 1007 -9.48 -7.39 -67.93
C TYR A 1007 -9.96 -6.40 -66.87
N ASN A 1008 -9.66 -5.11 -67.03
CA ASN A 1008 -10.02 -4.07 -66.07
C ASN A 1008 -9.48 -4.41 -64.68
N MET A 1009 -8.24 -4.88 -64.64
CA MET A 1009 -7.60 -5.36 -63.42
C MET A 1009 -6.55 -4.35 -62.96
N LEU A 1010 -6.60 -3.99 -61.69
CA LEU A 1010 -5.73 -2.95 -61.13
C LEU A 1010 -4.63 -3.63 -60.30
N CYS A 1011 -3.44 -3.70 -60.86
CA CYS A 1011 -2.28 -4.24 -60.16
C CYS A 1011 -1.63 -3.15 -59.32
N PHE A 1012 -1.37 -3.44 -58.05
CA PHE A 1012 -0.84 -2.42 -57.16
C PHE A 1012 0.24 -2.93 -56.22
N GLY A 1013 0.91 -4.03 -56.54
CA GLY A 1013 1.99 -4.51 -55.71
C GLY A 1013 2.50 -5.86 -56.18
N ILE A 1014 3.76 -6.11 -55.84
CA ILE A 1014 4.45 -7.34 -56.21
C ILE A 1014 4.86 -8.07 -54.94
N TYR A 1015 4.52 -9.35 -54.86
CA TYR A 1015 4.84 -10.19 -53.72
C TYR A 1015 5.89 -11.18 -54.22
N ARG A 1016 7.13 -10.99 -53.77
CA ARG A 1016 8.31 -11.56 -54.42
C ARG A 1016 9.09 -12.43 -53.44
N LEU A 1017 9.59 -13.56 -53.95
CA LEU A 1017 10.40 -14.46 -53.14
C LEU A 1017 11.62 -13.74 -52.57
N ARG A 1018 11.93 -14.02 -51.31
CA ARG A 1018 13.05 -13.36 -50.66
C ARG A 1018 14.38 -13.69 -51.34
N ASP A 1019 14.60 -14.96 -51.66
CA ASP A 1019 15.83 -15.39 -52.33
C ASP A 1019 15.62 -15.46 -53.84
N ALA A 1020 15.22 -14.33 -54.41
CA ALA A 1020 15.03 -14.23 -55.85
C ALA A 1020 16.15 -13.47 -56.55
N HIS A 1021 16.77 -12.51 -55.88
CA HIS A 1021 17.89 -11.77 -56.44
C HIS A 1021 19.20 -12.52 -56.34
N LEU A 1022 19.28 -13.57 -55.53
CA LEU A 1022 20.50 -14.34 -55.38
C LEU A 1022 20.69 -15.27 -56.59
N SER A 1023 21.95 -15.41 -57.01
CA SER A 1023 22.24 -16.30 -58.14
C SER A 1023 22.08 -17.76 -57.74
N THR A 1024 22.51 -18.12 -56.53
CA THR A 1024 22.43 -19.50 -56.09
C THR A 1024 20.97 -19.88 -55.82
N PRO A 1025 20.58 -21.12 -56.09
CA PRO A 1025 19.22 -21.56 -55.75
C PRO A 1025 19.04 -21.69 -54.25
N SER A 1026 17.80 -21.55 -53.81
CA SER A 1026 17.46 -21.64 -52.40
C SER A 1026 16.11 -22.34 -52.24
N GLN A 1027 15.91 -22.90 -51.05
CA GLN A 1027 14.67 -23.60 -50.73
C GLN A 1027 13.70 -22.74 -49.92
N CYS A 1028 14.04 -21.49 -49.65
CA CYS A 1028 13.16 -20.63 -48.88
C CYS A 1028 11.99 -20.18 -49.74
N THR A 1029 10.77 -20.34 -49.20
CA THR A 1029 9.55 -19.94 -49.89
C THR A 1029 8.96 -18.65 -49.34
N LYS A 1030 9.68 -17.96 -48.45
CA LYS A 1030 9.18 -16.70 -47.91
C LYS A 1030 9.21 -15.62 -48.98
N ARG A 1031 8.20 -14.76 -48.96
CA ARG A 1031 8.08 -13.67 -49.91
C ARG A 1031 7.81 -12.37 -49.16
N TYR A 1032 8.29 -11.27 -49.72
CA TYR A 1032 8.11 -9.94 -49.17
C TYR A 1032 7.29 -9.09 -50.14
N VAL A 1033 6.96 -7.88 -49.69
CA VAL A 1033 5.97 -7.03 -50.35
C VAL A 1033 6.66 -5.81 -50.92
N ILE A 1034 6.35 -5.49 -52.17
CA ILE A 1034 6.80 -4.27 -52.84
C ILE A 1034 5.54 -3.52 -53.26
N THR A 1035 5.37 -2.30 -52.75
CA THR A 1035 4.16 -1.53 -52.96
C THR A 1035 4.37 -0.53 -54.09
N ASN A 1036 3.56 -0.65 -55.15
CA ASN A 1036 3.56 0.22 -56.31
C ASN A 1036 4.94 0.38 -56.93
N PRO A 1037 5.48 -0.64 -57.59
CA PRO A 1037 6.78 -0.50 -58.23
C PRO A 1037 6.70 0.45 -59.42
N PRO A 1038 7.81 1.08 -59.80
CA PRO A 1038 7.77 1.99 -60.96
C PRO A 1038 7.54 1.29 -62.28
N TYR A 1039 7.47 2.07 -63.36
CA TYR A 1039 7.19 1.51 -64.68
C TYR A 1039 8.33 0.61 -65.15
N GLU A 1040 9.57 0.99 -64.87
CA GLU A 1040 10.73 0.26 -65.37
C GLU A 1040 11.15 -0.89 -64.47
N PHE A 1041 10.37 -1.19 -63.42
CA PHE A 1041 10.68 -2.30 -62.53
C PHE A 1041 10.55 -3.62 -63.30
N GLU A 1042 11.55 -4.49 -63.13
CA GLU A 1042 11.59 -5.74 -63.86
C GLU A 1042 10.75 -6.82 -63.16
N LEU A 1043 10.53 -7.91 -63.87
CA LEU A 1043 9.71 -9.01 -63.39
C LEU A 1043 10.49 -10.32 -63.49
N VAL A 1044 10.12 -11.27 -62.63
CA VAL A 1044 10.68 -12.62 -62.68
C VAL A 1044 9.49 -13.58 -62.72
N PRO A 1045 9.65 -14.79 -63.30
CA PRO A 1045 8.50 -15.71 -63.35
C PRO A 1045 8.00 -16.16 -61.99
N THR A 1046 8.84 -16.10 -60.96
CA THR A 1046 8.43 -16.51 -59.61
C THR A 1046 8.03 -15.28 -58.80
N ASP A 1047 6.92 -14.67 -59.23
CA ASP A 1047 6.36 -13.50 -58.57
C ASP A 1047 4.86 -13.65 -58.47
N LEU A 1048 4.27 -12.95 -57.50
CA LEU A 1048 2.83 -12.82 -57.40
C LEU A 1048 2.45 -11.35 -57.53
N ILE A 1049 1.29 -11.10 -58.11
CA ILE A 1049 0.82 -9.75 -58.36
C ILE A 1049 -0.46 -9.53 -57.55
N PHE A 1050 -0.45 -8.52 -56.70
CA PHE A 1050 -1.67 -8.07 -56.06
C PHE A 1050 -2.57 -7.41 -57.10
N CYS A 1051 -3.86 -7.68 -57.02
CA CYS A 1051 -4.78 -7.12 -58.01
C CYS A 1051 -6.16 -6.98 -57.41
N LEU A 1052 -6.93 -6.09 -58.01
CA LEU A 1052 -8.36 -5.93 -57.72
C LEU A 1052 -9.12 -6.43 -58.94
N MET A 1053 -9.77 -7.57 -58.80
CA MET A 1053 -10.43 -8.24 -59.91
C MET A 1053 -11.92 -7.97 -59.86
N GLN A 1054 -12.52 -7.78 -61.04
CA GLN A 1054 -13.94 -7.53 -61.16
C GLN A 1054 -14.73 -8.82 -60.96
N PHE A 1055 -16.05 -8.67 -60.83
CA PHE A 1055 -16.95 -9.80 -60.69
C PHE A 1055 -17.58 -10.12 -62.04
N ASP A 1056 -17.56 -11.40 -62.41
CA ASP A 1056 -18.15 -11.86 -63.65
C ASP A 1056 -18.97 -13.11 -63.39
N SER A 1057 -20.09 -13.23 -64.10
CA SER A 1057 -20.98 -14.38 -63.92
C SER A 1057 -20.87 -15.34 -65.11
N ARG B 20 54.55 21.91 39.72
CA ARG B 20 53.38 21.25 39.18
C ARG B 20 53.57 19.74 39.11
N MET B 21 53.02 19.03 40.09
CA MET B 21 53.11 17.56 40.16
C MET B 21 51.83 16.89 39.66
N TRP B 22 51.21 17.45 38.62
CA TRP B 22 49.97 16.87 38.09
C TRP B 22 50.19 15.47 37.57
N TRP B 23 51.39 15.17 37.05
CA TRP B 23 51.64 13.84 36.50
C TRP B 23 51.57 12.76 37.57
N ALA B 24 51.86 13.11 38.83
CA ALA B 24 51.70 12.13 39.90
C ALA B 24 50.26 11.70 40.06
N PHE B 25 49.35 12.68 40.18
CA PHE B 25 47.93 12.38 40.33
C PHE B 25 47.39 11.65 39.11
N LEU B 26 47.81 12.07 37.91
CA LEU B 26 47.31 11.43 36.69
C LEU B 26 47.84 10.00 36.58
N ALA B 27 49.14 9.81 36.79
CA ALA B 27 49.76 8.51 36.61
C ALA B 27 49.31 7.52 37.68
N SER B 28 48.91 7.99 38.85
CA SER B 28 48.33 7.09 39.84
C SER B 28 47.10 6.38 39.27
N SER B 29 46.17 7.15 38.72
CA SER B 29 44.99 6.56 38.09
C SER B 29 45.36 5.74 36.87
N MET B 30 46.33 6.21 36.09
CA MET B 30 46.73 5.48 34.88
C MET B 30 47.27 4.10 35.23
N VAL B 31 48.17 4.00 36.21
CA VAL B 31 48.72 2.69 36.56
C VAL B 31 47.64 1.85 37.23
N THR B 32 46.82 2.45 38.11
CA THR B 32 45.76 1.73 38.79
C THR B 32 44.80 1.08 37.81
N PHE B 33 44.46 1.76 36.72
CA PHE B 33 43.60 1.17 35.69
C PHE B 33 44.37 0.17 34.84
N PHE B 34 45.45 0.61 34.19
CA PHE B 34 46.07 -0.18 33.12
C PHE B 34 46.78 -1.41 33.67
N GLY B 35 47.60 -1.24 34.71
CA GLY B 35 48.36 -2.39 35.22
C GLY B 35 47.44 -3.44 35.84
N GLY B 36 46.40 -3.00 36.54
CA GLY B 36 45.45 -3.96 37.11
C GLY B 36 44.67 -4.66 36.01
N LEU B 37 44.28 -3.95 34.96
CA LEU B 37 43.64 -4.61 33.83
C LEU B 37 44.57 -5.65 33.20
N PHE B 38 45.85 -5.29 33.04
CA PHE B 38 46.82 -6.20 32.45
C PHE B 38 47.01 -7.45 33.30
N ILE B 39 47.07 -7.30 34.63
CA ILE B 39 47.25 -8.48 35.46
C ILE B 39 45.97 -9.32 35.50
N ILE B 40 44.80 -8.70 35.36
CA ILE B 40 43.57 -9.48 35.24
C ILE B 40 43.59 -10.31 33.96
N LEU B 41 44.01 -9.72 32.84
CA LEU B 41 44.12 -10.50 31.61
C LEU B 41 45.16 -11.61 31.75
N LEU B 42 46.29 -11.32 32.41
CA LEU B 42 47.32 -12.32 32.60
C LEU B 42 46.82 -13.49 33.43
N TRP B 43 46.07 -13.20 34.51
CA TRP B 43 45.48 -14.27 35.31
C TRP B 43 44.42 -15.04 34.51
N ARG B 44 43.70 -14.34 33.62
CA ARG B 44 42.74 -15.03 32.75
C ARG B 44 43.45 -16.02 31.83
N THR B 45 44.61 -15.64 31.29
CA THR B 45 45.37 -16.56 30.45
C THR B 45 45.83 -17.78 31.22
N LEU B 46 46.29 -17.58 32.46
CA LEU B 46 46.73 -18.69 33.30
C LEU B 46 45.54 -19.55 33.74
N TRP B 93 33.43 -21.84 47.60
CA TRP B 93 32.84 -21.00 48.64
C TRP B 93 32.67 -19.56 48.16
N MET B 94 33.47 -19.18 47.16
CA MET B 94 33.40 -17.83 46.61
C MET B 94 32.08 -17.55 45.91
N THR B 95 31.40 -18.60 45.44
CA THR B 95 30.08 -18.40 44.83
C THR B 95 29.08 -17.89 45.86
N SER B 96 29.18 -18.37 47.09
CA SER B 96 28.26 -17.93 48.14
C SER B 96 28.40 -16.43 48.42
N VAL B 97 29.63 -15.96 48.61
CA VAL B 97 29.84 -14.53 48.87
C VAL B 97 29.53 -13.71 47.61
N LYS B 98 29.77 -14.27 46.42
CA LYS B 98 29.42 -13.57 45.19
C LYS B 98 27.92 -13.35 45.09
N ASP B 99 27.13 -14.39 45.38
CA ASP B 99 25.68 -14.24 45.35
C ASP B 99 25.18 -13.35 46.48
N TRP B 100 25.84 -13.38 47.63
CA TRP B 100 25.48 -12.47 48.72
C TRP B 100 25.67 -11.03 48.31
N ALA B 101 26.81 -10.71 47.69
CA ALA B 101 27.06 -9.36 47.22
C ALA B 101 26.09 -8.98 46.11
N GLY B 102 25.78 -9.92 45.22
CA GLY B 102 24.85 -9.64 44.14
C GLY B 102 23.46 -9.30 44.63
N VAL B 103 22.96 -10.07 45.62
CA VAL B 103 21.64 -9.77 46.17
C VAL B 103 21.70 -8.52 47.05
N MET B 104 22.87 -8.19 47.61
CA MET B 104 22.99 -6.93 48.34
C MET B 104 22.89 -5.73 47.41
N ILE B 105 23.55 -5.78 46.24
CA ILE B 105 23.53 -4.66 45.31
C ILE B 105 22.48 -4.85 44.21
N SER B 106 21.57 -5.81 44.38
CA SER B 106 20.52 -6.01 43.40
C SER B 106 19.54 -4.85 43.40
N ALA B 107 18.97 -4.58 42.22
CA ALA B 107 18.00 -3.49 42.10
C ALA B 107 16.73 -3.78 42.87
N GLN B 108 16.28 -5.04 42.86
CA GLN B 108 15.02 -5.39 43.53
C GLN B 108 15.14 -5.30 45.04
N THR B 109 16.34 -5.51 45.59
CA THR B 109 16.54 -5.42 47.03
C THR B 109 16.38 -3.98 47.49
N LEU B 110 15.64 -3.79 48.59
CA LEU B 110 15.43 -2.45 49.14
C LEU B 110 16.75 -1.82 49.57
N THR B 111 17.68 -2.63 50.08
CA THR B 111 19.01 -2.14 50.37
C THR B 111 19.67 -1.60 49.10
N GLY B 112 19.51 -2.31 47.98
CA GLY B 112 20.02 -1.80 46.72
C GLY B 112 19.40 -0.47 46.32
N ARG B 113 18.08 -0.33 46.51
CA ARG B 113 17.41 0.92 46.18
C ARG B 113 17.96 2.08 46.99
N VAL B 114 17.99 1.92 48.32
CA VAL B 114 18.45 3.03 49.15
C VAL B 114 19.93 3.30 48.92
N LEU B 115 20.71 2.27 48.59
CA LEU B 115 22.14 2.48 48.41
C LEU B 115 22.43 3.18 47.08
N VAL B 116 21.70 2.85 46.01
CA VAL B 116 21.92 3.57 44.76
C VAL B 116 21.43 5.01 44.88
N VAL B 117 20.34 5.25 45.62
CA VAL B 117 19.93 6.63 45.87
C VAL B 117 21.00 7.37 46.66
N LEU B 118 21.60 6.70 47.65
CA LEU B 118 22.64 7.32 48.46
C LEU B 118 23.87 7.67 47.62
N VAL B 119 24.30 6.75 46.76
CA VAL B 119 25.50 7.02 45.96
C VAL B 119 25.22 8.11 44.93
N PHE B 120 24.01 8.14 44.37
CA PHE B 120 23.66 9.23 43.46
C PHE B 120 23.69 10.58 44.17
N ALA B 121 23.10 10.64 45.37
CA ALA B 121 23.09 11.89 46.12
C ALA B 121 24.50 12.33 46.50
N LEU B 122 25.35 11.37 46.87
CA LEU B 122 26.72 11.73 47.22
C LEU B 122 27.52 12.16 45.99
N SER B 123 27.21 11.59 44.82
CA SER B 123 27.83 12.07 43.59
C SER B 123 27.42 13.51 43.29
N ILE B 124 26.14 13.83 43.50
CA ILE B 124 25.69 15.21 43.34
C ILE B 124 26.42 16.13 44.30
N GLY B 125 26.58 15.70 45.55
CA GLY B 125 27.32 16.51 46.51
C GLY B 125 28.76 16.72 46.11
N ALA B 126 29.41 15.68 45.60
CA ALA B 126 30.79 15.81 45.11
C ALA B 126 30.87 16.77 43.94
N LEU B 127 29.88 16.72 43.05
CA LEU B 127 29.85 17.66 41.93
C LEU B 127 29.70 19.10 42.42
N VAL B 128 28.87 19.31 43.45
CA VAL B 128 28.72 20.63 44.03
C VAL B 128 30.04 21.11 44.64
N ILE B 129 30.74 20.21 45.33
CA ILE B 129 32.05 20.56 45.89
C ILE B 129 33.03 20.92 44.77
N TYR B 130 32.98 20.19 43.66
CA TYR B 130 33.83 20.53 42.52
C TYR B 130 33.49 21.91 41.96
N PHE B 131 32.20 22.24 41.89
CA PHE B 131 31.80 23.57 41.42
C PHE B 131 32.32 24.65 42.35
N ILE B 132 32.27 24.42 43.66
CA ILE B 132 32.79 25.40 44.61
C ILE B 132 34.30 25.54 44.46
N ASP B 133 35.02 24.42 44.33
CA ASP B 133 36.48 24.46 44.27
C ASP B 133 37.01 24.89 42.91
N SER B 134 36.17 24.96 41.88
CA SER B 134 36.64 25.39 40.57
C SER B 134 37.13 26.83 40.58
N SER B 135 36.58 27.66 41.47
CA SER B 135 37.04 29.06 41.56
C SER B 135 38.46 29.15 42.08
N ASN B 136 38.91 28.14 42.84
CA ASN B 136 40.27 28.12 43.35
C ASN B 136 41.25 27.82 42.22
N PRO B 137 42.54 28.13 42.41
CA PRO B 137 43.53 27.77 41.40
C PRO B 137 43.61 26.26 41.17
N ILE B 138 44.15 25.90 40.02
CA ILE B 138 44.15 24.50 39.58
C ILE B 138 44.96 23.63 40.53
N GLU B 139 46.13 24.10 40.93
CA GLU B 139 47.03 23.32 41.80
C GLU B 139 47.41 24.17 42.99
N SER B 140 46.87 23.82 44.16
CA SER B 140 47.14 24.57 45.38
C SER B 140 47.52 23.61 46.52
N CYS B 141 47.61 24.13 47.74
CA CYS B 141 47.94 23.32 48.90
C CYS B 141 46.94 23.58 50.02
N GLN B 142 46.60 22.52 50.76
CA GLN B 142 45.68 22.63 51.87
C GLN B 142 45.96 21.48 52.84
N ASN B 143 45.35 21.57 54.02
CA ASN B 143 45.58 20.62 55.10
C ASN B 143 44.32 19.81 55.37
N PHE B 144 44.51 18.53 55.69
CA PHE B 144 43.39 17.68 56.09
C PHE B 144 42.73 18.17 57.36
N TYR B 145 43.53 18.44 58.40
CA TYR B 145 42.95 18.80 59.69
C TYR B 145 42.38 20.21 59.68
N LYS B 146 42.94 21.11 58.86
CA LYS B 146 42.41 22.47 58.79
C LYS B 146 41.10 22.53 58.03
N ASP B 147 41.01 21.81 56.91
CA ASP B 147 39.88 21.91 56.00
C ASP B 147 38.93 20.73 56.25
N PHE B 148 37.69 21.05 56.62
CA PHE B 148 36.66 20.02 56.80
C PHE B 148 36.08 19.57 55.45
N THR B 149 36.05 20.46 54.46
CA THR B 149 35.46 20.11 53.17
C THR B 149 36.25 19.00 52.48
N LEU B 150 37.59 19.05 52.58
CA LEU B 150 38.40 17.99 51.99
C LEU B 150 38.16 16.65 52.69
N GLN B 151 37.97 16.68 54.01
CA GLN B 151 37.61 15.47 54.74
C GLN B 151 36.27 14.92 54.29
N ILE B 152 35.29 15.81 54.07
CA ILE B 152 34.00 15.38 53.53
C ILE B 152 34.17 14.75 52.16
N ASP B 153 34.97 15.37 51.31
CA ASP B 153 35.20 14.85 49.96
C ASP B 153 35.81 13.46 49.99
N MET B 154 36.81 13.27 50.86
CA MET B 154 37.43 11.95 50.90
C MET B 154 36.54 10.91 51.59
N ALA B 155 35.65 11.33 52.50
CA ALA B 155 34.65 10.39 53.02
C ALA B 155 33.71 9.93 51.91
N PHE B 156 33.27 10.87 51.07
CA PHE B 156 32.49 10.51 49.89
C PHE B 156 33.26 9.53 49.01
N ASN B 157 34.54 9.81 48.78
CA ASN B 157 35.33 8.99 47.86
C ASN B 157 35.61 7.60 48.42
N VAL B 158 35.81 7.48 49.74
CA VAL B 158 36.01 6.15 50.30
C VAL B 158 34.68 5.38 50.33
N PHE B 159 33.56 6.08 50.44
CA PHE B 159 32.28 5.38 50.26
C PHE B 159 32.15 4.85 48.84
N PHE B 160 32.55 5.66 47.85
CA PHE B 160 32.58 5.17 46.47
C PHE B 160 33.52 3.99 46.32
N LEU B 161 34.64 4.02 47.05
CA LEU B 161 35.58 2.91 47.05
C LEU B 161 34.95 1.63 47.57
N LEU B 162 34.22 1.72 48.70
CA LEU B 162 33.55 0.55 49.25
C LEU B 162 32.51 0.02 48.28
N TYR B 163 31.73 0.91 47.66
CA TYR B 163 30.73 0.45 46.71
C TYR B 163 31.37 -0.16 45.47
N PHE B 164 32.53 0.35 45.04
CA PHE B 164 33.28 -0.28 43.97
C PHE B 164 33.70 -1.69 44.34
N GLY B 165 34.15 -1.88 45.58
CA GLY B 165 34.47 -3.22 46.06
C GLY B 165 33.27 -4.14 46.04
N LEU B 166 32.11 -3.62 46.47
CA LEU B 166 30.88 -4.42 46.45
C LEU B 166 30.50 -4.83 45.02
N ARG B 167 30.65 -3.93 44.05
CA ARG B 167 30.40 -4.33 42.67
C ARG B 167 31.41 -5.38 42.20
N PHE B 168 32.69 -5.18 42.52
CA PHE B 168 33.73 -6.05 41.96
C PHE B 168 33.62 -7.46 42.51
N ILE B 169 33.32 -7.62 43.80
CA ILE B 169 33.19 -8.96 44.35
C ILE B 169 31.99 -9.69 43.77
N ALA B 170 30.99 -8.97 43.27
CA ALA B 170 29.82 -9.56 42.64
C ALA B 170 29.88 -9.53 41.13
N ALA B 171 31.02 -9.13 40.55
CA ALA B 171 31.13 -9.03 39.10
C ALA B 171 31.21 -10.42 38.47
N ASN B 172 30.36 -10.65 37.46
CA ASN B 172 30.39 -11.93 36.78
C ASN B 172 31.63 -12.06 35.90
N ASP B 173 32.00 -11.00 35.20
CA ASP B 173 33.19 -10.98 34.36
C ASP B 173 34.01 -9.75 34.73
N LYS B 174 35.30 -9.94 34.96
CA LYS B 174 36.14 -8.85 35.42
C LYS B 174 36.48 -7.86 34.30
N LEU B 175 36.58 -8.34 33.06
CA LEU B 175 36.95 -7.45 31.95
C LEU B 175 35.85 -6.43 31.67
N TRP B 176 34.61 -6.91 31.52
CA TRP B 176 33.50 -6.00 31.20
C TRP B 176 33.21 -5.04 32.34
N PHE B 177 33.32 -5.53 33.58
CA PHE B 177 33.20 -4.64 34.73
C PHE B 177 34.37 -3.65 34.81
N TRP B 178 35.53 -4.05 34.31
CA TRP B 178 36.69 -3.16 34.31
C TRP B 178 36.67 -2.16 33.17
N LEU B 179 35.79 -2.35 32.19
CA LEU B 179 35.71 -1.44 31.06
C LEU B 179 34.34 -0.75 30.99
N GLU B 180 33.84 -0.26 32.12
CA GLU B 180 32.60 0.49 32.17
C GLU B 180 32.83 1.86 32.81
N VAL B 181 31.80 2.71 32.73
CA VAL B 181 31.96 4.11 33.05
C VAL B 181 32.17 4.34 34.55
N ASN B 182 31.42 3.64 35.40
CA ASN B 182 31.54 3.84 36.84
C ASN B 182 32.92 3.42 37.34
N SER B 183 33.45 2.31 36.82
CA SER B 183 34.77 1.85 37.21
C SER B 183 35.84 2.90 36.86
N VAL B 184 35.78 3.42 35.64
CA VAL B 184 36.82 4.35 35.21
C VAL B 184 36.70 5.70 35.92
N VAL B 185 35.47 6.16 36.21
CA VAL B 185 35.35 7.41 36.94
C VAL B 185 35.84 7.24 38.38
N ASP B 186 35.60 6.06 38.98
CA ASP B 186 36.17 5.81 40.30
C ASP B 186 37.69 5.78 40.24
N PHE B 187 38.25 5.16 39.19
CA PHE B 187 39.70 5.08 39.03
C PHE B 187 40.33 6.47 38.90
N PHE B 188 39.70 7.36 38.14
CA PHE B 188 40.23 8.71 37.95
C PHE B 188 39.76 9.69 39.01
N THR B 189 38.95 9.25 39.97
CA THR B 189 38.52 10.13 41.05
C THR B 189 39.18 9.85 42.38
N VAL B 190 39.18 8.60 42.84
CA VAL B 190 39.54 8.29 44.23
C VAL B 190 41.05 8.22 44.46
N PRO B 191 41.85 7.57 43.61
CA PRO B 191 43.31 7.64 43.78
C PRO B 191 43.85 9.06 43.76
N PRO B 192 43.33 9.97 42.92
CA PRO B 192 43.78 11.38 43.06
C PRO B 192 43.51 11.99 44.42
N VAL B 193 42.38 11.69 45.07
CA VAL B 193 42.13 12.31 46.37
C VAL B 193 43.01 11.67 47.44
N PHE B 194 43.34 10.38 47.28
CA PHE B 194 44.31 9.79 48.20
C PHE B 194 45.70 10.40 48.03
N VAL B 195 46.13 10.64 46.80
CA VAL B 195 47.42 11.30 46.60
C VAL B 195 47.36 12.72 47.13
N SER B 196 46.21 13.38 47.01
CA SER B 196 46.07 14.74 47.52
C SER B 196 46.19 14.79 49.04
N VAL B 197 45.55 13.85 49.73
CA VAL B 197 45.64 13.84 51.19
C VAL B 197 47.03 13.39 51.64
N TYR B 198 47.70 12.57 50.83
CA TYR B 198 49.05 12.13 51.19
C TYR B 198 50.04 13.28 51.06
N LEU B 199 50.14 13.89 49.88
CA LEU B 199 51.15 14.92 49.64
C LEU B 199 50.70 16.29 50.15
N ASN B 200 49.46 16.37 50.65
CA ASN B 200 48.88 17.62 51.16
C ASN B 200 48.85 18.71 50.10
N ARG B 201 48.68 18.33 48.84
CA ARG B 201 48.53 19.26 47.74
C ARG B 201 47.31 18.87 46.92
N SER B 202 46.47 19.85 46.61
CA SER B 202 45.20 19.63 45.93
C SER B 202 45.32 20.01 44.46
N TRP B 203 44.88 19.11 43.59
CA TRP B 203 44.81 19.36 42.16
C TRP B 203 43.37 19.16 41.71
N LEU B 204 42.91 20.04 40.81
CA LEU B 204 41.51 19.98 40.38
C LEU B 204 41.19 18.66 39.70
N GLY B 205 42.10 18.19 38.83
CA GLY B 205 41.99 16.84 38.30
C GLY B 205 40.78 16.65 37.42
N LEU B 206 40.19 15.46 37.50
CA LEU B 206 39.07 15.06 36.67
C LEU B 206 37.84 14.77 37.53
N ARG B 207 37.60 15.62 38.54
CA ARG B 207 36.44 15.44 39.41
C ARG B 207 35.13 15.71 38.69
N PHE B 208 35.15 16.53 37.64
CA PHE B 208 33.95 16.83 36.86
C PHE B 208 33.34 15.57 36.26
N LEU B 209 34.12 14.51 36.11
CA LEU B 209 33.60 13.23 35.61
C LEU B 209 32.49 12.68 36.49
N ARG B 210 32.41 13.12 37.76
CA ARG B 210 31.30 12.71 38.62
C ARG B 210 29.94 13.08 38.02
N ALA B 211 29.92 14.12 37.17
CA ALA B 211 28.67 14.51 36.51
C ALA B 211 28.09 13.38 35.66
N LEU B 212 28.91 12.44 35.22
CA LEU B 212 28.40 11.29 34.47
C LEU B 212 27.39 10.49 35.26
N ARG B 213 27.43 10.54 36.59
CA ARG B 213 26.43 9.83 37.38
C ARG B 213 25.03 10.32 37.10
N LEU B 214 24.87 11.54 36.58
CA LEU B 214 23.55 12.03 36.22
C LEU B 214 22.84 11.14 35.20
N ILE B 215 23.60 10.33 34.45
CA ILE B 215 22.98 9.44 33.48
C ILE B 215 22.03 8.46 34.15
N GLN B 216 22.29 8.08 35.40
CA GLN B 216 21.39 7.14 36.06
C GLN B 216 20.24 7.84 36.78
N PHE B 217 20.13 9.16 36.67
CA PHE B 217 19.12 9.93 37.38
C PHE B 217 17.72 9.39 37.16
N SER B 218 17.38 9.09 35.89
CA SER B 218 16.05 8.58 35.58
C SER B 218 15.74 7.30 36.36
N GLU B 219 16.72 6.42 36.49
CA GLU B 219 16.50 5.18 37.22
C GLU B 219 16.11 5.46 38.66
N ILE B 220 16.70 6.49 39.26
CA ILE B 220 16.31 6.89 40.62
C ILE B 220 14.84 7.28 40.65
N LEU B 221 14.40 8.06 39.66
CA LEU B 221 13.00 8.42 39.59
C LEU B 221 12.11 7.22 39.32
N GLN B 222 12.66 6.13 38.78
CA GLN B 222 11.88 4.91 38.65
C GLN B 222 11.74 4.19 39.99
N PHE B 223 12.73 4.32 40.88
CA PHE B 223 12.64 3.67 42.18
C PHE B 223 11.72 4.42 43.13
N LEU B 224 11.62 5.74 42.99
CA LEU B 224 10.75 6.56 43.83
C LEU B 224 9.34 6.69 43.26
N ASN B 225 9.03 5.97 42.18
CA ASN B 225 7.71 5.95 41.55
C ASN B 225 7.30 7.33 41.03
N ILE B 226 8.27 8.22 40.82
CA ILE B 226 7.95 9.53 40.25
C ILE B 226 7.58 9.39 38.76
N LEU B 227 8.33 8.57 38.04
CA LEU B 227 8.08 8.34 36.62
C LEU B 227 7.41 6.98 36.44
N LYS B 228 6.31 6.96 35.68
CA LYS B 228 5.56 5.74 35.43
C LYS B 228 5.52 5.37 33.96
N THR B 229 5.22 6.32 33.08
CA THR B 229 5.15 6.03 31.66
C THR B 229 6.55 5.84 31.08
N SER B 230 6.61 5.11 29.95
CA SER B 230 7.89 4.84 29.31
C SER B 230 8.43 6.07 28.58
N ASN B 231 7.54 6.88 28.00
CA ASN B 231 7.98 8.06 27.28
C ASN B 231 8.66 9.06 28.20
N SER B 232 8.11 9.25 29.41
CA SER B 232 8.73 10.15 30.38
C SER B 232 10.11 9.65 30.78
N ILE B 233 10.26 8.34 30.99
CA ILE B 233 11.55 7.78 31.36
C ILE B 233 12.56 8.00 30.23
N LYS B 234 12.14 7.76 28.99
CA LYS B 234 13.04 7.97 27.85
C LYS B 234 13.45 9.44 27.73
N LEU B 235 12.50 10.36 27.90
CA LEU B 235 12.82 11.78 27.82
C LEU B 235 13.78 12.20 28.92
N VAL B 236 13.54 11.75 30.16
CA VAL B 236 14.43 12.11 31.26
C VAL B 236 15.82 11.51 31.04
N ASN B 237 15.89 10.29 30.50
CA ASN B 237 17.18 9.69 30.21
C ASN B 237 17.94 10.50 29.16
N LEU B 238 17.26 10.92 28.10
CA LEU B 238 17.92 11.71 27.05
C LEU B 238 18.42 13.04 27.60
N LEU B 239 17.59 13.73 28.38
CA LEU B 239 18.01 15.00 28.96
C LEU B 239 19.19 14.82 29.92
N SER B 240 19.17 13.74 30.70
CA SER B 240 20.27 13.48 31.64
C SER B 240 21.57 13.24 30.89
N ILE B 241 21.52 12.45 29.81
CA ILE B 241 22.72 12.22 29.01
C ILE B 241 23.25 13.53 28.43
N PHE B 242 22.33 14.36 27.89
CA PHE B 242 22.75 15.63 27.30
C PHE B 242 23.42 16.53 28.33
N ILE B 243 22.81 16.69 29.50
CA ILE B 243 23.38 17.55 30.53
C ILE B 243 24.71 16.99 31.02
N SER B 244 24.80 15.68 31.20
CA SER B 244 26.03 15.08 31.72
C SER B 244 27.19 15.29 30.74
N THR B 245 26.96 15.05 29.44
CA THR B 245 28.05 15.23 28.49
C THR B 245 28.40 16.71 28.35
N TRP B 246 27.42 17.61 28.44
CA TRP B 246 27.69 19.04 28.41
C TRP B 246 28.62 19.43 29.56
N LEU B 247 28.28 19.00 30.78
CA LEU B 247 29.07 19.39 31.94
C LEU B 247 30.47 18.77 31.91
N THR B 248 30.61 17.51 31.47
CA THR B 248 31.94 16.93 31.47
C THR B 248 32.82 17.54 30.37
N ALA B 249 32.24 17.89 29.22
CA ALA B 249 33.01 18.59 28.21
C ALA B 249 33.45 19.96 28.71
N ALA B 250 32.56 20.66 29.41
CA ALA B 250 32.93 21.94 30.00
C ALA B 250 34.06 21.77 31.01
N GLY B 251 34.02 20.70 31.79
CA GLY B 251 35.09 20.44 32.75
C GLY B 251 36.43 20.19 32.07
N PHE B 252 36.43 19.38 31.00
CA PHE B 252 37.67 19.16 30.26
C PHE B 252 38.22 20.47 29.70
N ILE B 253 37.36 21.30 29.11
CA ILE B 253 37.82 22.57 28.56
C ILE B 253 38.38 23.48 29.65
N HIS B 254 37.69 23.54 30.79
CA HIS B 254 38.16 24.37 31.91
C HIS B 254 39.54 23.92 32.36
N LEU B 255 39.71 22.60 32.57
CA LEU B 255 41.00 22.09 33.03
C LEU B 255 42.11 22.39 32.03
N VAL B 256 41.88 22.10 30.74
CA VAL B 256 42.95 22.26 29.76
C VAL B 256 43.28 23.73 29.53
N GLU B 257 42.28 24.62 29.59
CA GLU B 257 42.57 26.03 29.35
C GLU B 257 43.24 26.69 30.56
N ASN B 258 42.80 26.37 31.78
CA ASN B 258 43.40 27.00 32.94
C ASN B 258 44.78 26.42 33.27
N SER B 259 45.00 25.13 32.96
CA SER B 259 46.30 24.54 33.25
C SER B 259 47.39 25.10 32.33
N GLY B 260 47.11 25.14 31.03
CA GLY B 260 48.09 25.58 30.05
C GLY B 260 48.79 24.41 29.38
N ASP B 261 49.52 24.74 28.32
CA ASP B 261 50.23 23.73 27.56
C ASP B 261 51.46 23.23 28.32
N PRO B 262 51.57 21.93 28.59
CA PRO B 262 52.74 21.44 29.34
C PRO B 262 54.07 21.67 28.63
N TRP B 263 54.10 21.62 27.30
CA TRP B 263 55.36 21.72 26.58
C TRP B 263 55.82 23.16 26.38
N GLU B 264 55.03 24.14 26.80
CA GLU B 264 55.43 25.55 26.75
C GLU B 264 55.57 26.14 28.14
N ASN B 265 55.87 25.30 29.12
CA ASN B 265 56.08 25.70 30.52
C ASN B 265 54.85 26.39 31.10
N PHE B 266 53.66 25.98 30.64
CA PHE B 266 52.38 26.44 31.18
C PHE B 266 52.25 27.97 31.12
N GLN B 267 52.74 28.56 30.03
CA GLN B 267 52.60 29.99 29.80
C GLN B 267 51.40 30.33 28.91
N ASN B 268 50.62 29.34 28.52
CA ASN B 268 49.45 29.53 27.67
C ASN B 268 48.15 29.59 28.46
N ASN B 269 48.23 29.73 29.78
CA ASN B 269 47.04 29.70 30.62
C ASN B 269 46.10 30.86 30.29
N GLN B 270 44.82 30.54 30.14
CA GLN B 270 43.78 31.53 29.89
C GLN B 270 42.77 31.45 31.01
N ALA B 271 42.58 32.55 31.73
CA ALA B 271 41.75 32.57 32.92
C ALA B 271 40.28 32.51 32.51
N LEU B 272 39.73 31.29 32.50
CA LEU B 272 38.33 31.07 32.19
C LEU B 272 37.66 30.40 33.39
N THR B 273 36.53 30.95 33.82
CA THR B 273 35.73 30.28 34.83
C THR B 273 35.04 29.06 34.21
N TYR B 274 34.57 28.16 35.09
CA TYR B 274 33.88 26.97 34.61
C TYR B 274 32.59 27.32 33.89
N TRP B 275 31.86 28.31 34.41
CA TRP B 275 30.60 28.71 33.79
C TRP B 275 30.82 29.35 32.43
N GLU B 276 31.94 30.06 32.25
CA GLU B 276 32.28 30.55 30.91
C GLU B 276 32.55 29.39 29.95
N CYS B 277 33.13 28.30 30.44
CA CYS B 277 33.33 27.14 29.59
C CYS B 277 32.00 26.46 29.25
N VAL B 278 31.07 26.44 30.20
CA VAL B 278 29.73 25.93 29.90
C VAL B 278 29.06 26.80 28.83
N TYR B 279 29.19 28.11 28.95
CA TYR B 279 28.65 29.02 27.95
C TYR B 279 29.30 28.79 26.58
N LEU B 280 30.62 28.59 26.57
CA LEU B 280 31.32 28.34 25.32
C LEU B 280 30.84 27.03 24.68
N LEU B 281 30.65 25.99 25.48
CA LEU B 281 30.16 24.72 24.93
C LEU B 281 28.75 24.86 24.39
N MET B 282 27.88 25.61 25.08
CA MET B 282 26.53 25.81 24.58
C MET B 282 26.53 26.61 23.27
N VAL B 283 27.38 27.64 23.18
CA VAL B 283 27.45 28.41 21.94
C VAL B 283 28.00 27.55 20.80
N THR B 284 28.97 26.69 21.11
CA THR B 284 29.56 25.85 20.07
C THR B 284 28.60 24.79 19.57
N MET B 285 27.93 24.08 20.48
CA MET B 285 27.06 22.98 20.09
C MET B 285 25.82 23.45 19.34
N SER B 286 25.44 24.71 19.47
CA SER B 286 24.35 25.28 18.70
C SER B 286 24.82 25.85 17.37
N THR B 287 26.11 25.72 17.06
CA THR B 287 26.72 26.23 15.82
C THR B 287 26.50 27.72 15.65
N VAL B 288 26.53 28.48 16.75
CA VAL B 288 26.42 29.93 16.68
C VAL B 288 27.82 30.51 16.54
N GLY B 289 28.68 30.27 17.53
CA GLY B 289 30.06 30.70 17.47
C GLY B 289 30.25 32.20 17.50
N TYR B 290 29.97 32.83 18.64
CA TYR B 290 30.20 34.26 18.77
C TYR B 290 31.68 34.60 18.63
N GLY B 291 32.55 33.80 19.26
CA GLY B 291 33.97 34.09 19.28
C GLY B 291 34.41 35.03 20.36
N ASP B 292 33.50 35.45 21.25
CA ASP B 292 33.90 36.28 22.39
C ASP B 292 34.81 35.49 23.33
N VAL B 293 34.47 34.24 23.59
CA VAL B 293 35.30 33.33 24.38
C VAL B 293 35.59 32.10 23.54
N TYR B 294 36.84 31.66 23.53
CA TYR B 294 37.25 30.54 22.70
C TYR B 294 38.52 29.94 23.29
N ALA B 295 38.91 28.79 22.73
CA ALA B 295 40.09 28.08 23.20
C ALA B 295 41.33 28.60 22.50
N LYS B 296 42.32 29.02 23.28
CA LYS B 296 43.58 29.53 22.73
C LYS B 296 44.71 28.51 22.78
N THR B 297 44.67 27.56 23.71
CA THR B 297 45.71 26.56 23.81
C THR B 297 45.56 25.51 22.71
N THR B 298 46.68 24.86 22.37
CA THR B 298 46.67 23.86 21.31
C THR B 298 45.82 22.65 21.71
N LEU B 299 46.02 22.14 22.93
CA LEU B 299 45.26 20.99 23.39
C LEU B 299 43.79 21.33 23.55
N GLY B 300 43.49 22.55 23.98
CA GLY B 300 42.10 22.98 24.06
C GLY B 300 41.42 23.02 22.70
N ARG B 301 42.13 23.53 21.69
CA ARG B 301 41.58 23.56 20.34
C ARG B 301 41.38 22.16 19.79
N LEU B 302 42.33 21.25 20.07
CA LEU B 302 42.17 19.87 19.65
C LEU B 302 40.96 19.21 20.31
N PHE B 303 40.77 19.47 21.60
CA PHE B 303 39.58 18.96 22.29
C PHE B 303 38.32 19.55 21.70
N MET B 304 38.34 20.84 21.34
CA MET B 304 37.17 21.45 20.73
C MET B 304 36.83 20.80 19.39
N VAL B 305 37.85 20.48 18.60
CA VAL B 305 37.60 19.80 17.32
C VAL B 305 36.97 18.44 17.56
N PHE B 306 37.52 17.67 18.51
CA PHE B 306 36.94 16.36 18.81
C PHE B 306 35.53 16.49 19.36
N PHE B 307 35.27 17.50 20.19
CA PHE B 307 33.93 17.68 20.73
C PHE B 307 32.93 18.06 19.65
N ILE B 308 33.34 18.89 18.68
CA ILE B 308 32.44 19.22 17.58
C ILE B 308 32.09 17.98 16.78
N LEU B 309 33.10 17.17 16.44
CA LEU B 309 32.84 15.96 15.68
C LEU B 309 31.95 14.99 16.45
N GLY B 310 32.26 14.78 17.73
CA GLY B 310 31.46 13.86 18.54
C GLY B 310 30.05 14.34 18.76
N GLY B 311 29.87 15.65 18.95
CA GLY B 311 28.53 16.19 19.11
C GLY B 311 27.69 16.04 17.86
N LEU B 312 28.29 16.31 16.69
CA LEU B 312 27.55 16.10 15.44
C LEU B 312 27.18 14.64 15.25
N ALA B 313 28.13 13.73 15.54
CA ALA B 313 27.83 12.30 15.40
C ALA B 313 26.73 11.86 16.35
N MET B 314 26.80 12.29 17.61
CA MET B 314 25.79 11.90 18.58
C MET B 314 24.42 12.46 18.23
N PHE B 315 24.37 13.72 17.78
CA PHE B 315 23.09 14.30 17.40
C PHE B 315 22.50 13.57 16.20
N ALA B 316 23.34 13.23 15.22
CA ALA B 316 22.85 12.47 14.06
C ALA B 316 22.36 11.10 14.47
N SER B 317 23.01 10.48 15.46
CA SER B 317 22.55 9.17 15.92
C SER B 317 21.24 9.28 16.70
N TYR B 318 21.05 10.36 17.44
CA TYR B 318 19.88 10.51 18.29
C TYR B 318 18.70 11.21 17.61
N VAL B 319 18.85 11.65 16.36
CA VAL B 319 17.70 12.19 15.62
C VAL B 319 16.48 11.27 15.61
N PRO B 320 16.60 9.96 15.32
CA PRO B 320 15.39 9.11 15.31
C PRO B 320 14.65 9.08 16.63
N GLU B 321 15.35 9.11 17.76
CA GLU B 321 14.67 9.15 19.05
C GLU B 321 13.96 10.48 19.26
N ILE B 322 14.53 11.58 18.77
CA ILE B 322 13.84 12.86 18.84
C ILE B 322 12.56 12.82 18.00
N ILE B 323 12.63 12.23 16.81
CA ILE B 323 11.44 12.10 15.96
C ILE B 323 10.38 11.24 16.65
N GLU B 324 10.81 10.16 17.32
CA GLU B 324 9.88 9.31 18.03
C GLU B 324 9.22 10.06 19.19
N LEU B 325 10.00 10.83 19.94
CA LEU B 325 9.45 11.61 21.05
C LEU B 325 8.46 12.66 20.56
N ILE B 326 8.77 13.33 19.45
CA ILE B 326 7.79 14.23 18.84
C ILE B 326 6.59 13.44 18.35
N GLY B 327 6.83 12.35 17.64
CA GLY B 327 5.76 11.47 17.23
C GLY B 327 4.86 12.08 16.16
N ASN B 328 3.80 11.34 15.85
CA ASN B 328 2.77 11.79 14.93
C ASN B 328 1.51 12.07 15.75
N ARG B 329 1.23 13.35 15.96
CA ARG B 329 0.07 13.75 16.75
C ARG B 329 -1.22 13.43 15.99
N LYS B 330 -2.21 12.94 16.73
CA LYS B 330 -3.51 12.67 16.14
C LYS B 330 -4.21 13.97 15.80
N LYS B 331 -4.55 14.14 14.51
CA LYS B 331 -5.11 15.41 14.07
C LYS B 331 -6.55 15.60 14.52
N TYR B 332 -7.35 14.54 14.50
CA TYR B 332 -8.77 14.61 14.79
C TYR B 332 -9.11 13.94 16.12
N GLY B 333 -8.27 14.12 17.13
CA GLY B 333 -8.56 13.68 18.47
C GLY B 333 -9.34 14.72 19.24
N GLY B 334 -9.23 14.63 20.57
CA GLY B 334 -9.89 15.59 21.43
C GLY B 334 -11.39 15.36 21.52
N SER B 335 -12.07 16.36 22.08
CA SER B 335 -13.50 16.29 22.31
C SER B 335 -14.12 17.63 21.93
N TYR B 336 -15.42 17.58 21.62
CA TYR B 336 -16.15 18.80 21.29
C TYR B 336 -16.35 19.65 22.53
N SER B 337 -16.11 20.96 22.37
CA SER B 337 -16.26 21.92 23.47
C SER B 337 -17.61 22.60 23.32
N ALA B 338 -18.47 22.42 24.33
CA ALA B 338 -19.82 22.99 24.28
C ALA B 338 -19.77 24.50 24.40
N VAL B 339 -20.58 25.17 23.58
CA VAL B 339 -20.71 26.62 23.59
C VAL B 339 -22.15 26.96 23.98
N SER B 340 -22.31 27.83 24.98
CA SER B 340 -23.63 28.20 25.46
C SER B 340 -24.41 28.94 24.38
N GLY B 341 -25.68 28.61 24.25
CA GLY B 341 -26.55 29.23 23.27
C GLY B 341 -26.40 28.69 21.85
N ARG B 342 -25.61 27.65 21.65
CA ARG B 342 -25.38 27.08 20.31
C ARG B 342 -25.62 25.58 20.37
N LYS B 343 -26.69 25.13 19.72
CA LYS B 343 -26.97 23.71 19.63
C LYS B 343 -26.04 23.05 18.62
N HIS B 344 -25.94 21.72 18.72
CA HIS B 344 -25.12 20.96 17.79
C HIS B 344 -25.86 19.69 17.38
N ILE B 345 -25.55 19.24 16.17
CA ILE B 345 -26.14 18.04 15.58
C ILE B 345 -25.01 17.07 15.29
N VAL B 346 -25.16 15.82 15.74
CA VAL B 346 -24.14 14.81 15.58
C VAL B 346 -24.49 13.96 14.35
N VAL B 347 -23.58 13.92 13.38
CA VAL B 347 -23.80 13.21 12.12
C VAL B 347 -22.81 12.05 12.06
N CYS B 348 -23.34 10.85 11.81
CA CYS B 348 -22.55 9.64 11.76
C CYS B 348 -23.06 8.75 10.64
N GLY B 349 -22.40 7.61 10.45
CA GLY B 349 -22.78 6.67 9.42
C GLY B 349 -21.76 6.57 8.31
N HIS B 350 -22.23 6.70 7.07
CA HIS B 350 -21.35 6.65 5.90
C HIS B 350 -21.01 8.09 5.53
N ILE B 351 -19.82 8.53 5.93
CA ILE B 351 -19.38 9.91 5.73
C ILE B 351 -18.36 9.90 4.59
N THR B 352 -18.77 10.36 3.42
CA THR B 352 -17.93 10.49 2.24
C THR B 352 -18.20 11.84 1.61
N LEU B 353 -17.70 12.03 0.39
CA LEU B 353 -17.79 13.34 -0.25
C LEU B 353 -19.22 13.68 -0.65
N GLU B 354 -19.92 12.73 -1.29
CA GLU B 354 -21.21 13.04 -1.89
C GLU B 354 -22.27 13.37 -0.85
N SER B 355 -22.41 12.50 0.16
CA SER B 355 -23.46 12.68 1.15
C SER B 355 -23.23 13.94 1.98
N VAL B 356 -22.00 14.14 2.43
CA VAL B 356 -21.68 15.33 3.22
C VAL B 356 -21.84 16.58 2.38
N SER B 357 -21.42 16.54 1.12
CA SER B 357 -21.55 17.71 0.25
C SER B 357 -23.01 18.10 0.07
N ASN B 358 -23.87 17.12 -0.23
CA ASN B 358 -25.30 17.42 -0.41
C ASN B 358 -25.94 17.91 0.89
N PHE B 359 -25.62 17.25 2.01
CA PHE B 359 -26.24 17.62 3.29
C PHE B 359 -25.80 19.00 3.74
N LEU B 360 -24.52 19.33 3.55
CA LEU B 360 -24.06 20.68 3.90
C LEU B 360 -24.58 21.72 2.93
N LYS B 361 -24.76 21.36 1.65
CA LYS B 361 -25.32 22.30 0.69
C LYS B 361 -26.75 22.67 1.06
N ASP B 362 -27.56 21.69 1.45
CA ASP B 362 -28.94 22.02 1.83
C ASP B 362 -29.01 22.64 3.22
N PHE B 363 -28.23 22.13 4.17
CA PHE B 363 -28.36 22.54 5.56
C PHE B 363 -27.81 23.94 5.80
N LEU B 364 -26.64 24.24 5.23
CA LEU B 364 -25.98 25.53 5.40
C LEU B 364 -26.24 26.46 4.22
N HIS B 365 -27.45 26.41 3.66
CA HIS B 365 -27.80 27.27 2.55
C HIS B 365 -27.86 28.73 3.00
N LYS B 366 -27.51 29.63 2.08
CA LYS B 366 -27.42 31.05 2.43
C LYS B 366 -28.80 31.63 2.75
N ASP B 367 -29.83 31.19 2.04
CA ASP B 367 -31.18 31.71 2.27
C ASP B 367 -31.83 31.16 3.53
N ARG B 368 -31.20 30.19 4.19
CA ARG B 368 -31.71 29.69 5.45
C ARG B 368 -31.75 30.80 6.49
N ASP B 369 -32.82 30.82 7.30
CA ASP B 369 -32.93 31.79 8.38
C ASP B 369 -31.83 31.54 9.39
N ASP B 370 -31.44 32.59 10.11
CA ASP B 370 -30.30 32.52 11.01
C ASP B 370 -30.50 31.51 12.13
N VAL B 371 -29.75 30.40 12.06
CA VAL B 371 -29.80 29.35 13.05
C VAL B 371 -28.40 29.14 13.61
N ASN B 372 -28.30 29.05 14.93
CA ASN B 372 -27.00 28.88 15.60
C ASN B 372 -26.82 27.40 15.92
N VAL B 373 -26.54 26.63 14.88
CA VAL B 373 -26.38 25.18 14.99
C VAL B 373 -25.04 24.79 14.39
N GLU B 374 -24.26 24.01 15.14
CA GLU B 374 -23.01 23.45 14.67
C GLU B 374 -23.20 21.98 14.32
N ILE B 375 -22.35 21.47 13.43
CA ILE B 375 -22.44 20.10 12.95
C ILE B 375 -21.15 19.37 13.30
N VAL B 376 -21.28 18.23 13.96
CA VAL B 376 -20.14 17.42 14.39
C VAL B 376 -20.22 16.08 13.67
N PHE B 377 -19.28 15.83 12.77
CA PHE B 377 -19.21 14.56 12.05
C PHE B 377 -18.31 13.60 12.82
N LEU B 378 -18.88 12.50 13.31
CA LEU B 378 -18.11 11.48 14.02
C LEU B 378 -17.91 10.29 13.10
N HIS B 379 -16.65 9.99 12.78
CA HIS B 379 -16.39 8.88 11.87
C HIS B 379 -14.99 8.34 12.09
N ASN B 380 -14.87 7.01 12.09
CA ASN B 380 -13.58 6.38 12.38
C ASN B 380 -12.60 6.54 11.23
N ILE B 381 -13.07 6.50 10.00
CA ILE B 381 -12.19 6.62 8.84
C ILE B 381 -11.74 8.07 8.69
N SER B 382 -10.43 8.28 8.62
CA SER B 382 -9.91 9.63 8.46
C SER B 382 -10.27 10.19 7.09
N PRO B 383 -10.59 11.47 7.00
CA PRO B 383 -10.98 12.04 5.70
C PRO B 383 -9.80 12.12 4.74
N ASN B 384 -10.12 12.07 3.44
CA ASN B 384 -9.12 12.24 2.40
C ASN B 384 -8.90 13.73 2.15
N LEU B 385 -8.12 14.06 1.12
CA LEU B 385 -7.77 15.45 0.87
C LEU B 385 -8.98 16.29 0.51
N GLU B 386 -9.87 15.75 -0.32
CA GLU B 386 -11.04 16.52 -0.75
C GLU B 386 -12.01 16.77 0.40
N LEU B 387 -12.23 15.75 1.24
CA LEU B 387 -13.04 15.95 2.44
C LEU B 387 -12.40 16.96 3.38
N GLU B 388 -11.08 16.89 3.54
CA GLU B 388 -10.39 17.86 4.40
C GLU B 388 -10.58 19.28 3.87
N ALA B 389 -10.46 19.47 2.56
CA ALA B 389 -10.69 20.79 1.98
C ALA B 389 -12.13 21.24 2.20
N LEU B 390 -13.09 20.33 2.03
CA LEU B 390 -14.49 20.67 2.23
C LEU B 390 -14.76 21.09 3.68
N PHE B 391 -14.15 20.39 4.64
CA PHE B 391 -14.29 20.80 6.03
C PHE B 391 -13.60 22.13 6.30
N LYS B 392 -12.48 22.40 5.62
CA LYS B 392 -11.81 23.70 5.77
C LYS B 392 -12.68 24.84 5.24
N ARG B 393 -13.44 24.62 4.17
CA ARG B 393 -14.30 25.68 3.67
C ARG B 393 -15.39 26.05 4.67
N HIS B 394 -15.81 25.11 5.51
CA HIS B 394 -16.82 25.36 6.54
C HIS B 394 -16.24 25.11 7.92
N PHE B 395 -15.02 25.61 8.17
CA PHE B 395 -14.36 25.38 9.46
C PHE B 395 -15.04 26.12 10.60
N THR B 396 -15.80 27.18 10.31
CA THR B 396 -16.42 27.97 11.36
C THR B 396 -17.72 27.36 11.88
N GLN B 397 -18.29 26.38 11.19
CA GLN B 397 -19.54 25.76 11.61
C GLN B 397 -19.51 24.24 11.67
N VAL B 398 -18.48 23.59 11.12
CA VAL B 398 -18.44 22.15 10.99
C VAL B 398 -17.16 21.64 11.62
N GLU B 399 -17.28 20.64 12.51
CA GLU B 399 -16.13 19.98 13.10
C GLU B 399 -16.19 18.49 12.83
N PHE B 400 -15.03 17.87 12.71
CA PHE B 400 -14.90 16.44 12.47
C PHE B 400 -14.10 15.80 13.60
N TYR B 401 -14.55 14.64 14.04
CA TYR B 401 -13.86 13.86 15.06
C TYR B 401 -13.79 12.41 14.64
N GLN B 402 -12.67 11.76 14.99
CA GLN B 402 -12.42 10.38 14.63
C GLN B 402 -12.84 9.47 15.79
N GLY B 403 -13.70 8.51 15.48
CA GLY B 403 -14.19 7.61 16.50
C GLY B 403 -15.35 6.79 15.96
N SER B 404 -15.91 5.98 16.85
CA SER B 404 -17.00 5.08 16.51
C SER B 404 -18.20 5.36 17.41
N VAL B 405 -19.40 5.29 16.82
CA VAL B 405 -20.63 5.46 17.60
C VAL B 405 -20.77 4.32 18.60
N LEU B 406 -20.38 3.11 18.20
CA LEU B 406 -20.53 1.94 19.05
C LEU B 406 -19.66 1.99 20.30
N ASN B 407 -18.69 2.90 20.37
CA ASN B 407 -17.88 3.07 21.56
C ASN B 407 -18.47 4.17 22.42
N PRO B 408 -18.92 3.88 23.65
CA PRO B 408 -19.54 4.93 24.47
C PRO B 408 -18.61 6.09 24.80
N HIS B 409 -17.30 5.85 24.89
CA HIS B 409 -16.36 6.93 25.16
C HIS B 409 -16.37 7.97 24.04
N ASP B 410 -16.40 7.51 22.79
CA ASP B 410 -16.47 8.43 21.66
C ASP B 410 -17.79 9.19 21.64
N LEU B 411 -18.89 8.54 22.08
CA LEU B 411 -20.15 9.26 22.24
C LEU B 411 -20.03 10.34 23.30
N ALA B 412 -19.29 10.06 24.38
CA ALA B 412 -19.09 11.06 25.42
C ALA B 412 -18.21 12.21 24.93
N ARG B 413 -17.28 11.93 24.02
CA ARG B 413 -16.40 12.98 23.51
C ARG B 413 -17.18 14.04 22.72
N VAL B 414 -18.17 13.62 21.93
CA VAL B 414 -18.89 14.53 21.05
C VAL B 414 -20.08 15.13 21.77
N LYS B 415 -20.19 14.86 23.08
CA LYS B 415 -21.28 15.37 23.92
C LYS B 415 -22.65 15.00 23.34
N ILE B 416 -22.84 13.70 23.13
CA ILE B 416 -24.10 13.21 22.58
C ILE B 416 -25.26 13.40 23.56
N GLU B 417 -24.97 13.54 24.85
CA GLU B 417 -26.02 13.76 25.83
C GLU B 417 -26.58 15.18 25.80
N SER B 418 -25.92 16.10 25.11
CA SER B 418 -26.40 17.47 24.96
C SER B 418 -26.71 17.82 23.52
N ALA B 419 -26.56 16.89 22.58
CA ALA B 419 -26.85 17.16 21.18
C ALA B 419 -28.35 17.25 20.96
N ASP B 420 -28.73 18.10 20.00
CA ASP B 420 -30.15 18.25 19.67
C ASP B 420 -30.67 17.05 18.90
N ALA B 421 -29.85 16.51 17.98
CA ALA B 421 -30.29 15.38 17.19
C ALA B 421 -29.07 14.62 16.65
N CYS B 422 -29.31 13.37 16.30
CA CYS B 422 -28.30 12.51 15.68
C CYS B 422 -28.82 12.05 14.32
N LEU B 423 -28.01 12.25 13.30
CA LEU B 423 -28.38 11.94 11.92
C LEU B 423 -27.45 10.86 11.40
N ILE B 424 -28.03 9.75 10.96
CA ILE B 424 -27.28 8.58 10.51
C ILE B 424 -27.46 8.45 9.01
N LEU B 425 -26.36 8.55 8.28
CA LEU B 425 -26.34 8.42 6.83
C LEU B 425 -25.97 6.99 6.44
N ALA B 426 -26.56 6.53 5.34
CA ALA B 426 -26.39 5.16 4.87
C ALA B 426 -25.48 5.12 3.66
N ASN B 427 -24.80 4.00 3.48
CA ASN B 427 -23.96 3.76 2.31
C ASN B 427 -24.85 3.24 1.19
N LYS B 428 -25.23 4.14 0.27
CA LYS B 428 -26.16 3.78 -0.80
C LYS B 428 -25.53 2.84 -1.83
N TYR B 429 -24.21 2.67 -1.83
CA TYR B 429 -23.53 1.81 -2.80
C TYR B 429 -22.78 0.74 -2.02
N CYS B 430 -23.48 -0.35 -1.71
CA CYS B 430 -22.90 -1.45 -0.96
C CYS B 430 -23.32 -2.77 -1.60
N ALA B 431 -22.47 -3.80 -1.40
CA ALA B 431 -22.79 -5.11 -1.95
C ALA B 431 -24.02 -5.72 -1.30
N ASP B 432 -24.14 -5.59 0.02
CA ASP B 432 -25.27 -6.14 0.77
C ASP B 432 -26.01 -5.04 1.49
N PRO B 433 -27.18 -4.62 1.00
CA PRO B 433 -27.96 -3.59 1.72
C PRO B 433 -28.42 -4.05 3.10
N ASP B 434 -28.65 -5.34 3.30
CA ASP B 434 -29.11 -5.83 4.59
C ASP B 434 -28.05 -5.63 5.67
N ALA B 435 -26.78 -5.85 5.34
CA ALA B 435 -25.71 -5.62 6.31
C ALA B 435 -25.62 -4.15 6.70
N GLU B 436 -25.74 -3.25 5.73
CA GLU B 436 -25.72 -1.83 6.04
C GLU B 436 -26.90 -1.42 6.90
N ASP B 437 -28.08 -1.98 6.60
CA ASP B 437 -29.26 -1.69 7.42
C ASP B 437 -29.08 -2.19 8.85
N ALA B 438 -28.52 -3.40 9.00
CA ALA B 438 -28.28 -3.93 10.35
C ALA B 438 -27.26 -3.09 11.10
N SER B 439 -26.22 -2.63 10.41
CA SER B 439 -25.23 -1.76 11.06
C SER B 439 -25.86 -0.45 11.50
N ASN B 440 -26.71 0.15 10.66
CA ASN B 440 -27.39 1.39 11.05
C ASN B 440 -28.33 1.16 12.22
N ILE B 441 -29.04 0.03 12.23
CA ILE B 441 -29.94 -0.27 13.34
C ILE B 441 -29.16 -0.46 14.63
N MET B 442 -27.99 -1.09 14.54
CA MET B 442 -27.17 -1.27 15.73
C MET B 442 -26.59 0.05 16.22
N ARG B 443 -26.26 0.96 15.30
CA ARG B 443 -25.84 2.30 15.70
C ARG B 443 -26.97 3.03 16.43
N VAL B 444 -28.21 2.88 15.92
CA VAL B 444 -29.37 3.47 16.60
C VAL B 444 -29.52 2.87 18.00
N ILE B 445 -29.32 1.55 18.10
CA ILE B 445 -29.43 0.88 19.40
C ILE B 445 -28.40 1.42 20.38
N SER B 446 -27.16 1.59 19.91
CA SER B 446 -26.11 2.12 20.77
C SER B 446 -26.42 3.53 21.23
N ILE B 447 -26.86 4.39 20.30
CA ILE B 447 -27.14 5.77 20.65
C ILE B 447 -28.29 5.85 21.65
N LYS B 448 -29.36 5.07 21.43
CA LYS B 448 -30.48 5.08 22.36
C LYS B 448 -30.12 4.44 23.68
N ASN B 449 -29.14 3.53 23.69
CA ASN B 449 -28.67 2.97 24.95
C ASN B 449 -27.91 4.01 25.77
N TYR B 450 -27.10 4.83 25.09
CA TYR B 450 -26.39 5.88 25.82
C TYR B 450 -27.36 6.93 26.36
N HIS B 451 -28.25 7.44 25.50
CA HIS B 451 -29.20 8.46 25.90
C HIS B 451 -30.56 8.19 25.27
N PRO B 452 -31.53 7.68 26.03
CA PRO B 452 -32.81 7.26 25.44
C PRO B 452 -33.69 8.40 24.96
N LYS B 453 -33.42 9.64 25.36
CA LYS B 453 -34.28 10.77 25.03
C LYS B 453 -33.83 11.56 23.81
N ILE B 454 -32.77 11.11 23.13
CA ILE B 454 -32.26 11.85 21.99
C ILE B 454 -33.13 11.59 20.77
N ARG B 455 -33.16 12.56 19.86
CA ARG B 455 -33.91 12.43 18.62
C ARG B 455 -32.98 11.94 17.51
N ILE B 456 -33.42 10.90 16.80
CA ILE B 456 -32.61 10.23 15.80
C ILE B 456 -33.33 10.27 14.46
N ILE B 457 -32.62 10.70 13.42
CA ILE B 457 -33.08 10.60 12.04
C ILE B 457 -32.10 9.73 11.30
N THR B 458 -32.56 8.60 10.78
CA THR B 458 -31.71 7.61 10.16
C THR B 458 -32.10 7.38 8.71
N GLN B 459 -31.15 6.92 7.91
CA GLN B 459 -31.40 6.52 6.53
C GLN B 459 -31.43 5.01 6.43
N MET B 460 -32.48 4.47 5.82
CA MET B 460 -32.66 3.04 5.67
C MET B 460 -32.69 2.70 4.18
N LEU B 461 -31.95 1.66 3.79
CA LEU B 461 -31.88 1.28 2.39
C LEU B 461 -33.10 0.47 1.97
N GLN B 462 -33.34 -0.66 2.64
CA GLN B 462 -34.44 -1.55 2.30
C GLN B 462 -35.64 -1.28 3.20
N TYR B 463 -36.84 -1.47 2.63
CA TYR B 463 -38.06 -1.14 3.34
C TYR B 463 -38.42 -2.16 4.41
N HIS B 464 -38.10 -3.44 4.19
CA HIS B 464 -38.46 -4.46 5.15
C HIS B 464 -37.62 -4.43 6.42
N ASN B 465 -36.54 -3.65 6.44
CA ASN B 465 -35.66 -3.60 7.60
C ASN B 465 -36.09 -2.59 8.65
N LYS B 466 -36.81 -1.54 8.26
CA LYS B 466 -37.18 -0.49 9.20
C LYS B 466 -38.12 -0.99 10.29
N ALA B 467 -38.80 -2.12 10.06
CA ALA B 467 -39.61 -2.72 11.11
C ALA B 467 -38.77 -3.09 12.32
N HIS B 468 -37.49 -3.40 12.12
CA HIS B 468 -36.60 -3.66 13.24
C HIS B 468 -36.52 -2.47 14.19
N LEU B 469 -36.69 -1.26 13.67
CA LEU B 469 -36.67 -0.07 14.52
C LEU B 469 -37.84 -0.05 15.50
N LEU B 470 -38.90 -0.80 15.23
CA LEU B 470 -39.99 -0.91 16.19
C LEU B 470 -39.65 -1.81 17.37
N ASN B 471 -38.58 -2.60 17.27
CA ASN B 471 -38.20 -3.49 18.36
C ASN B 471 -37.42 -2.79 19.45
N ILE B 472 -36.91 -1.59 19.19
CA ILE B 472 -36.20 -0.81 20.20
C ILE B 472 -37.22 -0.12 21.10
N PRO B 473 -37.20 -0.35 22.41
CA PRO B 473 -38.18 0.30 23.30
C PRO B 473 -38.05 1.81 23.33
N SER B 474 -36.83 2.34 23.18
CA SER B 474 -36.61 3.78 23.26
C SER B 474 -36.94 4.50 21.96
N TRP B 475 -37.22 3.78 20.89
CA TRP B 475 -37.56 4.38 19.60
C TRP B 475 -39.00 4.89 19.67
N ASN B 476 -39.15 6.19 19.84
CA ASN B 476 -40.46 6.83 19.93
C ASN B 476 -40.70 7.59 18.63
N TRP B 477 -41.61 7.09 17.81
CA TRP B 477 -41.92 7.76 16.55
C TRP B 477 -42.68 9.07 16.79
N LYS B 478 -43.52 9.12 17.82
CA LYS B 478 -44.29 10.31 18.11
C LYS B 478 -43.45 11.45 18.66
N GLU B 479 -42.22 11.18 19.10
CA GLU B 479 -41.35 12.20 19.65
C GLU B 479 -40.35 12.75 18.64
N GLY B 480 -40.41 12.30 17.39
CA GLY B 480 -39.57 12.84 16.34
C GLY B 480 -38.54 11.91 15.75
N ASP B 481 -38.41 10.69 16.27
CA ASP B 481 -37.49 9.72 15.67
C ASP B 481 -38.03 9.29 14.31
N ASP B 482 -37.19 9.38 13.29
CA ASP B 482 -37.64 9.13 11.93
C ASP B 482 -36.64 8.27 11.17
N ALA B 483 -37.19 7.43 10.29
CA ALA B 483 -36.41 6.63 9.35
C ALA B 483 -36.82 7.01 7.94
N ILE B 484 -35.86 7.44 7.13
CA ILE B 484 -36.11 7.82 5.75
C ILE B 484 -35.69 6.64 4.88
N CYS B 485 -36.65 5.99 4.24
CA CYS B 485 -36.38 4.85 3.38
C CYS B 485 -36.09 5.36 1.98
N LEU B 486 -34.85 5.17 1.51
CA LEU B 486 -34.46 5.70 0.22
C LEU B 486 -35.19 5.00 -0.92
N ALA B 487 -35.22 3.66 -0.89
CA ALA B 487 -35.85 2.91 -1.97
C ALA B 487 -37.35 3.18 -2.04
N GLU B 488 -38.01 3.16 -0.88
CA GLU B 488 -39.46 3.36 -0.85
C GLU B 488 -39.82 4.75 -1.35
N LEU B 489 -39.15 5.78 -0.84
CA LEU B 489 -39.45 7.15 -1.25
C LEU B 489 -39.13 7.37 -2.73
N LYS B 490 -37.99 6.87 -3.19
CA LYS B 490 -37.59 7.07 -4.58
C LYS B 490 -38.56 6.38 -5.54
N LEU B 491 -38.88 5.10 -5.27
CA LEU B 491 -39.78 4.39 -6.16
C LEU B 491 -41.21 4.94 -6.08
N GLY B 492 -41.62 5.44 -4.91
CA GLY B 492 -42.92 6.07 -4.82
C GLY B 492 -42.97 7.37 -5.60
N PHE B 493 -41.89 8.17 -5.54
CA PHE B 493 -41.82 9.37 -6.36
C PHE B 493 -41.92 9.04 -7.83
N ILE B 494 -41.21 8.00 -8.26
CA ILE B 494 -41.24 7.59 -9.67
C ILE B 494 -42.64 7.12 -10.06
N ALA B 495 -43.31 6.35 -9.19
CA ALA B 495 -44.65 5.88 -9.49
C ALA B 495 -45.65 7.03 -9.56
N GLN B 496 -45.56 7.98 -8.64
CA GLN B 496 -46.45 9.13 -8.69
C GLN B 496 -46.19 10.00 -9.91
N SER B 497 -44.93 10.06 -10.37
CA SER B 497 -44.65 10.72 -11.64
C SER B 497 -45.20 9.92 -12.81
N CYS B 498 -45.26 8.60 -12.69
CA CYS B 498 -45.91 7.79 -13.72
C CYS B 498 -47.38 8.12 -13.80
N LEU B 499 -48.03 8.30 -12.65
CA LEU B 499 -49.44 8.71 -12.66
C LEU B 499 -49.61 10.12 -13.18
N ALA B 500 -48.69 11.02 -12.84
CA ALA B 500 -48.76 12.42 -13.29
C ALA B 500 -47.33 12.95 -13.37
N GLN B 501 -46.85 13.16 -14.59
CA GLN B 501 -45.46 13.53 -14.80
C GLN B 501 -45.16 14.91 -14.23
N GLY B 502 -43.93 15.07 -13.74
CA GLY B 502 -43.48 16.30 -13.13
C GLY B 502 -43.74 16.43 -11.64
N LEU B 503 -44.44 15.45 -11.04
CA LEU B 503 -44.72 15.54 -9.61
C LEU B 503 -43.46 15.38 -8.77
N SER B 504 -42.50 14.56 -9.22
CA SER B 504 -41.27 14.40 -8.47
C SER B 504 -40.49 15.71 -8.41
N THR B 505 -40.44 16.45 -9.53
CA THR B 505 -39.77 17.73 -9.54
C THR B 505 -40.46 18.72 -8.60
N MET B 506 -41.79 18.76 -8.62
CA MET B 506 -42.54 19.65 -7.75
C MET B 506 -42.27 19.34 -6.29
N LEU B 507 -42.31 18.05 -5.93
CA LEU B 507 -42.06 17.67 -4.55
C LEU B 507 -40.63 17.98 -4.13
N ALA B 508 -39.66 17.70 -5.01
CA ALA B 508 -38.26 17.99 -4.68
C ALA B 508 -38.02 19.47 -4.49
N ASN B 509 -38.64 20.30 -5.31
CA ASN B 509 -38.55 21.75 -5.13
C ASN B 509 -39.41 22.26 -3.99
N LEU B 510 -40.30 21.43 -3.45
CA LEU B 510 -41.22 21.89 -2.42
C LEU B 510 -40.66 21.76 -1.01
N PHE B 511 -39.62 20.97 -0.79
CA PHE B 511 -38.97 20.90 0.51
C PHE B 511 -37.47 21.18 0.46
N SER B 512 -36.99 21.77 -0.63
CA SER B 512 -35.58 22.11 -0.76
C SER B 512 -35.40 23.62 -0.76
N MET B 513 -34.28 24.06 -0.19
CA MET B 513 -33.95 25.48 -0.12
C MET B 513 -33.29 25.87 -1.44
N ARG B 514 -34.04 26.61 -2.27
CA ARG B 514 -33.56 27.03 -3.58
C ARG B 514 -33.42 28.55 -3.59
N SER B 515 -32.25 29.03 -3.98
CA SER B 515 -32.03 30.47 -4.10
C SER B 515 -32.84 31.02 -5.27
N PHE B 516 -33.41 32.20 -5.07
CA PHE B 516 -34.26 32.84 -6.08
C PHE B 516 -33.43 33.82 -6.91
N ILE B 517 -33.60 33.74 -8.23
CA ILE B 517 -32.92 34.61 -9.17
C ILE B 517 -33.97 35.37 -9.97
N LYS B 518 -33.80 36.67 -10.09
CA LYS B 518 -34.75 37.50 -10.82
C LYS B 518 -34.48 37.42 -12.31
N ILE B 519 -35.49 37.03 -13.08
CA ILE B 519 -35.38 36.90 -14.53
C ILE B 519 -36.37 37.87 -15.16
N GLU B 520 -35.89 38.71 -16.07
CA GLU B 520 -36.75 39.67 -16.75
C GLU B 520 -37.07 39.29 -18.19
N GLU B 521 -36.23 38.48 -18.83
CA GLU B 521 -36.51 38.02 -20.18
C GLU B 521 -37.68 37.05 -20.18
N ASP B 522 -38.49 37.13 -21.24
CA ASP B 522 -39.70 36.30 -21.36
C ASP B 522 -39.27 34.90 -21.78
N THR B 523 -38.83 34.12 -20.80
CA THR B 523 -38.47 32.72 -21.00
C THR B 523 -39.24 31.87 -19.99
N TRP B 524 -39.14 30.55 -20.17
CA TRP B 524 -39.79 29.63 -19.26
C TRP B 524 -39.16 29.64 -17.87
N GLN B 525 -37.90 30.07 -17.77
CA GLN B 525 -37.22 30.08 -16.48
C GLN B 525 -37.89 31.02 -15.49
N LYS B 526 -38.44 32.16 -15.96
CA LYS B 526 -39.09 33.07 -15.03
C LYS B 526 -40.36 32.48 -14.44
N TYR B 527 -41.19 31.84 -15.27
CA TYR B 527 -42.40 31.22 -14.77
C TYR B 527 -42.09 30.03 -13.87
N TYR B 528 -41.02 29.28 -14.18
CA TYR B 528 -40.61 28.19 -13.31
C TYR B 528 -40.11 28.72 -11.96
N LEU B 529 -39.29 29.76 -11.99
CA LEU B 529 -38.70 30.31 -10.77
C LEU B 529 -39.73 31.02 -9.90
N GLU B 530 -40.85 31.48 -10.47
CA GLU B 530 -41.94 31.97 -9.63
C GLU B 530 -42.47 30.86 -8.73
N GLY B 531 -42.56 29.64 -9.26
CA GLY B 531 -43.09 28.53 -8.47
C GLY B 531 -42.07 27.80 -7.62
N VAL B 532 -40.78 27.93 -7.93
CA VAL B 532 -39.76 27.26 -7.12
C VAL B 532 -39.78 27.74 -5.67
N SER B 533 -40.16 29.00 -5.44
CA SER B 533 -39.94 29.63 -4.14
C SER B 533 -40.81 29.07 -3.02
N ASN B 534 -41.80 28.23 -3.32
CA ASN B 534 -42.75 27.78 -2.31
C ASN B 534 -42.14 26.71 -1.42
N GLU B 535 -42.72 26.58 -0.23
CA GLU B 535 -42.31 25.58 0.76
C GLU B 535 -43.53 25.07 1.50
N MET B 536 -43.33 23.96 2.22
CA MET B 536 -44.35 23.39 3.09
C MET B 536 -44.24 23.95 4.50
N TYR B 537 -45.38 24.11 5.15
CA TYR B 537 -45.44 24.53 6.54
C TYR B 537 -46.60 23.83 7.24
N THR B 538 -46.51 23.74 8.56
CA THR B 538 -47.55 23.16 9.39
C THR B 538 -48.03 24.19 10.38
N GLU B 539 -49.35 24.28 10.58
CA GLU B 539 -49.88 25.29 11.47
C GLU B 539 -51.22 24.83 12.03
N TYR B 540 -51.50 25.21 13.28
CA TYR B 540 -52.78 24.89 13.90
C TYR B 540 -53.83 25.88 13.40
N LEU B 541 -54.95 25.34 12.91
CA LEU B 541 -56.03 26.19 12.44
C LEU B 541 -56.67 26.93 13.61
N SER B 542 -57.11 28.16 13.34
CA SER B 542 -57.76 28.97 14.37
C SER B 542 -59.13 28.39 14.69
N SER B 543 -59.65 28.81 15.85
CA SER B 543 -60.95 28.34 16.30
C SER B 543 -62.11 28.86 15.45
N ALA B 544 -61.86 29.84 14.57
CA ALA B 544 -62.92 30.34 13.71
C ALA B 544 -63.32 29.33 12.64
N PHE B 545 -62.43 28.41 12.27
CA PHE B 545 -62.72 27.43 11.23
C PHE B 545 -63.42 26.18 11.75
N VAL B 546 -63.67 26.07 13.05
CA VAL B 546 -64.25 24.85 13.60
C VAL B 546 -65.69 24.72 13.12
N GLY B 547 -66.11 23.47 12.93
CA GLY B 547 -67.46 23.19 12.47
C GLY B 547 -67.70 23.41 10.99
N LEU B 548 -66.66 23.74 10.23
CA LEU B 548 -66.78 23.99 8.80
C LEU B 548 -66.15 22.86 8.00
N SER B 549 -66.67 22.66 6.79
CA SER B 549 -66.14 21.64 5.90
C SER B 549 -64.76 22.04 5.38
N PHE B 550 -63.96 21.04 5.05
CA PHE B 550 -62.62 21.31 4.51
C PHE B 550 -62.62 22.12 3.22
N PRO B 551 -63.48 21.88 2.23
CA PRO B 551 -63.47 22.75 1.04
C PRO B 551 -63.71 24.22 1.36
N THR B 552 -64.62 24.51 2.30
CA THR B 552 -64.91 25.89 2.66
C THR B 552 -63.69 26.56 3.28
N VAL B 553 -63.03 25.88 4.22
CA VAL B 553 -61.85 26.43 4.87
C VAL B 553 -60.73 26.63 3.87
N CYS B 554 -60.54 25.66 2.97
CA CYS B 554 -59.51 25.78 1.95
C CYS B 554 -59.78 26.96 1.02
N GLU B 555 -61.04 27.15 0.64
CA GLU B 555 -61.39 28.29 -0.21
C GLU B 555 -61.14 29.61 0.50
N LEU B 556 -61.50 29.70 1.78
CA LEU B 556 -61.25 30.93 2.52
C LEU B 556 -59.76 31.20 2.67
N CYS B 557 -58.96 30.15 2.89
CA CYS B 557 -57.51 30.34 3.00
C CYS B 557 -56.91 30.78 1.66
N PHE B 558 -57.39 30.21 0.56
CA PHE B 558 -56.80 30.55 -0.74
C PHE B 558 -57.20 31.96 -1.18
N VAL B 559 -58.49 32.29 -1.08
CA VAL B 559 -58.97 33.57 -1.60
C VAL B 559 -58.48 34.72 -0.73
N LYS B 560 -58.59 34.58 0.59
CA LYS B 560 -58.31 35.68 1.50
C LYS B 560 -56.91 35.63 2.09
N LEU B 561 -56.51 34.50 2.66
CA LEU B 561 -55.21 34.40 3.32
C LEU B 561 -54.07 34.11 2.36
N LYS B 562 -54.36 33.87 1.07
CA LYS B 562 -53.35 33.56 0.06
C LYS B 562 -52.52 32.35 0.44
N LEU B 563 -53.17 31.34 1.01
CA LEU B 563 -52.51 30.10 1.43
C LEU B 563 -53.21 28.91 0.82
N LEU B 564 -52.43 27.93 0.40
CA LEU B 564 -52.94 26.69 -0.18
C LEU B 564 -52.83 25.59 0.86
N MET B 565 -53.97 25.17 1.40
CA MET B 565 -54.01 24.11 2.41
C MET B 565 -54.19 22.77 1.72
N ILE B 566 -53.28 21.84 1.97
CA ILE B 566 -53.24 20.55 1.30
C ILE B 566 -53.92 19.46 2.11
N ALA B 567 -53.48 19.29 3.37
CA ALA B 567 -53.91 18.15 4.18
C ALA B 567 -54.18 18.61 5.60
N ILE B 568 -54.93 17.79 6.33
CA ILE B 568 -55.21 18.04 7.73
C ILE B 568 -54.96 16.77 8.54
N GLU B 569 -54.43 16.93 9.74
CA GLU B 569 -54.14 15.79 10.62
C GLU B 569 -55.37 15.53 11.47
N TYR B 570 -56.20 14.58 11.03
CA TYR B 570 -57.41 14.23 11.76
C TYR B 570 -57.05 13.34 12.94
N LYS B 571 -57.44 13.76 14.14
CA LYS B 571 -57.14 13.04 15.37
C LYS B 571 -58.42 12.45 15.94
N SER B 572 -58.41 11.14 16.16
CA SER B 572 -59.54 10.45 16.76
C SER B 572 -59.03 9.48 17.81
N ALA B 573 -59.79 9.33 18.89
CA ALA B 573 -59.41 8.39 19.94
C ALA B 573 -59.47 6.94 19.47
N ASN B 574 -60.19 6.66 18.38
CA ASN B 574 -60.33 5.29 17.91
C ASN B 574 -59.03 4.79 17.26
N ARG B 575 -58.42 5.60 16.39
CA ARG B 575 -57.29 5.16 15.60
C ARG B 575 -56.19 6.20 15.56
N GLU B 576 -55.95 6.85 16.70
CA GLU B 576 -54.83 7.80 16.91
C GLU B 576 -54.98 8.93 15.89
N SER B 577 -53.91 9.41 15.27
CA SER B 577 -53.95 10.52 14.33
C SER B 577 -53.55 10.05 12.95
N ARG B 578 -54.24 10.56 11.93
CA ARG B 578 -53.99 10.18 10.55
C ARG B 578 -54.10 11.41 9.67
N ILE B 579 -53.18 11.53 8.70
CA ILE B 579 -53.18 12.66 7.79
C ILE B 579 -54.17 12.38 6.65
N LEU B 580 -55.10 13.31 6.45
CA LEU B 580 -56.07 13.21 5.37
C LEU B 580 -55.70 14.24 4.30
N ILE B 581 -55.50 13.75 3.07
CA ILE B 581 -55.11 14.58 1.94
C ILE B 581 -56.38 15.00 1.22
N ASN B 582 -56.72 16.29 1.34
CA ASN B 582 -57.88 16.90 0.69
C ASN B 582 -59.16 16.12 0.99
N PRO B 583 -59.67 16.15 2.22
CA PRO B 583 -60.90 15.41 2.52
C PRO B 583 -62.12 16.08 1.88
N GLY B 584 -63.18 15.30 1.76
CA GLY B 584 -64.39 15.77 1.13
C GLY B 584 -65.16 16.75 2.01
N ASN B 585 -66.30 17.20 1.48
CA ASN B 585 -67.12 18.17 2.20
C ASN B 585 -67.84 17.57 3.40
N HIS B 586 -67.90 16.23 3.49
CA HIS B 586 -68.56 15.60 4.62
C HIS B 586 -67.77 15.80 5.91
N LEU B 587 -66.43 15.84 5.82
CA LEU B 587 -65.62 16.02 7.01
C LEU B 587 -65.72 17.46 7.52
N LYS B 588 -65.68 17.62 8.84
CA LYS B 588 -65.76 18.92 9.49
C LYS B 588 -64.52 19.14 10.35
N ILE B 589 -64.03 20.38 10.36
CA ILE B 589 -62.84 20.70 11.13
C ILE B 589 -63.16 20.65 12.62
N GLN B 590 -62.36 19.91 13.38
CA GLN B 590 -62.51 19.82 14.82
C GLN B 590 -61.66 20.89 15.50
N GLU B 591 -61.53 20.78 16.81
CA GLU B 591 -60.74 21.74 17.59
C GLU B 591 -59.28 21.34 17.59
N GLY B 592 -58.40 22.30 17.31
CA GLY B 592 -56.97 22.07 17.35
C GLY B 592 -56.45 21.08 16.33
N THR B 593 -56.88 21.22 15.08
CA THR B 593 -56.47 20.32 14.01
C THR B 593 -55.30 20.95 13.25
N LEU B 594 -54.21 20.19 13.12
CA LEU B 594 -53.06 20.65 12.37
C LEU B 594 -53.37 20.65 10.88
N GLY B 595 -52.89 21.67 10.18
CA GLY B 595 -53.06 21.76 8.74
C GLY B 595 -51.74 22.04 8.05
N PHE B 596 -51.63 21.50 6.84
CA PHE B 596 -50.43 21.60 6.04
C PHE B 596 -50.67 22.60 4.92
N PHE B 597 -49.80 23.61 4.82
CA PHE B 597 -49.96 24.68 3.85
C PHE B 597 -48.74 24.74 2.94
N ILE B 598 -48.95 25.23 1.73
CA ILE B 598 -47.87 25.55 0.80
C ILE B 598 -47.83 27.06 0.68
N ALA B 599 -46.70 27.66 1.06
CA ALA B 599 -46.60 29.11 1.09
C ALA B 599 -45.19 29.55 0.74
N SER B 600 -45.08 30.79 0.27
CA SER B 600 -43.79 31.34 -0.08
C SER B 600 -42.96 31.66 1.15
N ASP B 601 -43.58 32.24 2.17
CA ASP B 601 -42.90 32.63 3.40
C ASP B 601 -43.72 32.20 4.60
N ALA B 602 -43.02 31.98 5.72
CA ALA B 602 -43.68 31.48 6.93
C ALA B 602 -44.52 32.53 7.63
N LYS B 603 -44.31 33.82 7.32
CA LYS B 603 -45.06 34.88 8.02
C LYS B 603 -46.54 34.83 7.68
N GLU B 604 -46.88 34.55 6.42
CA GLU B 604 -48.28 34.48 6.03
C GLU B 604 -48.97 33.24 6.58
N VAL B 605 -48.21 32.22 6.99
CA VAL B 605 -48.80 31.01 7.54
C VAL B 605 -49.48 31.31 8.87
N LYS B 606 -48.92 32.23 9.66
CA LYS B 606 -49.49 32.56 10.96
C LYS B 606 -50.89 33.16 10.86
N ARG B 607 -51.26 33.70 9.70
CA ARG B 607 -52.59 34.29 9.55
C ARG B 607 -53.68 33.24 9.70
N ALA B 608 -53.38 31.97 9.44
CA ALA B 608 -54.37 30.92 9.61
C ALA B 608 -54.66 30.65 11.09
N PHE B 609 -53.77 31.06 11.98
CA PHE B 609 -53.95 30.83 13.41
C PHE B 609 -54.56 32.02 14.13
N PHE B 610 -54.40 33.24 13.59
CA PHE B 610 -54.97 34.44 14.18
C PHE B 610 -56.06 35.04 13.29
N TYR B 611 -56.89 34.19 12.70
CA TYR B 611 -57.96 34.63 11.81
C TYR B 611 -59.28 34.63 12.55
N CYS B 612 -59.98 35.77 12.51
CA CYS B 612 -61.32 35.87 13.05
C CYS B 612 -62.21 36.57 12.03
N LYS B 613 -63.49 36.18 12.00
CA LYS B 613 -64.40 36.74 11.01
C LYS B 613 -64.73 38.20 11.31
N ALA B 614 -64.60 38.63 12.56
CA ALA B 614 -64.93 40.00 12.93
C ALA B 614 -64.02 41.00 12.25
N CYS B 615 -62.71 40.73 12.24
CA CYS B 615 -61.77 41.65 11.61
C CYS B 615 -61.90 41.63 10.09
N HIS B 616 -62.04 40.44 9.52
CA HIS B 616 -62.17 40.30 8.08
C HIS B 616 -63.21 39.25 7.71
N ASN B 682 -67.03 -13.37 -2.00
CA ASN B 682 -66.85 -14.73 -2.49
C ASN B 682 -65.44 -14.95 -3.03
N VAL B 683 -64.85 -13.89 -3.59
CA VAL B 683 -63.52 -13.93 -4.16
C VAL B 683 -62.71 -12.77 -3.58
N LYS B 684 -61.43 -13.00 -3.32
CA LYS B 684 -60.56 -11.99 -2.73
C LYS B 684 -60.05 -11.07 -3.84
N LYS B 685 -60.45 -9.80 -3.78
CA LYS B 685 -59.97 -8.80 -4.72
C LYS B 685 -59.06 -7.76 -4.08
N TYR B 686 -59.01 -7.70 -2.74
CA TYR B 686 -58.18 -6.74 -2.04
C TYR B 686 -57.44 -7.47 -0.92
N ASP B 687 -56.50 -6.77 -0.30
CA ASP B 687 -55.74 -7.34 0.80
C ASP B 687 -56.59 -7.30 2.08
N SER B 688 -55.98 -7.67 3.21
CA SER B 688 -56.70 -7.71 4.48
C SER B 688 -57.17 -6.31 4.88
N THR B 689 -56.32 -5.30 4.70
CA THR B 689 -56.69 -3.94 5.03
C THR B 689 -57.60 -3.30 3.97
N GLY B 690 -57.69 -3.87 2.78
CA GLY B 690 -58.56 -3.33 1.75
C GLY B 690 -58.06 -2.05 1.12
N MET B 691 -56.76 -1.81 1.14
CA MET B 691 -56.19 -0.58 0.60
C MET B 691 -55.39 -0.79 -0.68
N PHE B 692 -55.25 -2.03 -1.15
CA PHE B 692 -54.53 -2.31 -2.38
C PHE B 692 -55.21 -3.46 -3.10
N HIS B 693 -55.15 -3.43 -4.43
CA HIS B 693 -55.67 -4.54 -5.22
C HIS B 693 -54.82 -5.78 -5.01
N TRP B 694 -55.48 -6.92 -4.84
CA TRP B 694 -54.80 -8.17 -4.53
C TRP B 694 -55.35 -9.27 -5.41
N CYS B 695 -54.49 -10.21 -5.77
CA CYS B 695 -54.88 -11.35 -6.59
C CYS B 695 -54.23 -12.61 -6.04
N ALA B 696 -54.72 -13.76 -6.49
CA ALA B 696 -54.15 -15.02 -6.05
C ALA B 696 -52.71 -15.16 -6.55
N PRO B 697 -51.82 -15.75 -5.76
CA PRO B 697 -50.43 -15.90 -6.19
C PRO B 697 -50.33 -16.76 -7.45
N LYS B 698 -49.41 -16.37 -8.34
CA LYS B 698 -49.20 -17.07 -9.60
C LYS B 698 -47.72 -17.29 -9.81
N GLU B 699 -47.39 -18.39 -10.49
CA GLU B 699 -46.01 -18.71 -10.79
C GLU B 699 -45.44 -17.74 -11.81
N ILE B 700 -44.10 -17.61 -11.79
CA ILE B 700 -43.44 -16.69 -12.71
C ILE B 700 -43.55 -17.15 -14.16
N GLU B 701 -43.78 -18.45 -14.40
CA GLU B 701 -43.90 -18.94 -15.76
C GLU B 701 -45.13 -18.42 -16.47
N LYS B 702 -46.17 -18.03 -15.72
CA LYS B 702 -47.39 -17.54 -16.36
C LYS B 702 -47.23 -16.12 -16.90
N VAL B 703 -46.35 -15.32 -16.32
CA VAL B 703 -46.24 -13.92 -16.72
C VAL B 703 -45.10 -13.65 -17.71
N ILE B 704 -44.16 -14.59 -17.86
CA ILE B 704 -43.07 -14.39 -18.80
C ILE B 704 -43.60 -14.47 -20.22
N LEU B 705 -43.29 -13.45 -21.03
CA LEU B 705 -43.74 -13.36 -22.41
C LEU B 705 -42.53 -13.43 -23.33
N THR B 706 -42.67 -14.20 -24.40
CA THR B 706 -41.66 -14.18 -25.46
C THR B 706 -41.86 -12.94 -26.33
N ARG B 707 -40.85 -12.67 -27.17
CA ARG B 707 -40.92 -11.49 -28.04
C ARG B 707 -42.10 -11.58 -29.00
N SER B 708 -42.30 -12.73 -29.62
CA SER B 708 -43.45 -12.92 -30.50
C SER B 708 -44.77 -12.83 -29.72
N GLU B 709 -44.82 -13.46 -28.54
CA GLU B 709 -46.05 -13.42 -27.75
C GLU B 709 -46.36 -12.01 -27.30
N ALA B 710 -45.34 -11.25 -26.88
CA ALA B 710 -45.54 -9.85 -26.55
C ALA B 710 -45.95 -9.03 -27.77
N ALA B 711 -45.51 -9.45 -28.97
CA ALA B 711 -45.95 -8.78 -30.18
C ALA B 711 -47.42 -9.04 -30.46
N MET B 712 -47.89 -10.26 -30.20
CA MET B 712 -49.29 -10.59 -30.46
C MET B 712 -50.23 -9.76 -29.60
N THR B 713 -49.94 -9.66 -28.30
CA THR B 713 -50.76 -8.84 -27.43
C THR B 713 -50.52 -7.37 -27.70
N VAL B 714 -51.55 -6.57 -27.49
CA VAL B 714 -51.52 -5.13 -27.76
C VAL B 714 -51.49 -4.40 -26.42
N LEU B 715 -50.42 -3.63 -26.21
CA LEU B 715 -50.24 -2.86 -24.98
C LEU B 715 -50.30 -1.39 -25.34
N SER B 716 -51.20 -0.66 -24.69
CA SER B 716 -51.33 0.78 -24.90
C SER B 716 -51.70 1.43 -23.57
N GLY B 717 -51.11 2.59 -23.30
CA GLY B 717 -51.32 3.26 -22.03
C GLY B 717 -50.81 2.47 -20.85
N HIS B 718 -49.63 1.87 -20.98
CA HIS B 718 -49.04 1.00 -19.96
C HIS B 718 -47.76 1.64 -19.42
N VAL B 719 -47.08 0.91 -18.55
CA VAL B 719 -45.82 1.34 -17.95
C VAL B 719 -44.76 0.30 -18.29
N VAL B 720 -43.61 0.77 -18.77
CA VAL B 720 -42.50 -0.11 -19.14
C VAL B 720 -41.34 0.21 -18.22
N VAL B 721 -40.92 -0.78 -17.43
CA VAL B 721 -39.82 -0.62 -16.49
C VAL B 721 -38.61 -1.36 -17.06
N CYS B 722 -37.63 -0.59 -17.55
CA CYS B 722 -36.41 -1.15 -18.11
C CYS B 722 -35.36 -1.24 -17.01
N ILE B 723 -34.96 -2.46 -16.67
CA ILE B 723 -34.12 -2.72 -15.50
C ILE B 723 -32.75 -3.20 -15.97
N PHE B 724 -31.70 -2.59 -15.44
CA PHE B 724 -30.33 -3.07 -15.61
C PHE B 724 -29.94 -3.82 -14.35
N GLY B 725 -30.05 -5.14 -14.39
CA GLY B 725 -29.77 -5.95 -13.21
C GLY B 725 -29.08 -7.23 -13.58
N ASP B 726 -28.33 -7.78 -12.62
CA ASP B 726 -27.61 -9.03 -12.78
C ASP B 726 -28.08 -10.02 -11.74
N VAL B 727 -27.57 -11.25 -11.81
CA VAL B 727 -27.94 -12.27 -10.85
C VAL B 727 -27.28 -12.03 -9.49
N SER B 728 -26.23 -11.22 -9.44
CA SER B 728 -25.49 -10.97 -8.21
C SER B 728 -25.41 -9.47 -7.91
N SER B 729 -26.53 -8.77 -8.07
CA SER B 729 -26.60 -7.34 -7.81
C SER B 729 -27.58 -7.06 -6.67
N ALA B 730 -27.43 -5.89 -6.07
CA ALA B 730 -28.29 -5.50 -4.96
C ALA B 730 -29.73 -5.31 -5.43
N LEU B 731 -30.67 -5.62 -4.53
CA LEU B 731 -32.08 -5.61 -4.88
C LEU B 731 -32.63 -4.19 -4.80
N ILE B 732 -33.31 -3.75 -5.85
CA ILE B 732 -33.95 -2.44 -5.83
C ILE B 732 -35.15 -2.44 -4.89
N GLY B 733 -35.98 -3.48 -4.95
CA GLY B 733 -37.19 -3.50 -4.16
C GLY B 733 -38.37 -2.95 -4.92
N LEU B 734 -38.66 -3.53 -6.08
CA LEU B 734 -39.66 -2.99 -7.00
C LEU B 734 -41.08 -3.05 -6.47
N ARG B 735 -41.33 -3.74 -5.35
CA ARG B 735 -42.64 -3.68 -4.73
C ARG B 735 -43.02 -2.24 -4.39
N ASN B 736 -42.03 -1.47 -3.90
CA ASN B 736 -42.25 -0.05 -3.60
C ASN B 736 -42.61 0.74 -4.83
N LEU B 737 -42.35 0.22 -6.03
CA LEU B 737 -42.79 0.83 -7.27
C LEU B 737 -44.17 0.36 -7.70
N VAL B 738 -44.54 -0.87 -7.36
CA VAL B 738 -45.80 -1.43 -7.83
C VAL B 738 -46.95 -1.14 -6.86
N MET B 739 -46.66 -1.07 -5.57
CA MET B 739 -47.71 -0.81 -4.60
C MET B 739 -48.43 0.54 -4.80
N PRO B 740 -47.76 1.67 -5.06
CA PRO B 740 -48.51 2.90 -5.35
C PRO B 740 -49.38 2.80 -6.59
N LEU B 741 -48.98 2.01 -7.59
CA LEU B 741 -49.75 1.87 -8.81
C LEU B 741 -50.89 0.86 -8.70
N ARG B 742 -51.04 0.20 -7.55
CA ARG B 742 -52.08 -0.80 -7.36
C ARG B 742 -52.99 -0.46 -6.19
N ALA B 743 -53.08 0.82 -5.82
CA ALA B 743 -53.92 1.21 -4.70
C ALA B 743 -55.40 1.10 -5.05
N SER B 744 -56.24 0.99 -4.02
CA SER B 744 -57.65 0.73 -4.20
C SER B 744 -58.45 1.95 -4.64
N ASN B 745 -57.89 3.15 -4.55
CA ASN B 745 -58.61 4.33 -5.04
C ASN B 745 -58.67 4.38 -6.56
N PHE B 746 -57.94 3.52 -7.24
CA PHE B 746 -58.06 3.32 -8.68
C PHE B 746 -59.01 2.17 -8.96
N HIS B 747 -59.88 2.35 -9.94
CA HIS B 747 -60.71 1.24 -10.39
C HIS B 747 -59.85 0.22 -11.12
N TYR B 748 -60.42 -0.98 -11.29
CA TYR B 748 -59.69 -2.06 -11.94
C TYR B 748 -59.38 -1.73 -13.39
N HIS B 749 -60.32 -1.10 -14.09
CA HIS B 749 -60.10 -0.76 -15.49
C HIS B 749 -59.13 0.40 -15.66
N GLU B 750 -58.88 1.20 -14.62
CA GLU B 750 -57.93 2.29 -14.69
C GLU B 750 -56.52 1.88 -14.31
N LEU B 751 -56.31 0.64 -13.91
CA LEU B 751 -54.97 0.18 -13.58
C LEU B 751 -54.11 0.09 -14.83
N LYS B 752 -52.87 0.55 -14.71
CA LYS B 752 -51.95 0.56 -15.83
C LYS B 752 -51.14 -0.74 -15.83
N HIS B 753 -51.10 -1.40 -16.98
CA HIS B 753 -50.32 -2.63 -17.11
C HIS B 753 -48.84 -2.31 -16.97
N ILE B 754 -48.12 -3.18 -16.26
CA ILE B 754 -46.71 -2.99 -15.98
C ILE B 754 -45.93 -4.11 -16.64
N VAL B 755 -44.92 -3.75 -17.42
CA VAL B 755 -44.06 -4.71 -18.10
C VAL B 755 -42.63 -4.46 -17.67
N PHE B 756 -42.03 -5.44 -17.00
CA PHE B 756 -40.64 -5.36 -16.57
C PHE B 756 -39.76 -5.95 -17.66
N VAL B 757 -39.00 -5.11 -18.35
CA VAL B 757 -38.08 -5.55 -19.39
C VAL B 757 -36.68 -5.60 -18.78
N GLY B 758 -36.10 -6.80 -18.75
CA GLY B 758 -34.78 -6.93 -18.17
C GLY B 758 -34.38 -8.38 -18.01
N SER B 759 -33.28 -8.58 -17.30
CA SER B 759 -32.74 -9.92 -17.09
C SER B 759 -33.72 -10.76 -16.27
N ILE B 760 -33.80 -12.04 -16.62
CA ILE B 760 -34.76 -12.92 -15.97
C ILE B 760 -34.28 -13.39 -14.61
N GLU B 761 -32.97 -13.46 -14.37
CA GLU B 761 -32.47 -13.93 -13.08
C GLU B 761 -32.83 -12.97 -11.95
N TYR B 762 -32.61 -11.67 -12.17
CA TYR B 762 -32.92 -10.67 -11.15
C TYR B 762 -34.41 -10.61 -10.88
N LEU B 763 -35.22 -10.73 -11.92
CA LEU B 763 -36.67 -10.75 -11.74
C LEU B 763 -37.13 -12.02 -11.04
N LYS B 764 -36.45 -13.14 -11.25
CA LYS B 764 -36.74 -14.33 -10.46
C LYS B 764 -36.40 -14.10 -8.99
N ARG B 765 -35.31 -13.39 -8.72
CA ARG B 765 -34.96 -13.09 -7.33
C ARG B 765 -36.03 -12.22 -6.67
N GLU B 766 -36.56 -11.23 -7.37
CA GLU B 766 -37.50 -10.31 -6.77
C GLU B 766 -38.97 -10.64 -7.04
N TRP B 767 -39.28 -11.75 -7.71
CA TRP B 767 -40.67 -12.07 -8.01
C TRP B 767 -41.46 -12.48 -6.77
N GLU B 768 -40.80 -12.98 -5.72
CA GLU B 768 -41.55 -13.49 -4.59
C GLU B 768 -42.20 -12.40 -3.74
N THR B 769 -41.93 -11.13 -4.03
CA THR B 769 -42.65 -10.01 -3.43
C THR B 769 -43.59 -9.32 -4.39
N LEU B 770 -43.73 -9.81 -5.62
CA LEU B 770 -44.57 -9.16 -6.63
C LEU B 770 -45.70 -10.04 -7.15
N HIS B 771 -45.75 -11.31 -6.79
CA HIS B 771 -46.68 -12.24 -7.41
C HIS B 771 -48.11 -12.13 -6.89
N ASN B 772 -48.44 -11.08 -6.13
CA ASN B 772 -49.79 -10.89 -5.63
C ASN B 772 -50.49 -9.71 -6.28
N PHE B 773 -49.90 -9.12 -7.32
CA PHE B 773 -50.50 -7.98 -7.99
C PHE B 773 -51.12 -8.40 -9.32
N PRO B 774 -52.23 -7.76 -9.71
CA PRO B 774 -53.05 -8.29 -10.82
C PRO B 774 -52.36 -8.32 -12.19
N LYS B 775 -51.88 -7.17 -12.66
CA LYS B 775 -51.43 -7.04 -14.05
C LYS B 775 -49.94 -6.68 -14.08
N VAL B 776 -49.10 -7.70 -14.09
CA VAL B 776 -47.65 -7.55 -14.19
C VAL B 776 -47.14 -8.60 -15.17
N SER B 777 -46.29 -8.19 -16.11
CA SER B 777 -45.71 -9.08 -17.09
C SER B 777 -44.21 -8.87 -17.19
N ILE B 778 -43.52 -9.87 -17.73
CA ILE B 778 -42.05 -9.91 -17.75
C ILE B 778 -41.58 -10.11 -19.17
N LEU B 779 -40.61 -9.31 -19.60
CA LEU B 779 -39.92 -9.49 -20.87
C LEU B 779 -38.44 -9.75 -20.59
N PRO B 780 -38.00 -11.01 -20.67
CA PRO B 780 -36.60 -11.36 -20.40
C PRO B 780 -35.66 -10.99 -21.56
N GLY B 781 -35.32 -9.71 -21.61
CA GLY B 781 -34.44 -9.22 -22.65
C GLY B 781 -33.43 -8.20 -22.13
N THR B 782 -33.16 -7.18 -22.94
CA THR B 782 -32.23 -6.13 -22.57
C THR B 782 -32.84 -4.77 -22.90
N PRO B 783 -32.77 -3.80 -22.00
CA PRO B 783 -33.28 -2.46 -22.33
C PRO B 783 -32.51 -1.78 -23.45
N LEU B 784 -31.31 -2.22 -23.77
CA LEU B 784 -30.50 -1.62 -24.82
C LEU B 784 -30.78 -2.22 -26.20
N SER B 785 -31.73 -3.14 -26.30
CA SER B 785 -32.08 -3.77 -27.56
C SER B 785 -33.37 -3.17 -28.10
N ARG B 786 -33.32 -2.71 -29.35
CA ARG B 786 -34.49 -2.05 -29.94
C ARG B 786 -35.61 -3.02 -30.24
N ALA B 787 -35.28 -4.30 -30.48
CA ALA B 787 -36.32 -5.28 -30.78
C ALA B 787 -37.25 -5.51 -29.59
N ASP B 788 -36.67 -5.60 -28.38
CA ASP B 788 -37.49 -5.77 -27.18
C ASP B 788 -38.37 -4.55 -26.94
N LEU B 789 -37.83 -3.35 -27.14
CA LEU B 789 -38.62 -2.14 -26.95
C LEU B 789 -39.71 -2.00 -27.99
N ARG B 790 -39.47 -2.49 -29.21
CA ARG B 790 -40.53 -2.46 -30.22
C ARG B 790 -41.58 -3.53 -29.96
N ALA B 791 -41.18 -4.65 -29.37
CA ALA B 791 -42.15 -5.71 -29.06
C ALA B 791 -43.11 -5.29 -27.96
N VAL B 792 -42.66 -4.42 -27.04
CA VAL B 792 -43.49 -4.00 -25.92
C VAL B 792 -44.26 -2.73 -26.23
N ASN B 793 -44.18 -2.23 -27.48
CA ASN B 793 -44.87 -1.02 -27.92
C ASN B 793 -44.48 0.19 -27.06
N ILE B 794 -43.19 0.54 -27.13
CA ILE B 794 -42.66 1.64 -26.34
C ILE B 794 -43.21 2.99 -26.81
N ASN B 795 -43.73 3.07 -28.03
CA ASN B 795 -44.30 4.33 -28.52
C ASN B 795 -45.71 4.58 -28.02
N LEU B 796 -46.32 3.61 -27.34
CA LEU B 796 -47.68 3.76 -26.82
C LEU B 796 -47.73 3.75 -25.31
N CYS B 797 -46.61 3.56 -24.63
CA CYS B 797 -46.61 3.50 -23.17
C CYS B 797 -46.86 4.86 -22.56
N ASP B 798 -47.49 4.85 -21.37
CA ASP B 798 -47.69 6.09 -20.64
C ASP B 798 -46.40 6.55 -19.96
N MET B 799 -45.51 5.63 -19.59
CA MET B 799 -44.25 6.01 -18.97
C MET B 799 -43.25 4.89 -19.14
N CYS B 800 -41.98 5.28 -19.33
CA CYS B 800 -40.85 4.36 -19.38
C CYS B 800 -39.91 4.74 -18.25
N VAL B 801 -39.71 3.82 -17.31
CA VAL B 801 -38.89 4.04 -16.13
C VAL B 801 -37.60 3.24 -16.29
N ILE B 802 -36.48 3.93 -16.36
CA ILE B 802 -35.18 3.30 -16.56
C ILE B 802 -34.48 3.24 -15.20
N LEU B 803 -34.26 2.02 -14.70
CA LEU B 803 -33.62 1.82 -13.41
C LEU B 803 -32.36 0.98 -13.58
N SER B 804 -31.34 1.28 -12.79
CA SER B 804 -30.08 0.56 -12.81
C SER B 804 -29.86 -0.07 -11.44
N ALA B 805 -30.03 -1.40 -11.37
CA ALA B 805 -29.78 -2.11 -10.13
C ALA B 805 -28.30 -2.22 -9.81
N ASN B 806 -27.43 -2.09 -10.82
CA ASN B 806 -25.99 -2.19 -10.62
C ASN B 806 -25.45 -0.89 -10.00
N GLN B 807 -25.83 -0.68 -8.75
CA GLN B 807 -25.39 0.48 -7.98
C GLN B 807 -24.07 0.24 -7.26
N ASN B 808 -23.29 -0.74 -7.72
CA ASN B 808 -22.00 -1.03 -7.08
C ASN B 808 -21.01 0.12 -7.28
N ASN B 809 -20.03 0.19 -6.38
CA ASN B 809 -19.06 1.27 -6.44
C ASN B 809 -18.15 1.11 -7.64
N ILE B 810 -17.87 2.24 -8.31
CA ILE B 810 -17.00 2.29 -9.48
C ILE B 810 -15.88 3.27 -9.17
N ASP B 811 -14.73 3.07 -9.81
CA ASP B 811 -13.58 3.94 -9.59
C ASP B 811 -13.92 5.40 -9.86
N ASP B 812 -14.73 5.66 -10.89
CA ASP B 812 -15.29 6.98 -11.15
C ASP B 812 -16.80 6.90 -10.97
N THR B 813 -17.33 7.72 -10.07
CA THR B 813 -18.77 7.69 -9.81
C THR B 813 -19.56 8.23 -10.99
N SER B 814 -19.00 9.18 -11.74
CA SER B 814 -19.70 9.75 -12.89
C SER B 814 -19.98 8.70 -13.97
N LEU B 815 -19.27 7.58 -13.96
CA LEU B 815 -19.50 6.51 -14.91
C LEU B 815 -20.54 5.50 -14.43
N GLN B 816 -21.19 5.76 -13.29
CA GLN B 816 -22.24 4.86 -12.83
C GLN B 816 -23.54 5.03 -13.59
N ASP B 817 -23.70 6.10 -14.37
CA ASP B 817 -24.94 6.39 -15.07
C ASP B 817 -24.87 6.10 -16.56
N LYS B 818 -23.84 5.36 -17.02
CA LYS B 818 -23.65 5.16 -18.45
C LYS B 818 -24.81 4.37 -19.06
N GLU B 819 -25.25 3.30 -18.41
CA GLU B 819 -26.30 2.46 -18.98
C GLU B 819 -27.60 3.23 -19.11
N CYS B 820 -27.97 4.01 -18.08
CA CYS B 820 -29.21 4.77 -18.12
C CYS B 820 -29.19 5.82 -19.22
N ILE B 821 -28.08 6.54 -19.37
CA ILE B 821 -28.00 7.58 -20.39
C ILE B 821 -28.02 6.96 -21.78
N LEU B 822 -27.29 5.86 -21.98
CA LEU B 822 -27.30 5.18 -23.27
C LEU B 822 -28.70 4.68 -23.61
N ALA B 823 -29.40 4.11 -22.63
CA ALA B 823 -30.76 3.64 -22.87
C ALA B 823 -31.70 4.80 -23.20
N SER B 824 -31.55 5.92 -22.50
CA SER B 824 -32.42 7.07 -22.75
C SER B 824 -32.20 7.62 -24.16
N LEU B 825 -30.94 7.76 -24.57
CA LEU B 825 -30.67 8.24 -25.92
C LEU B 825 -31.13 7.25 -26.98
N ASN B 826 -30.97 5.95 -26.71
CA ASN B 826 -31.44 4.93 -27.65
C ASN B 826 -32.95 5.00 -27.83
N ILE B 827 -33.69 5.18 -26.73
CA ILE B 827 -35.14 5.28 -26.82
C ILE B 827 -35.55 6.56 -27.54
N LYS B 828 -34.86 7.67 -27.26
CA LYS B 828 -35.20 8.92 -27.91
C LYS B 828 -34.90 8.90 -29.40
N SER B 829 -33.91 8.12 -29.83
CA SER B 829 -33.46 8.13 -31.22
C SER B 829 -34.22 7.15 -32.11
N MET B 830 -35.17 6.39 -31.56
CA MET B 830 -35.90 5.42 -32.36
C MET B 830 -36.89 6.12 -33.30
N GLN B 831 -37.35 5.38 -34.30
CA GLN B 831 -38.30 5.87 -35.28
C GLN B 831 -39.43 4.87 -35.43
N PHE B 832 -40.65 5.38 -35.61
CA PHE B 832 -41.84 4.56 -35.75
C PHE B 832 -42.67 5.06 -36.92
N ASP B 833 -43.50 4.17 -37.45
CA ASP B 833 -44.37 4.50 -38.57
C ASP B 833 -45.83 4.18 -38.23
N THR B 871 -43.97 9.79 -34.95
CA THR B 871 -43.14 9.14 -35.96
C THR B 871 -41.70 9.01 -35.47
N THR B 872 -41.44 9.55 -34.28
CA THR B 872 -40.10 9.49 -33.70
C THR B 872 -40.23 9.36 -32.19
N GLY B 873 -39.16 8.88 -31.57
CA GLY B 873 -39.15 8.59 -30.16
C GLY B 873 -38.84 9.74 -29.23
N VAL B 874 -38.69 10.95 -29.76
CA VAL B 874 -38.37 12.09 -28.90
C VAL B 874 -39.57 12.52 -28.07
N ASN B 875 -40.78 12.11 -28.46
CA ASN B 875 -42.00 12.45 -27.75
C ASN B 875 -42.41 11.40 -26.73
N ILE B 876 -41.63 10.33 -26.59
CA ILE B 876 -41.96 9.29 -25.61
C ILE B 876 -41.63 9.79 -24.21
N PRO B 877 -42.57 9.74 -23.27
CA PRO B 877 -42.28 10.21 -21.90
C PRO B 877 -41.49 9.16 -21.13
N ILE B 878 -40.29 9.55 -20.67
CA ILE B 878 -39.42 8.64 -19.94
C ILE B 878 -38.96 9.33 -18.65
N ILE B 879 -38.60 8.51 -17.67
CA ILE B 879 -38.02 8.97 -16.41
C ILE B 879 -36.75 8.18 -16.18
N THR B 880 -35.65 8.88 -15.91
CA THR B 880 -34.35 8.27 -15.76
C THR B 880 -33.81 8.54 -14.36
N GLU B 881 -33.46 7.47 -13.65
CA GLU B 881 -32.82 7.59 -12.35
C GLU B 881 -31.35 7.94 -12.54
N LEU B 882 -30.88 8.93 -11.79
CA LEU B 882 -29.50 9.40 -11.90
C LEU B 882 -28.83 9.38 -10.53
N VAL B 883 -27.56 8.99 -10.52
CA VAL B 883 -26.77 9.02 -9.30
C VAL B 883 -26.03 10.35 -9.16
N ASN B 884 -25.35 10.79 -10.20
CA ASN B 884 -24.64 12.06 -10.21
C ASN B 884 -25.53 13.14 -10.81
N ASP B 885 -25.56 14.31 -10.16
CA ASP B 885 -26.37 15.41 -10.66
C ASP B 885 -25.82 15.97 -11.96
N THR B 886 -24.49 16.07 -12.07
CA THR B 886 -23.86 16.73 -13.21
C THR B 886 -24.15 16.03 -14.53
N ASN B 887 -24.60 14.77 -14.49
CA ASN B 887 -24.92 14.04 -15.70
C ASN B 887 -26.29 14.38 -16.27
N VAL B 888 -27.10 15.19 -15.56
CA VAL B 888 -28.48 15.42 -15.99
C VAL B 888 -28.52 16.15 -17.33
N GLN B 889 -27.57 17.06 -17.56
CA GLN B 889 -27.53 17.79 -18.82
C GLN B 889 -27.18 16.89 -20.00
N PHE B 890 -26.72 15.66 -19.74
CA PHE B 890 -26.50 14.71 -20.81
C PHE B 890 -27.78 14.09 -21.32
N LEU B 891 -28.87 14.21 -20.56
CA LEU B 891 -30.15 13.62 -20.96
C LEU B 891 -30.94 14.50 -21.92
N ASP B 892 -30.48 15.71 -22.20
CA ASP B 892 -31.21 16.63 -23.05
C ASP B 892 -30.34 17.03 -24.24
N GLN B 893 -30.97 17.09 -25.42
CA GLN B 893 -30.25 17.39 -26.66
C GLN B 893 -30.24 18.88 -26.95
N ASP B 894 -31.42 19.48 -27.05
CA ASP B 894 -31.54 20.89 -27.42
C ASP B 894 -31.61 21.79 -26.18
N ASP B 895 -30.60 21.66 -25.33
CA ASP B 895 -30.48 22.49 -24.13
C ASP B 895 -29.40 23.53 -24.34
N ASP B 896 -29.76 24.80 -24.11
CA ASP B 896 -28.84 25.91 -24.17
C ASP B 896 -28.21 26.19 -22.81
N ASP B 897 -28.42 25.31 -21.83
CA ASP B 897 -27.92 25.53 -20.49
C ASP B 897 -26.40 25.53 -20.48
N ASP B 898 -25.84 26.47 -19.73
CA ASP B 898 -24.39 26.54 -19.56
C ASP B 898 -23.92 25.39 -18.68
N PRO B 899 -22.65 24.98 -18.82
CA PRO B 899 -22.15 23.85 -18.02
C PRO B 899 -22.19 24.07 -16.51
N ASP B 900 -22.22 25.33 -16.05
CA ASP B 900 -22.25 25.62 -14.62
C ASP B 900 -23.66 25.77 -14.08
N THR B 901 -24.68 25.47 -14.88
CA THR B 901 -26.07 25.56 -14.43
C THR B 901 -26.33 24.55 -13.32
N GLU B 902 -27.01 25.00 -12.27
CA GLU B 902 -27.31 24.12 -11.15
C GLU B 902 -28.39 23.11 -11.53
N LEU B 903 -28.57 22.11 -10.65
CA LEU B 903 -29.42 20.97 -10.98
C LEU B 903 -30.87 21.37 -11.22
N TYR B 904 -31.42 22.24 -10.37
CA TYR B 904 -32.84 22.53 -10.44
C TYR B 904 -33.21 23.46 -11.59
N LEU B 905 -32.24 24.06 -12.27
CA LEU B 905 -32.53 24.94 -13.39
C LEU B 905 -32.37 24.26 -14.74
N THR B 906 -31.84 23.04 -14.78
CA THR B 906 -31.72 22.31 -16.03
C THR B 906 -33.09 21.88 -16.55
N GLN B 907 -33.20 21.76 -17.88
CA GLN B 907 -34.45 21.33 -18.48
C GLN B 907 -34.88 19.93 -18.07
N PRO B 908 -34.02 18.90 -18.05
CA PRO B 908 -34.50 17.57 -17.62
C PRO B 908 -35.06 17.55 -16.20
N PHE B 909 -34.49 18.31 -15.28
CA PHE B 909 -35.04 18.37 -13.93
C PHE B 909 -36.34 19.17 -13.91
N ALA B 910 -36.36 20.31 -14.59
CA ALA B 910 -37.54 21.17 -14.58
C ALA B 910 -38.71 20.52 -15.30
N CYS B 911 -38.44 19.66 -16.28
CA CYS B 911 -39.49 18.98 -17.01
C CYS B 911 -39.93 17.68 -16.36
N GLY B 912 -39.22 17.23 -15.33
CA GLY B 912 -39.59 16.01 -14.64
C GLY B 912 -39.19 14.73 -15.33
N THR B 913 -38.32 14.80 -16.34
CA THR B 913 -37.88 13.62 -17.07
C THR B 913 -36.64 12.98 -16.46
N ALA B 914 -36.11 13.55 -15.37
CA ALA B 914 -34.95 12.99 -14.69
C ALA B 914 -35.15 13.11 -13.19
N PHE B 915 -34.84 12.03 -12.48
CA PHE B 915 -34.96 11.98 -11.02
C PHE B 915 -33.58 11.75 -10.42
N ALA B 916 -33.01 12.79 -9.82
CA ALA B 916 -31.73 12.69 -9.15
C ALA B 916 -31.96 12.28 -7.70
N VAL B 917 -31.31 11.20 -7.28
CA VAL B 917 -31.52 10.67 -5.94
C VAL B 917 -30.97 11.60 -4.86
N SER B 918 -30.09 12.52 -5.22
CA SER B 918 -29.49 13.41 -4.23
C SER B 918 -30.51 14.30 -3.53
N VAL B 919 -31.67 14.52 -4.14
CA VAL B 919 -32.71 15.31 -3.49
C VAL B 919 -33.17 14.64 -2.20
N LEU B 920 -33.07 13.31 -2.13
CA LEU B 920 -33.40 12.61 -0.88
C LEU B 920 -32.46 13.04 0.23
N ASP B 921 -31.19 13.27 -0.10
CA ASP B 921 -30.25 13.78 0.89
C ASP B 921 -30.67 15.15 1.40
N SER B 922 -31.40 15.91 0.60
CA SER B 922 -31.96 17.16 1.09
C SER B 922 -33.07 16.92 2.09
N LEU B 923 -33.86 15.88 1.88
CA LEU B 923 -35.06 15.65 2.68
C LEU B 923 -34.71 15.49 4.16
N MET B 924 -33.59 14.83 4.44
CA MET B 924 -33.12 14.69 5.82
C MET B 924 -33.05 16.04 6.52
N SER B 925 -32.43 17.03 5.87
CA SER B 925 -32.38 18.36 6.45
C SER B 925 -33.79 18.93 6.62
N ALA B 926 -34.63 18.75 5.60
CA ALA B 926 -36.01 19.20 5.70
C ALA B 926 -36.76 18.45 6.79
N THR B 927 -36.31 17.25 7.13
CA THR B 927 -36.92 16.51 8.23
C THR B 927 -36.50 17.05 9.58
N TYR B 928 -35.30 17.64 9.67
CA TYR B 928 -34.81 18.10 10.96
C TYR B 928 -35.59 19.32 11.45
N PHE B 929 -35.86 20.27 10.56
CA PHE B 929 -36.55 21.49 10.95
C PHE B 929 -38.06 21.31 11.05
N ASN B 930 -38.60 20.21 10.53
CA ASN B 930 -40.03 19.93 10.64
C ASN B 930 -40.23 18.44 10.44
N ASP B 931 -40.77 17.77 11.46
CA ASP B 931 -40.92 16.33 11.40
C ASP B 931 -42.23 15.88 10.75
N ASN B 932 -43.17 16.79 10.49
CA ASN B 932 -44.41 16.42 9.83
C ASN B 932 -44.27 16.34 8.32
N ILE B 933 -43.21 16.92 7.76
CA ILE B 933 -43.03 16.93 6.31
C ILE B 933 -42.82 15.52 5.79
N LEU B 934 -42.01 14.72 6.50
CA LEU B 934 -41.78 13.35 6.09
C LEU B 934 -43.06 12.53 6.13
N THR B 935 -43.86 12.72 7.17
CA THR B 935 -45.13 11.98 7.27
C THR B 935 -46.09 12.38 6.16
N LEU B 936 -46.16 13.69 5.84
CA LEU B 936 -47.01 14.14 4.74
C LEU B 936 -46.55 13.56 3.41
N ILE B 937 -45.23 13.55 3.17
CA ILE B 937 -44.70 12.98 1.95
C ILE B 937 -45.01 11.49 1.87
N ARG B 938 -44.83 10.77 2.98
CA ARG B 938 -45.08 9.33 2.99
C ARG B 938 -46.54 9.02 2.72
N THR B 939 -47.46 9.77 3.32
CA THR B 939 -48.88 9.51 3.10
C THR B 939 -49.37 10.00 1.75
N LEU B 940 -48.65 10.93 1.11
CA LEU B 940 -49.02 11.37 -0.22
C LEU B 940 -48.43 10.51 -1.32
N VAL B 941 -47.29 9.88 -1.07
CA VAL B 941 -46.50 9.25 -2.11
C VAL B 941 -46.65 7.74 -2.10
N THR B 942 -46.53 7.10 -0.93
CA THR B 942 -46.53 5.65 -0.87
C THR B 942 -47.91 5.04 -1.12
N GLY B 943 -48.95 5.85 -1.19
CA GLY B 943 -50.28 5.34 -1.45
C GLY B 943 -51.14 5.09 -0.23
N GLY B 944 -50.73 5.56 0.95
CA GLY B 944 -51.52 5.39 2.15
C GLY B 944 -51.18 4.14 2.93
N ALA B 945 -49.90 3.96 3.24
CA ALA B 945 -49.45 2.80 4.00
C ALA B 945 -49.69 3.05 5.48
N THR B 946 -50.77 2.51 6.01
CA THR B 946 -51.09 2.67 7.41
C THR B 946 -50.14 1.83 8.27
N PRO B 947 -49.90 2.24 9.53
CA PRO B 947 -49.03 1.43 10.40
C PRO B 947 -49.54 0.02 10.66
N GLU B 948 -50.85 -0.20 10.60
CA GLU B 948 -51.38 -1.55 10.73
C GLU B 948 -50.91 -2.42 9.57
N LEU B 949 -50.93 -1.89 8.35
CA LEU B 949 -50.38 -2.60 7.21
C LEU B 949 -48.88 -2.82 7.37
N GLU B 950 -48.18 -1.84 7.96
CA GLU B 950 -46.75 -1.99 8.23
C GLU B 950 -46.51 -3.17 9.16
N ALA B 951 -47.31 -3.27 10.23
CA ALA B 951 -47.16 -4.37 11.18
C ALA B 951 -47.50 -5.71 10.53
N LEU B 952 -48.54 -5.76 9.71
CA LEU B 952 -48.91 -7.00 9.03
C LEU B 952 -47.80 -7.46 8.08
N ILE B 953 -47.23 -6.52 7.33
CA ILE B 953 -46.15 -6.87 6.40
C ILE B 953 -44.91 -7.30 7.18
N ALA B 954 -44.64 -6.66 8.31
CA ALA B 954 -43.51 -7.08 9.14
C ALA B 954 -43.72 -8.49 9.67
N GLU B 955 -44.96 -8.83 10.05
CA GLU B 955 -45.24 -10.14 10.61
C GLU B 955 -45.14 -11.23 9.55
N GLU B 956 -45.75 -11.02 8.39
CA GLU B 956 -45.87 -12.09 7.41
C GLU B 956 -44.88 -11.99 6.25
N ASN B 957 -44.22 -10.85 6.08
CA ASN B 957 -43.27 -10.62 4.98
C ASN B 957 -43.94 -10.80 3.62
N ALA B 958 -45.24 -10.52 3.55
CA ALA B 958 -46.01 -10.65 2.31
C ALA B 958 -47.31 -9.89 2.48
N LEU B 959 -48.07 -9.82 1.40
CA LEU B 959 -49.38 -9.18 1.41
C LEU B 959 -50.46 -10.26 1.44
N ARG B 960 -51.34 -10.19 2.43
CA ARG B 960 -52.36 -11.19 2.64
C ARG B 960 -53.71 -10.66 2.17
N GLY B 961 -54.40 -11.46 1.36
CA GLY B 961 -55.71 -11.06 0.87
C GLY B 961 -56.79 -11.23 1.91
N GLY B 962 -57.97 -10.70 1.59
CA GLY B 962 -59.10 -10.78 2.49
C GLY B 962 -60.40 -10.50 1.78
N TYR B 963 -61.48 -10.97 2.38
CA TYR B 963 -62.80 -10.78 1.80
C TYR B 963 -63.29 -9.35 2.01
N SER B 964 -64.12 -8.89 1.09
CA SER B 964 -64.58 -7.50 1.12
C SER B 964 -65.62 -7.31 2.22
N THR B 965 -65.43 -6.27 3.03
CA THR B 965 -66.34 -5.87 4.08
C THR B 965 -66.64 -4.39 3.91
N PRO B 966 -67.76 -3.91 4.45
CA PRO B 966 -68.07 -2.47 4.35
C PRO B 966 -67.01 -1.57 4.94
N GLN B 967 -66.31 -2.02 5.98
CA GLN B 967 -65.24 -1.21 6.56
C GLN B 967 -64.09 -1.02 5.57
N THR B 968 -63.67 -2.11 4.90
CA THR B 968 -62.62 -2.01 3.91
C THR B 968 -63.04 -1.17 2.71
N LEU B 969 -64.30 -1.32 2.26
CA LEU B 969 -64.79 -0.52 1.14
C LEU B 969 -64.87 0.95 1.51
N ALA B 970 -65.19 1.27 2.78
CA ALA B 970 -65.13 2.65 3.22
C ALA B 970 -63.68 3.14 3.26
N ASN B 971 -62.75 2.27 3.67
CA ASN B 971 -61.34 2.61 3.65
C ASN B 971 -60.81 2.80 2.23
N ARG B 972 -61.49 2.26 1.23
CA ARG B 972 -61.07 2.41 -0.16
C ARG B 972 -61.14 3.86 -0.62
N ASP B 973 -62.07 4.65 -0.07
CA ASP B 973 -62.29 6.02 -0.52
C ASP B 973 -61.13 6.91 -0.08
N ARG B 974 -60.34 7.38 -1.03
CA ARG B 974 -59.23 8.29 -0.78
C ARG B 974 -59.18 9.31 -1.92
N CYS B 975 -58.08 10.04 -2.00
CA CYS B 975 -57.83 10.97 -3.08
C CYS B 975 -56.57 10.57 -3.83
N ARG B 976 -56.57 10.80 -5.14
CA ARG B 976 -55.50 10.35 -6.02
C ARG B 976 -54.95 11.52 -6.81
N VAL B 977 -53.67 11.42 -7.17
CA VAL B 977 -53.00 12.46 -7.95
C VAL B 977 -53.32 12.25 -9.43
N ALA B 978 -53.70 13.33 -10.11
CA ALA B 978 -54.03 13.23 -11.52
C ALA B 978 -53.68 14.54 -12.22
N GLN B 979 -53.64 14.48 -13.55
CA GLN B 979 -53.47 15.64 -14.41
C GLN B 979 -54.69 15.76 -15.31
N LEU B 980 -55.22 16.97 -15.43
CA LEU B 980 -56.37 17.23 -16.29
C LEU B 980 -56.01 18.22 -17.37
N ALA B 981 -56.63 18.04 -18.54
CA ALA B 981 -56.43 18.91 -19.69
C ALA B 981 -57.63 19.83 -19.86
N LEU B 982 -57.35 21.09 -20.19
CA LEU B 982 -58.40 22.09 -20.38
C LEU B 982 -58.92 22.16 -21.80
N LEU B 983 -58.54 21.21 -22.65
CA LEU B 983 -58.90 21.29 -24.06
C LEU B 983 -60.39 21.04 -24.28
N ASP B 984 -60.94 19.99 -23.65
CA ASP B 984 -62.31 19.58 -23.91
C ASP B 984 -63.11 19.31 -22.63
N GLY B 985 -62.56 19.61 -21.46
CA GLY B 985 -63.28 19.38 -20.22
C GLY B 985 -64.30 20.45 -19.96
N PRO B 986 -64.96 20.33 -18.80
CA PRO B 986 -65.92 21.38 -18.39
C PRO B 986 -65.28 22.73 -18.15
N PHE B 987 -63.96 22.78 -17.94
CA PHE B 987 -63.25 24.03 -17.70
C PHE B 987 -62.63 24.60 -18.98
N ALA B 988 -63.08 24.12 -20.15
CA ALA B 988 -62.47 24.55 -21.40
C ALA B 988 -62.69 26.04 -21.66
N ASP B 989 -63.90 26.54 -21.38
CA ASP B 989 -64.17 27.96 -21.57
C ASP B 989 -63.34 28.82 -20.64
N LEU B 990 -63.16 28.37 -19.40
CA LEU B 990 -62.35 29.11 -18.43
C LEU B 990 -60.86 29.03 -18.73
N GLY B 991 -60.43 28.00 -19.46
CA GLY B 991 -59.04 27.85 -19.81
C GLY B 991 -58.54 28.69 -20.95
N ASP B 992 -59.43 29.45 -21.61
CA ASP B 992 -59.04 30.31 -22.73
C ASP B 992 -58.79 31.72 -22.20
N GLY B 993 -57.60 31.91 -21.65
CA GLY B 993 -57.19 33.20 -21.13
C GLY B 993 -57.70 33.55 -19.75
N GLY B 994 -58.41 32.63 -19.09
CA GLY B 994 -58.95 32.91 -17.78
C GLY B 994 -57.90 32.85 -16.69
N CYS B 995 -58.31 33.24 -15.48
CA CYS B 995 -57.43 33.27 -14.33
C CYS B 995 -57.41 31.92 -13.62
N TYR B 996 -56.28 31.63 -12.97
CA TYR B 996 -56.13 30.35 -12.28
C TYR B 996 -57.02 30.27 -11.03
N GLY B 997 -57.23 31.40 -10.36
CA GLY B 997 -58.01 31.39 -9.14
C GLY B 997 -59.46 30.98 -9.36
N ASP B 998 -60.04 31.44 -10.47
CA ASP B 998 -61.41 31.02 -10.80
C ASP B 998 -61.48 29.52 -11.05
N LEU B 999 -60.49 28.98 -11.75
CA LEU B 999 -60.43 27.54 -11.97
C LEU B 999 -60.33 26.78 -10.66
N PHE B 1000 -59.46 27.25 -9.76
CA PHE B 1000 -59.30 26.60 -8.45
C PHE B 1000 -60.59 26.63 -7.67
N CYS B 1001 -61.25 27.79 -7.62
CA CYS B 1001 -62.49 27.91 -6.85
C CYS B 1001 -63.59 27.04 -7.43
N LYS B 1002 -63.73 27.03 -8.76
CA LYS B 1002 -64.76 26.21 -9.39
C LYS B 1002 -64.51 24.73 -9.17
N ALA B 1003 -63.25 24.28 -9.32
CA ALA B 1003 -62.93 22.88 -9.11
C ALA B 1003 -63.14 22.46 -7.66
N LEU B 1004 -62.79 23.31 -6.71
CA LEU B 1004 -62.95 22.96 -5.31
C LEU B 1004 -64.43 22.96 -4.91
N LYS B 1005 -65.22 23.90 -5.44
CA LYS B 1005 -66.62 23.99 -5.05
C LYS B 1005 -67.47 22.92 -5.72
N THR B 1006 -67.17 22.58 -6.98
CA THR B 1006 -68.04 21.67 -7.73
C THR B 1006 -67.68 20.21 -7.50
N TYR B 1007 -66.45 19.83 -7.85
CA TYR B 1007 -66.02 18.43 -7.81
C TYR B 1007 -65.13 18.11 -6.62
N ASN B 1008 -64.97 19.05 -5.68
CA ASN B 1008 -64.09 18.87 -4.51
C ASN B 1008 -62.68 18.51 -4.95
N MET B 1009 -62.20 19.19 -5.98
CA MET B 1009 -60.90 18.91 -6.59
C MET B 1009 -59.91 20.01 -6.23
N LEU B 1010 -58.73 19.60 -5.76
CA LEU B 1010 -57.72 20.53 -5.27
C LEU B 1010 -56.63 20.67 -6.32
N CYS B 1011 -56.65 21.79 -7.04
CA CYS B 1011 -55.62 22.09 -8.01
C CYS B 1011 -54.44 22.76 -7.33
N PHE B 1012 -53.23 22.23 -7.55
CA PHE B 1012 -52.06 22.75 -6.85
C PHE B 1012 -50.86 22.95 -7.77
N GLY B 1013 -51.07 23.07 -9.08
CA GLY B 1013 -49.96 23.31 -9.98
C GLY B 1013 -50.30 23.22 -11.45
N ILE B 1014 -49.51 23.91 -12.27
CA ILE B 1014 -49.70 23.94 -13.71
C ILE B 1014 -48.50 23.25 -14.36
N TYR B 1015 -48.76 22.52 -15.44
CA TYR B 1015 -47.73 21.82 -16.19
C TYR B 1015 -47.87 22.32 -17.63
N ARG B 1016 -46.93 23.15 -18.06
CA ARG B 1016 -47.10 24.03 -19.21
C ARG B 1016 -46.02 23.78 -20.26
N LEU B 1017 -46.41 23.82 -21.53
CA LEU B 1017 -45.46 23.64 -22.62
C LEU B 1017 -44.35 24.67 -22.56
N ARG B 1018 -43.14 24.23 -22.90
CA ARG B 1018 -41.97 25.10 -22.79
C ARG B 1018 -42.08 26.30 -23.72
N ASP B 1019 -42.56 26.09 -24.94
CA ASP B 1019 -42.66 27.16 -25.93
C ASP B 1019 -44.07 27.72 -26.03
N ALA B 1020 -44.81 27.74 -24.91
CA ALA B 1020 -46.15 28.31 -24.93
C ALA B 1020 -46.14 29.83 -24.97
N HIS B 1021 -45.12 30.46 -24.39
CA HIS B 1021 -45.05 31.91 -24.36
C HIS B 1021 -44.53 32.51 -25.66
N LEU B 1022 -43.92 31.69 -26.52
CA LEU B 1022 -43.38 32.19 -27.78
C LEU B 1022 -44.51 32.40 -28.79
N SER B 1023 -44.40 33.48 -29.57
CA SER B 1023 -45.39 33.77 -30.59
C SER B 1023 -45.32 32.77 -31.74
N THR B 1024 -44.11 32.41 -32.16
CA THR B 1024 -43.95 31.48 -33.26
C THR B 1024 -44.36 30.07 -32.83
N PRO B 1025 -44.97 29.29 -33.72
CA PRO B 1025 -45.29 27.90 -33.39
C PRO B 1025 -44.03 27.05 -33.27
N SER B 1026 -44.14 26.00 -32.45
CA SER B 1026 -43.03 25.10 -32.22
C SER B 1026 -43.53 23.67 -32.13
N GLN B 1027 -42.64 22.72 -32.39
CA GLN B 1027 -42.96 21.31 -32.34
C GLN B 1027 -42.51 20.65 -31.04
N CYS B 1028 -41.93 21.41 -30.12
CA CYS B 1028 -41.48 20.84 -28.85
C CYS B 1028 -42.67 20.54 -27.95
N THR B 1029 -42.72 19.30 -27.43
CA THR B 1029 -43.79 18.87 -26.55
C THR B 1029 -43.34 18.81 -25.09
N LYS B 1030 -42.15 19.31 -24.78
CA LYS B 1030 -41.68 19.32 -23.40
C LYS B 1030 -42.46 20.34 -22.59
N ARG B 1031 -42.74 20.00 -21.33
CA ARG B 1031 -43.48 20.86 -20.43
C ARG B 1031 -42.71 20.98 -19.11
N TYR B 1032 -42.86 22.13 -18.48
CA TYR B 1032 -42.25 22.41 -17.19
C TYR B 1032 -43.34 22.63 -16.14
N VAL B 1033 -42.90 22.78 -14.89
CA VAL B 1033 -43.77 22.74 -13.72
C VAL B 1033 -43.81 24.11 -13.08
N ILE B 1034 -45.02 24.60 -12.79
CA ILE B 1034 -45.24 25.82 -12.03
C ILE B 1034 -46.03 25.42 -10.79
N THR B 1035 -45.44 25.65 -9.61
CA THR B 1035 -46.01 25.20 -8.35
C THR B 1035 -46.78 26.34 -7.70
N ASN B 1036 -48.08 26.11 -7.46
CA ASN B 1036 -48.99 27.05 -6.80
C ASN B 1036 -48.95 28.43 -7.44
N PRO B 1037 -49.51 28.60 -8.64
CA PRO B 1037 -49.53 29.94 -9.24
C PRO B 1037 -50.49 30.85 -8.49
N PRO B 1038 -50.28 32.17 -8.55
CA PRO B 1038 -51.19 33.09 -7.85
C PRO B 1038 -52.59 33.14 -8.46
N TYR B 1039 -53.46 33.94 -7.85
CA TYR B 1039 -54.85 34.03 -8.31
C TYR B 1039 -54.93 34.64 -9.71
N GLU B 1040 -54.11 35.64 -9.99
CA GLU B 1040 -54.18 36.37 -11.25
C GLU B 1040 -53.37 35.73 -12.36
N PHE B 1041 -52.78 34.56 -12.13
CA PHE B 1041 -52.04 33.87 -13.17
C PHE B 1041 -52.97 33.46 -14.30
N GLU B 1042 -52.55 33.73 -15.53
CA GLU B 1042 -53.39 33.45 -16.70
C GLU B 1042 -53.24 31.99 -17.13
N LEU B 1043 -54.19 31.55 -17.95
CA LEU B 1043 -54.22 30.19 -18.45
C LEU B 1043 -54.21 30.18 -19.97
N VAL B 1044 -53.68 29.09 -20.52
CA VAL B 1044 -53.69 28.86 -21.97
C VAL B 1044 -54.35 27.51 -22.22
N PRO B 1045 -54.99 27.29 -23.36
CA PRO B 1045 -55.67 26.00 -23.59
C PRO B 1045 -54.73 24.81 -23.60
N THR B 1046 -53.45 25.01 -23.89
CA THR B 1046 -52.47 23.92 -23.92
C THR B 1046 -51.73 23.86 -22.59
N ASP B 1047 -52.48 23.51 -21.55
CA ASP B 1047 -51.95 23.38 -20.20
C ASP B 1047 -52.49 22.12 -19.56
N LEU B 1048 -51.75 21.60 -18.58
CA LEU B 1048 -52.24 20.53 -17.73
C LEU B 1048 -52.30 21.03 -16.29
N ILE B 1049 -53.27 20.53 -15.54
CA ILE B 1049 -53.49 20.95 -14.16
C ILE B 1049 -53.27 19.74 -13.26
N PHE B 1050 -52.35 19.88 -12.31
CA PHE B 1050 -52.21 18.90 -11.25
C PHE B 1050 -53.42 19.00 -10.32
N CYS B 1051 -53.93 17.85 -9.89
CA CYS B 1051 -55.11 17.86 -9.04
C CYS B 1051 -55.13 16.62 -8.16
N LEU B 1052 -55.86 16.74 -7.06
CA LEU B 1052 -56.16 15.62 -6.17
C LEU B 1052 -57.65 15.32 -6.33
N MET B 1053 -57.97 14.20 -6.97
CA MET B 1053 -59.34 13.86 -7.30
C MET B 1053 -59.87 12.84 -6.32
N GLN B 1054 -61.15 12.99 -5.96
CA GLN B 1054 -61.81 12.09 -5.03
C GLN B 1054 -62.15 10.77 -5.72
N PHE B 1055 -62.55 9.79 -4.91
CA PHE B 1055 -62.97 8.49 -5.41
C PHE B 1055 -64.49 8.44 -5.49
N ASP B 1056 -65.00 7.99 -6.63
CA ASP B 1056 -66.43 7.85 -6.85
C ASP B 1056 -66.73 6.49 -7.48
N SER B 1057 -67.84 5.89 -7.08
CA SER B 1057 -68.22 4.58 -7.59
C SER B 1057 -69.38 4.70 -8.58
N ARG C 20 61.64 34.81 -5.51
CA ARG C 20 60.54 33.87 -5.40
C ARG C 20 60.29 33.16 -6.73
N MET C 21 60.80 31.93 -6.84
CA MET C 21 60.70 31.14 -8.07
C MET C 21 59.59 30.10 -8.00
N TRP C 22 58.46 30.42 -7.36
CA TRP C 22 57.34 29.49 -7.30
C TRP C 22 56.78 29.22 -8.69
N TRP C 23 56.81 30.24 -9.57
CA TRP C 23 56.26 30.05 -10.91
C TRP C 23 57.07 29.04 -11.70
N ALA C 24 58.35 28.83 -11.35
CA ALA C 24 59.14 27.81 -12.02
C ALA C 24 58.55 26.42 -11.79
N PHE C 25 58.32 26.07 -10.52
CA PHE C 25 57.73 24.76 -10.20
C PHE C 25 56.31 24.67 -10.75
N LEU C 26 55.53 25.74 -10.58
CA LEU C 26 54.14 25.72 -11.04
C LEU C 26 54.07 25.54 -12.55
N ALA C 27 54.89 26.27 -13.30
CA ALA C 27 54.90 26.16 -14.75
C ALA C 27 55.45 24.82 -15.21
N SER C 28 56.41 24.25 -14.48
CA SER C 28 56.88 22.90 -14.82
C SER C 28 55.74 21.89 -14.72
N SER C 29 54.98 21.94 -13.62
CA SER C 29 53.85 21.04 -13.48
C SER C 29 52.79 21.30 -14.54
N MET C 30 52.50 22.59 -14.82
CA MET C 30 51.47 22.92 -15.79
C MET C 30 51.83 22.47 -17.20
N VAL C 31 53.08 22.67 -17.61
CA VAL C 31 53.47 22.21 -18.95
C VAL C 31 53.47 20.69 -18.99
N THR C 32 53.99 20.05 -17.93
CA THR C 32 54.01 18.59 -17.87
C THR C 32 52.63 17.98 -18.05
N PHE C 33 51.62 18.56 -17.42
CA PHE C 33 50.27 18.06 -17.59
C PHE C 33 49.67 18.49 -18.93
N PHE C 34 49.54 19.79 -19.15
CA PHE C 34 48.72 20.32 -20.23
C PHE C 34 49.36 20.07 -21.61
N GLY C 35 50.65 20.34 -21.75
CA GLY C 35 51.28 20.19 -23.07
C GLY C 35 51.31 18.73 -23.49
N GLY C 36 51.61 17.82 -22.56
CA GLY C 36 51.58 16.40 -22.89
C GLY C 36 50.18 15.92 -23.20
N LEU C 37 49.17 16.43 -22.48
CA LEU C 37 47.79 16.11 -22.82
C LEU C 37 47.46 16.58 -24.23
N PHE C 38 47.90 17.79 -24.58
CA PHE C 38 47.63 18.33 -25.91
C PHE C 38 48.29 17.50 -27.00
N ILE C 39 49.54 17.06 -26.78
CA ILE C 39 50.19 16.23 -27.80
C ILE C 39 49.55 14.85 -27.87
N ILE C 40 49.02 14.34 -26.76
CA ILE C 40 48.28 13.07 -26.82
C ILE C 40 47.02 13.23 -27.68
N LEU C 41 46.28 14.32 -27.46
CA LEU C 41 45.11 14.56 -28.30
C LEU C 41 45.48 14.74 -29.77
N LEU C 42 46.57 15.48 -30.03
CA LEU C 42 46.99 15.70 -31.40
C LEU C 42 47.38 14.40 -32.09
N TRP C 43 48.11 13.53 -31.38
CA TRP C 43 48.46 12.23 -31.94
C TRP C 43 47.23 11.35 -32.13
N ARG C 44 46.22 11.50 -31.26
CA ARG C 44 44.97 10.77 -31.44
C ARG C 44 44.26 11.22 -32.72
N THR C 45 44.29 12.53 -33.01
CA THR C 45 43.68 13.03 -34.24
C THR C 45 44.38 12.49 -35.48
N LEU C 46 45.68 12.25 -35.41
CA LEU C 46 46.42 11.71 -36.55
C LEU C 46 46.01 10.27 -36.82
N TRP C 93 53.33 -6.01 -31.25
CA TRP C 93 54.15 -6.50 -30.16
C TRP C 93 53.88 -5.71 -28.87
N MET C 94 53.37 -4.48 -29.04
CA MET C 94 53.06 -3.65 -27.89
C MET C 94 51.92 -4.21 -27.04
N THR C 95 51.07 -5.05 -27.62
CA THR C 95 50.02 -5.69 -26.84
C THR C 95 50.61 -6.63 -25.80
N SER C 96 51.71 -7.31 -26.14
CA SER C 96 52.34 -8.23 -25.19
C SER C 96 52.84 -7.48 -23.96
N VAL C 97 53.59 -6.40 -24.16
CA VAL C 97 54.10 -5.64 -23.03
C VAL C 97 52.96 -4.94 -22.28
N LYS C 98 51.90 -4.53 -23.00
CA LYS C 98 50.75 -3.93 -22.34
C LYS C 98 50.08 -4.92 -21.40
N ASP C 99 49.88 -6.16 -21.86
CA ASP C 99 49.28 -7.17 -21.01
C ASP C 99 50.21 -7.59 -19.87
N TRP C 100 51.52 -7.60 -20.13
CA TRP C 100 52.48 -7.87 -19.06
C TRP C 100 52.38 -6.83 -17.96
N ALA C 101 52.34 -5.55 -18.34
CA ALA C 101 52.20 -4.50 -17.34
C ALA C 101 50.85 -4.59 -16.63
N GLY C 102 49.79 -4.90 -17.37
CA GLY C 102 48.48 -5.01 -16.76
C GLY C 102 48.40 -6.12 -15.72
N VAL C 103 48.97 -7.29 -16.03
CA VAL C 103 48.97 -8.37 -15.06
C VAL C 103 49.96 -8.08 -13.93
N MET C 104 50.99 -7.27 -14.18
CA MET C 104 51.88 -6.85 -13.10
C MET C 104 51.17 -5.95 -12.10
N ILE C 105 50.39 -4.98 -12.59
CA ILE C 105 49.70 -4.04 -11.71
C ILE C 105 48.25 -4.47 -11.45
N SER C 106 47.89 -5.69 -11.79
CA SER C 106 46.54 -6.18 -11.53
C SER C 106 46.31 -6.35 -10.03
N ALA C 107 45.06 -6.13 -9.62
CA ALA C 107 44.70 -6.27 -8.22
C ALA C 107 44.85 -7.71 -7.74
N GLN C 108 44.45 -8.67 -8.57
CA GLN C 108 44.49 -10.07 -8.16
C GLN C 108 45.91 -10.59 -8.01
N THR C 109 46.86 -10.02 -8.76
CA THR C 109 48.25 -10.44 -8.64
C THR C 109 48.82 -10.05 -7.29
N LEU C 110 49.54 -10.98 -6.65
CA LEU C 110 50.14 -10.72 -5.35
C LEU C 110 51.16 -9.59 -5.44
N THR C 111 51.89 -9.52 -6.56
CA THR C 111 52.78 -8.38 -6.80
C THR C 111 52.00 -7.07 -6.79
N GLY C 112 50.81 -7.07 -7.41
CA GLY C 112 49.98 -5.88 -7.35
C GLY C 112 49.56 -5.51 -5.95
N ARG C 113 49.20 -6.51 -5.13
CA ARG C 113 48.80 -6.26 -3.75
C ARG C 113 49.94 -5.63 -2.97
N VAL C 114 51.12 -6.26 -2.99
CA VAL C 114 52.23 -5.74 -2.20
C VAL C 114 52.67 -4.39 -2.73
N LEU C 115 52.56 -4.16 -4.05
CA LEU C 115 53.02 -2.91 -4.61
C LEU C 115 52.07 -1.77 -4.28
N VAL C 116 50.75 -2.01 -4.29
CA VAL C 116 49.83 -0.95 -3.91
C VAL C 116 49.94 -0.66 -2.41
N VAL C 117 50.19 -1.68 -1.59
CA VAL C 117 50.44 -1.43 -0.18
C VAL C 117 51.71 -0.58 -0.01
N LEU C 118 52.74 -0.89 -0.79
CA LEU C 118 53.99 -0.15 -0.71
C LEU C 118 53.80 1.32 -1.12
N VAL C 119 53.07 1.56 -2.21
CA VAL C 119 52.90 2.93 -2.66
C VAL C 119 52.01 3.71 -1.69
N PHE C 120 51.01 3.06 -1.09
CA PHE C 120 50.21 3.73 -0.07
C PHE C 120 51.06 4.11 1.14
N ALA C 121 51.90 3.18 1.61
CA ALA C 121 52.75 3.45 2.75
C ALA C 121 53.73 4.57 2.46
N LEU C 122 54.29 4.59 1.24
CA LEU C 122 55.23 5.65 0.89
C LEU C 122 54.52 6.99 0.73
N SER C 123 53.26 6.98 0.29
CA SER C 123 52.48 8.22 0.27
C SER C 123 52.24 8.74 1.67
N ILE C 124 51.95 7.84 2.62
CA ILE C 124 51.81 8.26 4.02
C ILE C 124 53.12 8.85 4.53
N GLY C 125 54.25 8.21 4.21
CA GLY C 125 55.53 8.75 4.61
C GLY C 125 55.80 10.13 4.03
N ALA C 126 55.46 10.33 2.75
CA ALA C 126 55.63 11.64 2.13
C ALA C 126 54.74 12.69 2.79
N LEU C 127 53.52 12.30 3.17
CA LEU C 127 52.65 13.22 3.88
C LEU C 127 53.23 13.60 5.24
N VAL C 128 53.85 12.63 5.93
CA VAL C 128 54.51 12.93 7.20
C VAL C 128 55.67 13.89 6.99
N ILE C 129 56.44 13.68 5.93
CA ILE C 129 57.54 14.61 5.62
C ILE C 129 57.00 16.01 5.34
N TYR C 130 55.88 16.09 4.63
CA TYR C 130 55.25 17.39 4.39
C TYR C 130 54.82 18.05 5.69
N PHE C 131 54.26 17.27 6.62
CA PHE C 131 53.88 17.81 7.92
C PHE C 131 55.08 18.35 8.67
N ILE C 132 56.21 17.62 8.62
CA ILE C 132 57.42 18.09 9.27
C ILE C 132 57.93 19.38 8.62
N ASP C 133 57.94 19.42 7.29
CA ASP C 133 58.51 20.57 6.58
C ASP C 133 57.57 21.77 6.54
N SER C 134 56.31 21.61 6.93
CA SER C 134 55.38 22.75 6.93
C SER C 134 55.82 23.83 7.92
N SER C 135 56.50 23.43 9.01
CA SER C 135 56.99 24.42 9.96
C SER C 135 58.06 25.33 9.36
N ASN C 136 58.79 24.83 8.36
CA ASN C 136 59.80 25.63 7.69
C ASN C 136 59.14 26.70 6.83
N PRO C 137 59.89 27.74 6.46
CA PRO C 137 59.33 28.76 5.55
C PRO C 137 58.94 28.16 4.21
N ILE C 138 58.07 28.91 3.50
CA ILE C 138 57.48 28.40 2.26
C ILE C 138 58.56 28.17 1.20
N GLU C 139 59.48 29.12 1.04
CA GLU C 139 60.51 29.04 0.02
C GLU C 139 61.86 29.25 0.70
N SER C 140 62.69 28.20 0.69
CA SER C 140 64.00 28.24 1.32
C SER C 140 64.99 27.54 0.40
N CYS C 141 66.20 27.31 0.91
CA CYS C 141 67.25 26.63 0.15
C CYS C 141 67.85 25.52 0.99
N GLN C 142 68.24 24.43 0.33
CA GLN C 142 68.87 23.30 1.01
C GLN C 142 69.69 22.53 -0.02
N ASN C 143 70.53 21.63 0.49
CA ASN C 143 71.46 20.87 -0.34
C ASN C 143 71.06 19.39 -0.36
N PHE C 144 71.22 18.77 -1.52
CA PHE C 144 70.97 17.34 -1.65
C PHE C 144 71.92 16.53 -0.78
N TYR C 145 73.22 16.83 -0.85
CA TYR C 145 74.21 16.01 -0.15
C TYR C 145 74.17 16.27 1.36
N LYS C 146 73.81 17.49 1.77
CA LYS C 146 73.73 17.79 3.20
C LYS C 146 72.49 17.16 3.84
N ASP C 147 71.34 17.23 3.17
CA ASP C 147 70.07 16.81 3.74
C ASP C 147 69.72 15.40 3.24
N PHE C 148 69.60 14.47 4.18
CA PHE C 148 69.17 13.12 3.83
C PHE C 148 67.67 13.03 3.61
N THR C 149 66.89 13.88 4.29
CA THR C 149 65.43 13.82 4.17
C THR C 149 64.98 14.17 2.75
N LEU C 150 65.63 15.15 2.13
CA LEU C 150 65.30 15.49 0.76
C LEU C 150 65.62 14.36 -0.20
N GLN C 151 66.73 13.64 0.05
CA GLN C 151 67.06 12.46 -0.75
C GLN C 151 66.01 11.38 -0.58
N ILE C 152 65.54 11.17 0.65
CA ILE C 152 64.46 10.21 0.89
C ILE C 152 63.20 10.62 0.13
N ASP C 153 62.87 11.91 0.19
CA ASP C 153 61.67 12.41 -0.49
C ASP C 153 61.75 12.17 -2.00
N MET C 154 62.91 12.47 -2.60
CA MET C 154 63.01 12.25 -4.04
C MET C 154 63.10 10.78 -4.41
N ALA C 155 63.60 9.92 -3.50
CA ALA C 155 63.52 8.48 -3.74
C ALA C 155 62.07 8.02 -3.78
N PHE C 156 61.27 8.51 -2.84
CA PHE C 156 59.83 8.25 -2.85
C PHE C 156 59.22 8.73 -4.16
N ASN C 157 59.59 9.93 -4.59
CA ASN C 157 58.98 10.53 -5.78
C ASN C 157 59.38 9.80 -7.06
N VAL C 158 60.63 9.32 -7.15
CA VAL C 158 61.02 8.57 -8.33
C VAL C 158 60.38 7.18 -8.31
N PHE C 159 60.11 6.62 -7.14
CA PHE C 159 59.31 5.39 -7.09
C PHE C 159 57.91 5.64 -7.62
N PHE C 160 57.30 6.77 -7.22
CA PHE C 160 56.00 7.15 -7.78
C PHE C 160 56.09 7.34 -9.29
N LEU C 161 57.21 7.88 -9.76
CA LEU C 161 57.44 8.05 -11.19
C LEU C 161 57.44 6.71 -11.92
N LEU C 162 58.17 5.73 -11.38
CA LEU C 162 58.20 4.41 -11.99
C LEU C 162 56.83 3.76 -11.99
N TYR C 163 56.09 3.90 -10.89
CA TYR C 163 54.75 3.32 -10.86
C TYR C 163 53.80 4.03 -11.81
N PHE C 164 53.97 5.34 -12.01
CA PHE C 164 53.21 6.05 -13.02
C PHE C 164 53.51 5.51 -14.41
N GLY C 165 54.78 5.23 -14.69
CA GLY C 165 55.12 4.60 -15.96
C GLY C 165 54.47 3.24 -16.12
N LEU C 166 54.46 2.44 -15.05
CA LEU C 166 53.81 1.14 -15.09
C LEU C 166 52.33 1.25 -15.38
N ARG C 167 51.65 2.22 -14.76
CA ARG C 167 50.23 2.43 -15.09
C ARG C 167 50.05 2.85 -16.54
N PHE C 168 50.88 3.78 -17.02
CA PHE C 168 50.63 4.37 -18.32
C PHE C 168 50.87 3.36 -19.44
N ILE C 169 51.91 2.52 -19.30
CA ILE C 169 52.17 1.53 -20.34
C ILE C 169 51.06 0.48 -20.42
N ALA C 170 50.30 0.30 -19.34
CA ALA C 170 49.16 -0.61 -19.33
C ALA C 170 47.83 0.11 -19.48
N ALA C 171 47.84 1.41 -19.76
CA ALA C 171 46.60 2.17 -19.86
C ALA C 171 45.88 1.84 -21.16
N ASN C 172 44.59 1.51 -21.05
CA ASN C 172 43.80 1.20 -22.24
C ASN C 172 43.52 2.46 -23.07
N ASP C 173 43.20 3.56 -22.40
CA ASP C 173 42.96 4.84 -23.06
C ASP C 173 43.81 5.89 -22.37
N LYS C 174 44.53 6.68 -23.17
CA LYS C 174 45.45 7.67 -22.61
C LYS C 174 44.73 8.88 -22.04
N LEU C 175 43.58 9.26 -22.62
CA LEU C 175 42.87 10.44 -22.13
C LEU C 175 42.31 10.23 -20.73
N TRP C 176 41.59 9.13 -20.52
CA TRP C 176 40.97 8.89 -19.22
C TRP C 176 42.02 8.64 -18.14
N PHE C 177 43.11 7.96 -18.48
CA PHE C 177 44.20 7.81 -17.54
C PHE C 177 44.91 9.13 -17.29
N TRP C 178 44.91 10.03 -18.27
CA TRP C 178 45.54 11.34 -18.11
C TRP C 178 44.65 12.31 -17.35
N LEU C 179 43.37 11.99 -17.17
CA LEU C 179 42.46 12.87 -16.44
C LEU C 179 41.93 12.21 -15.17
N GLU C 180 42.81 11.57 -14.39
CA GLU C 180 42.44 10.99 -13.12
C GLU C 180 43.30 11.56 -12.00
N VAL C 181 42.93 11.24 -10.76
CA VAL C 181 43.48 11.92 -9.60
C VAL C 181 44.95 11.56 -9.38
N ASN C 182 45.30 10.28 -9.52
CA ASN C 182 46.68 9.87 -9.27
C ASN C 182 47.63 10.49 -10.28
N SER C 183 47.21 10.56 -11.55
CA SER C 183 48.05 11.17 -12.58
C SER C 183 48.33 12.63 -12.26
N VAL C 184 47.28 13.39 -11.92
CA VAL C 184 47.46 14.83 -11.72
C VAL C 184 48.25 15.10 -10.43
N VAL C 185 48.05 14.29 -9.39
CA VAL C 185 48.84 14.51 -8.17
C VAL C 185 50.31 14.17 -8.43
N ASP C 186 50.58 13.16 -9.26
CA ASP C 186 51.96 12.90 -9.64
C ASP C 186 52.54 14.06 -10.46
N PHE C 187 51.74 14.63 -11.36
CA PHE C 187 52.20 15.73 -12.20
C PHE C 187 52.54 16.95 -11.36
N PHE C 188 51.74 17.24 -10.33
CA PHE C 188 52.00 18.39 -9.48
C PHE C 188 52.89 18.07 -8.28
N THR C 189 53.34 16.82 -8.14
CA THR C 189 54.27 16.47 -7.09
C THR C 189 55.71 16.26 -7.56
N VAL C 190 55.92 15.44 -8.58
CA VAL C 190 57.27 14.96 -8.91
C VAL C 190 58.08 15.96 -9.73
N PRO C 191 57.55 16.61 -10.78
CA PRO C 191 58.32 17.67 -11.44
C PRO C 191 58.73 18.79 -10.49
N PRO C 192 57.90 19.20 -9.52
CA PRO C 192 58.42 20.16 -8.53
C PRO C 192 59.64 19.68 -7.76
N VAL C 193 59.71 18.40 -7.37
CA VAL C 193 60.88 17.98 -6.61
C VAL C 193 62.10 17.88 -7.53
N PHE C 194 61.91 17.52 -8.80
CA PHE C 194 63.05 17.55 -9.72
C PHE C 194 63.56 18.98 -9.95
N VAL C 195 62.65 19.94 -10.10
CA VAL C 195 63.09 21.33 -10.21
C VAL C 195 63.78 21.79 -8.93
N SER C 196 63.29 21.32 -7.77
CA SER C 196 63.90 21.68 -6.50
C SER C 196 65.33 21.16 -6.39
N VAL C 197 65.56 19.89 -6.77
CA VAL C 197 66.90 19.34 -6.67
C VAL C 197 67.81 19.96 -7.72
N TYR C 198 67.27 20.31 -8.89
CA TYR C 198 68.08 20.96 -9.91
C TYR C 198 68.52 22.36 -9.47
N LEU C 199 67.58 23.18 -9.01
CA LEU C 199 67.87 24.56 -8.66
C LEU C 199 68.35 24.73 -7.22
N ASN C 200 68.40 23.65 -6.45
CA ASN C 200 68.86 23.66 -5.05
C ASN C 200 68.05 24.62 -4.18
N ARG C 201 66.77 24.80 -4.51
CA ARG C 201 65.85 25.59 -3.71
C ARG C 201 64.57 24.79 -3.46
N SER C 202 64.09 24.83 -2.23
CA SER C 202 62.92 24.06 -1.82
C SER C 202 61.71 24.97 -1.68
N TRP C 203 60.62 24.59 -2.33
CA TRP C 203 59.34 25.29 -2.22
C TRP C 203 58.32 24.29 -1.72
N LEU C 204 57.45 24.75 -0.79
CA LEU C 204 56.48 23.85 -0.17
C LEU C 204 55.54 23.27 -1.21
N GLY C 205 55.06 24.11 -2.13
CA GLY C 205 54.32 23.61 -3.28
C GLY C 205 53.00 22.97 -2.92
N LEU C 206 52.66 21.92 -3.65
CA LEU C 206 51.40 21.21 -3.52
C LEU C 206 51.62 19.77 -3.06
N ARG C 207 52.54 19.59 -2.11
CA ARG C 207 52.83 18.24 -1.61
C ARG C 207 51.67 17.68 -0.80
N PHE C 208 50.87 18.56 -0.19
CA PHE C 208 49.72 18.12 0.59
C PHE C 208 48.73 17.31 -0.22
N LEU C 209 48.75 17.45 -1.54
CA LEU C 209 47.88 16.66 -2.41
C LEU C 209 48.11 15.16 -2.24
N ARG C 210 49.28 14.75 -1.74
CA ARG C 210 49.52 13.35 -1.46
C ARG C 210 48.50 12.76 -0.49
N ALA C 211 47.88 13.60 0.34
CA ALA C 211 46.85 13.12 1.26
C ALA C 211 45.68 12.48 0.53
N LEU C 212 45.48 12.84 -0.75
CA LEU C 212 44.42 12.20 -1.54
C LEU C 212 44.60 10.69 -1.64
N ARG C 213 45.83 10.18 -1.50
CA ARG C 213 46.04 8.74 -1.53
C ARG C 213 45.26 8.03 -0.43
N LEU C 214 44.90 8.75 0.65
CA LEU C 214 44.11 8.14 1.72
C LEU C 214 42.78 7.60 1.22
N ILE C 215 42.29 8.09 0.08
CA ILE C 215 41.03 7.58 -0.46
C ILE C 215 41.10 6.09 -0.74
N GLN C 216 42.28 5.57 -1.09
CA GLN C 216 42.37 4.14 -1.37
C GLN C 216 42.60 3.30 -0.12
N PHE C 217 42.66 3.94 1.07
CA PHE C 217 42.97 3.23 2.31
C PHE C 217 42.09 2.01 2.51
N SER C 218 40.78 2.16 2.28
CA SER C 218 39.85 1.05 2.49
C SER C 218 40.24 -0.17 1.67
N GLU C 219 40.67 0.04 0.42
CA GLU C 219 41.07 -1.07 -0.42
C GLU C 219 42.22 -1.86 0.21
N ILE C 220 43.16 -1.15 0.84
CA ILE C 220 44.25 -1.82 1.53
C ILE C 220 43.70 -2.71 2.64
N LEU C 221 42.72 -2.21 3.40
CA LEU C 221 42.11 -3.02 4.44
C LEU C 221 41.34 -4.19 3.85
N GLN C 222 40.92 -4.08 2.58
CA GLN C 222 40.31 -5.22 1.92
C GLN C 222 41.35 -6.24 1.49
N PHE C 223 42.57 -5.78 1.19
CA PHE C 223 43.62 -6.71 0.76
C PHE C 223 44.19 -7.48 1.93
N LEU C 224 44.27 -6.87 3.10
CA LEU C 224 44.78 -7.53 4.31
C LEU C 224 43.70 -8.30 5.05
N ASN C 225 42.50 -8.42 4.48
CA ASN C 225 41.37 -9.14 5.06
C ASN C 225 40.92 -8.54 6.40
N ILE C 226 41.28 -7.29 6.66
CA ILE C 226 40.80 -6.62 7.87
C ILE C 226 39.32 -6.31 7.76
N LEU C 227 38.88 -5.82 6.61
CA LEU C 227 37.48 -5.50 6.38
C LEU C 227 36.83 -6.60 5.55
N LYS C 228 35.72 -7.13 6.05
CA LYS C 228 34.99 -8.20 5.36
C LYS C 228 33.60 -7.77 4.92
N THR C 229 32.81 -7.19 5.82
CA THR C 229 31.46 -6.77 5.46
C THR C 229 31.50 -5.55 4.56
N SER C 230 30.41 -5.38 3.79
CA SER C 230 30.33 -4.27 2.84
C SER C 230 30.09 -2.95 3.56
N ASN C 231 29.30 -2.97 4.65
CA ASN C 231 29.01 -1.75 5.38
C ASN C 231 30.27 -1.14 5.98
N SER C 232 31.14 -1.98 6.52
CA SER C 232 32.40 -1.47 7.07
C SER C 232 33.26 -0.85 5.98
N ILE C 233 33.32 -1.48 4.81
CA ILE C 233 34.10 -0.94 3.70
C ILE C 233 33.55 0.41 3.27
N LYS C 234 32.21 0.53 3.17
CA LYS C 234 31.60 1.79 2.79
C LYS C 234 31.88 2.88 3.82
N LEU C 235 31.78 2.53 5.10
CA LEU C 235 32.05 3.51 6.17
C LEU C 235 33.49 3.98 6.14
N VAL C 236 34.44 3.04 5.97
CA VAL C 236 35.85 3.41 5.93
C VAL C 236 36.14 4.27 4.70
N ASN C 237 35.50 3.96 3.58
CA ASN C 237 35.69 4.76 2.37
C ASN C 237 35.18 6.19 2.59
N LEU C 238 34.01 6.33 3.19
CA LEU C 238 33.46 7.67 3.44
C LEU C 238 34.36 8.46 4.38
N LEU C 239 34.82 7.84 5.46
CA LEU C 239 35.70 8.53 6.39
C LEU C 239 37.01 8.92 5.72
N SER C 240 37.56 8.04 4.88
CA SER C 240 38.81 8.34 4.20
C SER C 240 38.65 9.53 3.25
N ILE C 241 37.54 9.57 2.51
CA ILE C 241 37.29 10.71 1.63
C ILE C 241 37.17 11.99 2.43
N PHE C 242 36.44 11.95 3.55
CA PHE C 242 36.26 13.15 4.37
C PHE C 242 37.60 13.66 4.91
N ILE C 243 38.42 12.76 5.46
CA ILE C 243 39.71 13.19 6.01
C ILE C 243 40.62 13.70 4.89
N SER C 244 40.63 13.04 3.74
CA SER C 244 41.51 13.46 2.66
C SER C 244 41.15 14.86 2.16
N THR C 245 39.85 15.13 1.95
CA THR C 245 39.48 16.45 1.47
C THR C 245 39.71 17.51 2.54
N TRP C 246 39.51 17.16 3.81
CA TRP C 246 39.82 18.08 4.90
C TRP C 246 41.29 18.48 4.87
N LEU C 247 42.19 17.49 4.79
CA LEU C 247 43.61 17.78 4.83
C LEU C 247 44.07 18.55 3.59
N THR C 248 43.55 18.22 2.40
CA THR C 248 44.02 18.94 1.22
C THR C 248 43.48 20.37 1.19
N ALA C 249 42.26 20.61 1.69
CA ALA C 249 41.76 21.98 1.80
C ALA C 249 42.61 22.77 2.80
N ALA C 250 42.97 22.14 3.92
CA ALA C 250 43.85 22.79 4.89
C ALA C 250 45.19 23.13 4.26
N GLY C 251 45.72 22.23 3.42
CA GLY C 251 46.97 22.50 2.75
C GLY C 251 46.89 23.69 1.80
N PHE C 252 45.81 23.75 1.01
CA PHE C 252 45.63 24.90 0.12
C PHE C 252 45.55 26.20 0.91
N ILE C 253 44.79 26.21 2.01
CA ILE C 253 44.68 27.43 2.81
C ILE C 253 46.02 27.82 3.40
N HIS C 254 46.77 26.84 3.92
CA HIS C 254 48.09 27.12 4.48
C HIS C 254 49.00 27.75 3.44
N LEU C 255 49.05 27.15 2.25
CA LEU C 255 49.92 27.66 1.20
C LEU C 255 49.53 29.09 0.81
N VAL C 256 48.24 29.32 0.57
CA VAL C 256 47.83 30.63 0.06
C VAL C 256 47.99 31.70 1.13
N GLU C 257 47.76 31.37 2.40
CA GLU C 257 47.88 32.37 3.45
C GLU C 257 49.33 32.67 3.78
N ASN C 258 50.19 31.67 3.83
CA ASN C 258 51.59 31.94 4.18
C ASN C 258 52.36 32.55 3.01
N SER C 259 51.99 32.23 1.77
CA SER C 259 52.70 32.79 0.63
C SER C 259 52.40 34.27 0.48
N GLY C 260 51.13 34.65 0.53
CA GLY C 260 50.72 36.02 0.33
C GLY C 260 50.23 36.28 -1.10
N ASP C 261 49.64 37.44 -1.29
CA ASP C 261 49.09 37.81 -2.59
C ASP C 261 50.20 38.16 -3.56
N PRO C 262 50.31 37.49 -4.70
CA PRO C 262 51.38 37.81 -5.65
C PRO C 262 51.33 39.24 -6.19
N TRP C 263 50.15 39.80 -6.39
CA TRP C 263 50.03 41.12 -7.00
C TRP C 263 50.27 42.26 -6.02
N GLU C 264 50.45 41.96 -4.74
CA GLU C 264 50.78 42.98 -3.74
C GLU C 264 52.18 42.77 -3.17
N ASN C 265 53.07 42.17 -3.96
CA ASN C 265 54.47 41.92 -3.58
C ASN C 265 54.59 41.08 -2.31
N PHE C 266 53.62 40.18 -2.10
CA PHE C 266 53.63 39.21 -1.01
C PHE C 266 53.76 39.89 0.36
N GLN C 267 53.07 41.01 0.53
CA GLN C 267 53.02 41.71 1.80
C GLN C 267 51.77 41.36 2.61
N ASN C 268 50.95 40.44 2.12
CA ASN C 268 49.73 40.03 2.81
C ASN C 268 49.91 38.74 3.59
N ASN C 269 51.15 38.29 3.79
CA ASN C 269 51.41 37.02 4.44
C ASN C 269 50.90 37.02 5.88
N GLN C 270 50.18 35.96 6.24
CA GLN C 270 49.67 35.78 7.59
C GLN C 270 50.26 34.48 8.14
N ALA C 271 50.98 34.58 9.26
CA ALA C 271 51.70 33.44 9.81
C ALA C 271 50.72 32.47 10.45
N LEU C 272 50.30 31.46 9.68
CA LEU C 272 49.42 30.42 10.17
C LEU C 272 50.10 29.08 10.05
N THR C 273 50.11 28.31 11.13
CA THR C 273 50.58 26.94 11.06
C THR C 273 49.56 26.08 10.30
N TYR C 274 50.02 24.91 9.85
CA TYR C 274 49.13 24.01 9.13
C TYR C 274 48.00 23.51 10.03
N TRP C 275 48.30 23.23 11.29
CA TRP C 275 47.29 22.74 12.21
C TRP C 275 46.25 23.81 12.53
N GLU C 276 46.66 25.08 12.55
CA GLU C 276 45.67 26.16 12.67
C GLU C 276 44.75 26.20 11.46
N CYS C 277 45.27 25.89 10.27
CA CYS C 277 44.42 25.84 9.10
C CYS C 277 43.46 24.65 9.16
N VAL C 278 43.92 23.52 9.70
CA VAL C 278 43.02 22.39 9.91
C VAL C 278 41.92 22.76 10.90
N TYR C 279 42.27 23.46 11.97
CA TYR C 279 41.28 23.93 12.93
C TYR C 279 40.29 24.90 12.28
N LEU C 280 40.80 25.81 11.44
CA LEU C 280 39.93 26.75 10.75
C LEU C 280 38.95 26.02 9.82
N LEU C 281 39.44 25.02 9.09
CA LEU C 281 38.56 24.25 8.20
C LEU C 281 37.50 23.49 8.99
N MET C 282 37.88 22.91 10.13
CA MET C 282 36.90 22.20 10.95
C MET C 282 35.85 23.15 11.51
N VAL C 283 36.26 24.34 11.96
CA VAL C 283 35.29 25.31 12.47
C VAL C 283 34.38 25.80 11.35
N THR C 284 34.93 25.97 10.14
CA THR C 284 34.12 26.46 9.03
C THR C 284 33.11 25.41 8.57
N MET C 285 33.55 24.17 8.38
CA MET C 285 32.66 23.14 7.84
C MET C 285 31.54 22.77 8.81
N SER C 286 31.70 23.04 10.10
CA SER C 286 30.63 22.83 11.06
C SER C 286 29.72 24.04 11.19
N THR C 287 29.96 25.09 10.39
CA THR C 287 29.17 26.32 10.39
C THR C 287 29.14 26.97 11.78
N VAL C 288 30.26 26.89 12.49
CA VAL C 288 30.38 27.55 13.79
C VAL C 288 30.92 28.95 13.57
N GLY C 289 32.12 29.05 13.04
CA GLY C 289 32.70 30.34 12.69
C GLY C 289 33.04 31.21 13.88
N TYR C 290 34.05 30.81 14.67
CA TYR C 290 34.47 31.65 15.79
C TYR C 290 35.00 32.99 15.31
N GLY C 291 35.80 32.98 14.26
CA GLY C 291 36.45 34.19 13.78
C GLY C 291 37.76 34.51 14.46
N ASP C 292 38.24 33.67 15.37
CA ASP C 292 39.56 33.88 15.97
C ASP C 292 40.66 33.76 14.93
N VAL C 293 40.56 32.78 14.05
CA VAL C 293 41.47 32.62 12.93
C VAL C 293 40.65 32.60 11.65
N TYR C 294 41.10 33.34 10.64
CA TYR C 294 40.36 33.44 9.39
C TYR C 294 41.32 33.85 8.29
N ALA C 295 40.81 33.82 7.06
CA ALA C 295 41.62 34.16 5.89
C ALA C 295 41.58 35.65 5.64
N LYS C 296 42.75 36.27 5.57
CA LYS C 296 42.86 37.71 5.32
C LYS C 296 43.22 38.04 3.88
N THR C 297 43.90 37.14 3.17
CA THR C 297 44.28 37.40 1.79
C THR C 297 43.06 37.24 0.87
N THR C 298 43.13 37.91 -0.29
CA THR C 298 42.03 37.86 -1.24
C THR C 298 41.86 36.46 -1.80
N LEU C 299 42.96 35.83 -2.23
CA LEU C 299 42.88 34.49 -2.80
C LEU C 299 42.47 33.48 -1.75
N GLY C 300 42.91 33.67 -0.50
CA GLY C 300 42.47 32.80 0.58
C GLY C 300 40.98 32.89 0.83
N ARG C 301 40.43 34.11 0.81
CA ARG C 301 39.00 34.29 1.00
C ARG C 301 38.21 33.69 -0.16
N LEU C 302 38.73 33.83 -1.39
CA LEU C 302 38.08 33.21 -2.53
C LEU C 302 38.07 31.69 -2.42
N PHE C 303 39.19 31.12 -1.98
CA PHE C 303 39.24 29.67 -1.75
C PHE C 303 38.28 29.26 -0.66
N MET C 304 38.15 30.07 0.40
CA MET C 304 37.21 29.75 1.46
C MET C 304 35.77 29.75 0.95
N VAL C 305 35.42 30.70 0.08
CA VAL C 305 34.08 30.73 -0.49
C VAL C 305 33.83 29.48 -1.31
N PHE C 306 34.80 29.10 -2.17
CA PHE C 306 34.63 27.89 -2.96
C PHE C 306 34.56 26.65 -2.09
N PHE C 307 35.35 26.60 -1.00
CA PHE C 307 35.30 25.44 -0.13
C PHE C 307 33.98 25.34 0.60
N ILE C 308 33.40 26.47 1.01
CA ILE C 308 32.09 26.43 1.66
C ILE C 308 31.04 25.89 0.69
N LEU C 309 31.04 26.41 -0.54
CA LEU C 309 30.07 25.94 -1.53
C LEU C 309 30.25 24.46 -1.83
N GLY C 310 31.50 24.03 -2.04
CA GLY C 310 31.75 22.64 -2.36
C GLY C 310 31.43 21.70 -1.20
N GLY C 311 31.72 22.14 0.02
CA GLY C 311 31.39 21.32 1.18
C GLY C 311 29.90 21.15 1.36
N LEU C 312 29.13 22.24 1.18
CA LEU C 312 27.68 22.11 1.26
C LEU C 312 27.14 21.20 0.17
N ALA C 313 27.65 21.34 -1.06
CA ALA C 313 27.19 20.47 -2.15
C ALA C 313 27.53 19.01 -1.88
N MET C 314 28.75 18.73 -1.43
CA MET C 314 29.14 17.36 -1.16
C MET C 314 28.35 16.75 -0.02
N PHE C 315 28.10 17.53 1.05
CA PHE C 315 27.32 17.01 2.16
C PHE C 315 25.89 16.72 1.72
N ALA C 316 25.30 17.61 0.91
CA ALA C 316 23.96 17.37 0.40
C ALA C 316 23.91 16.13 -0.49
N SER C 317 24.97 15.90 -1.26
CA SER C 317 25.01 14.71 -2.11
C SER C 317 25.17 13.44 -1.28
N TYR C 318 25.92 13.51 -0.18
CA TYR C 318 26.23 12.33 0.62
C TYR C 318 25.23 12.08 1.75
N VAL C 319 24.23 12.95 1.93
CA VAL C 319 23.17 12.67 2.92
C VAL C 319 22.52 11.29 2.74
N PRO C 320 22.11 10.87 1.53
CA PRO C 320 21.48 9.53 1.42
C PRO C 320 22.35 8.38 1.90
N GLU C 321 23.67 8.45 1.66
CA GLU C 321 24.54 7.40 2.15
C GLU C 321 24.63 7.43 3.68
N ILE C 322 24.60 8.61 4.29
CA ILE C 322 24.56 8.69 5.75
C ILE C 322 23.27 8.06 6.28
N ILE C 323 22.14 8.34 5.63
CA ILE C 323 20.88 7.74 6.04
C ILE C 323 20.92 6.22 5.90
N GLU C 324 21.54 5.73 4.82
CA GLU C 324 21.68 4.29 4.63
C GLU C 324 22.55 3.66 5.71
N LEU C 325 23.66 4.32 6.05
CA LEU C 325 24.54 3.79 7.10
C LEU C 325 23.85 3.79 8.46
N ILE C 326 23.08 4.83 8.77
CA ILE C 326 22.27 4.80 9.99
C ILE C 326 21.22 3.71 9.88
N GLY C 327 20.51 3.65 8.74
CA GLY C 327 19.57 2.59 8.49
C GLY C 327 18.33 2.67 9.38
N ASN C 328 17.50 1.64 9.26
CA ASN C 328 16.31 1.47 10.08
C ASN C 328 16.56 0.31 11.04
N ARG C 329 16.83 0.63 12.30
CA ARG C 329 17.12 -0.39 13.29
C ARG C 329 15.86 -1.19 13.60
N LYS C 330 16.03 -2.50 13.76
CA LYS C 330 14.92 -3.36 14.12
C LYS C 330 14.51 -3.10 15.56
N LYS C 331 13.25 -2.73 15.77
CA LYS C 331 12.80 -2.32 17.09
C LYS C 331 12.64 -3.51 18.03
N TYR C 332 12.13 -4.63 17.52
CA TYR C 332 11.81 -5.80 18.33
C TYR C 332 12.76 -6.96 18.04
N GLY C 333 14.04 -6.67 17.88
CA GLY C 333 15.07 -7.68 17.77
C GLY C 333 15.60 -8.09 19.12
N GLY C 334 16.81 -8.63 19.11
CA GLY C 334 17.46 -9.03 20.34
C GLY C 334 16.89 -10.31 20.92
N SER C 335 17.26 -10.57 22.16
CA SER C 335 16.85 -11.77 22.86
C SER C 335 16.45 -11.43 24.29
N TYR C 336 15.63 -12.29 24.87
CA TYR C 336 15.21 -12.10 26.26
C TYR C 336 16.37 -12.35 27.20
N SER C 337 16.51 -11.49 28.20
CA SER C 337 17.56 -11.59 29.20
C SER C 337 16.99 -12.22 30.46
N ALA C 338 17.51 -13.39 30.83
CA ALA C 338 16.99 -14.10 31.99
C ALA C 338 17.34 -13.37 33.28
N VAL C 339 16.38 -13.31 34.19
CA VAL C 339 16.55 -12.69 35.50
C VAL C 339 16.36 -13.78 36.55
N SER C 340 17.31 -13.90 37.46
CA SER C 340 17.24 -14.92 38.50
C SER C 340 16.07 -14.67 39.43
N GLY C 341 15.36 -15.76 39.77
CA GLY C 341 14.21 -15.68 40.65
C GLY C 341 12.93 -15.22 39.99
N ARG C 342 12.92 -15.05 38.67
CA ARG C 342 11.74 -14.57 37.95
C ARG C 342 11.47 -15.52 36.78
N LYS C 343 10.38 -16.27 36.88
CA LYS C 343 9.97 -17.15 35.79
C LYS C 343 9.35 -16.33 34.66
N HIS C 344 9.28 -16.95 33.48
CA HIS C 344 8.67 -16.31 32.33
C HIS C 344 7.80 -17.31 31.58
N ILE C 345 6.78 -16.79 30.92
CA ILE C 345 5.83 -17.57 30.14
C ILE C 345 5.90 -17.07 28.71
N VAL C 346 6.05 -18.00 27.76
CA VAL C 346 6.18 -17.65 26.35
C VAL C 346 4.81 -17.80 25.70
N VAL C 347 4.31 -16.73 25.11
CA VAL C 347 2.98 -16.69 24.49
C VAL C 347 3.16 -16.49 23.00
N CYS C 348 2.54 -17.38 22.21
CA CYS C 348 2.65 -17.35 20.76
C CYS C 348 1.29 -17.70 20.16
N GLY C 349 1.23 -17.68 18.83
CA GLY C 349 0.00 -17.99 18.13
C GLY C 349 -0.59 -16.78 17.42
N HIS C 350 -1.87 -16.52 17.67
CA HIS C 350 -2.57 -15.38 17.07
C HIS C 350 -2.55 -14.24 18.09
N ILE C 351 -1.60 -13.34 17.92
CA ILE C 351 -1.40 -12.22 18.84
C ILE C 351 -2.00 -10.97 18.21
N THR C 352 -3.16 -10.57 18.71
CA THR C 352 -3.85 -9.36 18.28
C THR C 352 -4.34 -8.61 19.53
N LEU C 353 -5.19 -7.62 19.31
CA LEU C 353 -5.61 -6.76 20.42
C LEU C 353 -6.52 -7.50 21.40
N GLU C 354 -7.52 -8.22 20.89
CA GLU C 354 -8.56 -8.78 21.75
C GLU C 354 -8.00 -9.87 22.66
N SER C 355 -7.29 -10.85 22.08
CA SER C 355 -6.81 -11.98 22.86
C SER C 355 -5.78 -11.53 23.90
N VAL C 356 -4.83 -10.70 23.49
CA VAL C 356 -3.82 -10.21 24.41
C VAL C 356 -4.46 -9.35 25.50
N SER C 357 -5.42 -8.51 25.13
CA SER C 357 -6.08 -7.66 26.11
C SER C 357 -6.79 -8.49 27.17
N ASN C 358 -7.56 -9.50 26.75
CA ASN C 358 -8.26 -10.35 27.71
C ASN C 358 -7.29 -11.16 28.57
N PHE C 359 -6.25 -11.73 27.95
CA PHE C 359 -5.33 -12.56 28.69
C PHE C 359 -4.52 -11.74 29.70
N LEU C 360 -4.11 -10.53 29.32
CA LEU C 360 -3.40 -9.66 30.27
C LEU C 360 -4.34 -9.13 31.34
N LYS C 361 -5.61 -8.90 31.00
CA LYS C 361 -6.56 -8.44 32.00
C LYS C 361 -6.78 -9.49 33.08
N ASP C 362 -6.90 -10.76 32.68
CA ASP C 362 -7.09 -11.80 33.70
C ASP C 362 -5.78 -12.15 34.40
N PHE C 363 -4.68 -12.21 33.66
CA PHE C 363 -3.42 -12.72 34.20
C PHE C 363 -2.77 -11.71 35.14
N LEU C 364 -2.75 -10.43 34.75
CA LEU C 364 -2.13 -9.37 35.54
C LEU C 364 -3.16 -8.60 36.36
N HIS C 365 -4.17 -9.30 36.88
CA HIS C 365 -5.18 -8.66 37.69
C HIS C 365 -4.59 -8.18 39.01
N LYS C 366 -5.13 -7.08 39.52
CA LYS C 366 -4.58 -6.46 40.73
C LYS C 366 -4.77 -7.35 41.96
N ASP C 367 -5.90 -8.04 42.04
CA ASP C 367 -6.18 -8.90 43.19
C ASP C 367 -5.40 -10.21 43.16
N ARG C 368 -4.68 -10.49 42.07
CA ARG C 368 -3.84 -11.68 42.01
C ARG C 368 -2.76 -11.61 43.09
N ASP C 369 -2.48 -12.75 43.71
CA ASP C 369 -1.41 -12.82 44.70
C ASP C 369 -0.07 -12.56 44.02
N ASP C 370 0.89 -12.05 44.81
CA ASP C 370 2.16 -11.60 44.24
C ASP C 370 2.92 -12.74 43.57
N VAL C 371 3.01 -12.69 42.25
CA VAL C 371 3.72 -13.67 41.46
C VAL C 371 4.78 -12.95 40.62
N ASN C 372 5.98 -13.50 40.61
CA ASN C 372 7.10 -12.88 39.88
C ASN C 372 7.24 -13.62 38.55
N VAL C 373 6.31 -13.34 37.64
CA VAL C 373 6.26 -13.98 36.33
C VAL C 373 6.22 -12.90 35.26
N GLU C 374 7.10 -13.02 34.26
CA GLU C 374 7.12 -12.14 33.11
C GLU C 374 6.50 -12.86 31.92
N ILE C 375 5.99 -12.08 30.96
CA ILE C 375 5.31 -12.62 29.79
C ILE C 375 6.05 -12.16 28.55
N VAL C 376 6.42 -13.11 27.69
CA VAL C 376 7.16 -12.83 26.46
C VAL C 376 6.29 -13.25 25.29
N PHE C 377 5.82 -12.27 24.51
CA PHE C 377 5.03 -12.52 23.32
C PHE C 377 5.95 -12.64 22.11
N LEU C 378 5.98 -13.83 21.50
CA LEU C 378 6.78 -14.06 20.31
C LEU C 378 5.87 -14.10 19.10
N HIS C 379 6.05 -13.16 18.18
CA HIS C 379 5.18 -13.12 17.01
C HIS C 379 5.88 -12.42 15.85
N ASN C 380 5.73 -12.98 14.65
CA ASN C 380 6.43 -12.45 13.49
C ASN C 380 5.84 -11.14 13.03
N ILE C 381 4.52 -10.98 13.12
CA ILE C 381 3.87 -9.75 12.66
C ILE C 381 4.13 -8.64 13.67
N SER C 382 4.65 -7.52 13.18
CA SER C 382 4.93 -6.39 14.06
C SER C 382 3.62 -5.79 14.59
N PRO C 383 3.60 -5.36 15.84
CA PRO C 383 2.35 -4.81 16.40
C PRO C 383 1.99 -3.47 15.79
N ASN C 384 0.69 -3.18 15.79
CA ASN C 384 0.20 -1.89 15.33
C ASN C 384 0.28 -0.88 16.47
N LEU C 385 -0.27 0.31 16.27
CA LEU C 385 -0.14 1.38 17.26
C LEU C 385 -0.85 1.03 18.56
N GLU C 386 -2.04 0.44 18.48
CA GLU C 386 -2.80 0.13 19.68
C GLU C 386 -2.12 -0.98 20.49
N LEU C 387 -1.62 -2.01 19.81
CA LEU C 387 -0.85 -3.04 20.50
C LEU C 387 0.42 -2.46 21.13
N GLU C 388 1.09 -1.56 20.42
CA GLU C 388 2.29 -0.94 20.98
C GLU C 388 1.96 -0.15 22.24
N ALA C 389 0.86 0.60 22.22
CA ALA C 389 0.43 1.32 23.42
C ALA C 389 0.10 0.36 24.56
N LEU C 390 -0.58 -0.74 24.24
CA LEU C 390 -0.94 -1.72 25.27
C LEU C 390 0.32 -2.34 25.89
N PHE C 391 1.32 -2.64 25.07
CA PHE C 391 2.58 -3.14 25.62
C PHE C 391 3.30 -2.08 26.44
N LYS C 392 3.20 -0.80 26.04
CA LYS C 392 3.80 0.27 26.83
C LYS C 392 3.14 0.41 28.20
N ARG C 393 1.83 0.19 28.29
CA ARG C 393 1.18 0.28 29.60
C ARG C 393 1.68 -0.79 30.56
N HIS C 394 2.12 -1.94 30.04
CA HIS C 394 2.67 -3.02 30.86
C HIS C 394 4.11 -3.30 30.48
N PHE C 395 4.91 -2.24 30.31
CA PHE C 395 6.30 -2.41 29.90
C PHE C 395 7.16 -3.05 30.98
N THR C 396 6.75 -2.98 32.25
CA THR C 396 7.54 -3.51 33.34
C THR C 396 7.39 -5.01 33.52
N GLN C 397 6.38 -5.64 32.91
CA GLN C 397 6.15 -7.07 33.06
C GLN C 397 5.99 -7.82 31.74
N VAL C 398 5.82 -7.13 30.62
CA VAL C 398 5.51 -7.75 29.34
C VAL C 398 6.53 -7.30 28.31
N GLU C 399 7.12 -8.26 27.60
CA GLU C 399 8.04 -7.98 26.51
C GLU C 399 7.55 -8.64 25.23
N PHE C 400 7.84 -8.01 24.10
CA PHE C 400 7.46 -8.52 22.79
C PHE C 400 8.71 -8.72 21.94
N TYR C 401 8.75 -9.82 21.21
CA TYR C 401 9.84 -10.12 20.29
C TYR C 401 9.27 -10.60 18.97
N GLN C 402 9.95 -10.23 17.89
CA GLN C 402 9.53 -10.57 16.54
C GLN C 402 10.25 -11.83 16.08
N GLY C 403 9.48 -12.83 15.66
CA GLY C 403 10.06 -14.08 15.23
C GLY C 403 8.98 -15.12 15.07
N SER C 404 9.42 -16.33 14.74
CA SER C 404 8.53 -17.45 14.49
C SER C 404 8.88 -18.60 15.42
N VAL C 405 7.85 -19.29 15.91
CA VAL C 405 8.06 -20.47 16.75
C VAL C 405 8.73 -21.58 15.95
N LEU C 406 8.35 -21.71 14.67
CA LEU C 406 8.88 -22.77 13.82
C LEU C 406 10.37 -22.62 13.54
N ASN C 407 10.97 -21.48 13.84
CA ASN C 407 12.41 -21.29 13.68
C ASN C 407 13.09 -21.56 15.00
N PRO C 408 13.96 -22.57 15.09
CA PRO C 408 14.62 -22.87 16.38
C PRO C 408 15.46 -21.73 16.93
N HIS C 409 16.04 -20.91 16.07
CA HIS C 409 16.84 -19.78 16.55
C HIS C 409 15.98 -18.80 17.34
N ASP C 410 14.78 -18.50 16.84
CA ASP C 410 13.87 -17.62 17.57
C ASP C 410 13.42 -18.24 18.88
N LEU C 411 13.26 -19.56 18.92
CA LEU C 411 12.99 -20.23 20.19
C LEU C 411 14.15 -20.07 21.16
N ALA C 412 15.38 -20.12 20.64
CA ALA C 412 16.55 -19.91 21.49
C ALA C 412 16.64 -18.48 21.99
N ARG C 413 16.17 -17.52 21.20
CA ARG C 413 16.23 -16.12 21.61
C ARG C 413 15.36 -15.84 22.83
N VAL C 414 14.18 -16.46 22.90
CA VAL C 414 13.23 -16.18 23.96
C VAL C 414 13.47 -17.09 25.15
N LYS C 415 14.56 -17.87 25.10
CA LYS C 415 14.93 -18.80 26.16
C LYS C 415 13.79 -19.78 26.48
N ILE C 416 13.33 -20.47 25.44
CA ILE C 416 12.24 -21.43 25.61
C ILE C 416 12.66 -22.63 26.45
N GLU C 417 13.97 -22.90 26.56
CA GLU C 417 14.45 -24.01 27.37
C GLU C 417 14.39 -23.71 28.85
N SER C 418 14.20 -22.45 29.25
CA SER C 418 14.07 -22.08 30.64
C SER C 418 12.69 -21.52 30.98
N ALA C 419 11.78 -21.48 30.01
CA ALA C 419 10.44 -20.97 30.26
C ALA C 419 9.63 -21.95 31.09
N ASP C 420 8.74 -21.41 31.92
CA ASP C 420 7.87 -22.26 32.73
C ASP C 420 6.79 -22.91 31.89
N ALA C 421 6.22 -22.17 30.93
CA ALA C 421 5.16 -22.71 30.11
C ALA C 421 5.06 -21.93 28.80
N CYS C 422 4.47 -22.58 27.81
CA CYS C 422 4.20 -21.97 26.51
C CYS C 422 2.70 -22.01 26.25
N LEU C 423 2.14 -20.86 25.92
CA LEU C 423 0.71 -20.69 25.71
C LEU C 423 0.47 -20.30 24.26
N ILE C 424 -0.33 -21.10 23.57
CA ILE C 424 -0.59 -20.91 22.14
C ILE C 424 -2.05 -20.47 21.98
N LEU C 425 -2.23 -19.27 21.44
CA LEU C 425 -3.54 -18.70 21.19
C LEU C 425 -3.95 -18.95 19.74
N ALA C 426 -5.24 -19.16 19.54
CA ALA C 426 -5.80 -19.50 18.24
C ALA C 426 -6.52 -18.30 17.63
N ASN C 427 -6.56 -18.27 16.31
CA ASN C 427 -7.30 -17.25 15.57
C ASN C 427 -8.76 -17.69 15.48
N LYS C 428 -9.60 -17.14 16.35
CA LYS C 428 -11.00 -17.56 16.41
C LYS C 428 -11.81 -17.11 15.20
N TYR C 429 -11.29 -16.20 14.39
CA TYR C 429 -12.00 -15.68 13.21
C TYR C 429 -11.15 -15.98 11.99
N CYS C 430 -11.33 -17.18 11.43
CA CYS C 430 -10.58 -17.61 10.26
C CYS C 430 -11.52 -18.29 9.29
N ALA C 431 -11.14 -18.25 8.00
CA ALA C 431 -11.96 -18.90 6.98
C ALA C 431 -11.97 -20.42 7.15
N ASP C 432 -10.82 -21.01 7.44
CA ASP C 432 -10.70 -22.46 7.61
C ASP C 432 -10.19 -22.79 9.00
N PRO C 433 -11.06 -23.25 9.90
CA PRO C 433 -10.58 -23.65 11.24
C PRO C 433 -9.59 -24.81 11.21
N ASP C 434 -9.71 -25.71 10.24
CA ASP C 434 -8.81 -26.85 10.17
C ASP C 434 -7.38 -26.42 9.91
N ALA C 435 -7.17 -25.42 9.05
CA ALA C 435 -5.83 -24.92 8.78
C ALA C 435 -5.22 -24.29 10.03
N GLU C 436 -6.01 -23.52 10.78
CA GLU C 436 -5.51 -22.94 12.02
C GLU C 436 -5.17 -24.01 13.05
N ASP C 437 -6.01 -25.04 13.14
CA ASP C 437 -5.72 -26.15 14.06
C ASP C 437 -4.44 -26.87 13.67
N ALA C 438 -4.25 -27.11 12.37
CA ALA C 438 -3.02 -27.77 11.91
C ALA C 438 -1.80 -26.91 12.19
N SER C 439 -1.91 -25.60 11.99
CA SER C 439 -0.80 -24.70 12.29
C SER C 439 -0.47 -24.72 13.78
N ASN C 440 -1.48 -24.71 14.65
CA ASN C 440 -1.23 -24.77 16.08
C ASN C 440 -0.60 -26.10 16.48
N ILE C 441 -1.06 -27.20 15.87
CA ILE C 441 -0.47 -28.51 16.17
C ILE C 441 0.97 -28.56 15.73
N MET C 442 1.29 -27.95 14.58
CA MET C 442 2.66 -27.94 14.12
C MET C 442 3.54 -27.06 15.01
N ARG C 443 2.99 -25.96 15.54
CA ARG C 443 3.72 -25.16 16.51
C ARG C 443 4.01 -25.97 17.78
N VAL C 444 3.02 -26.76 18.24
CA VAL C 444 3.24 -27.64 19.38
C VAL C 444 4.35 -28.65 19.08
N ILE C 445 4.32 -29.20 17.86
CA ILE C 445 5.34 -30.17 17.45
C ILE C 445 6.73 -29.54 17.48
N SER C 446 6.85 -28.32 16.96
CA SER C 446 8.14 -27.63 16.95
C SER C 446 8.63 -27.37 18.37
N ILE C 447 7.75 -26.88 19.24
CA ILE C 447 8.15 -26.56 20.61
C ILE C 447 8.58 -27.83 21.34
N LYS C 448 7.82 -28.91 21.20
CA LYS C 448 8.20 -30.15 21.86
C LYS C 448 9.44 -30.77 21.25
N ASN C 449 9.71 -30.49 19.98
CA ASN C 449 10.95 -30.96 19.37
C ASN C 449 12.16 -30.22 19.95
N TYR C 450 12.01 -28.91 20.19
CA TYR C 450 13.12 -28.16 20.79
C TYR C 450 13.35 -28.61 22.23
N HIS C 451 12.29 -28.67 23.04
CA HIS C 451 12.40 -29.05 24.43
C HIS C 451 11.23 -29.94 24.83
N PRO C 452 11.44 -31.25 24.96
CA PRO C 452 10.31 -32.17 25.19
C PRO C 452 9.69 -32.07 26.57
N LYS C 453 10.34 -31.42 27.53
CA LYS C 453 9.85 -31.38 28.91
C LYS C 453 9.07 -30.12 29.24
N ILE C 454 8.83 -29.25 28.26
CA ILE C 454 8.13 -28.00 28.53
C ILE C 454 6.64 -28.27 28.63
N ARG C 455 5.94 -27.42 29.39
CA ARG C 455 4.50 -27.52 29.55
C ARG C 455 3.82 -26.58 28.55
N ILE C 456 2.84 -27.12 27.82
CA ILE C 456 2.18 -26.40 26.74
C ILE C 456 0.69 -26.35 27.02
N ILE C 457 0.12 -25.16 26.93
CA ILE C 457 -1.33 -24.96 26.96
C ILE C 457 -1.72 -24.33 25.64
N THR C 458 -2.55 -25.01 24.86
CA THR C 458 -2.90 -24.58 23.52
C THR C 458 -4.40 -24.38 23.40
N GLN C 459 -4.79 -23.53 22.44
CA GLN C 459 -6.19 -23.33 22.10
C GLN C 459 -6.51 -24.06 20.81
N MET C 460 -7.58 -24.85 20.82
CA MET C 460 -8.01 -25.63 19.67
C MET C 460 -9.40 -25.18 19.27
N LEU C 461 -9.60 -24.96 17.96
CA LEU C 461 -10.88 -24.49 17.47
C LEU C 461 -11.88 -25.64 17.35
N GLN C 462 -11.55 -26.66 16.57
CA GLN C 462 -12.44 -27.79 16.34
C GLN C 462 -12.09 -28.95 17.26
N TYR C 463 -13.12 -29.69 17.64
CA TYR C 463 -12.95 -30.77 18.62
C TYR C 463 -12.29 -32.00 18.02
N HIS C 464 -12.53 -32.29 16.74
CA HIS C 464 -11.98 -33.49 16.12
C HIS C 464 -10.49 -33.38 15.84
N ASN C 465 -9.90 -32.19 16.00
CA ASN C 465 -8.48 -32.00 15.68
C ASN C 465 -7.58 -32.28 16.87
N LYS C 466 -8.08 -32.14 18.10
CA LYS C 466 -7.22 -32.31 19.27
C LYS C 466 -6.71 -33.74 19.42
N ALA C 467 -7.36 -34.71 18.77
CA ALA C 467 -6.85 -36.07 18.76
C ALA C 467 -5.47 -36.14 18.13
N HIS C 468 -5.17 -35.23 17.21
CA HIS C 468 -3.83 -35.16 16.63
C HIS C 468 -2.77 -34.93 17.69
N LEU C 469 -3.13 -34.23 18.77
CA LEU C 469 -2.18 -34.01 19.85
C LEU C 469 -1.78 -35.30 20.56
N LEU C 470 -2.57 -36.36 20.43
CA LEU C 470 -2.18 -37.65 20.97
C LEU C 470 -1.11 -38.34 20.14
N ASN C 471 -0.88 -37.88 18.90
CA ASN C 471 0.13 -38.50 18.05
C ASN C 471 1.53 -38.03 18.36
N ILE C 472 1.69 -36.95 19.12
CA ILE C 472 3.01 -36.47 19.51
C ILE C 472 3.49 -37.28 20.71
N PRO C 473 4.64 -37.94 20.61
CA PRO C 473 5.13 -38.74 21.75
C PRO C 473 5.44 -37.91 22.99
N SER C 474 5.89 -36.66 22.81
CA SER C 474 6.26 -35.82 23.94
C SER C 474 5.07 -35.15 24.60
N TRP C 475 3.88 -35.27 24.02
CA TRP C 475 2.68 -34.67 24.59
C TRP C 475 2.21 -35.53 25.76
N ASN C 476 2.50 -35.08 26.97
CA ASN C 476 2.13 -35.79 28.19
C ASN C 476 0.98 -35.04 28.85
N TRP C 477 -0.21 -35.62 28.80
CA TRP C 477 -1.37 -34.98 29.42
C TRP C 477 -1.28 -35.02 30.94
N LYS C 478 -0.70 -36.07 31.50
CA LYS C 478 -0.57 -36.19 32.96
C LYS C 478 0.44 -35.23 33.55
N GLU C 479 1.30 -34.63 32.74
CA GLU C 479 2.32 -33.70 33.22
C GLU C 479 1.90 -32.24 33.08
N GLY C 480 0.69 -31.97 32.62
CA GLY C 480 0.18 -30.61 32.56
C GLY C 480 -0.06 -30.04 31.19
N ASP C 481 0.28 -30.77 30.12
CA ASP C 481 -0.03 -30.29 28.78
C ASP C 481 -1.54 -30.32 28.55
N ASP C 482 -2.10 -29.20 28.10
CA ASP C 482 -3.54 -29.09 27.99
C ASP C 482 -3.93 -28.43 26.68
N ALA C 483 -5.08 -28.87 26.16
CA ALA C 483 -5.72 -28.27 24.99
C ALA C 483 -7.10 -27.79 25.40
N ILE C 484 -7.36 -26.51 25.20
CA ILE C 484 -8.65 -25.91 25.53
C ILE C 484 -9.42 -25.81 24.22
N CYS C 485 -10.50 -26.57 24.10
CA CYS C 485 -11.33 -26.56 22.90
C CYS C 485 -12.39 -25.49 23.06
N LEU C 486 -12.32 -24.45 22.22
CA LEU C 486 -13.24 -23.32 22.35
C LEU C 486 -14.67 -23.73 22.03
N ALA C 487 -14.86 -24.43 20.90
CA ALA C 487 -16.20 -24.81 20.47
C ALA C 487 -16.84 -25.78 21.45
N GLU C 488 -16.08 -26.79 21.88
CA GLU C 488 -16.62 -27.80 22.79
C GLU C 488 -17.02 -27.17 24.12
N LEU C 489 -16.13 -26.38 24.71
CA LEU C 489 -16.42 -25.75 26.00
C LEU C 489 -17.57 -24.76 25.89
N LYS C 490 -17.59 -23.95 24.84
CA LYS C 490 -18.65 -22.95 24.68
C LYS C 490 -20.01 -23.62 24.49
N LEU C 491 -20.10 -24.60 23.59
CA LEU C 491 -21.37 -25.25 23.35
C LEU C 491 -21.81 -26.10 24.55
N GLY C 492 -20.86 -26.66 25.28
CA GLY C 492 -21.21 -27.36 26.51
C GLY C 492 -21.75 -26.43 27.57
N PHE C 493 -21.13 -25.25 27.71
CA PHE C 493 -21.65 -24.25 28.63
C PHE C 493 -23.07 -23.85 28.26
N ILE C 494 -23.31 -23.64 26.96
CA ILE C 494 -24.65 -23.27 26.50
C ILE C 494 -25.65 -24.39 26.78
N ALA C 495 -25.25 -25.64 26.54
CA ALA C 495 -26.16 -26.76 26.79
C ALA C 495 -26.47 -26.92 28.27
N GLN C 496 -25.46 -26.78 29.13
CA GLN C 496 -25.70 -26.86 30.56
C GLN C 496 -26.56 -25.70 31.05
N SER C 497 -26.45 -24.53 30.43
CA SER C 497 -27.37 -23.45 30.73
C SER C 497 -28.77 -23.75 30.22
N CYS C 498 -28.88 -24.50 29.13
CA CYS C 498 -30.19 -24.95 28.67
C CYS C 498 -30.83 -25.86 29.69
N LEU C 499 -30.04 -26.76 30.28
CA LEU C 499 -30.57 -27.62 31.34
C LEU C 499 -30.90 -26.82 32.60
N ALA C 500 -30.08 -25.84 32.93
CA ALA C 500 -30.30 -25.01 34.12
C ALA C 500 -29.71 -23.63 33.85
N GLN C 501 -30.57 -22.64 33.68
CA GLN C 501 -30.12 -21.32 33.26
C GLN C 501 -29.27 -20.66 34.35
N GLY C 502 -28.31 -19.86 33.91
CA GLY C 502 -27.40 -19.17 34.80
C GLY C 502 -26.15 -19.94 35.17
N LEU C 503 -26.04 -21.21 34.74
CA LEU C 503 -24.86 -22.00 35.09
C LEU C 503 -23.61 -21.48 34.39
N SER C 504 -23.74 -20.98 33.17
CA SER C 504 -22.58 -20.44 32.47
C SER C 504 -22.00 -19.24 33.20
N THR C 505 -22.88 -18.35 33.71
CA THR C 505 -22.43 -17.21 34.48
C THR C 505 -21.71 -17.64 35.76
N MET C 506 -22.28 -18.62 36.46
CA MET C 506 -21.68 -19.13 37.69
C MET C 506 -20.29 -19.71 37.41
N LEU C 507 -20.17 -20.53 36.36
CA LEU C 507 -18.89 -21.12 36.03
C LEU C 507 -17.88 -20.06 35.61
N ALA C 508 -18.31 -19.09 34.80
CA ALA C 508 -17.39 -18.03 34.37
C ALA C 508 -16.90 -17.21 35.54
N ASN C 509 -17.77 -16.91 36.49
CA ASN C 509 -17.36 -16.20 37.70
C ASN C 509 -16.61 -17.08 38.68
N LEU C 510 -16.62 -18.41 38.48
CA LEU C 510 -16.01 -19.32 39.43
C LEU C 510 -14.52 -19.56 39.17
N PHE C 511 -14.01 -19.26 37.97
CA PHE C 511 -12.59 -19.37 37.70
C PHE C 511 -11.98 -18.08 37.19
N SER C 512 -12.67 -16.95 37.34
CA SER C 512 -12.16 -15.67 36.90
C SER C 512 -11.86 -14.78 38.10
N MET C 513 -10.81 -13.96 37.97
CA MET C 513 -10.41 -13.03 39.02
C MET C 513 -11.27 -11.79 38.91
N ARG C 514 -12.20 -11.63 39.83
CA ARG C 514 -13.12 -10.49 39.85
C ARG C 514 -12.84 -9.64 41.07
N SER C 515 -12.63 -8.34 40.86
CA SER C 515 -12.45 -7.43 41.97
C SER C 515 -13.74 -7.26 42.74
N PHE C 516 -13.63 -7.19 44.07
CA PHE C 516 -14.78 -7.08 44.94
C PHE C 516 -15.05 -5.62 45.28
N ILE C 517 -16.31 -5.22 45.18
CA ILE C 517 -16.74 -3.86 45.50
C ILE C 517 -17.78 -3.94 46.60
N LYS C 518 -17.63 -3.11 47.63
CA LYS C 518 -18.55 -3.11 48.75
C LYS C 518 -19.78 -2.30 48.40
N ILE C 519 -20.96 -2.92 48.51
CA ILE C 519 -22.24 -2.28 48.22
C ILE C 519 -23.06 -2.28 49.49
N GLU C 520 -23.56 -1.11 49.89
CA GLU C 520 -24.37 -0.97 51.08
C GLU C 520 -25.85 -0.80 50.79
N GLU C 521 -26.20 -0.29 49.61
CA GLU C 521 -27.60 -0.15 49.24
C GLU C 521 -28.23 -1.52 49.01
N ASP C 522 -29.52 -1.63 49.36
CA ASP C 522 -30.24 -2.89 49.25
C ASP C 522 -30.66 -3.09 47.80
N THR C 523 -29.71 -3.57 47.00
CA THR C 523 -29.94 -3.89 45.59
C THR C 523 -29.48 -5.33 45.34
N TRP C 524 -29.80 -5.83 44.15
CA TRP C 524 -29.38 -7.18 43.78
C TRP C 524 -27.88 -7.29 43.60
N GLN C 525 -27.20 -6.17 43.34
CA GLN C 525 -25.75 -6.21 43.12
C GLN C 525 -25.01 -6.67 44.36
N LYS C 526 -25.49 -6.33 45.56
CA LYS C 526 -24.78 -6.76 46.76
C LYS C 526 -24.88 -8.28 46.95
N TYR C 527 -26.06 -8.85 46.74
CA TYR C 527 -26.20 -10.31 46.88
C TYR C 527 -25.45 -11.04 45.78
N TYR C 528 -25.39 -10.46 44.59
CA TYR C 528 -24.60 -11.06 43.51
C TYR C 528 -23.10 -11.01 43.83
N LEU C 529 -22.63 -9.85 44.31
CA LEU C 529 -21.21 -9.67 44.60
C LEU C 529 -20.75 -10.47 45.80
N GLU C 530 -21.66 -10.84 46.71
CA GLU C 530 -21.28 -11.78 47.75
C GLU C 530 -20.85 -13.13 47.16
N GLY C 531 -21.55 -13.58 46.11
CA GLY C 531 -21.23 -14.84 45.50
C GLY C 531 -20.14 -14.81 44.44
N VAL C 532 -19.88 -13.64 43.87
CA VAL C 532 -18.82 -13.54 42.85
C VAL C 532 -17.46 -13.93 43.40
N SER C 533 -17.22 -13.70 44.69
CA SER C 533 -15.87 -13.77 45.24
C SER C 533 -15.28 -15.17 45.32
N ASN C 534 -16.08 -16.21 45.06
CA ASN C 534 -15.61 -17.57 45.27
C ASN C 534 -14.74 -18.05 44.11
N GLU C 535 -13.95 -19.08 44.39
CA GLU C 535 -13.04 -19.68 43.42
C GLU C 535 -12.96 -21.19 43.66
N MET C 536 -12.40 -21.89 42.68
CA MET C 536 -12.14 -23.32 42.80
C MET C 536 -10.74 -23.57 43.36
N TYR C 537 -10.61 -24.64 44.14
CA TYR C 537 -9.32 -25.07 44.65
C TYR C 537 -9.28 -26.59 44.70
N THR C 538 -8.07 -27.13 44.70
CA THR C 538 -7.84 -28.56 44.81
C THR C 538 -6.99 -28.85 46.03
N GLU C 539 -7.36 -29.88 46.79
CA GLU C 539 -6.62 -30.17 48.01
C GLU C 539 -6.75 -31.65 48.34
N TYR C 540 -5.69 -32.22 48.92
CA TYR C 540 -5.72 -33.59 49.36
C TYR C 540 -6.45 -33.70 50.69
N LEU C 541 -7.42 -34.60 50.75
CA LEU C 541 -8.18 -34.80 51.98
C LEU C 541 -7.28 -35.41 53.05
N SER C 542 -7.52 -35.02 54.30
CA SER C 542 -6.75 -35.55 55.42
C SER C 542 -7.11 -37.02 55.65
N SER C 543 -6.22 -37.71 56.38
CA SER C 543 -6.41 -39.12 56.68
C SER C 543 -7.58 -39.37 57.63
N ALA C 544 -8.13 -38.32 58.25
CA ALA C 544 -9.27 -38.50 59.15
C ALA C 544 -10.55 -38.84 58.39
N PHE C 545 -10.65 -38.47 57.11
CA PHE C 545 -11.85 -38.72 56.32
C PHE C 545 -11.86 -40.08 55.66
N VAL C 546 -10.80 -40.88 55.81
CA VAL C 546 -10.74 -42.16 55.11
C VAL C 546 -11.78 -43.12 55.69
N GLY C 547 -12.32 -43.97 54.82
CA GLY C 547 -13.33 -44.92 55.22
C GLY C 547 -14.74 -44.36 55.37
N LEU C 548 -14.94 -43.08 55.08
CA LEU C 548 -16.24 -42.43 55.23
C LEU C 548 -16.85 -42.17 53.86
N SER C 549 -18.18 -42.14 53.83
CA SER C 549 -18.90 -41.86 52.59
C SER C 549 -18.74 -40.40 52.21
N PHE C 550 -18.87 -40.13 50.90
CA PHE C 550 -18.75 -38.77 50.40
C PHE C 550 -19.78 -37.81 50.99
N PRO C 551 -21.07 -38.15 51.12
CA PRO C 551 -22.00 -37.20 51.76
C PRO C 551 -21.60 -36.80 53.16
N THR C 552 -21.08 -37.75 53.96
CA THR C 552 -20.68 -37.44 55.32
C THR C 552 -19.51 -36.45 55.34
N VAL C 553 -18.51 -36.70 54.51
CA VAL C 553 -17.35 -35.82 54.45
C VAL C 553 -17.75 -34.44 53.95
N CYS C 554 -18.63 -34.39 52.94
CA CYS C 554 -19.09 -33.11 52.43
C CYS C 554 -19.86 -32.32 53.49
N GLU C 555 -20.70 -33.03 54.26
CA GLU C 555 -21.44 -32.36 55.33
C GLU C 555 -20.50 -31.83 56.40
N LEU C 556 -19.49 -32.61 56.78
CA LEU C 556 -18.54 -32.13 57.78
C LEU C 556 -17.74 -30.93 57.27
N CYS C 557 -17.37 -30.94 55.98
CA CYS C 557 -16.65 -29.80 55.43
C CYS C 557 -17.53 -28.55 55.37
N PHE C 558 -18.81 -28.72 55.03
CA PHE C 558 -19.67 -27.55 54.90
C PHE C 558 -20.03 -26.96 56.26
N VAL C 559 -20.42 -27.82 57.21
CA VAL C 559 -20.90 -27.33 58.50
C VAL C 559 -19.74 -26.76 59.32
N LYS C 560 -18.63 -27.48 59.38
CA LYS C 560 -17.53 -27.13 60.27
C LYS C 560 -16.43 -26.34 59.56
N LEU C 561 -15.92 -26.84 58.44
CA LEU C 561 -14.81 -26.19 57.77
C LEU C 561 -15.23 -25.06 56.85
N LYS C 562 -16.55 -24.85 56.67
CA LYS C 562 -17.09 -23.79 55.80
C LYS C 562 -16.57 -23.93 54.38
N LEU C 563 -16.49 -25.17 53.89
CA LEU C 563 -16.02 -25.45 52.54
C LEU C 563 -17.03 -26.32 51.80
N LEU C 564 -17.23 -26.02 50.53
CA LEU C 564 -18.15 -26.78 49.68
C LEU C 564 -17.33 -27.68 48.78
N MET C 565 -17.38 -28.99 49.05
CA MET C 565 -16.65 -29.97 48.26
C MET C 565 -17.54 -30.48 47.13
N ILE C 566 -17.07 -30.35 45.90
CA ILE C 566 -17.86 -30.67 44.72
C ILE C 566 -17.56 -32.06 44.20
N ALA C 567 -16.28 -32.36 43.94
CA ALA C 567 -15.90 -33.59 43.26
C ALA C 567 -14.67 -34.18 43.92
N ILE C 568 -14.45 -35.47 43.66
CA ILE C 568 -13.27 -36.17 44.14
C ILE C 568 -12.63 -36.95 43.01
N GLU C 569 -11.30 -36.98 42.98
CA GLU C 569 -10.57 -37.71 41.95
C GLU C 569 -10.35 -39.13 42.42
N TYR C 570 -11.23 -40.04 41.99
CA TYR C 570 -11.13 -41.44 42.37
C TYR C 570 -10.05 -42.11 41.53
N LYS C 571 -9.07 -42.72 42.20
CA LYS C 571 -7.96 -43.37 41.55
C LYS C 571 -8.06 -44.87 41.74
N SER C 572 -8.06 -45.62 40.64
CA SER C 572 -8.09 -47.07 40.68
C SER C 572 -7.08 -47.62 39.68
N ALA C 573 -6.46 -48.73 40.04
CA ALA C 573 -5.49 -49.36 39.14
C ALA C 573 -6.15 -49.92 37.89
N ASN C 574 -7.47 -50.13 37.91
CA ASN C 574 -8.16 -50.70 36.76
C ASN C 574 -8.28 -49.70 35.62
N ARG C 575 -8.68 -48.46 35.92
CA ARG C 575 -9.00 -47.48 34.89
C ARG C 575 -8.41 -46.12 35.23
N GLU C 576 -7.19 -46.10 35.76
CA GLU C 576 -6.40 -44.89 36.03
C GLU C 576 -7.21 -44.00 36.99
N SER C 577 -7.25 -42.69 36.78
CA SER C 577 -7.93 -41.76 37.67
C SER C 577 -9.09 -41.10 36.94
N ARG C 578 -10.21 -40.92 37.63
CA ARG C 578 -11.40 -40.34 37.05
C ARG C 578 -12.06 -39.42 38.08
N ILE C 579 -12.53 -38.26 37.62
CA ILE C 579 -13.18 -37.31 38.52
C ILE C 579 -14.65 -37.70 38.67
N LEU C 580 -15.08 -37.86 39.92
CA LEU C 580 -16.46 -38.18 40.23
C LEU C 580 -17.12 -36.93 40.82
N ILE C 581 -18.21 -36.49 40.19
CA ILE C 581 -18.94 -35.30 40.59
C ILE C 581 -20.05 -35.74 41.54
N ASN C 582 -19.90 -35.41 42.83
CA ASN C 582 -20.87 -35.71 43.87
C ASN C 582 -21.25 -37.19 43.88
N PRO C 583 -20.35 -38.09 44.28
CA PRO C 583 -20.70 -39.51 44.30
C PRO C 583 -21.68 -39.83 45.43
N GLY C 584 -22.34 -40.97 45.29
CA GLY C 584 -23.34 -41.38 46.25
C GLY C 584 -22.72 -41.86 47.55
N ASN C 585 -23.60 -42.27 48.47
CA ASN C 585 -23.16 -42.72 49.78
C ASN C 585 -22.48 -44.08 49.74
N HIS C 586 -22.62 -44.81 48.64
CA HIS C 586 -21.96 -46.12 48.53
C HIS C 586 -20.44 -45.97 48.42
N LEU C 587 -19.97 -44.92 47.77
CA LEU C 587 -18.54 -44.72 47.63
C LEU C 587 -17.91 -44.31 48.96
N LYS C 588 -16.68 -44.76 49.19
CA LYS C 588 -15.94 -44.45 50.41
C LYS C 588 -14.62 -43.80 50.04
N ILE C 589 -14.22 -42.81 50.86
CA ILE C 589 -12.98 -42.08 50.60
C ILE C 589 -11.79 -42.99 50.87
N GLN C 590 -10.89 -43.07 49.89
CA GLN C 590 -9.67 -43.86 50.03
C GLN C 590 -8.55 -42.98 50.57
N GLU C 591 -7.33 -43.49 50.54
CA GLU C 591 -6.17 -42.77 51.04
C GLU C 591 -5.62 -41.86 49.95
N GLY C 592 -5.36 -40.60 50.30
CA GLY C 592 -4.76 -39.65 49.39
C GLY C 592 -5.61 -39.31 48.18
N THR C 593 -6.90 -39.04 48.40
CA THR C 593 -7.82 -38.69 47.32
C THR C 593 -7.92 -37.17 47.20
N LEU C 594 -7.68 -36.67 45.99
CA LEU C 594 -7.83 -35.24 45.73
C LEU C 594 -9.29 -34.84 45.75
N GLY C 595 -9.57 -33.67 46.31
CA GLY C 595 -10.91 -33.15 46.34
C GLY C 595 -10.94 -31.72 45.84
N PHE C 596 -12.07 -31.36 45.22
CA PHE C 596 -12.28 -30.06 44.62
C PHE C 596 -13.25 -29.27 45.50
N PHE C 597 -12.81 -28.08 45.91
CA PHE C 597 -13.59 -27.24 46.81
C PHE C 597 -13.89 -25.90 46.17
N ILE C 598 -14.99 -25.30 46.58
CA ILE C 598 -15.34 -23.93 46.22
C ILE C 598 -15.20 -23.10 47.48
N ALA C 599 -14.30 -22.11 47.45
CA ALA C 599 -14.01 -21.34 48.64
C ALA C 599 -13.68 -19.90 48.28
N SER C 600 -13.87 -19.01 49.25
CA SER C 600 -13.57 -17.61 49.03
C SER C 600 -12.07 -17.35 49.00
N ASP C 601 -11.33 -17.98 49.91
CA ASP C 601 -9.89 -17.79 50.01
C ASP C 601 -9.21 -19.14 50.18
N ALA C 602 -7.94 -19.22 49.74
CA ALA C 602 -7.20 -20.47 49.75
C ALA C 602 -6.77 -20.89 51.15
N LYS C 603 -6.77 -19.96 52.11
CA LYS C 603 -6.30 -20.31 53.46
C LYS C 603 -7.23 -21.31 54.14
N GLU C 604 -8.54 -21.16 53.95
CA GLU C 604 -9.48 -22.09 54.57
C GLU C 604 -9.46 -23.46 53.91
N VAL C 605 -8.93 -23.56 52.68
CA VAL C 605 -8.85 -24.84 52.00
C VAL C 605 -7.90 -25.78 52.72
N LYS C 606 -6.83 -25.24 53.31
CA LYS C 606 -5.84 -26.07 54.00
C LYS C 606 -6.42 -26.79 55.21
N ARG C 607 -7.54 -26.30 55.75
CA ARG C 607 -8.14 -26.95 56.91
C ARG C 607 -8.62 -28.37 56.59
N ALA C 608 -8.91 -28.65 55.31
CA ALA C 608 -9.33 -29.99 54.94
C ALA C 608 -8.16 -30.98 55.00
N PHE C 609 -6.92 -30.49 54.97
CA PHE C 609 -5.76 -31.35 55.00
C PHE C 609 -5.18 -31.53 56.39
N PHE C 610 -5.42 -30.58 57.30
CA PHE C 610 -4.94 -30.67 58.68
C PHE C 610 -6.11 -30.81 59.66
N TYR C 611 -7.11 -31.62 59.30
CA TYR C 611 -8.28 -31.82 60.13
C TYR C 611 -8.17 -33.14 60.88
N CYS C 612 -8.33 -33.09 62.20
CA CYS C 612 -8.39 -34.28 63.03
C CYS C 612 -9.57 -34.16 63.98
N LYS C 613 -10.18 -35.30 64.29
CA LYS C 613 -11.36 -35.30 65.15
C LYS C 613 -11.02 -34.94 66.58
N ALA C 614 -9.77 -35.19 67.00
CA ALA C 614 -9.38 -34.92 68.38
C ALA C 614 -9.46 -33.43 68.71
N CYS C 615 -8.97 -32.57 67.81
CA CYS C 615 -9.01 -31.14 68.08
C CYS C 615 -10.43 -30.59 67.98
N HIS C 616 -11.18 -31.04 66.98
CA HIS C 616 -12.55 -30.58 66.79
C HIS C 616 -13.46 -31.74 66.39
N ASN C 682 -31.58 -56.39 22.32
CA ASN C 682 -32.15 -56.71 21.02
C ASN C 682 -32.08 -55.53 20.07
N VAL C 683 -32.18 -54.32 20.63
CA VAL C 683 -32.14 -53.09 19.86
C VAL C 683 -31.11 -52.16 20.50
N LYS C 684 -30.38 -51.41 19.67
CA LYS C 684 -29.34 -50.51 20.16
C LYS C 684 -29.99 -49.20 20.59
N LYS C 685 -29.92 -48.89 21.88
CA LYS C 685 -30.40 -47.64 22.41
C LYS C 685 -29.30 -46.71 22.89
N TYR C 686 -28.07 -47.21 23.04
CA TYR C 686 -26.95 -46.42 23.51
C TYR C 686 -25.75 -46.71 22.61
N ASP C 687 -24.70 -45.92 22.80
CA ASP C 687 -23.48 -46.10 22.03
C ASP C 687 -22.68 -47.27 22.61
N SER C 688 -21.47 -47.47 22.08
CA SER C 688 -20.64 -48.58 22.53
C SER C 688 -20.26 -48.43 24.01
N THR C 689 -19.92 -47.21 24.42
CA THR C 689 -19.58 -46.96 25.81
C THR C 689 -20.80 -46.87 26.72
N GLY C 690 -22.00 -46.72 26.17
CA GLY C 690 -23.20 -46.66 26.97
C GLY C 690 -23.38 -45.38 27.76
N MET C 691 -22.78 -44.28 27.31
CA MET C 691 -22.85 -43.02 28.04
C MET C 691 -23.69 -41.96 27.32
N PHE C 692 -24.24 -42.26 26.15
CA PHE C 692 -25.09 -41.33 25.43
C PHE C 692 -26.18 -42.10 24.72
N HIS C 693 -27.35 -41.47 24.59
CA HIS C 693 -28.44 -42.07 23.84
C HIS C 693 -28.08 -42.12 22.36
N TRP C 694 -28.38 -43.26 21.73
CA TRP C 694 -28.00 -43.49 20.34
C TRP C 694 -29.18 -44.08 19.60
N CYS C 695 -29.29 -43.74 18.32
CA CYS C 695 -30.35 -44.24 17.47
C CYS C 695 -29.77 -44.61 16.11
N ALA C 696 -30.55 -45.35 15.33
CA ALA C 696 -30.12 -45.73 14.00
C ALA C 696 -29.99 -44.50 13.11
N PRO C 697 -28.99 -44.46 12.23
CA PRO C 697 -28.83 -43.29 11.35
C PRO C 697 -30.04 -43.10 10.45
N LYS C 698 -30.41 -41.84 10.23
CA LYS C 698 -31.55 -41.48 9.41
C LYS C 698 -31.16 -40.38 8.45
N GLU C 699 -31.81 -40.38 7.28
CA GLU C 699 -31.55 -39.37 6.27
C GLU C 699 -32.09 -38.02 6.73
N ILE C 700 -31.50 -36.95 6.18
CA ILE C 700 -31.91 -35.60 6.55
C ILE C 700 -33.32 -35.29 6.07
N GLU C 701 -33.82 -35.99 5.05
CA GLU C 701 -35.16 -35.74 4.55
C GLU C 701 -36.24 -36.11 5.55
N LYS C 702 -35.94 -37.01 6.48
CA LYS C 702 -36.94 -37.43 7.47
C LYS C 702 -37.16 -36.38 8.55
N VAL C 703 -36.15 -35.56 8.85
CA VAL C 703 -36.26 -34.62 9.95
C VAL C 703 -36.63 -33.20 9.51
N ILE C 704 -36.51 -32.88 8.22
CA ILE C 704 -36.87 -31.56 7.75
C ILE C 704 -38.38 -31.39 7.82
N LEU C 705 -38.82 -30.30 8.47
CA LEU C 705 -40.23 -29.99 8.64
C LEU C 705 -40.58 -28.72 7.89
N THR C 706 -41.71 -28.74 7.19
CA THR C 706 -42.24 -27.52 6.61
C THR C 706 -42.91 -26.67 7.69
N ARG C 707 -43.21 -25.43 7.33
CA ARG C 707 -43.84 -24.52 8.29
C ARG C 707 -45.20 -25.04 8.73
N SER C 708 -46.02 -25.50 7.78
CA SER C 708 -47.31 -26.07 8.13
C SER C 708 -47.15 -27.36 8.93
N GLU C 709 -46.21 -28.23 8.54
CA GLU C 709 -45.99 -29.48 9.26
C GLU C 709 -45.51 -29.20 10.68
N ALA C 710 -44.60 -28.24 10.85
CA ALA C 710 -44.19 -27.84 12.19
C ALA C 710 -45.33 -27.23 12.98
N ALA C 711 -46.28 -26.58 12.29
CA ALA C 711 -47.45 -26.06 12.97
C ALA C 711 -48.36 -27.18 13.47
N MET C 712 -48.50 -28.25 12.68
CA MET C 712 -49.36 -29.35 13.08
C MET C 712 -48.85 -30.03 14.35
N THR C 713 -47.55 -30.32 14.41
CA THR C 713 -46.98 -30.92 15.61
C THR C 713 -46.91 -29.88 16.73
N VAL C 714 -47.04 -30.36 17.96
CA VAL C 714 -47.05 -29.51 19.14
C VAL C 714 -45.73 -29.70 19.88
N LEU C 715 -44.97 -28.61 20.01
CA LEU C 715 -43.68 -28.62 20.69
C LEU C 715 -43.80 -27.78 21.96
N SER C 716 -43.49 -28.39 23.10
CA SER C 716 -43.51 -27.69 24.38
C SER C 716 -42.38 -28.22 25.24
N GLY C 717 -41.72 -27.32 25.97
CA GLY C 717 -40.58 -27.70 26.76
C GLY C 717 -39.42 -28.22 25.93
N HIS C 718 -39.12 -27.56 24.82
CA HIS C 718 -38.10 -27.97 23.88
C HIS C 718 -36.99 -26.93 23.82
N VAL C 719 -36.03 -27.15 22.92
CA VAL C 719 -34.92 -26.24 22.71
C VAL C 719 -34.93 -25.81 21.25
N VAL C 720 -34.82 -24.50 21.02
CA VAL C 720 -34.82 -23.94 19.68
C VAL C 720 -33.47 -23.30 19.44
N VAL C 721 -32.73 -23.80 18.46
CA VAL C 721 -31.41 -23.29 18.12
C VAL C 721 -31.52 -22.49 16.83
N CYS C 722 -31.45 -21.18 16.94
CA CYS C 722 -31.53 -20.29 15.80
C CYS C 722 -30.12 -20.01 15.29
N ILE C 723 -29.83 -20.45 14.06
CA ILE C 723 -28.47 -20.44 13.53
C ILE C 723 -28.39 -19.45 12.37
N PHE C 724 -27.38 -18.58 12.41
CA PHE C 724 -27.05 -17.70 11.29
C PHE C 724 -25.86 -18.32 10.56
N GLY C 725 -26.14 -19.04 9.49
CA GLY C 725 -25.09 -19.74 8.76
C GLY C 725 -25.32 -19.69 7.27
N ASP C 726 -24.24 -19.81 6.52
CA ASP C 726 -24.26 -19.81 5.06
C ASP C 726 -23.67 -21.12 4.55
N VAL C 727 -23.70 -21.29 3.23
CA VAL C 727 -23.15 -22.50 2.62
C VAL C 727 -21.62 -22.47 2.63
N SER C 728 -21.02 -21.29 2.80
CA SER C 728 -19.57 -21.14 2.75
C SER C 728 -19.05 -20.48 4.03
N SER C 729 -19.54 -20.91 5.18
CA SER C 729 -19.13 -20.38 6.47
C SER C 729 -18.48 -21.46 7.30
N ALA C 730 -17.70 -21.03 8.29
CA ALA C 730 -17.00 -21.96 9.16
C ALA C 730 -17.99 -22.75 10.00
N LEU C 731 -17.62 -24.00 10.30
CA LEU C 731 -18.51 -24.91 11.00
C LEU C 731 -18.46 -24.67 12.50
N ILE C 732 -19.62 -24.51 13.12
CA ILE C 732 -19.67 -24.36 14.58
C ILE C 732 -19.32 -25.67 15.26
N GLY C 733 -19.87 -26.78 14.78
CA GLY C 733 -19.66 -28.05 15.46
C GLY C 733 -20.76 -28.35 16.46
N LEU C 734 -22.01 -28.35 15.99
CA LEU C 734 -23.17 -28.44 16.88
C LEU C 734 -23.29 -29.77 17.61
N ARG C 735 -22.50 -30.78 17.24
CA ARG C 735 -22.47 -32.01 18.02
C ARG C 735 -22.11 -31.73 19.47
N ASN C 736 -21.15 -30.82 19.67
CA ASN C 736 -20.76 -30.41 21.03
C ASN C 736 -21.90 -29.76 21.78
N LEU C 737 -22.93 -29.31 21.09
CA LEU C 737 -24.14 -28.80 21.73
C LEU C 737 -25.17 -29.89 21.97
N VAL C 738 -25.20 -30.92 21.14
CA VAL C 738 -26.23 -31.95 21.26
C VAL C 738 -25.80 -33.09 22.17
N MET C 739 -24.50 -33.40 22.21
CA MET C 739 -24.03 -34.48 23.06
C MET C 739 -24.31 -34.28 24.55
N PRO C 740 -24.09 -33.10 25.16
CA PRO C 740 -24.48 -32.93 26.57
C PRO C 740 -25.98 -33.11 26.81
N LEU C 741 -26.82 -32.77 25.84
CA LEU C 741 -28.26 -32.88 26.00
C LEU C 741 -28.78 -34.29 25.72
N ARG C 742 -27.91 -35.22 25.34
CA ARG C 742 -28.32 -36.59 25.02
C ARG C 742 -27.60 -37.62 25.89
N ALA C 743 -27.11 -37.22 27.06
CA ALA C 743 -26.39 -38.14 27.93
C ALA C 743 -27.34 -39.16 28.55
N SER C 744 -26.78 -40.29 28.97
CA SER C 744 -27.57 -41.41 29.45
C SER C 744 -28.11 -41.21 30.85
N ASN C 745 -27.62 -40.24 31.61
CA ASN C 745 -28.18 -39.99 32.93
C ASN C 745 -29.56 -39.36 32.88
N PHE C 746 -30.00 -38.94 31.69
CA PHE C 746 -31.37 -38.50 31.46
C PHE C 746 -32.19 -39.67 30.93
N HIS C 747 -33.40 -39.82 31.44
CA HIS C 747 -34.31 -40.80 30.86
C HIS C 747 -34.77 -40.34 29.48
N TYR C 748 -35.34 -41.29 28.73
CA TYR C 748 -35.77 -40.99 27.38
C TYR C 748 -36.90 -39.97 27.36
N HIS C 749 -37.82 -40.06 28.32
CA HIS C 749 -38.94 -39.13 28.38
C HIS C 749 -38.52 -37.74 28.86
N GLU C 750 -37.36 -37.62 29.51
CA GLU C 750 -36.87 -36.33 29.97
C GLU C 750 -36.00 -35.63 28.93
N LEU C 751 -35.74 -36.26 27.79
CA LEU C 751 -34.95 -35.62 26.75
C LEU C 751 -35.73 -34.46 26.13
N LYS C 752 -35.05 -33.36 25.91
CA LYS C 752 -35.67 -32.17 25.33
C LYS C 752 -35.52 -32.20 23.82
N HIS C 753 -36.64 -32.00 23.13
CA HIS C 753 -36.62 -31.96 21.67
C HIS C 753 -35.82 -30.75 21.20
N ILE C 754 -35.02 -30.93 20.16
CA ILE C 754 -34.15 -29.90 19.63
C ILE C 754 -34.60 -29.58 18.22
N VAL C 755 -34.82 -28.29 17.94
CA VAL C 755 -35.22 -27.83 16.61
C VAL C 755 -34.19 -26.81 16.14
N PHE C 756 -33.49 -27.13 15.06
CA PHE C 756 -32.51 -26.22 14.47
C PHE C 756 -33.23 -25.38 13.41
N VAL C 757 -33.40 -24.10 13.69
CA VAL C 757 -34.02 -23.17 12.75
C VAL C 757 -32.91 -22.39 12.05
N GLY C 758 -32.80 -22.56 10.74
CA GLY C 758 -31.77 -21.87 10.00
C GLY C 758 -31.68 -22.36 8.58
N SER C 759 -30.61 -21.93 7.91
CA SER C 759 -30.39 -22.28 6.51
C SER C 759 -30.19 -23.78 6.36
N ILE C 760 -30.73 -24.33 5.27
CA ILE C 760 -30.68 -25.77 5.07
C ILE C 760 -29.33 -26.23 4.54
N GLU C 761 -28.59 -25.35 3.84
CA GLU C 761 -27.29 -25.76 3.31
C GLU C 761 -26.28 -26.05 4.42
N TYR C 762 -26.18 -25.15 5.40
CA TYR C 762 -25.25 -25.34 6.50
C TYR C 762 -25.62 -26.56 7.34
N LEU C 763 -26.90 -26.76 7.57
CA LEU C 763 -27.33 -27.94 8.32
C LEU C 763 -27.10 -29.22 7.52
N LYS C 764 -27.19 -29.16 6.19
CA LYS C 764 -26.79 -30.31 5.39
C LYS C 764 -25.31 -30.60 5.53
N ARG C 765 -24.49 -29.54 5.60
CA ARG C 765 -23.06 -29.75 5.80
C ARG C 765 -22.77 -30.41 7.14
N GLU C 766 -23.46 -30.00 8.20
CA GLU C 766 -23.16 -30.53 9.52
C GLU C 766 -24.06 -31.69 9.96
N TRP C 767 -24.96 -32.16 9.11
CA TRP C 767 -25.86 -33.24 9.51
C TRP C 767 -25.14 -34.58 9.67
N GLU C 768 -24.01 -34.78 9.01
CA GLU C 768 -23.36 -36.08 9.05
C GLU C 768 -22.71 -36.40 10.39
N THR C 769 -22.67 -35.44 11.33
CA THR C 769 -22.25 -35.70 12.69
C THR C 769 -23.41 -35.66 13.69
N LEU C 770 -24.64 -35.48 13.23
CA LEU C 770 -25.79 -35.35 14.11
C LEU C 770 -26.86 -36.40 13.89
N HIS C 771 -26.74 -37.24 12.86
CA HIS C 771 -27.83 -38.14 12.47
C HIS C 771 -27.94 -39.38 13.35
N ASN C 772 -27.23 -39.44 14.47
CA ASN C 772 -27.30 -40.59 15.37
C ASN C 772 -28.01 -40.25 16.69
N PHE C 773 -28.61 -39.06 16.79
CA PHE C 773 -29.30 -38.66 18.01
C PHE C 773 -30.81 -38.77 17.84
N PRO C 774 -31.53 -39.13 18.92
CA PRO C 774 -32.94 -39.52 18.77
C PRO C 774 -33.89 -38.43 18.28
N LYS C 775 -33.94 -37.30 18.97
CA LYS C 775 -34.98 -36.29 18.73
C LYS C 775 -34.34 -34.98 18.28
N VAL C 776 -34.15 -34.84 16.97
CA VAL C 776 -33.62 -33.64 16.36
C VAL C 776 -34.44 -33.33 15.11
N SER C 777 -34.87 -32.09 14.95
CA SER C 777 -35.64 -31.67 13.79
C SER C 777 -35.07 -30.38 13.22
N ILE C 778 -35.41 -30.12 11.95
CA ILE C 778 -34.84 -29.03 11.18
C ILE C 778 -35.96 -28.16 10.64
N LEU C 779 -35.81 -26.85 10.79
CA LEU C 779 -36.69 -25.85 10.17
C LEU C 779 -35.87 -25.00 9.22
N PRO C 780 -35.95 -25.25 7.91
CA PRO C 780 -35.18 -24.48 6.92
C PRO C 780 -35.77 -23.09 6.66
N GLY C 781 -35.49 -22.18 7.59
CA GLY C 781 -35.98 -20.82 7.47
C GLY C 781 -34.95 -19.78 7.88
N THR C 782 -35.41 -18.71 8.52
CA THR C 782 -34.54 -17.65 8.98
C THR C 782 -34.89 -17.31 10.42
N PRO C 783 -33.90 -17.17 11.31
CA PRO C 783 -34.20 -16.75 12.69
C PRO C 783 -34.81 -15.36 12.78
N LEU C 784 -34.65 -14.52 11.76
CA LEU C 784 -35.17 -13.16 11.77
C LEU C 784 -36.61 -13.08 11.27
N SER C 785 -37.23 -14.21 10.95
CA SER C 785 -38.60 -14.24 10.48
C SER C 785 -39.53 -14.68 11.60
N ARG C 786 -40.57 -13.89 11.86
CA ARG C 786 -41.48 -14.18 12.96
C ARG C 786 -42.36 -15.38 12.66
N ALA C 787 -42.63 -15.66 11.38
CA ALA C 787 -43.48 -16.81 11.03
C ALA C 787 -42.82 -18.13 11.42
N ASP C 788 -41.51 -18.26 11.16
CA ASP C 788 -40.80 -19.48 11.54
C ASP C 788 -40.77 -19.64 13.05
N LEU C 789 -40.55 -18.55 13.78
CA LEU C 789 -40.52 -18.64 15.24
C LEU C 789 -41.89 -18.95 15.82
N ARG C 790 -42.96 -18.48 15.17
CA ARG C 790 -44.31 -18.83 15.64
C ARG C 790 -44.67 -20.26 15.27
N ALA C 791 -44.14 -20.78 14.16
CA ALA C 791 -44.41 -22.16 13.78
C ALA C 791 -43.76 -23.15 14.73
N VAL C 792 -42.62 -22.78 15.33
CA VAL C 792 -41.90 -23.68 16.22
C VAL C 792 -42.31 -23.51 17.68
N ASN C 793 -43.31 -22.66 17.93
CA ASN C 793 -43.82 -22.39 19.29
C ASN C 793 -42.71 -21.87 20.20
N ILE C 794 -42.19 -20.70 19.84
CA ILE C 794 -41.10 -20.10 20.59
C ILE C 794 -41.54 -19.64 21.98
N ASN C 795 -42.84 -19.47 22.20
CA ASN C 795 -43.33 -19.06 23.52
C ASN C 795 -43.42 -20.22 24.49
N LEU C 796 -43.22 -21.46 24.04
CA LEU C 796 -43.28 -22.63 24.90
C LEU C 796 -41.95 -23.33 25.07
N CYS C 797 -40.90 -22.86 24.40
CA CYS C 797 -39.61 -23.53 24.47
C CYS C 797 -38.96 -23.31 25.83
N ASP C 798 -38.16 -24.30 26.25
CA ASP C 798 -37.39 -24.15 27.48
C ASP C 798 -36.18 -23.24 27.28
N MET C 799 -35.62 -23.19 26.07
CA MET C 799 -34.49 -22.31 25.82
C MET C 799 -34.38 -22.04 24.34
N CYS C 800 -33.99 -20.81 24.01
CA CYS C 800 -33.69 -20.38 22.65
C CYS C 800 -32.23 -19.97 22.60
N VAL C 801 -31.44 -20.68 21.79
CA VAL C 801 -30.00 -20.46 21.67
C VAL C 801 -29.74 -19.82 20.32
N ILE C 802 -29.23 -18.59 20.35
CA ILE C 802 -28.96 -17.84 19.13
C ILE C 802 -27.46 -17.92 18.84
N LEU C 803 -27.10 -18.57 17.73
CA LEU C 803 -25.72 -18.73 17.35
C LEU C 803 -25.48 -18.13 15.97
N SER C 804 -24.29 -17.55 15.80
CA SER C 804 -23.88 -16.94 14.55
C SER C 804 -22.66 -17.69 14.02
N ALA C 805 -22.87 -18.49 12.97
CA ALA C 805 -21.76 -19.19 12.35
C ALA C 805 -20.87 -18.26 11.54
N ASN C 806 -21.39 -17.10 11.12
CA ASN C 806 -20.64 -16.14 10.31
C ASN C 806 -19.67 -15.37 11.20
N GLN C 807 -18.66 -16.09 11.69
CA GLN C 807 -17.62 -15.52 12.54
C GLN C 807 -16.46 -14.95 11.72
N ASN C 808 -16.69 -14.63 10.46
CA ASN C 808 -15.63 -14.08 9.62
C ASN C 808 -15.23 -12.69 10.08
N ASN C 809 -14.01 -12.30 9.72
CA ASN C 809 -13.49 -11.01 10.15
C ASN C 809 -14.22 -9.88 9.44
N ILE C 810 -14.53 -8.82 10.21
CA ILE C 810 -15.22 -7.64 9.70
C ILE C 810 -14.33 -6.44 10.00
N ASP C 811 -14.45 -5.40 9.19
CA ASP C 811 -13.65 -4.19 9.37
C ASP C 811 -13.82 -3.61 10.77
N ASP C 812 -15.04 -3.65 11.31
CA ASP C 812 -15.30 -3.30 12.69
C ASP C 812 -15.78 -4.56 13.40
N THR C 813 -15.08 -4.95 14.47
CA THR C 813 -15.44 -6.16 15.20
C THR C 813 -16.75 -5.99 15.95
N SER C 814 -17.06 -4.77 16.40
CA SER C 814 -18.28 -4.54 17.14
C SER C 814 -19.52 -4.79 16.30
N LEU C 815 -19.39 -4.81 14.97
CA LEU C 815 -20.51 -5.11 14.08
C LEU C 815 -20.66 -6.59 13.79
N GLN C 816 -19.86 -7.45 14.44
CA GLN C 816 -20.02 -8.89 14.24
C GLN C 816 -21.21 -9.46 14.98
N ASP C 817 -21.83 -8.72 15.91
CA ASP C 817 -22.92 -9.21 16.72
C ASP C 817 -24.27 -8.65 16.30
N LYS C 818 -24.37 -8.05 15.11
CA LYS C 818 -25.61 -7.39 14.70
C LYS C 818 -26.75 -8.39 14.55
N GLU C 819 -26.50 -9.52 13.92
CA GLU C 819 -27.58 -10.49 13.69
C GLU C 819 -28.12 -11.04 15.00
N CYS C 820 -27.24 -11.37 15.93
CA CYS C 820 -27.67 -11.92 17.21
C CYS C 820 -28.50 -10.92 18.01
N ILE C 821 -28.06 -9.65 18.05
CA ILE C 821 -28.78 -8.64 18.80
C ILE C 821 -30.14 -8.36 18.16
N LEU C 822 -30.17 -8.27 16.82
CA LEU C 822 -31.44 -8.06 16.14
C LEU C 822 -32.40 -9.22 16.37
N ALA C 823 -31.90 -10.45 16.34
CA ALA C 823 -32.75 -11.60 16.60
C ALA C 823 -33.26 -11.60 18.03
N SER C 824 -32.41 -11.24 18.99
CA SER C 824 -32.81 -11.21 20.38
C SER C 824 -33.91 -10.18 20.61
N LEU C 825 -33.74 -8.98 20.06
CA LEU C 825 -34.76 -7.95 20.22
C LEU C 825 -36.05 -8.34 19.50
N ASN C 826 -35.93 -8.96 18.34
CA ASN C 826 -37.12 -9.42 17.61
C ASN C 826 -37.89 -10.45 18.41
N ILE C 827 -37.19 -11.40 19.05
CA ILE C 827 -37.86 -12.41 19.85
C ILE C 827 -38.49 -11.77 21.09
N LYS C 828 -37.78 -10.82 21.72
CA LYS C 828 -38.32 -10.18 22.92
C LYS C 828 -39.54 -9.31 22.60
N SER C 829 -39.62 -8.78 21.39
CA SER C 829 -40.69 -7.85 21.04
C SER C 829 -41.94 -8.52 20.50
N MET C 830 -41.97 -9.84 20.39
CA MET C 830 -43.13 -10.52 19.86
C MET C 830 -44.28 -10.52 20.87
N GLN C 831 -45.49 -10.81 20.37
CA GLN C 831 -46.68 -10.86 21.18
C GLN C 831 -47.45 -12.15 20.89
N PHE C 832 -48.03 -12.73 21.93
CA PHE C 832 -48.76 -13.98 21.81
C PHE C 832 -50.10 -13.86 22.56
N ASP C 833 -51.04 -14.70 22.15
CA ASP C 833 -52.36 -14.71 22.79
C ASP C 833 -52.71 -16.12 23.28
N THR C 871 -48.16 -13.36 27.45
CA THR C 871 -48.81 -12.61 26.38
C THR C 871 -47.80 -11.80 25.57
N THR C 872 -46.54 -11.84 26.01
CA THR C 872 -45.47 -11.11 25.33
C THR C 872 -44.18 -11.93 25.42
N GLY C 873 -43.25 -11.62 24.54
CA GLY C 873 -42.03 -12.37 24.41
C GLY C 873 -40.90 -11.96 25.32
N VAL C 874 -41.12 -11.02 26.25
CA VAL C 874 -40.05 -10.60 27.14
C VAL C 874 -39.74 -11.66 28.19
N ASN C 875 -40.66 -12.59 28.41
CA ASN C 875 -40.47 -13.65 29.39
C ASN C 875 -39.88 -14.92 28.80
N ILE C 876 -39.60 -14.92 27.50
CA ILE C 876 -39.01 -16.11 26.86
C ILE C 876 -37.54 -16.22 27.25
N PRO C 877 -37.08 -17.36 27.77
CA PRO C 877 -35.67 -17.49 28.15
C PRO C 877 -34.81 -17.74 26.92
N ILE C 878 -33.84 -16.84 26.69
CA ILE C 878 -32.95 -16.95 25.54
C ILE C 878 -31.51 -16.81 26.02
N ILE C 879 -30.60 -17.37 25.22
CA ILE C 879 -29.16 -17.25 25.44
C ILE C 879 -28.54 -16.77 24.14
N THR C 880 -27.74 -15.71 24.21
CA THR C 880 -27.16 -15.08 23.03
C THR C 880 -25.64 -15.15 23.11
N GLU C 881 -25.02 -15.74 22.09
CA GLU C 881 -23.56 -15.75 21.99
C GLU C 881 -23.07 -14.38 21.53
N LEU C 882 -22.06 -13.86 22.21
CA LEU C 882 -21.52 -12.54 21.91
C LEU C 882 -20.02 -12.63 21.68
N VAL C 883 -19.54 -11.86 20.71
CA VAL C 883 -18.10 -11.78 20.44
C VAL C 883 -17.48 -10.63 21.21
N ASN C 884 -18.07 -9.45 21.14
CA ASN C 884 -17.60 -8.29 21.88
C ASN C 884 -18.34 -8.16 23.20
N ASP C 885 -17.59 -7.89 24.27
CA ASP C 885 -18.21 -7.74 25.58
C ASP C 885 -19.07 -6.49 25.66
N THR C 886 -18.60 -5.38 25.07
CA THR C 886 -19.27 -4.09 25.22
C THR C 886 -20.67 -4.09 24.62
N ASN C 887 -21.01 -5.07 23.79
CA ASN C 887 -22.34 -5.15 23.21
C ASN C 887 -23.37 -5.77 24.15
N VAL C 888 -22.95 -6.29 25.31
CA VAL C 888 -23.87 -7.03 26.16
C VAL C 888 -24.98 -6.13 26.69
N GLN C 889 -24.67 -4.86 26.98
CA GLN C 889 -25.67 -3.92 27.46
C GLN C 889 -26.71 -3.60 26.39
N PHE C 890 -26.47 -3.97 25.14
CA PHE C 890 -27.49 -3.81 24.11
C PHE C 890 -28.56 -4.87 24.19
N LEU C 891 -28.33 -5.97 24.91
CA LEU C 891 -29.30 -7.05 25.02
C LEU C 891 -30.35 -6.79 26.08
N ASP C 892 -30.23 -5.73 26.86
CA ASP C 892 -31.17 -5.46 27.95
C ASP C 892 -31.81 -4.09 27.73
N GLN C 893 -33.12 -4.03 27.99
CA GLN C 893 -33.89 -2.81 27.77
C GLN C 893 -33.93 -1.94 29.02
N ASP C 894 -34.42 -2.49 30.13
CA ASP C 894 -34.60 -1.72 31.36
C ASP C 894 -33.38 -1.87 32.27
N ASP C 895 -32.21 -1.54 31.72
CA ASP C 895 -30.96 -1.55 32.48
C ASP C 895 -30.55 -0.13 32.82
N ASP C 896 -30.30 0.12 34.10
CA ASP C 896 -29.81 1.40 34.59
C ASP C 896 -28.28 1.42 34.64
N ASP C 897 -27.63 0.40 34.08
CA ASP C 897 -26.18 0.31 34.13
C ASP C 897 -25.54 1.46 33.37
N ASP C 898 -24.48 2.03 33.96
CA ASP C 898 -23.73 3.08 33.30
C ASP C 898 -22.92 2.49 32.15
N PRO C 899 -22.58 3.31 31.15
CA PRO C 899 -21.82 2.78 30.00
C PRO C 899 -20.45 2.21 30.35
N ASP C 900 -19.86 2.61 31.49
CA ASP C 900 -18.55 2.11 31.88
C ASP C 900 -18.62 0.89 32.78
N THR C 901 -19.81 0.32 32.96
CA THR C 901 -19.96 -0.88 33.78
C THR C 901 -19.23 -2.05 33.15
N GLU C 902 -18.50 -2.81 33.98
CA GLU C 902 -17.75 -3.95 33.48
C GLU C 902 -18.69 -5.09 33.12
N LEU C 903 -18.13 -6.10 32.46
CA LEU C 903 -18.95 -7.17 31.86
C LEU C 903 -19.69 -7.96 32.93
N TYR C 904 -19.03 -8.31 34.03
CA TYR C 904 -19.65 -9.22 34.99
C TYR C 904 -20.69 -8.54 35.88
N LEU C 905 -20.81 -7.22 35.83
CA LEU C 905 -21.80 -6.52 36.62
C LEU C 905 -23.06 -6.16 35.83
N THR C 906 -23.06 -6.35 34.51
CA THR C 906 -24.24 -6.07 33.71
C THR C 906 -25.32 -7.09 33.99
N GLN C 907 -26.58 -6.67 33.83
CA GLN C 907 -27.71 -7.56 34.04
C GLN C 907 -27.73 -8.76 33.10
N PRO C 908 -27.50 -8.62 31.77
CA PRO C 908 -27.51 -9.83 30.92
C PRO C 908 -26.48 -10.87 31.32
N PHE C 909 -25.29 -10.46 31.76
CA PHE C 909 -24.31 -11.43 32.21
C PHE C 909 -24.70 -12.02 33.56
N ALA C 910 -25.16 -11.17 34.48
CA ALA C 910 -25.51 -11.66 35.82
C ALA C 910 -26.75 -12.55 35.80
N CYS C 911 -27.63 -12.34 34.83
CA CYS C 911 -28.83 -13.17 34.72
C CYS C 911 -28.62 -14.42 33.88
N GLY C 912 -27.47 -14.55 33.22
CA GLY C 912 -27.19 -15.73 32.42
C GLY C 912 -27.83 -15.75 31.06
N THR C 913 -28.37 -14.62 30.60
CA THR C 913 -29.00 -14.56 29.29
C THR C 913 -28.04 -14.19 28.18
N ALA C 914 -26.76 -14.01 28.49
CA ALA C 914 -25.75 -13.70 27.48
C ALA C 914 -24.47 -14.44 27.82
N PHE C 915 -23.86 -15.03 26.81
CA PHE C 915 -22.61 -15.77 26.96
C PHE C 915 -21.54 -15.10 26.12
N ALA C 916 -20.61 -14.41 26.78
CA ALA C 916 -19.48 -13.78 26.11
C ALA C 916 -18.34 -14.78 26.01
N VAL C 917 -17.84 -15.00 24.78
CA VAL C 917 -16.82 -16.00 24.57
C VAL C 917 -15.48 -15.60 25.18
N SER C 918 -15.30 -14.32 25.50
CA SER C 918 -14.03 -13.84 26.04
C SER C 918 -13.69 -14.49 27.39
N VAL C 919 -14.69 -15.00 28.11
CA VAL C 919 -14.42 -15.67 29.37
C VAL C 919 -13.56 -16.90 29.15
N LEU C 920 -13.65 -17.51 27.97
CA LEU C 920 -12.77 -18.64 27.65
C LEU C 920 -11.31 -18.20 27.64
N ASP C 921 -11.05 -16.99 27.17
CA ASP C 921 -9.69 -16.45 27.21
C ASP C 921 -9.21 -16.32 28.65
N SER C 922 -10.12 -16.15 29.60
CA SER C 922 -9.73 -16.16 31.00
C SER C 922 -9.31 -17.54 31.45
N LEU C 923 -10.00 -18.57 30.94
CA LEU C 923 -9.80 -19.93 31.43
C LEU C 923 -8.36 -20.39 31.24
N MET C 924 -7.73 -19.99 30.13
CA MET C 924 -6.32 -20.30 29.90
C MET C 924 -5.47 -19.88 31.10
N SER C 925 -5.64 -18.64 31.57
CA SER C 925 -4.90 -18.20 32.74
C SER C 925 -5.25 -19.06 33.95
N ALA C 926 -6.55 -19.34 34.13
CA ALA C 926 -6.97 -20.21 35.22
C ALA C 926 -6.40 -21.61 35.07
N THR C 927 -6.09 -22.01 33.83
CA THR C 927 -5.47 -23.31 33.61
C THR C 927 -4.00 -23.30 33.99
N TYR C 928 -3.33 -22.14 33.89
CA TYR C 928 -1.90 -22.11 34.17
C TYR C 928 -1.61 -22.31 35.64
N PHE C 929 -2.37 -21.65 36.52
CA PHE C 929 -2.13 -21.74 37.95
C PHE C 929 -2.69 -23.01 38.56
N ASN C 930 -3.55 -23.74 37.85
CA ASN C 930 -4.09 -25.00 38.35
C ASN C 930 -4.57 -25.81 37.15
N ASP C 931 -3.98 -26.99 36.95
CA ASP C 931 -4.30 -27.79 35.78
C ASP C 931 -5.50 -28.72 36.00
N ASN C 932 -5.98 -28.86 37.23
CA ASN C 932 -7.15 -29.71 37.48
C ASN C 932 -8.46 -28.99 37.21
N ILE C 933 -8.43 -27.66 37.11
CA ILE C 933 -9.65 -26.89 36.90
C ILE C 933 -10.25 -27.21 35.53
N LEU C 934 -9.39 -27.29 34.50
CA LEU C 934 -9.87 -27.61 33.17
C LEU C 934 -10.49 -29.00 33.12
N THR C 935 -9.86 -29.97 33.79
CA THR C 935 -10.40 -31.33 33.80
C THR C 935 -11.74 -31.38 34.53
N LEU C 936 -11.86 -30.66 35.66
CA LEU C 936 -13.14 -30.61 36.37
C LEU C 936 -14.22 -29.97 35.52
N ILE C 937 -13.89 -28.87 34.82
CA ILE C 937 -14.86 -28.22 33.95
C ILE C 937 -15.28 -29.15 32.82
N ARG C 938 -14.31 -29.85 32.22
CA ARG C 938 -14.62 -30.76 31.12
C ARG C 938 -15.51 -31.90 31.56
N THR C 939 -15.24 -32.48 32.73
CA THR C 939 -16.07 -33.59 33.19
C THR C 939 -17.41 -33.14 33.75
N LEU C 940 -17.55 -31.86 34.12
CA LEU C 940 -18.84 -31.35 34.57
C LEU C 940 -19.70 -30.85 33.42
N VAL C 941 -19.10 -30.41 32.33
CA VAL C 941 -19.80 -29.67 31.29
C VAL C 941 -20.09 -30.53 30.07
N THR C 942 -19.07 -31.26 29.57
CA THR C 942 -19.23 -32.01 28.34
C THR C 942 -20.12 -33.24 28.49
N GLY C 943 -20.50 -33.60 29.70
CA GLY C 943 -21.35 -34.75 29.93
C GLY C 943 -20.65 -36.04 30.25
N GLY C 944 -19.36 -36.00 30.55
CA GLY C 944 -18.63 -37.20 30.92
C GLY C 944 -17.98 -37.90 29.75
N ALA C 945 -17.19 -37.16 28.97
CA ALA C 945 -16.50 -37.71 27.82
C ALA C 945 -15.23 -38.40 28.30
N THR C 946 -15.29 -39.72 28.42
CA THR C 946 -14.13 -40.49 28.86
C THR C 946 -13.09 -40.55 27.74
N PRO C 947 -11.80 -40.71 28.08
CA PRO C 947 -10.77 -40.83 27.04
C PRO C 947 -10.96 -42.01 26.10
N GLU C 948 -11.59 -43.09 26.58
CA GLU C 948 -11.90 -44.22 25.69
C GLU C 948 -12.87 -43.80 24.60
N LEU C 949 -13.90 -43.01 24.97
CA LEU C 949 -14.80 -42.46 23.96
C LEU C 949 -14.07 -41.51 23.03
N GLU C 950 -13.10 -40.75 23.57
CA GLU C 950 -12.29 -39.86 22.74
C GLU C 950 -11.53 -40.66 21.69
N ALA C 951 -10.92 -41.77 22.11
CA ALA C 951 -10.17 -42.61 21.17
C ALA C 951 -11.08 -43.25 20.14
N LEU C 952 -12.26 -43.72 20.55
CA LEU C 952 -13.21 -44.31 19.61
C LEU C 952 -13.67 -43.29 18.57
N ILE C 953 -13.97 -42.07 19.01
CA ILE C 953 -14.41 -41.03 18.09
C ILE C 953 -13.27 -40.63 17.16
N ALA C 954 -12.03 -40.60 17.68
CA ALA C 954 -10.88 -40.32 16.82
C ALA C 954 -10.70 -41.40 15.77
N GLU C 955 -10.93 -42.66 16.15
CA GLU C 955 -10.73 -43.76 15.21
C GLU C 955 -11.81 -43.77 14.12
N GLU C 956 -13.08 -43.63 14.50
CA GLU C 956 -14.16 -43.82 13.56
C GLU C 956 -14.78 -42.53 13.05
N ASN C 957 -14.48 -41.39 13.66
CA ASN C 957 -15.05 -40.09 13.29
C ASN C 957 -16.57 -40.09 13.35
N ALA C 958 -17.14 -40.91 14.23
CA ALA C 958 -18.58 -41.02 14.39
C ALA C 958 -18.86 -41.70 15.73
N LEU C 959 -20.14 -41.78 16.08
CA LEU C 959 -20.57 -42.46 17.28
C LEU C 959 -21.15 -43.82 16.90
N ARG C 960 -20.62 -44.88 17.51
CA ARG C 960 -21.00 -46.24 17.18
C ARG C 960 -21.91 -46.79 18.27
N GLY C 961 -23.04 -47.36 17.88
CA GLY C 961 -23.96 -47.94 18.82
C GLY C 961 -23.50 -49.29 19.32
N GLY C 962 -24.19 -49.78 20.35
CA GLY C 962 -23.86 -51.06 20.93
C GLY C 962 -25.00 -51.60 21.76
N TYR C 963 -24.99 -52.91 21.97
CA TYR C 963 -26.03 -53.56 22.75
C TYR C 963 -25.82 -53.31 24.24
N SER C 964 -26.93 -53.32 24.98
CA SER C 964 -26.89 -53.01 26.39
C SER C 964 -26.30 -54.16 27.19
N THR C 965 -25.34 -53.85 28.06
CA THR C 965 -24.71 -54.79 28.96
C THR C 965 -24.77 -54.22 30.37
N PRO C 966 -24.68 -55.07 31.39
CA PRO C 966 -24.69 -54.55 32.77
C PRO C 966 -23.58 -53.56 33.06
N GLN C 967 -22.41 -53.69 32.42
CA GLN C 967 -21.34 -52.73 32.62
C GLN C 967 -21.73 -51.34 32.10
N THR C 968 -22.32 -51.29 30.90
CA THR C 968 -22.76 -50.00 30.36
C THR C 968 -23.88 -49.40 31.19
N LEU C 969 -24.83 -50.22 31.64
CA LEU C 969 -25.91 -49.72 32.48
C LEU C 969 -25.40 -49.21 33.82
N ALA C 970 -24.36 -49.85 34.37
CA ALA C 970 -23.71 -49.31 35.56
C ALA C 970 -23.01 -47.99 35.26
N ASN C 971 -22.39 -47.89 34.07
CA ASN C 971 -21.77 -46.65 33.65
C ASN C 971 -22.79 -45.54 33.42
N ARG C 972 -24.06 -45.89 33.21
CA ARG C 972 -25.10 -44.90 32.99
C ARG C 972 -25.33 -44.04 34.23
N ASP C 973 -25.11 -44.59 35.43
CA ASP C 973 -25.40 -43.89 36.67
C ASP C 973 -24.39 -42.77 36.89
N ARG C 974 -24.85 -41.52 36.80
CA ARG C 974 -24.03 -40.35 37.05
C ARG C 974 -24.87 -39.33 37.80
N CYS C 975 -24.39 -38.08 37.85
CA CYS C 975 -25.11 -36.97 38.42
C CYS C 975 -25.32 -35.90 37.36
N ARG C 976 -26.47 -35.22 37.45
CA ARG C 976 -26.87 -34.25 36.43
C ARG C 976 -27.18 -32.92 37.09
N VAL C 977 -26.99 -31.84 36.32
CA VAL C 977 -27.26 -30.50 36.80
C VAL C 977 -28.74 -30.20 36.65
N ALA C 978 -29.36 -29.66 37.70
CA ALA C 978 -30.78 -29.35 37.66
C ALA C 978 -31.07 -28.14 38.53
N GLN C 979 -32.25 -27.57 38.33
CA GLN C 979 -32.78 -26.49 39.17
C GLN C 979 -34.07 -26.96 39.81
N LEU C 980 -34.22 -26.73 41.10
CA LEU C 980 -35.43 -27.10 41.82
C LEU C 980 -36.11 -25.87 42.38
N ALA C 981 -37.44 -25.94 42.46
CA ALA C 981 -38.26 -24.85 42.99
C ALA C 981 -38.77 -25.24 44.37
N LEU C 982 -38.79 -24.26 45.28
CA LEU C 982 -39.22 -24.47 46.64
C LEU C 982 -40.71 -24.21 46.84
N LEU C 983 -41.46 -24.02 45.75
CA LEU C 983 -42.87 -23.65 45.87
C LEU C 983 -43.71 -24.82 46.39
N ASP C 984 -43.53 -26.01 45.83
CA ASP C 984 -44.39 -27.15 46.15
C ASP C 984 -43.62 -28.42 46.44
N GLY C 985 -42.29 -28.37 46.53
CA GLY C 985 -41.52 -29.55 46.80
C GLY C 985 -41.54 -29.92 48.27
N PRO C 986 -40.79 -30.97 48.61
CA PRO C 986 -40.68 -31.36 50.02
C PRO C 986 -39.99 -30.31 50.89
N PHE C 987 -39.25 -29.38 50.28
CA PHE C 987 -38.55 -28.33 51.02
C PHE C 987 -39.35 -27.04 51.08
N ALA C 988 -40.66 -27.11 50.78
CA ALA C 988 -41.47 -25.89 50.73
C ALA C 988 -41.57 -25.22 52.09
N ASP C 989 -41.74 -26.00 53.16
CA ASP C 989 -41.82 -25.42 54.49
C ASP C 989 -40.50 -24.77 54.89
N LEU C 990 -39.38 -25.39 54.53
CA LEU C 990 -38.08 -24.84 54.85
C LEU C 990 -37.74 -23.62 54.00
N GLY C 991 -38.37 -23.49 52.83
CA GLY C 991 -38.11 -22.35 51.96
C GLY C 991 -38.81 -21.07 52.33
N ASP C 992 -39.66 -21.09 53.36
CA ASP C 992 -40.39 -19.90 53.80
C ASP C 992 -39.59 -19.24 54.92
N GLY C 993 -38.57 -18.47 54.52
CA GLY C 993 -37.75 -17.74 55.46
C GLY C 993 -36.67 -18.56 56.15
N GLY C 994 -36.51 -19.84 55.79
CA GLY C 994 -35.51 -20.66 56.44
C GLY C 994 -34.10 -20.36 55.96
N CYS C 995 -33.14 -21.01 56.61
CA CYS C 995 -31.73 -20.82 56.29
C CYS C 995 -31.29 -21.79 55.20
N TYR C 996 -30.28 -21.36 54.43
CA TYR C 996 -29.79 -22.17 53.32
C TYR C 996 -29.05 -23.40 53.82
N GLY C 997 -28.37 -23.31 54.96
CA GLY C 997 -27.59 -24.43 55.45
C GLY C 997 -28.46 -25.63 55.81
N ASP C 998 -29.62 -25.38 56.41
CA ASP C 998 -30.54 -26.46 56.71
C ASP C 998 -31.02 -27.15 55.44
N LEU C 999 -31.32 -26.36 54.40
CA LEU C 999 -31.71 -26.94 53.12
C LEU C 999 -30.60 -27.80 52.54
N PHE C 1000 -29.36 -27.30 52.59
CA PHE C 1000 -28.23 -28.05 52.06
C PHE C 1000 -28.05 -29.37 52.82
N CYS C 1001 -28.10 -29.31 54.15
CA CYS C 1001 -27.91 -30.52 54.95
C CYS C 1001 -29.02 -31.53 54.70
N LYS C 1002 -30.27 -31.07 54.65
CA LYS C 1002 -31.38 -31.98 54.41
C LYS C 1002 -31.30 -32.62 53.03
N ALA C 1003 -30.97 -31.81 52.00
CA ALA C 1003 -30.87 -32.35 50.66
C ALA C 1003 -29.72 -33.35 50.53
N LEU C 1004 -28.60 -33.07 51.17
CA LEU C 1004 -27.46 -33.97 51.08
C LEU C 1004 -27.71 -35.26 51.86
N LYS C 1005 -28.37 -35.16 53.03
CA LYS C 1005 -28.60 -36.35 53.85
C LYS C 1005 -29.70 -37.23 53.30
N THR C 1006 -30.76 -36.63 52.74
CA THR C 1006 -31.92 -37.41 52.33
C THR C 1006 -31.80 -37.95 50.91
N TYR C 1007 -31.64 -37.06 49.93
CA TYR C 1007 -31.65 -37.44 48.53
C TYR C 1007 -30.26 -37.44 47.91
N ASN C 1008 -29.21 -37.27 48.71
CA ASN C 1008 -27.82 -37.19 48.23
C ASN C 1008 -27.68 -36.11 47.15
N MET C 1009 -28.30 -34.96 47.42
CA MET C 1009 -28.36 -33.87 46.46
C MET C 1009 -27.46 -32.73 46.93
N LEU C 1010 -26.61 -32.23 46.03
CA LEU C 1010 -25.61 -31.23 46.35
C LEU C 1010 -26.09 -29.88 45.83
N CYS C 1011 -26.58 -29.04 46.73
CA CYS C 1011 -26.98 -27.69 46.36
C CYS C 1011 -25.78 -26.76 46.41
N PHE C 1012 -25.58 -25.98 45.34
CA PHE C 1012 -24.39 -25.14 45.26
C PHE C 1012 -24.67 -23.75 44.73
N GLY C 1013 -25.91 -23.27 44.81
CA GLY C 1013 -26.19 -21.92 44.37
C GLY C 1013 -27.68 -21.65 44.36
N ILE C 1014 -27.99 -20.36 44.44
CA ILE C 1014 -29.36 -19.87 44.44
C ILE C 1014 -29.56 -19.01 43.20
N TYR C 1015 -30.74 -19.10 42.60
CA TYR C 1015 -31.09 -18.33 41.42
C TYR C 1015 -32.36 -17.58 41.77
N ARG C 1016 -32.22 -16.27 41.96
CA ARG C 1016 -33.18 -15.46 42.70
C ARG C 1016 -33.73 -14.34 41.83
N LEU C 1017 -35.02 -14.07 41.97
CA LEU C 1017 -35.65 -12.97 41.24
C LEU C 1017 -34.98 -11.65 41.55
N ARG C 1018 -34.84 -10.81 40.52
CA ARG C 1018 -34.12 -9.55 40.67
C ARG C 1018 -34.81 -8.61 41.65
N ASP C 1019 -36.16 -8.56 41.60
CA ASP C 1019 -36.93 -7.68 42.47
C ASP C 1019 -37.51 -8.42 43.67
N ALA C 1020 -36.83 -9.45 44.16
CA ALA C 1020 -37.31 -10.19 45.32
C ALA C 1020 -37.13 -9.41 46.62
N HIS C 1021 -36.08 -8.58 46.71
CA HIS C 1021 -35.82 -7.83 47.92
C HIS C 1021 -36.67 -6.57 48.05
N LEU C 1022 -37.30 -6.13 46.96
CA LEU C 1022 -38.15 -4.95 47.01
C LEU C 1022 -39.48 -5.26 47.67
N SER C 1023 -39.97 -4.30 48.46
CA SER C 1023 -41.26 -4.49 49.12
C SER C 1023 -42.41 -4.42 48.13
N THR C 1024 -42.34 -3.50 47.16
CA THR C 1024 -43.40 -3.37 46.18
C THR C 1024 -43.40 -4.56 45.23
N PRO C 1025 -44.57 -5.00 44.78
CA PRO C 1025 -44.61 -6.09 43.78
C PRO C 1025 -44.11 -5.61 42.42
N SER C 1026 -43.57 -6.55 41.66
CA SER C 1026 -43.03 -6.26 40.34
C SER C 1026 -43.39 -7.39 39.39
N GLN C 1027 -43.39 -7.06 38.09
CA GLN C 1027 -43.69 -8.03 37.04
C GLN C 1027 -42.44 -8.58 36.37
N CYS C 1028 -41.25 -8.17 36.82
CA CYS C 1028 -40.01 -8.65 36.21
C CYS C 1028 -39.75 -10.09 36.64
N THR C 1029 -39.48 -10.96 35.66
CA THR C 1029 -39.18 -12.36 35.92
C THR C 1029 -37.70 -12.67 35.78
N LYS C 1030 -36.84 -11.66 35.62
CA LYS C 1030 -35.42 -11.89 35.52
C LYS C 1030 -34.86 -12.33 36.87
N ARG C 1031 -33.92 -13.28 36.82
CA ARG C 1031 -33.28 -13.80 38.02
C ARG C 1031 -31.77 -13.73 37.85
N TYR C 1032 -31.07 -13.56 38.97
CA TYR C 1032 -29.62 -13.50 39.01
C TYR C 1032 -29.10 -14.66 39.86
N VAL C 1033 -27.77 -14.78 39.88
CA VAL C 1033 -27.08 -15.96 40.39
C VAL C 1033 -26.31 -15.59 41.65
N ILE C 1034 -26.50 -16.38 42.71
CA ILE C 1034 -25.72 -16.29 43.94
C ILE C 1034 -24.99 -17.61 44.11
N THR C 1035 -23.67 -17.56 44.15
CA THR C 1035 -22.83 -18.76 44.16
C THR C 1035 -22.40 -19.07 45.58
N ASN C 1036 -22.79 -20.26 46.07
CA ASN C 1036 -22.44 -20.78 47.39
C ASN C 1036 -22.76 -19.79 48.50
N PRO C 1037 -24.03 -19.59 48.83
CA PRO C 1037 -24.38 -18.69 49.94
C PRO C 1037 -23.97 -19.29 51.27
N PRO C 1038 -23.75 -18.46 52.29
CA PRO C 1038 -23.36 -18.99 53.61
C PRO C 1038 -24.47 -19.76 54.29
N TYR C 1039 -24.18 -20.30 55.48
CA TYR C 1039 -25.16 -21.10 56.20
C TYR C 1039 -26.35 -20.26 56.66
N GLU C 1040 -26.12 -19.03 57.08
CA GLU C 1040 -27.16 -18.18 57.63
C GLU C 1040 -27.92 -17.41 56.55
N PHE C 1041 -27.64 -17.66 55.27
CA PHE C 1041 -28.36 -16.98 54.21
C PHE C 1041 -29.83 -17.40 54.20
N GLU C 1042 -30.72 -16.41 54.08
CA GLU C 1042 -32.15 -16.67 54.15
C GLU C 1042 -32.69 -17.10 52.79
N LEU C 1043 -33.92 -17.60 52.81
CA LEU C 1043 -34.59 -18.10 51.62
C LEU C 1043 -35.96 -17.44 51.46
N VAL C 1044 -36.43 -17.39 50.22
CA VAL C 1044 -37.77 -16.92 49.90
C VAL C 1044 -38.45 -18.00 49.08
N PRO C 1045 -39.78 -18.10 49.10
CA PRO C 1045 -40.45 -19.15 48.31
C PRO C 1045 -40.23 -19.02 46.81
N THR C 1046 -39.94 -17.82 46.32
CA THR C 1046 -39.71 -17.60 44.89
C THR C 1046 -38.20 -17.63 44.60
N ASP C 1047 -37.62 -18.80 44.76
CA ASP C 1047 -36.21 -19.03 44.51
C ASP C 1047 -36.04 -20.34 43.76
N LEU C 1048 -34.93 -20.46 43.03
CA LEU C 1048 -34.53 -21.72 42.43
C LEU C 1048 -33.20 -22.14 43.03
N ILE C 1049 -32.99 -23.45 43.15
CA ILE C 1049 -31.79 -24.00 43.75
C ILE C 1049 -31.06 -24.81 42.70
N PHE C 1050 -29.79 -24.46 42.43
CA PHE C 1050 -28.93 -25.30 41.63
C PHE C 1050 -28.60 -26.56 42.40
N CYS C 1051 -28.58 -27.70 41.71
CA CYS C 1051 -28.32 -28.95 42.40
C CYS C 1051 -27.71 -29.96 41.43
N LEU C 1052 -27.01 -30.93 42.00
CA LEU C 1052 -26.50 -32.09 41.27
C LEU C 1052 -27.30 -33.29 41.76
N MET C 1053 -28.17 -33.80 40.90
CA MET C 1053 -29.09 -34.87 41.27
C MET C 1053 -28.59 -36.20 40.76
N GLN C 1054 -28.78 -37.25 41.56
CA GLN C 1054 -28.35 -38.58 41.21
C GLN C 1054 -29.30 -39.20 40.19
N PHE C 1055 -28.90 -40.33 39.63
CA PHE C 1055 -29.70 -41.08 38.68
C PHE C 1055 -30.41 -42.22 39.40
N ASP C 1056 -31.72 -42.33 39.17
CA ASP C 1056 -32.53 -43.39 39.75
C ASP C 1056 -33.41 -44.00 38.69
N SER C 1057 -33.61 -45.32 38.77
CA SER C 1057 -34.43 -46.03 37.79
C SER C 1057 -35.77 -46.43 38.40
N ARG D 20 25.79 66.00 -1.42
CA ARG D 20 25.33 64.69 -1.90
C ARG D 20 23.91 64.85 -2.45
N MET D 21 23.79 64.79 -3.77
CA MET D 21 22.49 64.92 -4.45
C MET D 21 21.93 63.57 -4.86
N TRP D 22 22.11 62.55 -4.01
CA TRP D 22 21.61 61.22 -4.31
C TRP D 22 20.09 61.20 -4.40
N TRP D 23 19.41 62.09 -3.66
CA TRP D 23 17.96 62.08 -3.68
C TRP D 23 17.41 62.49 -5.05
N ALA D 24 18.16 63.28 -5.82
CA ALA D 24 17.73 63.62 -7.16
C ALA D 24 17.66 62.36 -8.04
N PHE D 25 18.75 61.59 -8.07
CA PHE D 25 18.78 60.37 -8.87
C PHE D 25 17.73 59.37 -8.39
N LEU D 26 17.58 59.23 -7.06
CA LEU D 26 16.60 58.28 -6.55
C LEU D 26 15.18 58.72 -6.87
N ALA D 27 14.87 60.00 -6.64
CA ALA D 27 13.52 60.51 -6.82
C ALA D 27 13.11 60.56 -8.28
N SER D 28 14.08 60.68 -9.20
CA SER D 28 13.75 60.56 -10.61
C SER D 28 13.09 59.22 -10.91
N SER D 29 13.73 58.13 -10.48
CA SER D 29 13.15 56.81 -10.66
C SER D 29 11.86 56.65 -9.87
N MET D 30 11.81 57.20 -8.65
CA MET D 30 10.61 57.08 -7.83
C MET D 30 9.40 57.72 -8.51
N VAL D 31 9.56 58.95 -9.01
CA VAL D 31 8.42 59.60 -9.67
C VAL D 31 8.10 58.90 -10.97
N THR D 32 9.13 58.51 -11.74
CA THR D 32 8.91 57.83 -13.01
C THR D 32 8.10 56.56 -12.84
N PHE D 33 8.36 55.79 -11.79
CA PHE D 33 7.57 54.60 -11.53
C PHE D 33 6.19 54.95 -10.98
N PHE D 34 6.16 55.65 -9.83
CA PHE D 34 4.93 55.78 -9.06
C PHE D 34 3.91 56.68 -9.76
N GLY D 35 4.32 57.86 -10.22
CA GLY D 35 3.37 58.79 -10.82
C GLY D 35 2.80 58.23 -12.13
N GLY D 36 3.65 57.58 -12.93
CA GLY D 36 3.17 56.98 -14.16
C GLY D 36 2.23 55.82 -13.88
N LEU D 37 2.53 55.01 -12.86
CA LEU D 37 1.60 53.96 -12.47
C LEU D 37 0.27 54.55 -12.03
N PHE D 38 0.31 55.63 -11.26
CA PHE D 38 -0.91 56.27 -10.78
C PHE D 38 -1.75 56.81 -11.94
N ILE D 39 -1.11 57.43 -12.92
CA ILE D 39 -1.88 57.97 -14.04
C ILE D 39 -2.40 56.85 -14.93
N ILE D 40 -1.69 55.71 -15.01
CA ILE D 40 -2.25 54.56 -15.72
C ILE D 40 -3.50 54.04 -15.03
N LEU D 41 -3.47 53.94 -13.69
CA LEU D 41 -4.68 53.53 -12.98
C LEU D 41 -5.80 54.54 -13.16
N LEU D 42 -5.47 55.84 -13.13
CA LEU D 42 -6.48 56.87 -13.31
C LEU D 42 -7.12 56.79 -14.68
N TRP D 43 -6.32 56.56 -15.73
CA TRP D 43 -6.87 56.38 -17.07
C TRP D 43 -7.69 55.10 -17.16
N ARG D 44 -7.30 54.07 -16.41
CA ARG D 44 -8.10 52.84 -16.38
C ARG D 44 -9.47 53.10 -15.76
N THR D 45 -9.53 53.91 -14.71
CA THR D 45 -10.82 54.25 -14.11
C THR D 45 -11.71 55.02 -15.09
N LEU D 46 -11.12 55.96 -15.84
CA LEU D 46 -11.87 56.72 -16.82
C LEU D 46 -12.27 55.85 -18.01
N TRP D 93 -6.86 50.84 -35.04
CA TRP D 93 -5.60 50.74 -35.77
C TRP D 93 -4.45 50.37 -34.83
N MET D 94 -4.63 50.67 -33.54
CA MET D 94 -3.60 50.35 -32.55
C MET D 94 -3.41 48.85 -32.37
N THR D 95 -4.42 48.04 -32.69
CA THR D 95 -4.25 46.59 -32.63
C THR D 95 -3.22 46.11 -33.64
N SER D 96 -3.18 46.74 -34.82
CA SER D 96 -2.22 46.34 -35.85
C SER D 96 -0.79 46.56 -35.38
N VAL D 97 -0.49 47.75 -34.86
CA VAL D 97 0.87 48.03 -34.39
C VAL D 97 1.18 47.20 -33.14
N LYS D 98 0.15 46.93 -32.31
CA LYS D 98 0.37 46.08 -31.13
C LYS D 98 0.78 44.67 -31.55
N ASP D 99 0.09 44.09 -32.53
CA ASP D 99 0.46 42.76 -33.01
C ASP D 99 1.80 42.78 -33.74
N TRP D 100 2.10 43.88 -34.46
CA TRP D 100 3.41 44.01 -35.09
C TRP D 100 4.53 43.97 -34.06
N ALA D 101 4.37 44.75 -32.98
CA ALA D 101 5.38 44.75 -31.92
C ALA D 101 5.45 43.39 -31.24
N GLY D 102 4.30 42.75 -31.03
CA GLY D 102 4.30 41.44 -30.39
C GLY D 102 5.02 40.39 -31.19
N VAL D 103 4.80 40.36 -32.51
CA VAL D 103 5.52 39.41 -33.35
C VAL D 103 6.98 39.81 -33.52
N MET D 104 7.29 41.10 -33.37
CA MET D 104 8.69 41.52 -33.38
C MET D 104 9.44 41.01 -32.15
N ILE D 105 8.83 41.10 -30.97
CA ILE D 105 9.48 40.67 -29.74
C ILE D 105 9.05 39.27 -29.33
N SER D 106 8.41 38.52 -30.23
CA SER D 106 8.01 37.15 -29.92
C SER D 106 9.24 36.25 -29.82
N ALA D 107 9.13 35.24 -28.96
CA ALA D 107 10.23 34.29 -28.77
C ALA D 107 10.48 33.48 -30.04
N GLN D 108 9.41 33.08 -30.73
CA GLN D 108 9.57 32.23 -31.91
C GLN D 108 10.22 32.98 -33.06
N THR D 109 10.04 34.30 -33.13
CA THR D 109 10.66 35.09 -34.19
C THR D 109 12.17 35.13 -34.02
N LEU D 110 12.90 34.93 -35.13
CA LEU D 110 14.35 34.94 -35.09
C LEU D 110 14.88 36.31 -34.65
N THR D 111 14.19 37.38 -35.05
CA THR D 111 14.53 38.71 -34.55
C THR D 111 14.39 38.76 -33.03
N GLY D 112 13.35 38.14 -32.49
CA GLY D 112 13.22 38.05 -31.05
C GLY D 112 14.36 37.31 -30.40
N ARG D 113 14.79 36.19 -31.01
CA ARG D 113 15.91 35.42 -30.47
C ARG D 113 17.18 36.25 -30.42
N VAL D 114 17.56 36.85 -31.55
CA VAL D 114 18.81 37.60 -31.59
C VAL D 114 18.71 38.85 -30.70
N LEU D 115 17.52 39.43 -30.57
CA LEU D 115 17.38 40.63 -29.77
C LEU D 115 17.45 40.32 -28.28
N VAL D 116 16.87 39.21 -27.83
CA VAL D 116 16.99 38.85 -26.41
C VAL D 116 18.42 38.46 -26.09
N VAL D 117 19.11 37.78 -27.02
CA VAL D 117 20.52 37.49 -26.80
C VAL D 117 21.32 38.80 -26.70
N LEU D 118 21.00 39.76 -27.56
CA LEU D 118 21.70 41.05 -27.54
C LEU D 118 21.47 41.78 -26.23
N VAL D 119 20.23 41.82 -25.75
CA VAL D 119 19.96 42.57 -24.52
C VAL D 119 20.58 41.86 -23.32
N PHE D 120 20.61 40.52 -23.32
CA PHE D 120 21.30 39.81 -22.25
C PHE D 120 22.80 40.12 -22.24
N ALA D 121 23.42 40.10 -23.44
CA ALA D 121 24.84 40.39 -23.52
C ALA D 121 25.14 41.82 -23.08
N LEU D 122 24.28 42.77 -23.45
CA LEU D 122 24.52 44.15 -23.06
C LEU D 122 24.28 44.34 -21.56
N SER D 123 23.36 43.57 -20.97
CA SER D 123 23.21 43.60 -19.52
C SER D 123 24.45 43.07 -18.83
N ILE D 124 25.06 42.01 -19.36
CA ILE D 124 26.31 41.51 -18.82
C ILE D 124 27.40 42.57 -18.92
N GLY D 125 27.47 43.25 -20.07
CA GLY D 125 28.44 44.33 -20.22
C GLY D 125 28.24 45.45 -19.22
N ALA D 126 26.98 45.83 -18.99
CA ALA D 126 26.68 46.87 -18.02
C ALA D 126 27.07 46.43 -16.61
N LEU D 127 26.85 45.16 -16.29
CA LEU D 127 27.27 44.64 -14.98
C LEU D 127 28.79 44.69 -14.84
N VAL D 128 29.52 44.39 -15.92
CA VAL D 128 30.97 44.48 -15.87
C VAL D 128 31.41 45.92 -15.65
N ILE D 129 30.74 46.87 -16.33
CA ILE D 129 31.05 48.28 -16.13
C ILE D 129 30.78 48.69 -14.68
N TYR D 130 29.70 48.18 -14.09
CA TYR D 130 29.42 48.45 -12.69
C TYR D 130 30.50 47.89 -11.78
N PHE D 131 30.98 46.69 -12.09
CA PHE D 131 32.08 46.11 -11.30
C PHE D 131 33.33 46.96 -11.38
N ILE D 132 33.64 47.48 -12.58
CA ILE D 132 34.81 48.34 -12.73
C ILE D 132 34.62 49.64 -11.95
N ASP D 133 33.44 50.25 -12.04
CA ASP D 133 33.20 51.54 -11.41
C ASP D 133 32.97 51.44 -9.90
N SER D 134 32.77 50.24 -9.37
CA SER D 134 32.56 50.09 -7.92
C SER D 134 33.79 50.53 -7.13
N SER D 135 34.98 50.40 -7.71
CA SER D 135 36.19 50.84 -7.02
C SER D 135 36.24 52.35 -6.85
N ASN D 136 35.55 53.09 -7.72
CA ASN D 136 35.50 54.54 -7.61
C ASN D 136 34.61 54.94 -6.43
N PRO D 137 34.74 56.18 -5.96
CA PRO D 137 33.85 56.67 -4.89
C PRO D 137 32.39 56.65 -5.32
N ILE D 138 31.52 56.65 -4.32
CA ILE D 138 30.08 56.49 -4.56
C ILE D 138 29.53 57.64 -5.38
N GLU D 139 29.90 58.87 -5.05
CA GLU D 139 29.38 60.06 -5.72
C GLU D 139 30.56 60.90 -6.19
N SER D 140 30.78 60.91 -7.51
CA SER D 140 31.90 61.66 -8.08
C SER D 140 31.41 62.50 -9.26
N CYS D 141 32.35 63.10 -10.00
CA CYS D 141 32.02 63.91 -11.17
C CYS D 141 32.86 63.48 -12.35
N GLN D 142 32.25 63.50 -13.54
CA GLN D 142 32.94 63.14 -14.77
C GLN D 142 32.24 63.83 -15.93
N ASN D 143 32.88 63.78 -17.09
CA ASN D 143 32.41 64.45 -18.29
C ASN D 143 32.00 63.45 -19.35
N PHE D 144 30.93 63.76 -20.08
CA PHE D 144 30.51 62.92 -21.21
C PHE D 144 31.58 62.87 -22.30
N TYR D 145 32.06 64.03 -22.72
CA TYR D 145 32.99 64.07 -23.85
C TYR D 145 34.36 63.53 -23.46
N LYS D 146 34.76 63.67 -22.20
CA LYS D 146 36.06 63.15 -21.76
C LYS D 146 36.03 61.63 -21.63
N ASP D 147 34.96 61.08 -21.05
CA ASP D 147 34.90 59.67 -20.71
C ASP D 147 34.10 58.93 -21.79
N PHE D 148 34.76 57.97 -22.44
CA PHE D 148 34.08 57.12 -23.42
C PHE D 148 33.24 56.03 -22.74
N THR D 149 33.66 55.56 -21.57
CA THR D 149 32.94 54.48 -20.89
C THR D 149 31.53 54.92 -20.50
N LEU D 150 31.37 56.16 -20.04
CA LEU D 150 30.05 56.66 -19.70
C LEU D 150 29.16 56.76 -20.94
N GLN D 151 29.74 57.14 -22.08
CA GLN D 151 29.00 57.16 -23.34
C GLN D 151 28.56 55.75 -23.73
N ILE D 152 29.44 54.76 -23.55
CA ILE D 152 29.08 53.37 -23.81
C ILE D 152 27.93 52.94 -22.90
N ASP D 153 28.01 53.30 -21.62
CA ASP D 153 26.98 52.92 -20.66
C ASP D 153 25.63 53.51 -21.05
N MET D 154 25.61 54.79 -21.45
CA MET D 154 24.33 55.38 -21.82
C MET D 154 23.84 54.88 -23.16
N ALA D 155 24.72 54.46 -24.07
CA ALA D 155 24.27 53.79 -25.28
C ALA D 155 23.57 52.48 -24.94
N PHE D 156 24.16 51.70 -24.04
CA PHE D 156 23.51 50.50 -23.53
C PHE D 156 22.15 50.83 -22.95
N ASN D 157 22.07 51.88 -22.14
CA ASN D 157 20.85 52.20 -21.43
C ASN D 157 19.77 52.74 -22.37
N VAL D 158 20.14 53.48 -23.42
CA VAL D 158 19.13 53.91 -24.37
C VAL D 158 18.67 52.74 -25.24
N PHE D 159 19.53 51.75 -25.46
CA PHE D 159 19.05 50.53 -26.11
C PHE D 159 18.03 49.82 -25.21
N PHE D 160 18.30 49.76 -23.91
CA PHE D 160 17.32 49.21 -22.98
C PHE D 160 16.04 50.02 -22.99
N LEU D 161 16.15 51.34 -23.15
CA LEU D 161 14.99 52.21 -23.24
C LEU D 161 14.14 51.87 -24.47
N LEU D 162 14.79 51.69 -25.62
CA LEU D 162 14.05 51.34 -26.83
C LEU D 162 13.38 49.98 -26.68
N TYR D 163 14.08 49.01 -26.07
CA TYR D 163 13.45 47.71 -25.88
C TYR D 163 12.30 47.77 -24.88
N PHE D 164 12.40 48.63 -23.86
CA PHE D 164 11.28 48.87 -22.97
C PHE D 164 10.08 49.43 -23.72
N GLY D 165 10.33 50.37 -24.64
CA GLY D 165 9.25 50.87 -25.48
C GLY D 165 8.61 49.79 -26.32
N LEU D 166 9.45 48.91 -26.90
CA LEU D 166 8.92 47.80 -27.69
C LEU D 166 8.05 46.87 -26.86
N ARG D 167 8.46 46.58 -25.61
CA ARG D 167 7.60 45.78 -24.75
C ARG D 167 6.30 46.52 -24.43
N PHE D 168 6.38 47.81 -24.11
CA PHE D 168 5.20 48.53 -23.63
C PHE D 168 4.15 48.67 -24.73
N ILE D 169 4.58 48.94 -25.96
CA ILE D 169 3.61 49.07 -27.04
C ILE D 169 2.92 47.75 -27.35
N ALA D 170 3.55 46.63 -27.02
CA ALA D 170 2.96 45.31 -27.21
C ALA D 170 2.38 44.74 -25.92
N ALA D 171 2.32 45.51 -24.85
CA ALA D 171 1.83 45.01 -23.58
C ALA D 171 0.31 44.83 -23.62
N ASN D 172 -0.15 43.64 -23.23
CA ASN D 172 -1.59 43.38 -23.20
C ASN D 172 -2.27 44.12 -22.06
N ASP D 173 -1.66 44.12 -20.88
CA ASP D 173 -2.16 44.83 -19.71
C ASP D 173 -1.05 45.72 -19.17
N LYS D 174 -1.36 46.99 -18.93
CA LYS D 174 -0.33 47.93 -18.50
C LYS D 174 0.06 47.73 -17.04
N LEU D 175 -0.87 47.30 -16.19
CA LEU D 175 -0.57 47.14 -14.78
C LEU D 175 0.43 46.01 -14.54
N TRP D 176 0.17 44.83 -15.10
CA TRP D 176 1.05 43.69 -14.89
C TRP D 176 2.41 43.91 -15.56
N PHE D 177 2.43 44.57 -16.71
CA PHE D 177 3.69 44.94 -17.32
C PHE D 177 4.43 46.00 -16.51
N TRP D 178 3.68 46.85 -15.79
CA TRP D 178 4.30 47.88 -14.96
C TRP D 178 4.74 47.35 -13.61
N LEU D 179 4.33 46.13 -13.25
CA LEU D 179 4.74 45.56 -11.97
C LEU D 179 5.56 44.29 -12.16
N GLU D 180 6.54 44.32 -13.06
CA GLU D 180 7.44 43.21 -13.27
C GLU D 180 8.89 43.66 -13.11
N VAL D 181 9.81 42.69 -13.10
CA VAL D 181 11.18 42.95 -12.70
C VAL D 181 11.93 43.78 -13.73
N ASN D 182 11.75 43.47 -15.03
CA ASN D 182 12.49 44.19 -16.06
C ASN D 182 12.07 45.66 -16.10
N SER D 183 10.77 45.93 -15.95
CA SER D 183 10.29 47.31 -15.95
C SER D 183 10.92 48.09 -14.79
N VAL D 184 10.93 47.52 -13.60
CA VAL D 184 11.42 48.25 -12.44
C VAL D 184 12.94 48.42 -12.49
N VAL D 185 13.67 47.43 -13.01
CA VAL D 185 15.12 47.61 -13.13
C VAL D 185 15.44 48.67 -14.18
N ASP D 186 14.66 48.73 -15.26
CA ASP D 186 14.84 49.82 -16.22
C ASP D 186 14.53 51.16 -15.59
N PHE D 187 13.47 51.23 -14.77
CA PHE D 187 13.09 52.48 -14.12
C PHE D 187 14.18 52.97 -13.17
N PHE D 188 14.81 52.06 -12.43
CA PHE D 188 15.85 52.45 -11.48
C PHE D 188 17.25 52.45 -12.09
N THR D 189 17.37 52.13 -13.37
CA THR D 189 18.67 52.19 -14.04
C THR D 189 18.81 53.36 -15.01
N VAL D 190 17.85 53.56 -15.91
CA VAL D 190 18.04 54.46 -17.05
C VAL D 190 17.80 55.94 -16.70
N PRO D 191 16.76 56.31 -15.95
CA PRO D 191 16.66 57.71 -15.50
C PRO D 191 17.86 58.16 -14.69
N PRO D 192 18.46 57.30 -13.83
CA PRO D 192 19.71 57.74 -13.18
C PRO D 192 20.83 58.08 -14.16
N VAL D 193 20.99 57.35 -15.27
CA VAL D 193 22.11 57.67 -16.15
C VAL D 193 21.80 58.93 -16.95
N PHE D 194 20.52 59.17 -17.29
CA PHE D 194 20.19 60.46 -17.90
C PHE D 194 20.43 61.62 -16.93
N VAL D 195 20.08 61.45 -15.66
CA VAL D 195 20.35 62.51 -14.69
C VAL D 195 21.85 62.71 -14.53
N SER D 196 22.62 61.62 -14.60
CA SER D 196 24.08 61.70 -14.49
C SER D 196 24.67 62.49 -15.65
N VAL D 197 24.21 62.22 -16.88
CA VAL D 197 24.76 62.95 -18.02
C VAL D 197 24.26 64.39 -18.03
N TYR D 198 23.08 64.64 -17.45
CA TYR D 198 22.57 65.99 -17.36
C TYR D 198 23.37 66.84 -16.38
N LEU D 199 23.47 66.40 -15.13
CA LEU D 199 24.14 67.19 -14.09
C LEU D 199 25.64 67.00 -14.10
N ASN D 200 26.14 66.11 -14.97
CA ASN D 200 27.57 65.81 -15.09
C ASN D 200 28.16 65.31 -13.76
N ARG D 201 27.35 64.61 -12.97
CA ARG D 201 27.79 63.99 -11.73
C ARG D 201 27.33 62.54 -11.73
N SER D 202 28.24 61.63 -11.37
CA SER D 202 27.99 60.20 -11.40
C SER D 202 27.74 59.68 -10.00
N TRP D 203 26.65 58.93 -9.84
CA TRP D 203 26.34 58.24 -8.59
C TRP D 203 26.23 56.76 -8.87
N LEU D 204 26.75 55.94 -7.95
CA LEU D 204 26.77 54.49 -8.17
C LEU D 204 25.36 53.94 -8.32
N GLY D 205 24.44 54.39 -7.45
CA GLY D 205 23.04 54.07 -7.64
C GLY D 205 22.73 52.60 -7.49
N LEU D 206 21.76 52.14 -8.27
CA LEU D 206 21.27 50.77 -8.21
C LEU D 206 21.57 50.03 -9.51
N ARG D 207 22.76 50.24 -10.06
CA ARG D 207 23.14 49.56 -11.30
C ARG D 207 23.34 48.07 -11.12
N PHE D 208 23.66 47.63 -9.89
CA PHE D 208 23.83 46.20 -9.61
C PHE D 208 22.56 45.41 -9.89
N LEU D 209 21.41 46.07 -9.92
CA LEU D 209 20.15 45.40 -10.26
C LEU D 209 20.19 44.78 -11.65
N ARG D 210 21.09 45.24 -12.52
CA ARG D 210 21.25 44.60 -13.84
C ARG D 210 21.58 43.12 -13.71
N ALA D 211 22.19 42.72 -12.60
CA ALA D 211 22.50 41.30 -12.37
C ALA D 211 21.25 40.44 -12.39
N LEU D 212 20.07 41.01 -12.11
CA LEU D 212 18.84 40.23 -12.18
C LEU D 212 18.59 39.67 -13.57
N ARG D 213 19.15 40.27 -14.62
CA ARG D 213 18.99 39.72 -15.96
C ARG D 213 19.56 38.32 -16.07
N LEU D 214 20.49 37.94 -15.19
CA LEU D 214 21.02 36.59 -15.20
C LEU D 214 19.94 35.52 -15.02
N ILE D 215 18.78 35.90 -14.46
CA ILE D 215 17.70 34.94 -14.28
C ILE D 215 17.24 34.37 -15.63
N GLN D 216 17.34 35.15 -16.70
CA GLN D 216 16.90 34.63 -17.99
C GLN D 216 18.01 33.89 -18.74
N PHE D 217 19.18 33.73 -18.12
CA PHE D 217 20.33 33.10 -18.78
C PHE D 217 19.98 31.75 -19.38
N SER D 218 19.28 30.92 -18.61
CA SER D 218 18.92 29.58 -19.08
C SER D 218 18.13 29.65 -20.37
N GLU D 219 17.20 30.61 -20.48
CA GLU D 219 16.41 30.74 -21.70
C GLU D 219 17.30 30.99 -22.91
N ILE D 220 18.37 31.76 -22.72
CA ILE D 220 19.32 31.99 -23.81
C ILE D 220 19.93 30.67 -24.25
N LEU D 221 20.33 29.83 -23.27
CA LEU D 221 20.87 28.53 -23.61
C LEU D 221 19.83 27.63 -24.25
N GLN D 222 18.53 27.92 -24.06
CA GLN D 222 17.51 27.18 -24.78
C GLN D 222 17.42 27.62 -26.23
N PHE D 223 17.72 28.89 -26.51
CA PHE D 223 17.65 29.37 -27.89
C PHE D 223 18.86 28.93 -28.70
N LEU D 224 20.01 28.77 -28.07
CA LEU D 224 21.22 28.33 -28.74
C LEU D 224 21.37 26.82 -28.78
N ASN D 225 20.35 26.09 -28.32
CA ASN D 225 20.30 24.62 -28.33
C ASN D 225 21.43 24.01 -27.49
N ILE D 226 21.99 24.78 -26.55
CA ILE D 226 22.99 24.23 -25.64
C ILE D 226 22.35 23.28 -24.65
N LEU D 227 21.19 23.65 -24.10
CA LEU D 227 20.47 22.82 -23.15
C LEU D 227 19.29 22.15 -23.84
N LYS D 228 19.17 20.84 -23.66
CA LYS D 228 18.10 20.07 -24.28
C LYS D 228 17.19 19.41 -23.25
N THR D 229 17.76 18.75 -22.24
CA THR D 229 16.94 18.09 -21.24
C THR D 229 16.31 19.10 -20.29
N SER D 230 15.20 18.69 -19.67
CA SER D 230 14.49 19.58 -18.76
C SER D 230 15.23 19.75 -17.43
N ASN D 231 15.88 18.68 -16.96
CA ASN D 231 16.59 18.74 -15.69
C ASN D 231 17.74 19.74 -15.75
N SER D 232 18.48 19.75 -16.87
CA SER D 232 19.57 20.72 -17.03
C SER D 232 19.04 22.15 -17.04
N ILE D 233 17.91 22.38 -17.71
CA ILE D 233 17.32 23.72 -17.73
C ILE D 233 16.91 24.15 -16.34
N LYS D 234 16.28 23.24 -15.58
CA LYS D 234 15.87 23.57 -14.22
C LYS D 234 17.08 23.87 -13.33
N LEU D 235 18.14 23.07 -13.46
CA LEU D 235 19.34 23.30 -12.66
C LEU D 235 19.99 24.64 -13.00
N VAL D 236 20.10 24.95 -14.28
CA VAL D 236 20.70 26.22 -14.69
C VAL D 236 19.84 27.39 -14.21
N ASN D 237 18.52 27.25 -14.27
CA ASN D 237 17.63 28.30 -13.78
C ASN D 237 17.84 28.53 -12.29
N LEU D 238 17.92 27.45 -11.52
CA LEU D 238 18.10 27.59 -10.07
C LEU D 238 19.44 28.25 -9.75
N LEU D 239 20.51 27.83 -10.42
CA LEU D 239 21.81 28.44 -10.18
C LEU D 239 21.82 29.91 -10.58
N SER D 240 21.16 30.25 -11.69
CA SER D 240 21.10 31.64 -12.12
C SER D 240 20.37 32.51 -11.12
N ILE D 241 19.24 32.01 -10.59
CA ILE D 241 18.51 32.76 -9.56
C ILE D 241 19.39 32.96 -8.33
N PHE D 242 20.08 31.90 -7.89
CA PHE D 242 20.92 32.01 -6.70
C PHE D 242 22.03 33.04 -6.89
N ILE D 243 22.73 32.99 -8.03
CA ILE D 243 23.82 33.93 -8.27
C ILE D 243 23.28 35.35 -8.40
N SER D 244 22.14 35.53 -9.07
CA SER D 244 21.59 36.87 -9.26
C SER D 244 21.21 37.50 -7.92
N THR D 245 20.52 36.74 -7.05
CA THR D 245 20.13 37.32 -5.78
C THR D 245 21.35 37.55 -4.88
N TRP D 246 22.36 36.69 -4.96
CA TRP D 246 23.60 36.90 -4.23
C TRP D 246 24.24 38.23 -4.64
N LEU D 247 24.38 38.45 -5.95
CA LEU D 247 25.05 39.66 -6.42
C LEU D 247 24.25 40.92 -6.11
N THR D 248 22.92 40.87 -6.23
CA THR D 248 22.16 42.09 -5.96
C THR D 248 22.13 42.40 -4.46
N ALA D 249 22.10 41.38 -3.59
CA ALA D 249 22.20 41.64 -2.17
C ALA D 249 23.56 42.23 -1.82
N ALA D 250 24.62 41.71 -2.44
CA ALA D 250 25.95 42.28 -2.23
C ALA D 250 26.00 43.73 -2.69
N GLY D 251 25.34 44.05 -3.81
CA GLY D 251 25.29 45.43 -4.27
C GLY D 251 24.58 46.35 -3.31
N PHE D 252 23.43 45.91 -2.78
CA PHE D 252 22.73 46.72 -1.77
C PHE D 252 23.59 46.97 -0.55
N ILE D 253 24.27 45.92 -0.06
CA ILE D 253 25.12 46.08 1.12
C ILE D 253 26.26 47.03 0.83
N HIS D 254 26.89 46.90 -0.33
CA HIS D 254 27.99 47.80 -0.71
C HIS D 254 27.53 49.24 -0.73
N LEU D 255 26.39 49.51 -1.39
CA LEU D 255 25.88 50.86 -1.49
C LEU D 255 25.58 51.44 -0.10
N VAL D 256 24.86 50.69 0.73
CA VAL D 256 24.43 51.24 2.01
C VAL D 256 25.62 51.42 2.96
N GLU D 257 26.61 50.54 2.90
CA GLU D 257 27.75 50.66 3.80
C GLU D 257 28.70 51.78 3.37
N ASN D 258 28.96 51.90 2.06
CA ASN D 258 29.88 52.94 1.62
C ASN D 258 29.24 54.32 1.64
N SER D 259 27.92 54.42 1.45
CA SER D 259 27.28 55.72 1.46
C SER D 259 27.24 56.31 2.87
N GLY D 260 26.82 55.50 3.84
CA GLY D 260 26.67 55.96 5.21
C GLY D 260 25.22 56.32 5.54
N ASP D 261 24.98 56.54 6.83
CA ASP D 261 23.64 56.85 7.30
C ASP D 261 23.29 58.29 6.95
N PRO D 262 22.21 58.54 6.21
CA PRO D 262 21.86 59.92 5.85
C PRO D 262 21.55 60.82 7.05
N TRP D 263 20.97 60.28 8.12
CA TRP D 263 20.57 61.10 9.25
C TRP D 263 21.72 61.42 10.20
N GLU D 264 22.91 60.87 9.96
CA GLU D 264 24.09 61.19 10.76
C GLU D 264 25.15 61.91 9.93
N ASN D 265 24.72 62.62 8.89
CA ASN D 265 25.60 63.39 8.01
C ASN D 265 26.66 62.51 7.34
N PHE D 266 26.31 61.25 7.09
CA PHE D 266 27.16 60.32 6.34
C PHE D 266 28.54 60.15 6.99
N GLN D 267 28.56 60.11 8.32
CA GLN D 267 29.79 59.87 9.06
C GLN D 267 29.95 58.41 9.46
N ASN D 268 29.03 57.54 9.04
CA ASN D 268 29.08 56.12 9.37
C ASN D 268 29.66 55.28 8.24
N ASN D 269 30.29 55.92 7.26
CA ASN D 269 30.80 55.20 6.09
C ASN D 269 31.88 54.20 6.49
N GLN D 270 31.75 52.98 5.98
CA GLN D 270 32.72 51.91 6.20
C GLN D 270 33.26 51.48 4.84
N ALA D 271 34.57 51.60 4.66
CA ALA D 271 35.20 51.36 3.36
C ALA D 271 35.22 49.86 3.10
N LEU D 272 34.22 49.37 2.38
CA LEU D 272 34.14 47.98 1.98
C LEU D 272 34.11 47.89 0.46
N THR D 273 34.98 47.04 -0.10
CA THR D 273 34.90 46.76 -1.52
C THR D 273 33.67 45.89 -1.81
N TYR D 274 33.29 45.85 -3.09
CA TYR D 274 32.13 45.04 -3.48
C TYR D 274 32.41 43.56 -3.24
N TRP D 275 33.62 43.11 -3.53
CA TRP D 275 33.95 41.70 -3.35
C TRP D 275 33.96 41.31 -1.88
N GLU D 276 34.34 42.23 -0.99
CA GLU D 276 34.20 41.97 0.44
C GLU D 276 32.73 41.81 0.83
N CYS D 277 31.84 42.57 0.20
CA CYS D 277 30.42 42.40 0.47
C CYS D 277 29.91 41.07 -0.05
N VAL D 278 30.41 40.62 -1.20
CA VAL D 278 30.07 39.30 -1.70
C VAL D 278 30.54 38.22 -0.73
N TYR D 279 31.76 38.36 -0.21
CA TYR D 279 32.28 37.44 0.78
C TYR D 279 31.43 37.45 2.04
N LEU D 280 31.02 38.64 2.50
CA LEU D 280 30.18 38.74 3.68
C LEU D 280 28.83 38.05 3.46
N LEU D 281 28.23 38.24 2.29
CA LEU D 281 26.95 37.58 2.00
C LEU D 281 27.11 36.06 1.95
N MET D 282 28.20 35.57 1.37
CA MET D 282 28.42 34.13 1.33
C MET D 282 28.63 33.57 2.74
N VAL D 283 29.38 34.27 3.59
CA VAL D 283 29.58 33.80 4.95
C VAL D 283 28.27 33.82 5.73
N THR D 284 27.44 34.84 5.49
CA THR D 284 26.18 34.95 6.21
C THR D 284 25.19 33.87 5.79
N MET D 285 25.02 33.67 4.47
CA MET D 285 24.02 32.73 3.99
C MET D 285 24.36 31.28 4.32
N SER D 286 25.62 30.97 4.60
CA SER D 286 26.01 29.65 5.05
C SER D 286 25.93 29.50 6.56
N THR D 287 25.47 30.54 7.26
CA THR D 287 25.34 30.56 8.73
C THR D 287 26.66 30.27 9.42
N VAL D 288 27.77 30.75 8.86
CA VAL D 288 29.07 30.61 9.49
C VAL D 288 29.31 31.81 10.40
N GLY D 289 29.34 33.00 9.82
CA GLY D 289 29.46 34.22 10.60
C GLY D 289 30.79 34.39 11.29
N TYR D 290 31.86 34.61 10.52
CA TYR D 290 33.16 34.85 11.11
C TYR D 290 33.17 36.12 11.96
N GLY D 291 32.56 37.19 11.44
CA GLY D 291 32.58 38.47 12.11
C GLY D 291 33.78 39.34 11.79
N ASP D 292 34.67 38.89 10.90
CA ASP D 292 35.77 39.73 10.47
C ASP D 292 35.27 40.96 9.72
N VAL D 293 34.29 40.77 8.84
CA VAL D 293 33.64 41.86 8.14
C VAL D 293 32.14 41.77 8.41
N TYR D 294 31.54 42.92 8.71
CA TYR D 294 30.13 42.96 9.08
C TYR D 294 29.59 44.36 8.83
N ALA D 295 28.27 44.50 8.96
CA ALA D 295 27.61 45.77 8.73
C ALA D 295 27.60 46.59 10.02
N LYS D 296 28.12 47.82 9.94
CA LYS D 296 28.15 48.70 11.10
C LYS D 296 27.06 49.77 11.06
N THR D 297 26.56 50.14 9.88
CA THR D 297 25.51 51.13 9.78
C THR D 297 24.17 50.54 10.17
N THR D 298 23.26 51.42 10.61
CA THR D 298 21.94 50.97 11.04
C THR D 298 21.15 50.39 9.87
N LEU D 299 21.13 51.10 8.73
CA LEU D 299 20.39 50.63 7.58
C LEU D 299 21.01 49.36 7.01
N GLY D 300 22.35 49.26 7.07
CA GLY D 300 23.00 48.03 6.64
C GLY D 300 22.62 46.83 7.51
N ARG D 301 22.56 47.03 8.82
CA ARG D 301 22.16 45.96 9.72
C ARG D 301 20.70 45.57 9.49
N LEU D 302 19.84 46.56 9.24
CA LEU D 302 18.45 46.26 8.94
C LEU D 302 18.32 45.45 7.65
N PHE D 303 19.09 45.82 6.63
CA PHE D 303 19.10 45.06 5.38
C PHE D 303 19.62 43.65 5.62
N MET D 304 20.64 43.50 6.48
CA MET D 304 21.16 42.17 6.78
C MET D 304 20.10 41.30 7.46
N VAL D 305 19.33 41.89 8.37
CA VAL D 305 18.25 41.13 9.02
C VAL D 305 17.23 40.67 8.00
N PHE D 306 16.81 41.59 7.11
CA PHE D 306 15.84 41.21 6.09
C PHE D 306 16.41 40.17 5.13
N PHE D 307 17.70 40.27 4.79
CA PHE D 307 18.30 39.29 3.90
C PHE D 307 18.39 37.92 4.55
N ILE D 308 18.69 37.87 5.85
CA ILE D 308 18.72 36.58 6.55
C ILE D 308 17.34 35.94 6.52
N LEU D 309 16.30 36.72 6.86
CA LEU D 309 14.95 36.18 6.87
C LEU D 309 14.53 35.71 5.47
N GLY D 310 14.79 36.54 4.45
CA GLY D 310 14.41 36.18 3.10
C GLY D 310 15.17 34.98 2.57
N GLY D 311 16.46 34.88 2.90
CA GLY D 311 17.24 33.73 2.47
C GLY D 311 16.76 32.44 3.10
N LEU D 312 16.44 32.48 4.41
CA LEU D 312 15.89 31.29 5.04
C LEU D 312 14.56 30.90 4.43
N ALA D 313 13.69 31.89 4.18
CA ALA D 313 12.39 31.58 3.57
C ALA D 313 12.55 30.99 2.17
N MET D 314 13.41 31.58 1.35
CA MET D 314 13.62 31.09 0.00
C MET D 314 14.23 29.70 -0.01
N PHE D 315 15.19 29.44 0.87
CA PHE D 315 15.80 28.11 0.94
C PHE D 315 14.76 27.08 1.37
N ALA D 316 13.92 27.42 2.35
CA ALA D 316 12.88 26.50 2.78
C ALA D 316 11.87 26.24 1.66
N SER D 317 11.59 27.26 0.85
CA SER D 317 10.66 27.07 -0.26
C SER D 317 11.28 26.20 -1.36
N TYR D 318 12.59 26.34 -1.58
CA TYR D 318 13.26 25.64 -2.67
C TYR D 318 13.83 24.28 -2.27
N VAL D 319 13.71 23.87 -1.00
CA VAL D 319 14.11 22.52 -0.61
C VAL D 319 13.48 21.41 -1.49
N PRO D 320 12.16 21.42 -1.76
CA PRO D 320 11.60 20.33 -2.57
C PRO D 320 12.21 20.21 -3.96
N GLU D 321 12.55 21.34 -4.59
CA GLU D 321 13.21 21.27 -5.89
C GLU D 321 14.62 20.70 -5.78
N ILE D 322 15.32 20.99 -4.69
CA ILE D 322 16.63 20.38 -4.46
C ILE D 322 16.49 18.86 -4.31
N ILE D 323 15.47 18.43 -3.56
CA ILE D 323 15.23 17.00 -3.39
C ILE D 323 14.90 16.34 -4.73
N GLU D 324 14.11 17.03 -5.56
CA GLU D 324 13.78 16.50 -6.88
C GLU D 324 15.02 16.39 -7.76
N LEU D 325 15.88 17.41 -7.73
CA LEU D 325 17.11 17.37 -8.53
C LEU D 325 18.04 16.25 -8.06
N ILE D 326 18.16 16.05 -6.74
CA ILE D 326 18.90 14.89 -6.25
C ILE D 326 18.21 13.61 -6.65
N GLY D 327 16.89 13.54 -6.45
CA GLY D 327 16.12 12.41 -6.90
C GLY D 327 16.41 11.13 -6.12
N ASN D 328 15.81 10.05 -6.60
CA ASN D 328 16.02 8.71 -6.06
C ASN D 328 16.81 7.92 -7.09
N ARG D 329 18.10 7.74 -6.83
CA ARG D 329 18.96 7.02 -7.76
C ARG D 329 18.60 5.54 -7.79
N LYS D 330 18.63 4.97 -8.98
CA LYS D 330 18.36 3.54 -9.14
C LYS D 330 19.53 2.74 -8.57
N LYS D 331 19.24 1.88 -7.59
CA LYS D 331 20.30 1.17 -6.89
C LYS D 331 20.91 0.06 -7.74
N TYR D 332 20.07 -0.65 -8.49
CA TYR D 332 20.50 -1.82 -9.27
C TYR D 332 20.46 -1.55 -10.77
N GLY D 333 20.88 -0.36 -11.17
CA GLY D 333 21.05 -0.04 -12.58
C GLY D 333 22.42 -0.43 -13.07
N GLY D 334 22.84 0.22 -14.15
CA GLY D 334 24.15 -0.02 -14.70
C GLY D 334 24.25 -1.33 -15.46
N SER D 335 25.48 -1.71 -15.75
CA SER D 335 25.76 -2.91 -16.52
C SER D 335 26.93 -3.66 -15.90
N TYR D 336 26.99 -4.96 -16.17
CA TYR D 336 28.08 -5.78 -15.67
C TYR D 336 29.38 -5.44 -16.39
N SER D 337 30.45 -5.30 -15.62
CA SER D 337 31.77 -4.99 -16.16
C SER D 337 32.57 -6.28 -16.27
N ALA D 338 32.93 -6.63 -17.50
CA ALA D 338 33.66 -7.88 -17.73
C ALA D 338 35.07 -7.80 -17.16
N VAL D 339 35.51 -8.90 -16.55
CA VAL D 339 36.85 -9.03 -15.99
C VAL D 339 37.55 -10.17 -16.72
N SER D 340 38.75 -9.89 -17.22
CA SER D 340 39.50 -10.89 -17.98
C SER D 340 39.89 -12.06 -17.09
N GLY D 341 39.74 -13.27 -17.63
CA GLY D 341 40.06 -14.48 -16.89
C GLY D 341 39.00 -14.95 -15.91
N ARG D 342 37.84 -14.31 -15.88
CA ARG D 342 36.77 -14.66 -14.94
C ARG D 342 35.47 -14.83 -15.72
N LYS D 343 34.99 -16.06 -15.80
CA LYS D 343 33.72 -16.33 -16.46
C LYS D 343 32.56 -15.91 -15.56
N HIS D 344 31.38 -15.78 -16.17
CA HIS D 344 30.18 -15.44 -15.41
C HIS D 344 29.01 -16.25 -15.91
N ILE D 345 28.08 -16.51 -14.99
CA ILE D 345 26.87 -17.27 -15.24
C ILE D 345 25.69 -16.35 -14.98
N VAL D 346 24.77 -16.27 -15.93
CA VAL D 346 23.61 -15.39 -15.82
C VAL D 346 22.43 -16.21 -15.33
N VAL D 347 21.85 -15.80 -14.21
CA VAL D 347 20.75 -16.52 -13.57
C VAL D 347 19.50 -15.65 -13.63
N CYS D 348 18.42 -16.22 -14.14
CA CYS D 348 17.16 -15.50 -14.30
C CYS D 348 16.01 -16.44 -13.96
N GLY D 349 14.80 -15.89 -14.04
CA GLY D 349 13.61 -16.67 -13.74
C GLY D 349 12.91 -16.23 -12.48
N HIS D 350 12.62 -17.17 -11.58
CA HIS D 350 11.96 -16.88 -10.31
C HIS D 350 13.06 -16.75 -9.26
N ILE D 351 13.43 -15.51 -8.96
CA ILE D 351 14.51 -15.21 -8.04
C ILE D 351 13.88 -14.77 -6.72
N THR D 352 13.92 -15.66 -5.73
CA THR D 352 13.43 -15.39 -4.39
C THR D 352 14.44 -15.93 -3.39
N LEU D 353 14.05 -16.00 -2.12
CA LEU D 353 15.00 -16.37 -1.07
C LEU D 353 15.39 -17.84 -1.16
N GLU D 354 14.41 -18.73 -1.32
CA GLU D 354 14.67 -20.16 -1.19
C GLU D 354 15.56 -20.67 -2.32
N SER D 355 15.19 -20.37 -3.57
CA SER D 355 15.92 -20.90 -4.71
C SER D 355 17.34 -20.36 -4.76
N VAL D 356 17.50 -19.05 -4.56
CA VAL D 356 18.82 -18.44 -4.57
C VAL D 356 19.66 -18.96 -3.42
N SER D 357 19.05 -19.12 -2.24
CA SER D 357 19.79 -19.62 -1.08
C SER D 357 20.32 -21.02 -1.35
N ASN D 358 19.47 -21.92 -1.85
CA ASN D 358 19.92 -23.28 -2.13
C ASN D 358 20.97 -23.32 -3.24
N PHE D 359 20.76 -22.54 -4.31
CA PHE D 359 21.69 -22.57 -5.42
C PHE D 359 23.05 -21.99 -5.04
N LEU D 360 23.05 -20.92 -4.24
CA LEU D 360 24.33 -20.37 -3.77
C LEU D 360 24.98 -21.27 -2.74
N LYS D 361 24.19 -21.98 -1.93
CA LYS D 361 24.76 -22.90 -0.96
C LYS D 361 25.48 -24.05 -1.66
N ASP D 362 24.88 -24.60 -2.71
CA ASP D 362 25.57 -25.69 -3.42
C ASP D 362 26.68 -25.17 -4.32
N PHE D 363 26.46 -24.05 -5.00
CA PHE D 363 27.40 -23.58 -6.02
C PHE D 363 28.66 -23.00 -5.40
N LEU D 364 28.50 -22.20 -4.35
CA LEU D 364 29.63 -21.54 -3.68
C LEU D 364 30.06 -22.29 -2.43
N HIS D 365 30.00 -23.62 -2.46
CA HIS D 365 30.40 -24.42 -1.32
C HIS D 365 31.91 -24.31 -1.10
N LYS D 366 32.30 -24.39 0.18
CA LYS D 366 33.71 -24.18 0.54
C LYS D 366 34.60 -25.30 -0.02
N ASP D 367 34.10 -26.53 -0.03
CA ASP D 367 34.89 -27.66 -0.52
C ASP D 367 35.00 -27.70 -2.04
N ARG D 368 34.27 -26.83 -2.74
CA ARG D 368 34.39 -26.75 -4.19
C ARG D 368 35.82 -26.35 -4.58
N ASP D 369 36.33 -26.98 -5.64
CA ASP D 369 37.65 -26.63 -6.15
C ASP D 369 37.63 -25.19 -6.67
N ASP D 370 38.80 -24.55 -6.65
CA ASP D 370 38.89 -23.13 -6.96
C ASP D 370 38.43 -22.82 -8.39
N VAL D 371 37.29 -22.16 -8.51
CA VAL D 371 36.72 -21.77 -9.79
C VAL D 371 36.50 -20.26 -9.77
N ASN D 372 36.89 -19.61 -10.86
CA ASN D 372 36.80 -18.15 -10.97
C ASN D 372 35.55 -17.81 -11.79
N VAL D 373 34.39 -17.96 -11.15
CA VAL D 373 33.10 -17.74 -11.80
C VAL D 373 32.30 -16.76 -10.97
N GLU D 374 31.73 -15.75 -11.62
CA GLU D 374 30.85 -14.78 -10.98
C GLU D 374 29.42 -15.02 -11.43
N ILE D 375 28.47 -14.80 -10.52
CA ILE D 375 27.06 -15.07 -10.75
C ILE D 375 26.32 -13.74 -10.83
N VAL D 376 25.57 -13.55 -11.92
CA VAL D 376 24.82 -12.32 -12.17
C VAL D 376 23.35 -12.68 -12.20
N PHE D 377 22.60 -12.21 -11.20
CA PHE D 377 21.16 -12.43 -11.13
C PHE D 377 20.44 -11.28 -11.82
N LEU D 378 19.73 -11.56 -12.91
CA LEU D 378 18.96 -10.56 -13.62
C LEU D 378 17.48 -10.74 -13.30
N HIS D 379 16.87 -9.74 -12.67
CA HIS D 379 15.47 -9.88 -12.30
C HIS D 379 14.83 -8.51 -12.17
N ASN D 380 13.60 -8.38 -12.68
CA ASN D 380 12.93 -7.09 -12.69
C ASN D 380 12.46 -6.69 -11.30
N ILE D 381 12.02 -7.65 -10.49
CA ILE D 381 11.52 -7.33 -9.16
C ILE D 381 12.70 -7.02 -8.24
N SER D 382 12.64 -5.87 -7.58
CA SER D 382 13.71 -5.48 -6.67
C SER D 382 13.74 -6.40 -5.46
N PRO D 383 14.92 -6.74 -4.96
CA PRO D 383 14.99 -7.66 -3.81
C PRO D 383 14.48 -7.01 -2.53
N ASN D 384 13.99 -7.85 -1.62
CA ASN D 384 13.56 -7.38 -0.31
C ASN D 384 14.78 -7.31 0.62
N LEU D 385 14.54 -7.05 1.91
CA LEU D 385 15.64 -6.86 2.85
C LEU D 385 16.46 -8.12 3.02
N GLU D 386 15.81 -9.28 3.11
CA GLU D 386 16.53 -10.53 3.34
C GLU D 386 17.37 -10.91 2.13
N LEU D 387 16.81 -10.74 0.92
CA LEU D 387 17.60 -10.97 -0.29
C LEU D 387 18.78 -10.00 -0.38
N GLU D 388 18.56 -8.73 -0.01
CA GLU D 388 19.65 -7.77 -0.03
C GLU D 388 20.76 -8.17 0.92
N ALA D 389 20.39 -8.63 2.12
CA ALA D 389 21.40 -9.11 3.08
C ALA D 389 22.14 -10.32 2.52
N LEU D 390 21.41 -11.24 1.90
CA LEU D 390 22.05 -12.44 1.33
C LEU D 390 23.03 -12.07 0.23
N PHE D 391 22.67 -11.10 -0.62
CA PHE D 391 23.60 -10.63 -1.63
C PHE D 391 24.80 -9.92 -1.01
N LYS D 392 24.59 -9.20 0.10
CA LYS D 392 25.71 -8.56 0.79
C LYS D 392 26.68 -9.58 1.37
N ARG D 393 26.18 -10.73 1.85
CA ARG D 393 27.09 -11.73 2.37
C ARG D 393 28.00 -12.31 1.28
N HIS D 394 27.56 -12.28 0.03
CA HIS D 394 28.36 -12.75 -1.10
C HIS D 394 28.58 -11.63 -2.12
N PHE D 395 28.94 -10.44 -1.63
CA PHE D 395 29.12 -9.30 -2.51
C PHE D 395 30.35 -9.43 -3.40
N THR D 396 31.32 -10.25 -3.01
CA THR D 396 32.55 -10.38 -3.78
C THR D 396 32.42 -11.32 -4.96
N GLN D 397 31.35 -12.12 -5.04
CA GLN D 397 31.18 -13.07 -6.14
C GLN D 397 29.82 -12.98 -6.82
N VAL D 398 28.84 -12.30 -6.24
CA VAL D 398 27.47 -12.30 -6.74
C VAL D 398 27.04 -10.85 -6.96
N GLU D 399 26.51 -10.58 -8.15
CA GLU D 399 25.96 -9.28 -8.48
C GLU D 399 24.50 -9.43 -8.92
N PHE D 400 23.70 -8.41 -8.62
CA PHE D 400 22.30 -8.39 -9.00
C PHE D 400 22.02 -7.17 -9.87
N TYR D 401 21.21 -7.36 -10.91
CA TYR D 401 20.80 -6.30 -11.79
C TYR D 401 19.30 -6.39 -12.04
N GLN D 402 18.67 -5.23 -12.17
CA GLN D 402 17.23 -5.13 -12.37
C GLN D 402 16.93 -5.01 -13.86
N GLY D 403 16.09 -5.90 -14.36
CA GLY D 403 15.75 -5.89 -15.77
C GLY D 403 15.00 -7.16 -16.13
N SER D 404 14.71 -7.28 -17.41
CA SER D 404 13.95 -8.40 -17.95
C SER D 404 14.76 -9.10 -19.03
N VAL D 405 14.67 -10.43 -19.05
CA VAL D 405 15.34 -11.22 -20.09
C VAL D 405 14.73 -10.92 -21.46
N LEU D 406 13.41 -10.71 -21.49
CA LEU D 406 12.70 -10.46 -22.74
C LEU D 406 13.10 -9.14 -23.40
N ASN D 407 13.77 -8.25 -22.69
CA ASN D 407 14.26 -7.01 -23.27
C ASN D 407 15.70 -7.20 -23.74
N PRO D 408 15.99 -7.07 -25.03
CA PRO D 408 17.37 -7.29 -25.50
C PRO D 408 18.38 -6.33 -24.91
N HIS D 409 17.97 -5.10 -24.57
CA HIS D 409 18.90 -4.15 -23.97
C HIS D 409 19.40 -4.65 -22.62
N ASP D 410 18.50 -5.21 -21.80
CA ASP D 410 18.91 -5.77 -20.52
C ASP D 410 19.81 -6.98 -20.70
N LEU D 411 19.58 -7.77 -21.76
CA LEU D 411 20.51 -8.85 -22.08
C LEU D 411 21.88 -8.31 -22.43
N ALA D 412 21.92 -7.19 -23.14
CA ALA D 412 23.20 -6.57 -23.49
C ALA D 412 23.90 -6.00 -22.25
N ARG D 413 23.13 -5.55 -21.26
CA ARG D 413 23.73 -4.98 -20.05
C ARG D 413 24.51 -6.03 -19.26
N VAL D 414 23.99 -7.25 -19.19
CA VAL D 414 24.60 -8.29 -18.36
C VAL D 414 25.63 -9.08 -19.16
N LYS D 415 25.91 -8.62 -20.38
CA LYS D 415 26.89 -9.25 -21.28
C LYS D 415 26.56 -10.72 -21.50
N ILE D 416 25.33 -10.97 -21.95
CA ILE D 416 24.89 -12.34 -22.21
C ILE D 416 25.65 -12.97 -23.38
N GLU D 417 26.23 -12.16 -24.26
CA GLU D 417 26.99 -12.70 -25.38
C GLU D 417 28.34 -13.25 -24.96
N SER D 418 28.81 -12.94 -23.75
CA SER D 418 30.06 -13.45 -23.23
C SER D 418 29.87 -14.37 -22.03
N ALA D 419 28.64 -14.61 -21.61
CA ALA D 419 28.37 -15.48 -20.48
C ALA D 419 28.64 -16.93 -20.83
N ASP D 420 29.09 -17.71 -19.83
CA ASP D 420 29.34 -19.12 -20.05
C ASP D 420 28.04 -19.90 -20.14
N ALA D 421 27.05 -19.55 -19.31
CA ALA D 421 25.79 -20.27 -19.31
C ALA D 421 24.70 -19.39 -18.71
N CYS D 422 23.47 -19.73 -19.06
CA CYS D 422 22.28 -19.08 -18.53
C CYS D 422 21.42 -20.11 -17.82
N LEU D 423 21.07 -19.83 -16.58
CA LEU D 423 20.31 -20.74 -15.73
C LEU D 423 18.96 -20.10 -15.40
N ILE D 424 17.89 -20.81 -15.75
CA ILE D 424 16.53 -20.30 -15.59
C ILE D 424 15.85 -21.10 -14.48
N LEU D 425 15.46 -20.42 -13.42
CA LEU D 425 14.78 -21.02 -12.28
C LEU D 425 13.28 -20.83 -12.43
N ALA D 426 12.53 -21.83 -11.97
CA ALA D 426 11.08 -21.85 -12.10
C ALA D 426 10.41 -21.55 -10.76
N ASN D 427 9.20 -20.99 -10.83
CA ASN D 427 8.39 -20.74 -9.65
C ASN D 427 7.64 -22.02 -9.31
N LYS D 428 8.15 -22.76 -8.32
CA LYS D 428 7.56 -24.05 -7.97
C LYS D 428 6.21 -23.91 -7.29
N TYR D 429 5.83 -22.72 -6.84
CA TYR D 429 4.56 -22.49 -6.14
C TYR D 429 3.77 -21.47 -6.95
N CYS D 430 3.00 -21.96 -7.93
CA CYS D 430 2.20 -21.10 -8.79
C CYS D 430 0.84 -21.73 -8.99
N ALA D 431 -0.15 -20.88 -9.27
CA ALA D 431 -1.51 -21.37 -9.50
C ALA D 431 -1.58 -22.20 -10.78
N ASP D 432 -0.93 -21.75 -11.84
CA ASP D 432 -0.95 -22.45 -13.14
C ASP D 432 0.47 -22.82 -13.54
N PRO D 433 0.85 -24.09 -13.42
CA PRO D 433 2.20 -24.50 -13.87
C PRO D 433 2.41 -24.31 -15.37
N ASP D 434 1.35 -24.43 -16.18
CA ASP D 434 1.49 -24.28 -17.62
C ASP D 434 1.92 -22.87 -18.00
N ALA D 435 1.37 -21.86 -17.32
CA ALA D 435 1.77 -20.48 -17.60
C ALA D 435 3.24 -20.25 -17.26
N GLU D 436 3.70 -20.79 -16.13
CA GLU D 436 5.10 -20.65 -15.77
C GLU D 436 6.01 -21.37 -16.76
N ASP D 437 5.59 -22.55 -17.21
CA ASP D 437 6.37 -23.27 -18.22
C ASP D 437 6.44 -22.49 -19.53
N ALA D 438 5.32 -21.90 -19.95
CA ALA D 438 5.32 -21.10 -21.18
C ALA D 438 6.20 -19.88 -21.04
N SER D 439 6.17 -19.23 -19.86
CA SER D 439 7.04 -18.08 -19.64
C SER D 439 8.51 -18.48 -19.69
N ASN D 440 8.87 -19.61 -19.08
CA ASN D 440 10.25 -20.07 -19.13
C ASN D 440 10.67 -20.42 -20.56
N ILE D 441 9.77 -21.05 -21.32
CA ILE D 441 10.09 -21.38 -22.71
C ILE D 441 10.29 -20.12 -23.53
N MET D 442 9.47 -19.09 -23.27
CA MET D 442 9.64 -17.84 -24.00
C MET D 442 10.92 -17.13 -23.60
N ARG D 443 11.34 -17.24 -22.34
CA ARG D 443 12.64 -16.71 -21.94
C ARG D 443 13.77 -17.43 -22.66
N VAL D 444 13.66 -18.77 -22.79
CA VAL D 444 14.64 -19.53 -23.55
C VAL D 444 14.68 -19.06 -25.00
N ILE D 445 13.49 -18.81 -25.59
CA ILE D 445 13.40 -18.35 -26.96
C ILE D 445 14.10 -17.01 -27.13
N SER D 446 13.86 -16.09 -26.19
CA SER D 446 14.49 -14.78 -26.25
C SER D 446 16.00 -14.88 -26.14
N ILE D 447 16.50 -15.69 -25.19
CA ILE D 447 17.94 -15.82 -24.99
C ILE D 447 18.59 -16.43 -26.23
N LYS D 448 17.98 -17.48 -26.80
CA LYS D 448 18.55 -18.09 -27.98
C LYS D 448 18.42 -17.19 -29.20
N ASN D 449 17.44 -16.30 -29.22
CA ASN D 449 17.34 -15.32 -30.30
C ASN D 449 18.46 -14.30 -30.22
N TYR D 450 18.81 -13.87 -29.01
CA TYR D 450 19.93 -12.93 -28.87
C TYR D 450 21.26 -13.59 -29.24
N HIS D 451 21.52 -14.78 -28.69
CA HIS D 451 22.76 -15.48 -28.94
C HIS D 451 22.50 -16.98 -29.07
N PRO D 452 22.51 -17.51 -30.30
CA PRO D 452 22.12 -18.92 -30.49
C PRO D 452 23.11 -19.94 -29.95
N LYS D 453 24.34 -19.53 -29.64
CA LYS D 453 25.38 -20.48 -29.23
C LYS D 453 25.54 -20.59 -27.72
N ILE D 454 24.69 -19.92 -26.95
CA ILE D 454 24.82 -19.95 -25.50
C ILE D 454 24.26 -21.26 -24.96
N ARG D 455 24.78 -21.69 -23.81
CA ARG D 455 24.31 -22.89 -23.15
C ARG D 455 23.28 -22.51 -22.10
N ILE D 456 22.13 -23.20 -22.13
CA ILE D 456 21.00 -22.89 -21.28
C ILE D 456 20.63 -24.11 -20.45
N ILE D 457 20.49 -23.92 -19.15
CA ILE D 457 19.95 -24.92 -18.24
C ILE D 457 18.69 -24.34 -17.62
N THR D 458 17.55 -24.97 -17.86
CA THR D 458 16.27 -24.44 -17.44
C THR D 458 15.57 -25.42 -16.51
N GLN D 459 14.67 -24.88 -15.68
CA GLN D 459 13.82 -25.70 -14.83
C GLN D 459 12.42 -25.75 -15.41
N MET D 460 11.87 -26.95 -15.54
CA MET D 460 10.54 -27.17 -16.10
C MET D 460 9.66 -27.82 -15.04
N LEU D 461 8.44 -27.30 -14.88
CA LEU D 461 7.53 -27.83 -13.87
C LEU D 461 6.84 -29.09 -14.36
N GLN D 462 6.13 -29.01 -15.48
CA GLN D 462 5.38 -30.14 -16.01
C GLN D 462 6.18 -30.85 -17.10
N TYR D 463 5.98 -32.16 -17.18
CA TYR D 463 6.77 -32.98 -18.10
C TYR D 463 6.33 -32.83 -19.54
N HIS D 464 5.03 -32.61 -19.79
CA HIS D 464 4.54 -32.52 -21.15
C HIS D 464 4.92 -31.22 -21.84
N ASN D 465 5.46 -30.25 -21.11
CA ASN D 465 5.80 -28.96 -21.68
C ASN D 465 7.20 -28.90 -22.28
N LYS D 466 8.12 -29.74 -21.79
CA LYS D 466 9.50 -29.70 -22.25
C LYS D 466 9.64 -30.07 -23.73
N ALA D 467 8.64 -30.77 -24.28
CA ALA D 467 8.65 -31.04 -25.72
C ALA D 467 8.64 -29.76 -26.54
N HIS D 468 8.07 -28.68 -26.00
CA HIS D 468 8.11 -27.40 -26.67
C HIS D 468 9.55 -26.94 -26.91
N LEU D 469 10.47 -27.33 -26.03
CA LEU D 469 11.87 -26.97 -26.22
C LEU D 469 12.48 -27.61 -27.46
N LEU D 470 11.87 -28.67 -27.98
CA LEU D 470 12.33 -29.25 -29.24
C LEU D 470 11.93 -28.42 -30.45
N ASN D 471 10.98 -27.48 -30.29
CA ASN D 471 10.54 -26.66 -31.41
C ASN D 471 11.48 -25.49 -31.69
N ILE D 472 12.37 -25.16 -30.76
CA ILE D 472 13.35 -24.10 -30.98
C ILE D 472 14.49 -24.66 -31.81
N PRO D 473 14.79 -24.07 -32.98
CA PRO D 473 15.89 -24.60 -33.80
C PRO D 473 17.25 -24.48 -33.14
N SER D 474 17.47 -23.45 -32.32
CA SER D 474 18.76 -23.23 -31.68
C SER D 474 18.96 -24.10 -30.43
N TRP D 475 17.94 -24.80 -29.99
CA TRP D 475 18.04 -25.66 -28.81
C TRP D 475 18.77 -26.93 -29.21
N ASN D 476 20.05 -27.02 -28.85
CA ASN D 476 20.88 -28.17 -29.16
C ASN D 476 21.11 -28.96 -27.87
N TRP D 477 20.48 -30.13 -27.78
CA TRP D 477 20.66 -30.96 -26.58
C TRP D 477 22.05 -31.56 -26.52
N LYS D 478 22.65 -31.86 -27.67
CA LYS D 478 23.98 -32.47 -27.70
C LYS D 478 25.07 -31.48 -27.33
N GLU D 479 24.79 -30.19 -27.33
CA GLU D 479 25.78 -29.17 -27.00
C GLU D 479 25.70 -28.71 -25.55
N GLY D 480 24.81 -29.29 -24.75
CA GLY D 480 24.76 -28.99 -23.33
C GLY D 480 23.51 -28.29 -22.84
N ASP D 481 22.59 -27.94 -23.74
CA ASP D 481 21.32 -27.35 -23.30
C ASP D 481 20.49 -28.41 -22.59
N ASP D 482 20.02 -28.09 -21.38
CA ASP D 482 19.35 -29.08 -20.56
C ASP D 482 18.10 -28.48 -19.92
N ALA D 483 17.09 -29.34 -19.77
CA ALA D 483 15.87 -29.03 -19.04
C ALA D 483 15.73 -30.01 -17.89
N ILE D 484 15.64 -29.49 -16.67
CA ILE D 484 15.48 -30.31 -15.48
C ILE D 484 14.00 -30.28 -15.11
N CYS D 485 13.33 -31.42 -15.24
CA CYS D 485 11.91 -31.52 -14.92
C CYS D 485 11.78 -31.86 -13.44
N LEU D 486 11.21 -30.94 -12.67
CA LEU D 486 11.12 -31.13 -11.23
C LEU D 486 10.17 -32.28 -10.88
N ALA D 487 8.97 -32.28 -11.48
CA ALA D 487 7.98 -33.29 -11.17
C ALA D 487 8.45 -34.68 -11.59
N GLU D 488 9.00 -34.79 -12.81
CA GLU D 488 9.44 -36.09 -13.31
C GLU D 488 10.56 -36.65 -12.45
N LEU D 489 11.58 -35.84 -12.16
CA LEU D 489 12.71 -36.31 -11.36
C LEU D 489 12.28 -36.65 -9.94
N LYS D 490 11.45 -35.80 -9.33
CA LYS D 490 11.02 -36.05 -7.95
C LYS D 490 10.18 -37.32 -7.85
N LEU D 491 9.20 -37.47 -8.73
CA LEU D 491 8.35 -38.66 -8.67
C LEU D 491 9.13 -39.92 -9.06
N GLY D 492 10.10 -39.80 -9.97
CA GLY D 492 10.94 -40.94 -10.27
C GLY D 492 11.81 -41.35 -9.10
N PHE D 493 12.37 -40.36 -8.38
CA PHE D 493 13.13 -40.65 -7.18
C PHE D 493 12.27 -41.37 -6.15
N ILE D 494 11.03 -40.89 -5.97
CA ILE D 494 10.12 -41.52 -5.01
C ILE D 494 9.79 -42.94 -5.44
N ALA D 495 9.55 -43.16 -6.73
CA ALA D 495 9.23 -44.51 -7.22
C ALA D 495 10.41 -45.46 -7.06
N GLN D 496 11.62 -45.00 -7.37
CA GLN D 496 12.79 -45.84 -7.19
C GLN D 496 13.06 -46.13 -5.71
N SER D 497 12.72 -45.19 -4.83
CA SER D 497 12.77 -45.48 -3.40
C SER D 497 11.68 -46.47 -3.00
N CYS D 498 10.54 -46.45 -3.69
CA CYS D 498 9.52 -47.47 -3.45
C CYS D 498 10.04 -48.84 -3.81
N LEU D 499 10.76 -48.95 -4.93
CA LEU D 499 11.36 -50.22 -5.31
C LEU D 499 12.47 -50.62 -4.33
N ALA D 500 13.26 -49.66 -3.87
CA ALA D 500 14.36 -49.93 -2.94
C ALA D 500 14.56 -48.68 -2.09
N GLN D 501 14.20 -48.77 -0.81
CA GLN D 501 14.21 -47.61 0.06
C GLN D 501 15.63 -47.11 0.30
N GLY D 502 15.76 -45.79 0.45
CA GLY D 502 17.03 -45.14 0.65
C GLY D 502 17.77 -44.75 -0.61
N LEU D 503 17.24 -45.10 -1.79
CA LEU D 503 17.93 -44.75 -3.03
C LEU D 503 17.90 -43.25 -3.29
N SER D 504 16.82 -42.57 -2.90
CA SER D 504 16.75 -41.13 -3.09
C SER D 504 17.83 -40.42 -2.28
N THR D 505 18.04 -40.87 -1.04
CA THR D 505 19.10 -40.28 -0.21
C THR D 505 20.48 -40.51 -0.83
N MET D 506 20.72 -41.74 -1.32
CA MET D 506 22.01 -42.04 -1.94
C MET D 506 22.25 -41.17 -3.17
N LEU D 507 21.23 -41.03 -4.02
CA LEU D 507 21.37 -40.20 -5.21
C LEU D 507 21.58 -38.74 -4.85
N ALA D 508 20.83 -38.23 -3.87
CA ALA D 508 20.96 -36.83 -3.48
C ALA D 508 22.35 -36.56 -2.91
N ASN D 509 22.88 -37.48 -2.13
CA ASN D 509 24.24 -37.34 -1.61
C ASN D 509 25.30 -37.63 -2.67
N LEU D 510 24.92 -38.21 -3.81
CA LEU D 510 25.89 -38.61 -4.82
C LEU D 510 26.24 -37.49 -5.80
N PHE D 511 25.42 -36.44 -5.90
CA PHE D 511 25.76 -35.31 -6.76
C PHE D 511 25.74 -33.98 -6.00
N SER D 512 25.75 -34.01 -4.68
CA SER D 512 25.77 -32.80 -3.88
C SER D 512 27.09 -32.65 -3.16
N MET D 513 27.53 -31.40 -3.00
CA MET D 513 28.78 -31.10 -2.32
C MET D 513 28.51 -31.08 -0.81
N ARG D 514 28.98 -32.11 -0.12
CA ARG D 514 28.78 -32.25 1.31
C ARG D 514 30.13 -32.14 2.03
N SER D 515 30.21 -31.26 3.01
CA SER D 515 31.42 -31.14 3.81
C SER D 515 31.60 -32.37 4.68
N PHE D 516 32.84 -32.82 4.80
CA PHE D 516 33.17 -34.01 5.57
C PHE D 516 33.59 -33.64 6.98
N ILE D 517 33.03 -34.35 7.96
CA ILE D 517 33.33 -34.15 9.37
C ILE D 517 33.88 -35.45 9.92
N LYS D 518 34.99 -35.37 10.65
CA LYS D 518 35.63 -36.56 11.22
C LYS D 518 34.92 -36.94 12.51
N ILE D 519 34.43 -38.17 12.58
CA ILE D 519 33.74 -38.70 13.76
C ILE D 519 34.52 -39.88 14.29
N GLU D 520 34.85 -39.84 15.57
CA GLU D 520 35.62 -40.91 16.21
C GLU D 520 34.76 -41.82 17.10
N GLU D 521 33.64 -41.32 17.60
CA GLU D 521 32.74 -42.14 18.39
C GLU D 521 32.06 -43.19 17.52
N ASP D 522 31.83 -44.37 18.10
CA ASP D 522 31.25 -45.50 17.37
C ASP D 522 29.75 -45.28 17.29
N THR D 523 29.35 -44.46 16.33
CA THR D 523 27.95 -44.19 16.03
C THR D 523 27.69 -44.44 14.55
N TRP D 524 26.42 -44.41 14.17
CA TRP D 524 26.06 -44.60 12.77
C TRP D 524 26.51 -43.44 11.90
N GLN D 525 26.72 -42.26 12.49
CA GLN D 525 27.12 -41.09 11.70
C GLN D 525 28.47 -41.29 11.04
N LYS D 526 29.40 -42.01 11.69
CA LYS D 526 30.71 -42.20 11.07
C LYS D 526 30.61 -43.11 9.84
N TYR D 527 29.85 -44.19 9.92
CA TYR D 527 29.69 -45.08 8.77
C TYR D 527 28.91 -44.39 7.65
N TYR D 528 27.96 -43.54 8.01
CA TYR D 528 27.23 -42.79 6.99
C TYR D 528 28.14 -41.77 6.31
N LEU D 529 28.94 -41.05 7.10
CA LEU D 529 29.81 -40.01 6.57
C LEU D 529 30.96 -40.57 5.76
N GLU D 530 31.35 -41.83 5.98
CA GLU D 530 32.30 -42.46 5.08
C GLU D 530 31.75 -42.54 3.66
N GLY D 531 30.45 -42.84 3.53
CA GLY D 531 29.85 -42.96 2.22
C GLY D 531 29.36 -41.66 1.61
N VAL D 532 29.12 -40.64 2.43
CA VAL D 532 28.65 -39.35 1.88
C VAL D 532 29.66 -38.75 0.90
N SER D 533 30.95 -39.01 1.10
CA SER D 533 32.00 -38.26 0.41
C SER D 533 32.09 -38.54 -1.09
N ASN D 534 31.39 -39.55 -1.59
CA ASN D 534 31.56 -39.96 -2.98
C ASN D 534 30.81 -39.03 -3.93
N GLU D 535 31.23 -39.06 -5.20
CA GLU D 535 30.65 -38.26 -6.26
C GLU D 535 30.68 -39.04 -7.57
N MET D 536 29.93 -38.55 -8.54
CA MET D 536 29.93 -39.11 -9.89
C MET D 536 30.96 -38.41 -10.76
N TYR D 537 31.57 -39.17 -11.67
CA TYR D 537 32.50 -38.63 -12.65
C TYR D 537 32.33 -39.38 -13.97
N THR D 538 32.74 -38.73 -15.05
CA THR D 538 32.73 -39.31 -16.38
C THR D 538 34.14 -39.34 -16.93
N GLU D 539 34.52 -40.45 -17.58
CA GLU D 539 35.88 -40.56 -18.08
C GLU D 539 35.90 -41.53 -19.26
N TYR D 540 36.78 -41.25 -20.22
CA TYR D 540 36.96 -42.14 -21.36
C TYR D 540 37.83 -43.32 -20.95
N LEU D 541 37.35 -44.53 -21.22
CA LEU D 541 38.12 -45.72 -20.90
C LEU D 541 39.35 -45.81 -21.78
N SER D 542 40.43 -46.34 -21.20
CA SER D 542 41.68 -46.50 -21.95
C SER D 542 41.52 -47.60 -23.00
N SER D 543 42.44 -47.58 -23.97
CA SER D 543 42.42 -48.55 -25.06
C SER D 543 42.74 -49.97 -24.59
N ALA D 544 43.25 -50.14 -23.36
CA ALA D 544 43.54 -51.46 -22.85
C ALA D 544 42.28 -52.27 -22.57
N PHE D 545 41.15 -51.61 -22.32
CA PHE D 545 39.90 -52.30 -21.99
C PHE D 545 39.10 -52.70 -23.22
N VAL D 546 39.55 -52.36 -24.42
CA VAL D 546 38.76 -52.64 -25.62
C VAL D 546 38.70 -54.15 -25.85
N GLY D 547 37.57 -54.59 -26.39
CA GLY D 547 37.37 -56.00 -26.66
C GLY D 547 37.02 -56.84 -25.46
N LEU D 548 36.85 -56.24 -24.29
CA LEU D 548 36.54 -56.96 -23.06
C LEU D 548 35.10 -56.72 -22.64
N SER D 549 34.54 -57.71 -21.96
CA SER D 549 33.17 -57.58 -21.46
C SER D 549 33.10 -56.57 -20.33
N PHE D 550 31.92 -55.97 -20.16
CA PHE D 550 31.73 -54.99 -19.09
C PHE D 550 31.96 -55.55 -17.69
N PRO D 551 31.50 -56.76 -17.31
CA PRO D 551 31.82 -57.26 -15.97
C PRO D 551 33.31 -57.37 -15.71
N THR D 552 34.10 -57.79 -16.70
CA THR D 552 35.54 -57.92 -16.51
C THR D 552 36.18 -56.55 -16.26
N VAL D 553 35.81 -55.56 -17.06
CA VAL D 553 36.37 -54.22 -16.89
C VAL D 553 35.97 -53.63 -15.55
N CYS D 554 34.71 -53.83 -15.17
CA CYS D 554 34.24 -53.33 -13.87
C CYS D 554 34.99 -53.99 -12.72
N GLU D 555 35.23 -55.30 -12.82
CA GLU D 555 35.98 -55.98 -11.77
C GLU D 555 37.42 -55.47 -11.69
N LEU D 556 38.06 -55.26 -12.84
CA LEU D 556 39.42 -54.73 -12.82
C LEU D 556 39.46 -53.32 -12.25
N CYS D 557 38.47 -52.49 -12.57
CA CYS D 557 38.43 -51.15 -12.00
C CYS D 557 38.21 -51.18 -10.50
N PHE D 558 37.33 -52.06 -10.02
CA PHE D 558 37.03 -52.09 -8.59
C PHE D 558 38.20 -52.66 -7.78
N VAL D 559 38.76 -53.79 -8.23
CA VAL D 559 39.79 -54.46 -7.44
C VAL D 559 41.09 -53.66 -7.47
N LYS D 560 41.51 -53.21 -8.65
CA LYS D 560 42.81 -52.58 -8.81
C LYS D 560 42.75 -51.05 -8.77
N LEU D 561 41.88 -50.44 -9.56
CA LEU D 561 41.84 -48.99 -9.63
C LEU D 561 41.00 -48.36 -8.51
N LYS D 562 40.33 -49.16 -7.69
CA LYS D 562 39.49 -48.68 -6.59
C LYS D 562 38.39 -47.75 -7.11
N LEU D 563 37.81 -48.08 -8.26
CA LEU D 563 36.76 -47.29 -8.87
C LEU D 563 35.55 -48.16 -9.17
N LEU D 564 34.37 -47.63 -8.90
CA LEU D 564 33.11 -48.33 -9.17
C LEU D 564 32.51 -47.76 -10.45
N MET D 565 32.50 -48.57 -11.51
CA MET D 565 31.96 -48.16 -12.80
C MET D 565 30.51 -48.59 -12.88
N ILE D 566 29.62 -47.64 -13.12
CA ILE D 566 28.17 -47.88 -13.11
C ILE D 566 27.63 -48.12 -14.51
N ALA D 567 27.89 -47.20 -15.43
CA ALA D 567 27.25 -47.22 -16.74
C ALA D 567 28.27 -46.86 -17.82
N ILE D 568 27.94 -47.21 -19.06
CA ILE D 568 28.77 -46.87 -20.21
C ILE D 568 27.89 -46.29 -21.31
N GLU D 569 28.41 -45.29 -22.01
CA GLU D 569 27.68 -44.65 -23.10
C GLU D 569 27.98 -45.39 -24.39
N TYR D 570 27.10 -46.32 -24.76
CA TYR D 570 27.27 -47.08 -25.98
C TYR D 570 26.87 -46.24 -27.18
N LYS D 571 27.79 -46.09 -28.13
CA LYS D 571 27.57 -45.29 -29.32
C LYS D 571 27.47 -46.20 -30.54
N SER D 572 26.37 -46.08 -31.27
CA SER D 572 26.17 -46.83 -32.50
C SER D 572 25.62 -45.91 -33.57
N ALA D 573 26.04 -46.13 -34.82
CA ALA D 573 25.54 -45.33 -35.92
C ALA D 573 24.05 -45.56 -36.18
N ASN D 574 23.50 -46.67 -35.70
CA ASN D 574 22.09 -46.97 -35.95
C ASN D 574 21.17 -46.08 -35.13
N ARG D 575 21.46 -45.91 -33.84
CA ARG D 575 20.54 -45.22 -32.93
C ARG D 575 21.30 -44.25 -32.02
N GLU D 576 22.28 -43.56 -32.58
CA GLU D 576 23.04 -42.47 -31.91
C GLU D 576 23.69 -43.06 -30.65
N SER D 577 23.68 -42.35 -29.52
CA SER D 577 24.34 -42.81 -28.30
C SER D 577 23.29 -43.03 -27.22
N ARG D 578 23.48 -44.10 -26.44
CA ARG D 578 22.56 -44.46 -25.38
C ARG D 578 23.33 -44.95 -24.17
N ILE D 579 22.91 -44.54 -22.98
CA ILE D 579 23.58 -44.94 -21.75
C ILE D 579 23.05 -46.31 -21.33
N LEU D 580 23.97 -47.26 -21.14
CA LEU D 580 23.62 -48.60 -20.68
C LEU D 580 24.07 -48.74 -19.22
N ILE D 581 23.11 -49.06 -18.35
CA ILE D 581 23.35 -49.20 -16.92
C ILE D 581 23.67 -50.67 -16.65
N ASN D 582 24.94 -50.94 -16.33
CA ASN D 582 25.43 -52.28 -16.00
C ASN D 582 25.06 -53.30 -17.07
N PRO D 583 25.65 -53.24 -18.26
CA PRO D 583 25.32 -54.21 -19.30
C PRO D 583 25.88 -55.59 -18.97
N GLY D 584 25.31 -56.60 -19.62
CA GLY D 584 25.70 -57.97 -19.38
C GLY D 584 27.06 -58.29 -19.99
N ASN D 585 27.45 -59.56 -19.81
CA ASN D 585 28.75 -60.01 -20.30
C ASN D 585 28.80 -60.14 -21.81
N HIS D 586 27.64 -60.14 -22.48
CA HIS D 586 27.62 -60.24 -23.93
C HIS D 586 28.17 -58.97 -24.59
N LEU D 587 27.95 -57.81 -23.99
CA LEU D 587 28.45 -56.57 -24.55
C LEU D 587 29.95 -56.47 -24.39
N LYS D 588 30.60 -55.86 -25.38
CA LYS D 588 32.05 -55.68 -25.39
C LYS D 588 32.37 -54.19 -25.53
N ILE D 589 33.41 -53.76 -24.81
CA ILE D 589 33.80 -52.36 -24.84
C ILE D 589 34.40 -52.02 -26.19
N GLN D 590 33.89 -50.96 -26.81
CA GLN D 590 34.39 -50.48 -28.08
C GLN D 590 35.48 -49.43 -27.85
N GLU D 591 35.89 -48.74 -28.92
CA GLU D 591 36.92 -47.72 -28.83
C GLU D 591 36.30 -46.39 -28.43
N GLY D 592 36.91 -45.73 -27.45
CA GLY D 592 36.48 -44.41 -27.02
C GLY D 592 35.09 -44.37 -26.41
N THR D 593 34.80 -45.29 -25.51
CA THR D 593 33.50 -45.37 -24.84
C THR D 593 33.57 -44.64 -23.50
N LEU D 594 32.66 -43.70 -23.31
CA LEU D 594 32.57 -42.99 -22.03
C LEU D 594 32.05 -43.90 -20.94
N GLY D 595 32.60 -43.77 -19.75
CA GLY D 595 32.16 -44.55 -18.61
C GLY D 595 31.90 -43.66 -17.41
N PHE D 596 30.94 -44.06 -16.60
CA PHE D 596 30.51 -43.32 -15.43
C PHE D 596 31.01 -44.04 -14.18
N PHE D 597 31.74 -43.30 -13.34
CA PHE D 597 32.35 -43.87 -12.15
C PHE D 597 31.85 -43.15 -10.91
N ILE D 598 31.84 -43.86 -9.80
CA ILE D 598 31.58 -43.29 -8.48
C ILE D 598 32.90 -43.32 -7.72
N ALA D 599 33.39 -42.15 -7.33
CA ALA D 599 34.70 -42.06 -6.71
C ALA D 599 34.71 -40.94 -5.69
N SER D 600 35.64 -41.06 -4.73
CA SER D 600 35.78 -40.05 -3.69
C SER D 600 36.41 -38.78 -4.24
N ASP D 601 37.45 -38.92 -5.07
CA ASP D 601 38.16 -37.78 -5.63
C ASP D 601 38.39 -38.01 -7.12
N ALA D 602 38.51 -36.90 -7.86
CA ALA D 602 38.64 -36.96 -9.31
C ALA D 602 40.01 -37.44 -9.76
N LYS D 603 41.02 -37.41 -8.88
CA LYS D 603 42.37 -37.80 -9.29
C LYS D 603 42.44 -39.28 -9.62
N GLU D 604 41.75 -40.12 -8.84
CA GLU D 604 41.78 -41.56 -9.10
C GLU D 604 40.99 -41.93 -10.35
N VAL D 605 40.10 -41.06 -10.81
CA VAL D 605 39.33 -41.34 -12.01
C VAL D 605 40.24 -41.39 -13.23
N LYS D 606 41.27 -40.56 -13.27
CA LYS D 606 42.18 -40.53 -14.41
C LYS D 606 42.92 -41.84 -14.62
N ARG D 607 43.02 -42.68 -13.59
CA ARG D 607 43.72 -43.95 -13.73
C ARG D 607 43.02 -44.86 -14.73
N ALA D 608 41.71 -44.68 -14.95
CA ALA D 608 41.01 -45.49 -15.93
C ALA D 608 41.39 -45.12 -17.35
N PHE D 609 41.95 -43.92 -17.56
CA PHE D 609 42.33 -43.48 -18.89
C PHE D 609 43.80 -43.74 -19.20
N PHE D 610 44.66 -43.84 -18.19
CA PHE D 610 46.08 -44.13 -18.38
C PHE D 610 46.45 -45.50 -17.82
N TYR D 611 45.60 -46.49 -18.03
CA TYR D 611 45.84 -47.84 -17.53
C TYR D 611 46.35 -48.72 -18.66
N CYS D 612 47.47 -49.39 -18.41
CA CYS D 612 48.01 -50.38 -19.34
C CYS D 612 48.39 -51.63 -18.54
N LYS D 613 48.25 -52.78 -19.19
CA LYS D 613 48.53 -54.04 -18.51
C LYS D 613 50.03 -54.22 -18.24
N ALA D 614 50.87 -53.58 -19.05
CA ALA D 614 52.32 -53.74 -18.88
C ALA D 614 52.80 -53.21 -17.55
N CYS D 615 52.33 -52.03 -17.14
CA CYS D 615 52.77 -51.47 -15.87
C CYS D 615 52.17 -52.22 -14.69
N HIS D 616 50.89 -52.58 -14.79
CA HIS D 616 50.22 -53.31 -13.71
C HIS D 616 49.31 -54.40 -14.28
N ASN D 682 -1.42 -61.28 -30.28
CA ASN D 682 -2.88 -61.32 -30.41
C ASN D 682 -3.52 -60.26 -29.50
N VAL D 683 -2.89 -59.99 -28.37
CA VAL D 683 -3.39 -59.01 -27.40
C VAL D 683 -2.24 -58.06 -27.06
N LYS D 684 -2.57 -56.79 -26.86
CA LYS D 684 -1.57 -55.77 -26.57
C LYS D 684 -1.26 -55.78 -25.08
N LYS D 685 -0.03 -56.14 -24.74
CA LYS D 685 0.44 -56.12 -23.35
C LYS D 685 1.47 -55.04 -23.08
N TYR D 686 2.04 -54.43 -24.12
CA TYR D 686 3.03 -53.38 -23.97
C TYR D 686 2.70 -52.23 -24.90
N ASP D 687 3.41 -51.13 -24.74
CA ASP D 687 3.20 -49.97 -25.60
C ASP D 687 3.87 -50.19 -26.94
N SER D 688 3.88 -49.15 -27.78
CA SER D 688 4.47 -49.26 -29.11
C SER D 688 5.96 -49.54 -29.03
N THR D 689 6.66 -48.85 -28.12
CA THR D 689 8.08 -49.07 -27.95
C THR D 689 8.42 -50.34 -27.18
N GLY D 690 7.43 -50.93 -26.49
CA GLY D 690 7.67 -52.16 -25.76
C GLY D 690 8.50 -52.00 -24.50
N MET D 691 8.50 -50.82 -23.90
CA MET D 691 9.30 -50.55 -22.71
C MET D 691 8.47 -50.36 -21.45
N PHE D 692 7.15 -50.42 -21.54
CA PHE D 692 6.29 -50.30 -20.37
C PHE D 692 5.09 -51.20 -20.54
N HIS D 693 4.58 -51.71 -19.42
CA HIS D 693 3.36 -52.50 -19.46
C HIS D 693 2.17 -51.63 -19.82
N TRP D 694 1.32 -52.14 -20.70
CA TRP D 694 0.20 -51.37 -21.22
C TRP D 694 -1.05 -52.23 -21.20
N CYS D 695 -2.20 -51.60 -20.96
CA CYS D 695 -3.47 -52.28 -20.93
C CYS D 695 -4.50 -51.44 -21.67
N ALA D 696 -5.64 -52.06 -21.98
CA ALA D 696 -6.71 -51.34 -22.65
C ALA D 696 -7.27 -50.26 -21.74
N PRO D 697 -7.64 -49.10 -22.29
CA PRO D 697 -8.19 -48.02 -21.45
C PRO D 697 -9.48 -48.46 -20.76
N LYS D 698 -9.63 -48.02 -19.51
CA LYS D 698 -10.79 -48.35 -18.70
C LYS D 698 -11.34 -47.10 -18.04
N GLU D 699 -12.65 -47.09 -17.82
CA GLU D 699 -13.29 -45.95 -17.18
C GLU D 699 -12.91 -45.90 -15.71
N ILE D 700 -13.00 -44.69 -15.15
CA ILE D 700 -12.64 -44.49 -13.74
C ILE D 700 -13.61 -45.20 -12.81
N GLU D 701 -14.83 -45.48 -13.25
CA GLU D 701 -15.80 -46.16 -12.40
C GLU D 701 -15.40 -47.59 -12.08
N LYS D 702 -14.58 -48.21 -12.92
CA LYS D 702 -14.17 -49.60 -12.68
C LYS D 702 -13.13 -49.71 -11.57
N VAL D 703 -12.32 -48.66 -11.35
CA VAL D 703 -11.23 -48.75 -10.39
C VAL D 703 -11.58 -48.16 -9.03
N ILE D 704 -12.64 -47.35 -8.93
CA ILE D 704 -13.02 -46.78 -7.65
C ILE D 704 -13.54 -47.87 -6.74
N LEU D 705 -12.99 -47.93 -5.52
CA LEU D 705 -13.38 -48.92 -4.53
C LEU D 705 -14.01 -48.23 -3.34
N THR D 706 -15.10 -48.80 -2.84
CA THR D 706 -15.67 -48.34 -1.58
C THR D 706 -14.85 -48.90 -0.42
N ARG D 707 -15.10 -48.36 0.77
CA ARG D 707 -14.37 -48.81 1.96
C ARG D 707 -14.62 -50.28 2.24
N SER D 708 -15.88 -50.72 2.16
CA SER D 708 -16.20 -52.12 2.37
C SER D 708 -15.59 -52.98 1.25
N GLU D 709 -15.69 -52.52 0.00
CA GLU D 709 -15.13 -53.30 -1.11
C GLU D 709 -13.62 -53.40 -0.99
N ALA D 710 -12.94 -52.31 -0.61
CA ALA D 710 -11.51 -52.38 -0.36
C ALA D 710 -11.19 -53.28 0.82
N ALA D 711 -12.10 -53.38 1.79
CA ALA D 711 -11.90 -54.30 2.90
C ALA D 711 -11.99 -55.76 2.45
N MET D 712 -12.92 -56.06 1.53
CA MET D 712 -13.08 -57.43 1.04
C MET D 712 -11.82 -57.91 0.33
N THR D 713 -11.29 -57.10 -0.57
CA THR D 713 -10.06 -57.48 -1.26
C THR D 713 -8.87 -57.40 -0.31
N VAL D 714 -7.88 -58.26 -0.55
CA VAL D 714 -6.71 -58.36 0.30
C VAL D 714 -5.52 -57.77 -0.45
N LEU D 715 -4.93 -56.72 0.10
CA LEU D 715 -3.79 -56.05 -0.49
C LEU D 715 -2.58 -56.27 0.40
N SER D 716 -1.51 -56.82 -0.17
CA SER D 716 -0.26 -57.04 0.56
C SER D 716 0.90 -56.82 -0.39
N GLY D 717 1.96 -56.19 0.12
CA GLY D 717 3.09 -55.86 -0.72
C GLY D 717 2.75 -54.88 -1.83
N HIS D 718 1.97 -53.85 -1.51
CA HIS D 718 1.49 -52.88 -2.47
C HIS D 718 2.05 -51.50 -2.14
N VAL D 719 1.61 -50.50 -2.90
CA VAL D 719 2.02 -49.11 -2.71
C VAL D 719 0.76 -48.28 -2.47
N VAL D 720 0.79 -47.46 -1.43
CA VAL D 720 -0.33 -46.60 -1.07
C VAL D 720 0.12 -45.16 -1.22
N VAL D 721 -0.54 -44.42 -2.12
CA VAL D 721 -0.21 -43.04 -2.39
C VAL D 721 -1.30 -42.17 -1.76
N CYS D 722 -0.97 -41.51 -0.66
CA CYS D 722 -1.90 -40.63 0.04
C CYS D 722 -1.73 -39.22 -0.49
N ILE D 723 -2.78 -38.69 -1.12
CA ILE D 723 -2.70 -37.43 -1.85
C ILE D 723 -3.55 -36.38 -1.16
N PHE D 724 -2.97 -35.21 -0.90
CA PHE D 724 -3.71 -34.04 -0.43
C PHE D 724 -3.94 -33.15 -1.64
N GLY D 725 -5.15 -33.20 -2.19
CA GLY D 725 -5.46 -32.44 -3.39
C GLY D 725 -6.90 -31.98 -3.38
N ASP D 726 -7.13 -30.86 -4.05
CA ASP D 726 -8.45 -30.26 -4.18
C ASP D 726 -8.86 -30.26 -5.65
N VAL D 727 -10.08 -29.79 -5.92
CA VAL D 727 -10.57 -29.71 -7.29
C VAL D 727 -9.93 -28.56 -8.04
N SER D 728 -9.35 -27.59 -7.35
CA SER D 728 -8.75 -26.41 -7.95
C SER D 728 -7.30 -26.25 -7.52
N SER D 729 -6.53 -27.32 -7.54
CA SER D 729 -5.13 -27.31 -7.17
C SER D 729 -4.27 -27.70 -8.37
N ALA D 730 -3.00 -27.32 -8.30
CA ALA D 730 -2.05 -27.62 -9.37
C ALA D 730 -1.83 -29.12 -9.48
N LEU D 731 -1.64 -29.60 -10.71
CA LEU D 731 -1.53 -31.02 -10.96
C LEU D 731 -0.11 -31.50 -10.64
N ILE D 732 -0.02 -32.58 -9.86
CA ILE D 732 1.30 -33.16 -9.57
C ILE D 732 1.86 -33.84 -10.80
N GLY D 733 1.05 -34.60 -11.52
CA GLY D 733 1.54 -35.35 -12.65
C GLY D 733 1.95 -36.77 -12.26
N LEU D 734 1.02 -37.51 -11.66
CA LEU D 734 1.32 -38.81 -11.07
C LEU D 734 1.73 -39.87 -12.09
N ARG D 735 1.58 -39.61 -13.39
CA ARG D 735 2.11 -40.53 -14.39
C ARG D 735 3.61 -40.73 -14.20
N ASN D 736 4.33 -39.66 -13.88
CA ASN D 736 5.76 -39.74 -13.61
C ASN D 736 6.06 -40.62 -12.40
N LEU D 737 5.07 -40.88 -11.55
CA LEU D 737 5.23 -41.81 -10.46
C LEU D 737 4.85 -43.24 -10.84
N VAL D 738 3.93 -43.41 -11.79
CA VAL D 738 3.47 -44.74 -12.14
C VAL D 738 4.30 -45.36 -13.25
N MET D 739 4.83 -44.56 -14.17
CA MET D 739 5.62 -45.10 -15.27
C MET D 739 6.88 -45.85 -14.80
N PRO D 740 7.68 -45.35 -13.84
CA PRO D 740 8.80 -46.18 -13.37
C PRO D 740 8.38 -47.50 -12.75
N LEU D 741 7.20 -47.55 -12.12
CA LEU D 741 6.73 -48.77 -11.47
C LEU D 741 6.07 -49.74 -12.44
N ARG D 742 5.94 -49.38 -13.72
CA ARG D 742 5.29 -50.23 -14.71
C ARG D 742 6.22 -50.56 -15.88
N ALA D 743 7.53 -50.50 -15.67
CA ALA D 743 8.47 -50.78 -16.74
C ALA D 743 8.48 -52.27 -17.08
N SER D 744 8.93 -52.58 -18.30
CA SER D 744 8.86 -53.94 -18.81
C SER D 744 9.92 -54.86 -18.23
N ASN D 745 10.96 -54.33 -17.59
CA ASN D 745 11.96 -55.21 -16.97
C ASN D 745 11.41 -55.91 -15.73
N PHE D 746 10.23 -55.52 -15.26
CA PHE D 746 9.52 -56.25 -14.21
C PHE D 746 8.53 -57.21 -14.85
N HIS D 747 8.46 -58.42 -14.31
CA HIS D 747 7.42 -59.35 -14.74
C HIS D 747 6.07 -58.87 -14.25
N TYR D 748 5.01 -59.44 -14.84
CA TYR D 748 3.66 -59.04 -14.49
C TYR D 748 3.34 -59.39 -13.04
N HIS D 749 3.80 -60.54 -12.57
CA HIS D 749 3.53 -60.94 -11.20
C HIS D 749 4.33 -60.15 -10.18
N GLU D 750 5.42 -59.50 -10.60
CA GLU D 750 6.23 -58.69 -9.70
C GLU D 750 5.76 -57.24 -9.63
N LEU D 751 4.75 -56.86 -10.41
CA LEU D 751 4.23 -55.50 -10.35
C LEU D 751 3.52 -55.26 -9.03
N LYS D 752 3.77 -54.09 -8.45
CA LYS D 752 3.18 -53.73 -7.17
C LYS D 752 1.87 -52.99 -7.41
N HIS D 753 0.82 -53.44 -6.74
CA HIS D 753 -0.47 -52.77 -6.85
C HIS D 753 -0.39 -51.37 -6.25
N ILE D 754 -1.01 -50.41 -6.92
CA ILE D 754 -0.97 -49.01 -6.51
C ILE D 754 -2.39 -48.59 -6.15
N VAL D 755 -2.53 -48.00 -4.96
CA VAL D 755 -3.81 -47.50 -4.48
C VAL D 755 -3.66 -46.03 -4.17
N PHE D 756 -4.40 -45.19 -4.90
CA PHE D 756 -4.39 -43.75 -4.67
C PHE D 756 -5.50 -43.40 -3.69
N VAL D 757 -5.14 -43.02 -2.47
CA VAL D 757 -6.10 -42.63 -1.45
C VAL D 757 -6.15 -41.11 -1.42
N GLY D 758 -7.32 -40.55 -1.73
CA GLY D 758 -7.43 -39.10 -1.74
C GLY D 758 -8.75 -38.67 -2.33
N SER D 759 -8.84 -37.35 -2.57
CA SER D 759 -10.06 -36.76 -3.10
C SER D 759 -10.35 -37.29 -4.51
N ILE D 760 -11.62 -37.50 -4.80
CA ILE D 760 -12.00 -38.08 -6.08
C ILE D 760 -11.99 -37.06 -7.21
N GLU D 761 -12.17 -35.77 -6.91
CA GLU D 761 -12.18 -34.76 -7.97
C GLU D 761 -10.80 -34.63 -8.62
N TYR D 762 -9.76 -34.52 -7.80
CA TYR D 762 -8.40 -34.37 -8.32
C TYR D 762 -7.98 -35.61 -9.12
N LEU D 763 -8.33 -36.79 -8.61
CA LEU D 763 -8.02 -38.01 -9.34
C LEU D 763 -8.82 -38.13 -10.62
N LYS D 764 -10.05 -37.61 -10.65
CA LYS D 764 -10.77 -37.53 -11.91
C LYS D 764 -10.06 -36.61 -12.90
N ARG D 765 -9.51 -35.49 -12.40
CA ARG D 765 -8.77 -34.60 -13.28
C ARG D 765 -7.54 -35.29 -13.88
N GLU D 766 -6.82 -36.06 -13.07
CA GLU D 766 -5.59 -36.68 -13.56
C GLU D 766 -5.74 -38.12 -14.06
N TRP D 767 -6.95 -38.66 -14.09
CA TRP D 767 -7.12 -40.04 -14.52
C TRP D 767 -6.88 -40.22 -16.01
N GLU D 768 -7.02 -39.16 -16.80
CA GLU D 768 -6.92 -39.32 -18.25
C GLU D 768 -5.49 -39.56 -18.73
N THR D 769 -4.50 -39.48 -17.85
CA THR D 769 -3.14 -39.90 -18.16
C THR D 769 -2.72 -41.17 -17.45
N LEU D 770 -3.61 -41.81 -16.69
CA LEU D 770 -3.28 -43.01 -15.92
C LEU D 770 -4.07 -44.24 -16.32
N HIS D 771 -5.07 -44.11 -17.19
CA HIS D 771 -6.01 -45.20 -17.45
C HIS D 771 -5.45 -46.28 -18.37
N ASN D 772 -4.16 -46.26 -18.68
CA ASN D 772 -3.55 -47.27 -19.53
C ASN D 772 -2.62 -48.20 -18.77
N PHE D 773 -2.59 -48.12 -17.44
CA PHE D 773 -1.72 -48.96 -16.64
C PHE D 773 -2.51 -50.09 -15.98
N PRO D 774 -1.90 -51.27 -15.82
CA PRO D 774 -2.67 -52.47 -15.46
C PRO D 774 -3.35 -52.43 -14.10
N LYS D 775 -2.58 -52.22 -13.02
CA LYS D 775 -3.08 -52.40 -11.66
C LYS D 775 -3.02 -51.08 -10.90
N VAL D 776 -4.09 -50.31 -11.00
CA VAL D 776 -4.25 -49.05 -10.29
C VAL D 776 -5.67 -48.98 -9.74
N SER D 777 -5.80 -48.62 -8.46
CA SER D 777 -7.09 -48.51 -7.82
C SER D 777 -7.19 -47.19 -7.06
N ILE D 778 -8.42 -46.78 -6.78
CA ILE D 778 -8.72 -45.46 -6.21
C ILE D 778 -9.54 -45.64 -4.94
N LEU D 779 -9.15 -44.95 -3.88
CA LEU D 779 -9.92 -44.86 -2.64
C LEU D 779 -10.31 -43.41 -2.41
N PRO D 780 -11.55 -43.03 -2.70
CA PRO D 780 -12.00 -41.64 -2.52
C PRO D 780 -12.28 -41.29 -1.06
N GLY D 781 -11.20 -41.03 -0.33
CA GLY D 781 -11.31 -40.68 1.07
C GLY D 781 -10.36 -39.57 1.47
N THR D 782 -9.80 -39.67 2.68
CA THR D 782 -8.87 -38.67 3.18
C THR D 782 -7.67 -39.40 3.80
N PRO D 783 -6.45 -38.97 3.50
CA PRO D 783 -5.28 -39.58 4.15
C PRO D 783 -5.23 -39.38 5.65
N LEU D 784 -5.96 -38.41 6.19
CA LEU D 784 -5.97 -38.14 7.62
C LEU D 784 -7.00 -38.97 8.38
N SER D 785 -7.71 -39.87 7.69
CA SER D 785 -8.72 -40.71 8.33
C SER D 785 -8.16 -42.12 8.52
N ARG D 786 -8.25 -42.61 9.75
CA ARG D 786 -7.67 -43.93 10.05
C ARG D 786 -8.48 -45.06 9.44
N ALA D 787 -9.78 -44.85 9.22
CA ALA D 787 -10.61 -45.90 8.64
C ALA D 787 -10.19 -46.22 7.21
N ASP D 788 -9.91 -45.19 6.41
CA ASP D 788 -9.45 -45.42 5.05
C ASP D 788 -8.10 -46.13 5.02
N LEU D 789 -7.19 -45.74 5.91
CA LEU D 789 -5.88 -46.38 5.96
C LEU D 789 -5.98 -47.82 6.44
N ARG D 790 -6.94 -48.12 7.32
CA ARG D 790 -7.13 -49.51 7.75
C ARG D 790 -7.81 -50.33 6.66
N ALA D 791 -8.67 -49.70 5.86
CA ALA D 791 -9.33 -50.43 4.78
C ALA D 791 -8.36 -50.84 3.69
N VAL D 792 -7.29 -50.05 3.48
CA VAL D 792 -6.33 -50.33 2.42
C VAL D 792 -5.16 -51.19 2.92
N ASN D 793 -5.22 -51.64 4.18
CA ASN D 793 -4.18 -52.47 4.79
C ASN D 793 -2.82 -51.77 4.75
N ILE D 794 -2.75 -50.64 5.46
CA ILE D 794 -1.54 -49.85 5.50
C ILE D 794 -0.41 -50.55 6.24
N ASN D 795 -0.72 -51.54 7.06
CA ASN D 795 0.32 -52.28 7.78
C ASN D 795 0.99 -53.35 6.92
N LEU D 796 0.48 -53.60 5.72
CA LEU D 796 1.05 -54.61 4.83
C LEU D 796 1.65 -54.02 3.57
N CYS D 797 1.55 -52.70 3.38
CA CYS D 797 2.06 -52.08 2.16
C CYS D 797 3.58 -52.07 2.13
N ASP D 798 4.14 -52.13 0.92
CA ASP D 798 5.57 -52.00 0.77
C ASP D 798 6.04 -50.56 0.93
N MET D 799 5.20 -49.59 0.58
CA MET D 799 5.57 -48.19 0.73
C MET D 799 4.32 -47.34 0.77
N CYS D 800 4.38 -46.29 1.60
CA CYS D 800 3.34 -45.27 1.68
C CYS D 800 3.96 -43.94 1.29
N VAL D 801 3.46 -43.34 0.21
CA VAL D 801 3.98 -42.10 -0.34
C VAL D 801 2.97 -41.00 -0.04
N ILE D 802 3.38 -40.01 0.75
CA ILE D 802 2.52 -38.92 1.15
C ILE D 802 2.87 -37.71 0.29
N LEU D 803 1.93 -37.28 -0.56
CA LEU D 803 2.14 -36.15 -1.44
C LEU D 803 1.09 -35.07 -1.17
N SER D 804 1.50 -33.81 -1.28
CA SER D 804 0.63 -32.67 -1.08
C SER D 804 0.56 -31.88 -2.38
N ALA D 805 -0.59 -31.99 -3.07
CA ALA D 805 -0.79 -31.22 -4.30
C ALA D 805 -1.01 -29.74 -4.02
N ASN D 806 -1.43 -29.38 -2.80
CA ASN D 806 -1.70 -28.00 -2.43
C ASN D 806 -0.38 -27.27 -2.18
N GLN D 807 0.37 -27.08 -3.26
CA GLN D 807 1.64 -26.36 -3.22
C GLN D 807 1.48 -24.86 -3.39
N ASN D 808 0.29 -24.32 -3.13
CA ASN D 808 0.06 -22.90 -3.27
C ASN D 808 0.85 -22.10 -2.23
N ASN D 809 1.10 -20.83 -2.55
CA ASN D 809 1.88 -19.98 -1.66
C ASN D 809 1.12 -19.68 -0.38
N ILE D 810 1.83 -19.73 0.74
CA ILE D 810 1.27 -19.45 2.05
C ILE D 810 2.09 -18.31 2.66
N ASP D 811 1.45 -17.54 3.55
CA ASP D 811 2.14 -16.42 4.20
C ASP D 811 3.40 -16.87 4.91
N ASP D 812 3.38 -18.04 5.53
CA ASP D 812 4.57 -18.66 6.09
C ASP D 812 4.82 -19.95 5.32
N THR D 813 6.00 -20.07 4.73
CA THR D 813 6.33 -21.25 3.94
C THR D 813 6.48 -22.49 4.82
N SER D 814 6.95 -22.31 6.06
CA SER D 814 7.13 -23.44 6.96
C SER D 814 5.82 -24.14 7.28
N LEU D 815 4.68 -23.48 7.08
CA LEU D 815 3.38 -24.08 7.31
C LEU D 815 2.84 -24.81 6.08
N GLN D 816 3.63 -24.91 5.01
CA GLN D 816 3.17 -25.65 3.84
C GLN D 816 3.25 -27.15 4.01
N ASP D 817 3.94 -27.64 5.04
CA ASP D 817 4.14 -29.06 5.26
C ASP D 817 3.29 -29.63 6.38
N LYS D 818 2.26 -28.89 6.84
CA LYS D 818 1.49 -29.33 7.99
C LYS D 818 0.73 -30.62 7.71
N GLU D 819 0.10 -30.72 6.54
CA GLU D 819 -0.70 -31.91 6.24
C GLU D 819 0.16 -33.15 6.16
N CYS D 820 1.33 -33.06 5.52
CA CYS D 820 2.21 -34.21 5.39
C CYS D 820 2.73 -34.67 6.74
N ILE D 821 3.13 -33.74 7.60
CA ILE D 821 3.66 -34.11 8.91
C ILE D 821 2.56 -34.72 9.77
N LEU D 822 1.37 -34.13 9.75
CA LEU D 822 0.26 -34.69 10.51
C LEU D 822 -0.10 -36.09 10.02
N ALA D 823 -0.11 -36.31 8.71
CA ALA D 823 -0.41 -37.63 8.18
C ALA D 823 0.68 -38.62 8.57
N SER D 824 1.94 -38.21 8.53
CA SER D 824 3.03 -39.11 8.89
C SER D 824 2.94 -39.53 10.36
N LEU D 825 2.69 -38.57 11.24
CA LEU D 825 2.56 -38.90 12.66
C LEU D 825 1.32 -39.76 12.92
N ASN D 826 0.23 -39.48 12.21
CA ASN D 826 -0.98 -40.28 12.36
C ASN D 826 -0.74 -41.73 11.94
N ILE D 827 -0.01 -41.93 10.83
CA ILE D 827 0.28 -43.29 10.38
C ILE D 827 1.23 -43.98 11.35
N LYS D 828 2.23 -43.25 11.87
CA LYS D 828 3.18 -43.86 12.80
C LYS D 828 2.52 -44.21 14.13
N SER D 829 1.47 -43.50 14.52
CA SER D 829 0.85 -43.69 15.82
C SER D 829 -0.25 -44.74 15.83
N MET D 830 -0.56 -45.35 14.70
CA MET D 830 -1.63 -46.35 14.66
C MET D 830 -1.19 -47.64 15.34
N GLN D 831 -2.18 -48.48 15.66
CA GLN D 831 -1.95 -49.76 16.29
C GLN D 831 -2.72 -50.85 15.55
N PHE D 832 -2.12 -52.03 15.44
CA PHE D 832 -2.71 -53.14 14.73
C PHE D 832 -2.58 -54.41 15.57
N ASP D 833 -3.46 -55.37 15.30
CA ASP D 833 -3.44 -56.65 16.00
C ASP D 833 -3.35 -57.82 15.03
N THR D 871 2.71 -54.80 15.49
CA THR D 871 1.56 -54.47 16.34
C THR D 871 1.37 -52.97 16.42
N THR D 872 2.31 -52.21 15.86
CA THR D 872 2.26 -50.76 15.86
C THR D 872 2.74 -50.23 14.53
N GLY D 873 2.37 -49.00 14.22
CA GLY D 873 2.65 -48.38 12.95
C GLY D 873 3.99 -47.73 12.81
N VAL D 874 4.87 -47.82 13.81
CA VAL D 874 6.17 -47.18 13.71
C VAL D 874 7.09 -47.92 12.74
N ASN D 875 6.78 -49.18 12.42
CA ASN D 875 7.58 -49.97 11.51
C ASN D 875 7.09 -49.90 10.08
N ILE D 876 6.05 -49.14 9.80
CA ILE D 876 5.54 -49.00 8.43
C ILE D 876 6.49 -48.11 7.63
N PRO D 877 6.98 -48.55 6.47
CA PRO D 877 7.88 -47.71 5.68
C PRO D 877 7.11 -46.65 4.91
N ILE D 878 7.42 -45.39 5.17
CA ILE D 878 6.75 -44.27 4.53
C ILE D 878 7.79 -43.32 3.95
N ILE D 879 7.37 -42.56 2.94
CA ILE D 879 8.18 -41.50 2.35
C ILE D 879 7.34 -40.24 2.31
N THR D 880 7.89 -39.15 2.82
CA THR D 880 7.17 -37.89 2.94
C THR D 880 7.87 -36.81 2.13
N GLU D 881 7.13 -36.18 1.23
CA GLU D 881 7.64 -35.05 0.47
C GLU D 881 7.63 -33.80 1.35
N LEU D 882 8.73 -33.07 1.34
CA LEU D 882 8.89 -31.88 2.17
C LEU D 882 9.29 -30.69 1.31
N VAL D 883 8.72 -29.53 1.64
CA VAL D 883 9.09 -28.29 0.96
C VAL D 883 10.22 -27.58 1.70
N ASN D 884 10.09 -27.42 3.01
CA ASN D 884 11.12 -26.81 3.83
C ASN D 884 12.02 -27.87 4.42
N ASP D 885 13.33 -27.64 4.39
CA ASP D 885 14.27 -28.60 4.95
C ASP D 885 14.17 -28.67 6.46
N THR D 886 13.99 -27.51 7.12
CA THR D 886 14.04 -27.44 8.58
C THR D 886 12.93 -28.24 9.24
N ASN D 887 11.90 -28.63 8.49
CA ASN D 887 10.81 -29.42 9.04
C ASN D 887 11.13 -30.91 9.12
N VAL D 888 12.27 -31.34 8.57
CA VAL D 888 12.55 -32.78 8.47
C VAL D 888 12.69 -33.39 9.86
N GLN D 889 13.27 -32.66 10.80
CA GLN D 889 13.42 -33.15 12.17
C GLN D 889 12.09 -33.33 12.88
N PHE D 890 11.01 -32.79 12.33
CA PHE D 890 9.68 -33.03 12.88
C PHE D 890 9.15 -34.41 12.53
N LEU D 891 9.75 -35.08 11.54
CA LEU D 891 9.27 -36.39 11.12
C LEU D 891 9.83 -37.53 11.96
N ASP D 892 10.73 -37.25 12.89
CA ASP D 892 11.37 -38.28 13.69
C ASP D 892 11.11 -38.01 15.17
N GLN D 893 10.79 -39.08 15.90
CA GLN D 893 10.46 -38.96 17.32
C GLN D 893 11.69 -39.11 18.21
N ASP D 894 12.40 -40.23 18.08
CA ASP D 894 13.54 -40.52 18.94
C ASP D 894 14.85 -40.06 18.29
N ASP D 895 14.90 -38.78 17.93
CA ASP D 895 16.09 -38.17 17.36
C ASP D 895 16.78 -37.30 18.40
N ASP D 896 18.08 -37.54 18.59
CA ASP D 896 18.90 -36.74 19.48
C ASP D 896 19.60 -35.60 18.73
N ASP D 897 19.22 -35.37 17.48
CA ASP D 897 19.84 -34.33 16.67
C ASP D 897 19.59 -32.95 17.26
N ASP D 898 20.63 -32.14 17.28
CA ASP D 898 20.52 -30.76 17.73
C ASP D 898 19.74 -29.94 16.71
N PRO D 899 19.10 -28.85 17.13
CA PRO D 899 18.31 -28.05 16.19
C PRO D 899 19.11 -27.44 15.06
N ASP D 900 20.42 -27.28 15.20
CA ASP D 900 21.25 -26.70 14.15
C ASP D 900 21.84 -27.75 13.21
N THR D 901 21.44 -29.01 13.35
CA THR D 901 21.93 -30.06 12.46
C THR D 901 21.49 -29.82 11.03
N GLU D 902 22.41 -30.01 10.09
CA GLU D 902 22.10 -29.78 8.69
C GLU D 902 21.22 -30.90 8.15
N LEU D 903 20.70 -30.69 6.94
CA LEU D 903 19.68 -31.58 6.39
C LEU D 903 20.21 -32.99 6.19
N TYR D 904 21.43 -33.13 5.65
CA TYR D 904 21.91 -34.45 5.27
C TYR D 904 22.36 -35.29 6.46
N LEU D 905 22.47 -34.71 7.65
CA LEU D 905 22.87 -35.46 8.83
C LEU D 905 21.69 -35.89 9.70
N THR D 906 20.48 -35.42 9.42
CA THR D 906 19.32 -35.83 10.18
C THR D 906 18.97 -37.28 9.88
N GLN D 907 18.37 -37.94 10.87
CA GLN D 907 17.95 -39.33 10.69
C GLN D 907 16.92 -39.53 9.58
N PRO D 908 15.84 -38.72 9.47
CA PRO D 908 14.90 -38.96 8.37
C PRO D 908 15.53 -38.86 6.98
N PHE D 909 16.47 -37.95 6.78
CA PHE D 909 17.15 -37.88 5.49
C PHE D 909 18.11 -39.05 5.30
N ALA D 910 18.87 -39.38 6.35
CA ALA D 910 19.85 -40.46 6.23
C ALA D 910 19.18 -41.82 6.10
N CYS D 911 17.97 -41.98 6.63
CA CYS D 911 17.25 -43.23 6.51
C CYS D 911 16.40 -43.32 5.26
N GLY D 912 16.29 -42.23 4.50
CA GLY D 912 15.50 -42.25 3.28
C GLY D 912 14.01 -42.18 3.46
N THR D 913 13.54 -41.83 4.65
CA THR D 913 12.11 -41.71 4.90
C THR D 913 11.56 -40.32 4.63
N ALA D 914 12.40 -39.40 4.18
CA ALA D 914 11.96 -38.05 3.84
C ALA D 914 12.70 -37.59 2.59
N PHE D 915 11.95 -36.99 1.67
CA PHE D 915 12.49 -36.48 0.41
C PHE D 915 12.29 -34.97 0.37
N ALA D 916 13.36 -34.22 0.56
CA ALA D 916 13.31 -32.76 0.46
C ALA D 916 13.56 -32.35 -0.98
N VAL D 917 12.62 -31.55 -1.53
CA VAL D 917 12.71 -31.18 -2.93
C VAL D 917 13.88 -30.24 -3.21
N SER D 918 14.43 -29.60 -2.17
CA SER D 918 15.51 -28.64 -2.36
C SER D 918 16.76 -29.29 -2.96
N VAL D 919 16.92 -30.60 -2.82
CA VAL D 919 18.07 -31.27 -3.42
C VAL D 919 18.04 -31.13 -4.93
N LEU D 920 16.85 -31.00 -5.52
CA LEU D 920 16.76 -30.75 -6.96
C LEU D 920 17.42 -29.43 -7.32
N ASP D 921 17.29 -28.43 -6.46
CA ASP D 921 17.98 -27.16 -6.68
C ASP D 921 19.48 -27.34 -6.68
N SER D 922 19.98 -28.36 -5.99
CA SER D 922 21.40 -28.67 -6.07
C SER D 922 21.77 -29.24 -7.42
N LEU D 923 20.87 -30.04 -8.01
CA LEU D 923 21.18 -30.78 -9.23
C LEU D 923 21.56 -29.83 -10.37
N MET D 924 20.88 -28.68 -10.44
CA MET D 924 21.21 -27.67 -11.44
C MET D 924 22.70 -27.33 -11.40
N SER D 925 23.23 -27.05 -10.21
CA SER D 925 24.66 -26.78 -10.10
C SER D 925 25.47 -27.99 -10.54
N ALA D 926 25.05 -29.18 -10.12
CA ALA D 926 25.74 -30.40 -10.55
C ALA D 926 25.62 -30.59 -12.05
N THR D 927 24.58 -30.03 -12.66
CA THR D 927 24.45 -30.11 -14.10
C THR D 927 25.40 -29.15 -14.82
N TYR D 928 25.76 -28.03 -14.17
CA TYR D 928 26.60 -27.05 -14.84
C TYR D 928 28.02 -27.56 -15.02
N PHE D 929 28.59 -28.20 -13.99
CA PHE D 929 29.96 -28.67 -14.06
C PHE D 929 30.09 -29.99 -14.81
N ASN D 930 28.98 -30.69 -15.07
CA ASN D 930 29.02 -31.93 -15.83
C ASN D 930 27.62 -32.18 -16.39
N ASP D 931 27.52 -32.23 -17.71
CA ASP D 931 26.21 -32.37 -18.35
C ASP D 931 25.77 -33.82 -18.51
N ASN D 932 26.66 -34.79 -18.28
CA ASN D 932 26.27 -36.19 -18.39
C ASN D 932 25.59 -36.71 -17.13
N ILE D 933 25.72 -36.00 -16.02
CA ILE D 933 25.13 -36.45 -14.76
C ILE D 933 23.61 -36.46 -14.86
N LEU D 934 23.03 -35.41 -15.45
CA LEU D 934 21.59 -35.36 -15.61
C LEU D 934 21.08 -36.49 -16.50
N THR D 935 21.80 -36.78 -17.59
CA THR D 935 21.38 -37.87 -18.47
C THR D 935 21.47 -39.22 -17.77
N LEU D 936 22.55 -39.44 -16.98
CA LEU D 936 22.67 -40.69 -16.23
C LEU D 936 21.54 -40.82 -15.21
N ILE D 937 21.22 -39.73 -14.51
CA ILE D 937 20.13 -39.77 -13.54
C ILE D 937 18.80 -40.06 -14.23
N ARG D 938 18.56 -39.41 -15.37
CA ARG D 938 17.31 -39.62 -16.09
C ARG D 938 17.17 -41.05 -16.58
N THR D 939 18.24 -41.63 -17.11
CA THR D 939 18.15 -43.00 -17.59
C THR D 939 18.16 -44.04 -16.47
N LEU D 940 18.62 -43.67 -15.27
CA LEU D 940 18.57 -44.58 -14.14
C LEU D 940 17.26 -44.50 -13.38
N VAL D 941 16.59 -43.36 -13.41
CA VAL D 941 15.48 -43.07 -12.52
C VAL D 941 14.14 -43.19 -13.24
N THR D 942 14.00 -42.57 -14.41
CA THR D 942 12.72 -42.52 -15.08
C THR D 942 12.30 -43.87 -15.68
N GLY D 943 13.18 -44.85 -15.69
CA GLY D 943 12.85 -46.16 -16.21
C GLY D 943 13.25 -46.42 -17.64
N GLY D 944 14.06 -45.55 -18.25
CA GLY D 944 14.51 -45.75 -19.60
C GLY D 944 13.63 -45.09 -20.64
N ALA D 945 13.37 -43.80 -20.47
CA ALA D 945 12.53 -43.04 -21.40
C ALA D 945 13.39 -42.63 -22.59
N THR D 946 13.29 -43.38 -23.69
CA THR D 946 14.03 -43.06 -24.89
C THR D 946 13.45 -41.83 -25.58
N PRO D 947 14.27 -41.09 -26.33
CA PRO D 947 13.74 -39.91 -27.05
C PRO D 947 12.65 -40.25 -28.06
N GLU D 948 12.65 -41.46 -28.61
CA GLU D 948 11.57 -41.86 -29.50
C GLU D 948 10.24 -41.92 -28.75
N LEU D 949 10.26 -42.46 -27.53
CA LEU D 949 9.07 -42.45 -26.69
C LEU D 949 8.68 -41.02 -26.34
N GLU D 950 9.67 -40.15 -26.12
CA GLU D 950 9.40 -38.74 -25.85
C GLU D 950 8.65 -38.11 -27.02
N ALA D 951 9.11 -38.37 -28.25
CA ALA D 951 8.47 -37.82 -29.43
C ALA D 951 7.06 -38.38 -29.61
N LEU D 952 6.87 -39.68 -29.37
CA LEU D 952 5.54 -40.27 -29.49
C LEU D 952 4.58 -39.68 -28.47
N ILE D 953 5.03 -39.49 -27.23
CA ILE D 953 4.17 -38.91 -26.20
C ILE D 953 3.87 -37.45 -26.54
N ALA D 954 4.85 -36.73 -27.08
CA ALA D 954 4.60 -35.35 -27.50
C ALA D 954 3.57 -35.29 -28.61
N GLU D 955 3.63 -36.25 -29.54
CA GLU D 955 2.70 -36.24 -30.68
C GLU D 955 1.28 -36.59 -30.24
N GLU D 956 1.12 -37.65 -29.44
CA GLU D 956 -0.20 -38.16 -29.14
C GLU D 956 -0.74 -37.76 -27.77
N ASN D 957 0.11 -37.24 -26.88
CA ASN D 957 -0.27 -36.86 -25.52
C ASN D 957 -0.85 -38.04 -24.74
N ALA D 958 -0.41 -39.26 -25.08
CA ALA D 958 -0.89 -40.47 -24.42
C ALA D 958 0.11 -41.58 -24.74
N LEU D 959 -0.13 -42.74 -24.13
CA LEU D 959 0.68 -43.93 -24.38
C LEU D 959 -0.10 -44.87 -25.29
N ARG D 960 0.50 -45.24 -26.41
CA ARG D 960 -0.15 -46.07 -27.41
C ARG D 960 0.37 -47.50 -27.32
N GLY D 961 -0.54 -48.46 -27.27
CA GLY D 961 -0.15 -49.85 -27.22
C GLY D 961 0.29 -50.39 -28.56
N GLY D 962 0.85 -51.60 -28.53
CA GLY D 962 1.32 -52.23 -29.74
C GLY D 962 1.52 -53.71 -29.55
N TYR D 963 1.51 -54.43 -30.66
CA TYR D 963 1.68 -55.88 -30.63
C TYR D 963 3.14 -56.25 -30.38
N SER D 964 3.34 -57.40 -29.76
CA SER D 964 4.68 -57.82 -29.39
C SER D 964 5.46 -58.30 -30.61
N THR D 965 6.68 -57.79 -30.74
CA THR D 965 7.63 -58.16 -31.78
C THR D 965 8.94 -58.54 -31.13
N PRO D 966 9.78 -59.33 -31.80
CA PRO D 966 11.08 -59.68 -31.23
C PRO D 966 11.96 -58.46 -30.91
N GLN D 967 11.84 -57.38 -31.68
CA GLN D 967 12.60 -56.18 -31.38
C GLN D 967 12.18 -55.57 -30.05
N THR D 968 10.87 -55.47 -29.81
CA THR D 968 10.40 -54.93 -28.54
C THR D 968 10.76 -55.84 -27.37
N LEU D 969 10.66 -57.16 -27.56
CA LEU D 969 11.04 -58.09 -26.50
C LEU D 969 12.53 -58.03 -26.20
N ALA D 970 13.36 -57.79 -27.22
CA ALA D 970 14.77 -57.55 -26.97
C ALA D 970 14.98 -56.24 -26.23
N ASN D 971 14.20 -55.21 -26.56
CA ASN D 971 14.26 -53.95 -25.85
C ASN D 971 13.79 -54.07 -24.41
N ARG D 972 13.03 -55.12 -24.10
CA ARG D 972 12.55 -55.32 -22.73
C ARG D 972 13.69 -55.60 -21.76
N ASP D 973 14.77 -56.22 -22.24
CA ASP D 973 15.88 -56.63 -21.37
C ASP D 973 16.65 -55.41 -20.90
N ARG D 974 16.57 -55.11 -19.61
CA ARG D 974 17.31 -54.01 -19.00
C ARG D 974 17.78 -54.47 -17.62
N CYS D 975 18.21 -53.51 -16.81
CA CYS D 975 18.59 -53.76 -15.42
C CYS D 975 17.72 -52.93 -14.50
N ARG D 976 17.41 -53.49 -13.33
CA ARG D 976 16.49 -52.88 -12.39
C ARG D 976 17.15 -52.74 -11.02
N VAL D 977 16.69 -51.75 -10.27
CA VAL D 977 17.20 -51.49 -8.93
C VAL D 977 16.50 -52.40 -7.94
N ALA D 978 17.27 -53.06 -7.08
CA ALA D 978 16.69 -53.96 -6.09
C ALA D 978 17.53 -53.95 -4.83
N GLN D 979 16.95 -54.48 -3.75
CA GLN D 979 17.64 -54.71 -2.49
C GLN D 979 17.60 -56.20 -2.18
N LEU D 980 18.74 -56.75 -1.79
CA LEU D 980 18.83 -58.15 -1.43
C LEU D 980 19.23 -58.30 0.04
N ALA D 981 18.75 -59.38 0.66
CA ALA D 981 19.04 -59.69 2.04
C ALA D 981 20.01 -60.86 2.11
N LEU D 982 20.97 -60.77 3.02
CA LEU D 982 21.99 -61.81 3.20
C LEU D 982 21.58 -62.89 4.19
N LEU D 983 20.33 -62.89 4.62
CA LEU D 983 19.89 -63.83 5.66
C LEU D 983 19.84 -65.26 5.15
N ASP D 984 19.23 -65.47 3.98
CA ASP D 984 19.00 -66.82 3.47
C ASP D 984 19.38 -66.99 2.01
N GLY D 985 20.03 -65.99 1.39
CA GLY D 985 20.42 -66.11 0.01
C GLY D 985 21.68 -66.95 -0.16
N PRO D 986 22.14 -67.04 -1.40
CA PRO D 986 23.41 -67.75 -1.67
C PRO D 986 24.61 -67.09 -1.04
N PHE D 987 24.51 -65.81 -0.68
CA PHE D 987 25.61 -65.07 -0.06
C PHE D 987 25.53 -65.07 1.46
N ALA D 988 24.71 -65.97 2.04
CA ALA D 988 24.50 -65.96 3.48
C ALA D 988 25.78 -66.29 4.24
N ASP D 989 26.55 -67.27 3.76
CA ASP D 989 27.80 -67.62 4.42
C ASP D 989 28.81 -66.47 4.34
N LEU D 990 28.85 -65.78 3.21
CA LEU D 990 29.77 -64.65 3.06
C LEU D 990 29.32 -63.43 3.85
N GLY D 991 28.03 -63.33 4.18
CA GLY D 991 27.52 -62.21 4.94
C GLY D 991 27.77 -62.26 6.43
N ASP D 992 28.33 -63.36 6.94
CA ASP D 992 28.60 -63.51 8.36
C ASP D 992 30.04 -63.05 8.64
N GLY D 993 30.20 -61.74 8.73
CA GLY D 993 31.50 -61.16 9.03
C GLY D 993 32.45 -61.05 7.85
N GLY D 994 32.00 -61.40 6.64
CA GLY D 994 32.87 -61.33 5.48
C GLY D 994 33.07 -59.91 4.98
N CYS D 995 33.96 -59.79 4.00
CA CYS D 995 34.30 -58.50 3.42
C CYS D 995 33.36 -58.16 2.27
N TYR D 996 33.14 -56.86 2.05
CA TYR D 996 32.23 -56.41 1.01
C TYR D 996 32.80 -56.68 -0.38
N GLY D 997 34.12 -56.60 -0.54
CA GLY D 997 34.72 -56.78 -1.85
C GLY D 997 34.50 -58.18 -2.41
N ASP D 998 34.60 -59.20 -1.55
CA ASP D 998 34.32 -60.56 -1.98
C ASP D 998 32.88 -60.71 -2.44
N LEU D 999 31.94 -60.11 -1.71
CA LEU D 999 30.54 -60.13 -2.12
C LEU D 999 30.36 -59.46 -3.48
N PHE D 1000 30.99 -58.30 -3.68
CA PHE D 1000 30.87 -57.59 -4.94
C PHE D 1000 31.43 -58.43 -6.09
N CYS D 1001 32.61 -59.02 -5.89
CA CYS D 1001 33.23 -59.81 -6.95
C CYS D 1001 32.40 -61.04 -7.28
N LYS D 1002 31.90 -61.74 -6.25
CA LYS D 1002 31.09 -62.92 -6.50
C LYS D 1002 29.79 -62.58 -7.20
N ALA D 1003 29.12 -61.50 -6.78
CA ALA D 1003 27.88 -61.10 -7.42
C ALA D 1003 28.09 -60.68 -8.86
N LEU D 1004 29.18 -59.96 -9.14
CA LEU D 1004 29.43 -59.51 -10.50
C LEU D 1004 29.84 -60.67 -11.41
N LYS D 1005 30.62 -61.62 -10.88
CA LYS D 1005 31.09 -62.73 -11.70
C LYS D 1005 30.01 -63.76 -11.95
N THR D 1006 29.16 -64.03 -10.95
CA THR D 1006 28.20 -65.13 -11.06
C THR D 1006 26.90 -64.68 -11.72
N TYR D 1007 26.22 -63.70 -11.14
CA TYR D 1007 24.90 -63.29 -11.60
C TYR D 1007 24.92 -61.96 -12.36
N ASN D 1008 26.10 -61.42 -12.66
CA ASN D 1008 26.24 -60.13 -13.34
C ASN D 1008 25.50 -59.04 -12.59
N MET D 1009 25.63 -59.05 -11.26
CA MET D 1009 24.93 -58.14 -10.38
C MET D 1009 25.89 -57.11 -9.82
N LEU D 1010 25.51 -55.83 -9.91
CA LEU D 1010 26.36 -54.72 -9.52
C LEU D 1010 25.89 -54.19 -8.18
N CYS D 1011 26.62 -54.53 -7.12
CA CYS D 1011 26.33 -54.02 -5.79
C CYS D 1011 27.01 -52.67 -5.60
N PHE D 1012 26.24 -51.65 -5.19
CA PHE D 1012 26.78 -50.31 -5.07
C PHE D 1012 26.40 -49.63 -3.76
N GLY D 1013 26.04 -50.39 -2.73
CA GLY D 1013 25.73 -49.77 -1.45
C GLY D 1013 25.14 -50.71 -0.43
N ILE D 1014 25.31 -50.37 0.85
CA ILE D 1014 24.78 -51.15 1.96
C ILE D 1014 23.71 -50.32 2.66
N TYR D 1015 22.69 -51.01 3.15
CA TYR D 1015 21.58 -50.37 3.86
C TYR D 1015 21.49 -51.11 5.19
N ARG D 1016 21.91 -50.45 6.27
CA ARG D 1016 22.27 -51.09 7.51
C ARG D 1016 21.44 -50.55 8.67
N LEU D 1017 21.06 -51.45 9.58
CA LEU D 1017 20.29 -51.06 10.76
C LEU D 1017 21.06 -50.05 11.58
N ARG D 1018 20.32 -49.08 12.14
CA ARG D 1018 20.96 -47.98 12.87
C ARG D 1018 21.66 -48.47 14.12
N ASP D 1019 21.09 -49.45 14.82
CA ASP D 1019 21.68 -49.98 16.05
C ASP D 1019 22.39 -51.30 15.81
N ALA D 1020 22.98 -51.48 14.64
CA ALA D 1020 23.70 -52.71 14.34
C ALA D 1020 25.06 -52.76 15.03
N HIS D 1021 25.70 -51.62 15.23
CA HIS D 1021 27.01 -51.57 15.86
C HIS D 1021 26.95 -51.65 17.37
N LEU D 1022 25.78 -51.45 17.98
CA LEU D 1022 25.65 -51.52 19.43
C LEU D 1022 25.64 -52.97 19.90
N SER D 1023 26.30 -53.21 21.04
CA SER D 1023 26.33 -54.56 21.59
C SER D 1023 24.97 -54.97 22.13
N THR D 1024 24.27 -54.05 22.80
CA THR D 1024 22.97 -54.37 23.36
C THR D 1024 21.93 -54.53 22.25
N PRO D 1025 20.98 -55.45 22.41
CA PRO D 1025 19.91 -55.58 21.42
C PRO D 1025 18.98 -54.38 21.45
N SER D 1026 18.37 -54.11 20.30
CA SER D 1026 17.45 -52.99 20.16
C SER D 1026 16.28 -53.40 19.27
N GLN D 1027 15.16 -52.69 19.44
CA GLN D 1027 13.95 -52.93 18.66
C GLN D 1027 13.79 -51.96 17.50
N CYS D 1028 14.75 -51.07 17.29
CA CYS D 1028 14.64 -50.11 16.19
C CYS D 1028 14.92 -50.80 14.86
N THR D 1029 14.03 -50.59 13.90
CA THR D 1029 14.17 -51.17 12.57
C THR D 1029 14.61 -50.14 11.54
N LYS D 1030 14.97 -48.94 11.96
CA LYS D 1030 15.45 -47.93 11.03
C LYS D 1030 16.81 -48.30 10.49
N ARG D 1031 17.03 -48.04 9.20
CA ARG D 1031 18.29 -48.32 8.53
C ARG D 1031 18.76 -47.08 7.81
N TYR D 1032 20.09 -46.94 7.73
CA TYR D 1032 20.74 -45.84 7.03
C TYR D 1032 21.55 -46.39 5.85
N VAL D 1033 22.09 -45.45 5.07
CA VAL D 1033 22.66 -45.75 3.76
C VAL D 1033 24.17 -45.53 3.80
N ILE D 1034 24.92 -46.51 3.32
CA ILE D 1034 26.36 -46.40 3.13
C ILE D 1034 26.61 -46.59 1.63
N THR D 1035 27.22 -45.58 1.01
CA THR D 1035 27.39 -45.54 -0.44
C THR D 1035 28.81 -45.97 -0.80
N ASN D 1036 28.91 -47.07 -1.57
CA ASN D 1036 30.16 -47.63 -2.08
C ASN D 1036 31.18 -47.86 -0.96
N PRO D 1037 30.97 -48.87 -0.12
CA PRO D 1037 31.95 -49.15 0.94
C PRO D 1037 33.23 -49.70 0.33
N PRO D 1038 34.37 -49.56 1.03
CA PRO D 1038 35.62 -50.10 0.50
C PRO D 1038 35.67 -51.62 0.47
N TYR D 1039 36.77 -52.18 -0.03
CA TYR D 1039 36.90 -53.62 -0.16
C TYR D 1039 36.93 -54.31 1.21
N GLU D 1040 37.60 -53.71 2.18
CA GLU D 1040 37.78 -54.31 3.49
C GLU D 1040 36.62 -54.05 4.44
N PHE D 1041 35.55 -53.41 3.97
CA PHE D 1041 34.39 -53.16 4.81
C PHE D 1041 33.71 -54.47 5.20
N GLU D 1042 33.39 -54.60 6.47
CA GLU D 1042 32.81 -55.84 6.99
C GLU D 1042 31.31 -55.88 6.77
N LEU D 1043 30.73 -57.06 6.97
CA LEU D 1043 29.32 -57.28 6.77
C LEU D 1043 28.70 -57.94 8.00
N VAL D 1044 27.40 -57.73 8.17
CA VAL D 1044 26.63 -58.38 9.23
C VAL D 1044 25.46 -59.09 8.56
N PRO D 1045 24.91 -60.15 9.16
CA PRO D 1045 23.77 -60.83 8.52
C PRO D 1045 22.53 -59.96 8.39
N THR D 1046 22.39 -58.93 9.22
CA THR D 1046 21.22 -58.04 9.15
C THR D 1046 21.58 -56.79 8.36
N ASP D 1047 21.80 -57.00 7.06
CA ASP D 1047 22.12 -55.92 6.14
C ASP D 1047 21.32 -56.11 4.86
N LEU D 1048 21.10 -55.02 4.13
CA LEU D 1048 20.55 -55.07 2.79
C LEU D 1048 21.58 -54.53 1.81
N ILE D 1049 21.57 -55.07 0.60
CA ILE D 1049 22.53 -54.69 -0.43
C ILE D 1049 21.77 -54.09 -1.60
N PHE D 1050 22.11 -52.85 -1.95
CA PHE D 1050 21.62 -52.27 -3.19
C PHE D 1050 22.27 -52.97 -4.37
N CYS D 1051 21.49 -53.23 -5.41
CA CYS D 1051 22.03 -53.94 -6.56
C CYS D 1051 21.25 -53.56 -7.81
N LEU D 1052 21.91 -53.75 -8.96
CA LEU D 1052 21.30 -53.63 -10.26
C LEU D 1052 21.23 -55.04 -10.85
N MET D 1053 20.02 -55.58 -10.93
CA MET D 1053 19.80 -56.96 -11.35
C MET D 1053 19.37 -57.01 -12.80
N GLN D 1054 19.85 -58.02 -13.52
CA GLN D 1054 19.51 -58.20 -14.91
C GLN D 1054 18.11 -58.79 -15.05
N PHE D 1055 17.61 -58.80 -16.28
CA PHE D 1055 16.31 -59.36 -16.60
C PHE D 1055 16.50 -60.78 -17.15
N ASP D 1056 15.73 -61.72 -16.61
CA ASP D 1056 15.76 -63.10 -17.06
C ASP D 1056 14.34 -63.62 -17.23
N SER D 1057 14.14 -64.44 -18.25
CA SER D 1057 12.82 -65.00 -18.53
C SER D 1057 12.74 -66.46 -18.13
N ALA E 258 12.76 54.20 56.26
CA ALA E 258 11.34 54.21 56.59
C ALA E 258 10.68 52.90 56.15
N LEU E 259 9.53 52.59 56.75
CA LEU E 259 8.78 51.39 56.43
C LEU E 259 7.37 51.69 55.90
N ARG E 260 6.83 52.87 56.20
CA ARG E 260 5.50 53.23 55.73
C ARG E 260 5.44 53.27 54.21
N ASP E 261 6.39 53.97 53.60
CA ASP E 261 6.43 54.04 52.13
C ASP E 261 6.69 52.68 51.52
N LEU E 262 7.53 51.86 52.16
CA LEU E 262 7.74 50.50 51.68
C LEU E 262 6.45 49.69 51.74
N ALA E 263 5.69 49.84 52.82
CA ALA E 263 4.39 49.17 52.91
C ALA E 263 3.45 49.64 51.81
N VAL E 264 3.47 50.95 51.50
CA VAL E 264 2.62 51.47 50.44
C VAL E 264 3.01 50.88 49.09
N VAL E 265 4.32 50.80 48.80
CA VAL E 265 4.72 50.26 47.50
C VAL E 265 4.51 48.76 47.44
N TYR E 266 4.47 48.09 48.60
CA TYR E 266 4.10 46.68 48.59
C TYR E 266 2.61 46.48 48.31
N THR E 267 1.76 47.27 48.96
CA THR E 267 0.33 47.01 48.93
C THR E 267 -0.45 47.82 47.89
N LEU E 268 0.18 48.75 47.19
CA LEU E 268 -0.55 49.62 46.27
C LEU E 268 -1.10 48.85 45.09
N GLY E 269 -0.32 47.90 44.57
CA GLY E 269 -0.76 47.06 43.49
C GLY E 269 -1.94 46.18 43.86
N PRO E 270 -1.78 45.31 44.86
CA PRO E 270 -2.90 44.46 45.28
C PRO E 270 -4.14 45.23 45.67
N ALA E 271 -3.99 46.35 46.38
CA ALA E 271 -5.15 47.16 46.76
C ALA E 271 -5.85 47.70 45.53
N SER E 272 -5.09 48.15 44.53
CA SER E 272 -5.70 48.66 43.31
C SER E 272 -6.43 47.55 42.56
N PHE E 273 -5.87 46.34 42.56
CA PHE E 273 -6.57 45.20 41.95
C PHE E 273 -7.88 44.92 42.67
N LEU E 274 -7.87 44.94 44.02
CA LEU E 274 -9.12 44.71 44.75
C LEU E 274 -10.13 45.81 44.49
N VAL E 275 -9.68 47.06 44.39
CA VAL E 275 -10.58 48.17 44.06
C VAL E 275 -11.19 47.96 42.69
N SER E 276 -10.38 47.52 41.73
CA SER E 276 -10.90 47.26 40.38
C SER E 276 -11.95 46.15 40.40
N LEU E 277 -11.67 45.06 41.11
CA LEU E 277 -12.63 43.96 41.19
C LEU E 277 -13.92 44.41 41.87
N ALA E 278 -13.80 45.18 42.94
CA ALA E 278 -14.99 45.67 43.64
C ALA E 278 -15.81 46.59 42.76
N SER E 279 -15.15 47.47 42.01
CA SER E 279 -15.85 48.38 41.11
C SER E 279 -16.56 47.62 40.01
N CYS E 280 -15.90 46.61 39.44
CA CYS E 280 -16.53 45.81 38.40
C CYS E 280 -17.74 45.05 38.95
N LEU E 281 -17.60 44.48 40.15
CA LEU E 281 -18.70 43.76 40.76
C LEU E 281 -19.88 44.69 41.05
N ALA E 282 -19.59 45.88 41.55
CA ALA E 282 -20.65 46.84 41.85
C ALA E 282 -21.36 47.29 40.58
N LEU E 283 -20.61 47.57 39.51
CA LEU E 283 -21.22 47.98 38.25
C LEU E 283 -22.08 46.86 37.68
N GLY E 284 -21.59 45.62 37.75
CA GLY E 284 -22.38 44.50 37.26
C GLY E 284 -23.65 44.29 38.07
N SER E 285 -23.55 44.41 39.39
CA SER E 285 -24.73 44.27 40.25
C SER E 285 -25.75 45.35 39.95
N GLY E 286 -25.29 46.59 39.78
CA GLY E 286 -26.21 47.67 39.46
C GLY E 286 -26.89 47.49 38.11
N LEU E 287 -26.13 47.08 37.09
CA LEU E 287 -26.72 46.89 35.77
C LEU E 287 -27.69 45.70 35.78
N THR E 288 -27.35 44.65 36.53
CA THR E 288 -28.27 43.51 36.64
C THR E 288 -29.55 43.90 37.35
N ALA E 289 -29.44 44.72 38.41
CA ALA E 289 -30.63 45.20 39.11
C ALA E 289 -31.50 46.06 38.20
N CYS E 290 -30.87 46.91 37.40
CA CYS E 290 -31.65 47.73 36.45
C CYS E 290 -32.28 46.88 35.37
N ARG E 291 -31.59 45.83 34.92
CA ARG E 291 -32.14 44.94 33.91
C ARG E 291 -33.34 44.16 34.45
N ALA E 292 -33.26 43.73 35.71
CA ALA E 292 -34.37 43.01 36.33
C ALA E 292 -35.59 43.92 36.50
N ARG E 293 -35.37 45.23 36.60
CA ARG E 293 -36.44 46.20 36.72
C ARG E 293 -37.27 46.27 35.45
N ALA F 258 63.76 12.20 45.01
CA ALA F 258 63.54 10.98 45.77
C ALA F 258 62.62 10.03 45.02
N LEU F 259 62.77 8.73 45.28
CA LEU F 259 61.96 7.71 44.64
C LEU F 259 60.97 7.06 45.61
N ARG F 260 61.25 7.10 46.91
CA ARG F 260 60.38 6.47 47.89
C ARG F 260 58.99 7.10 47.89
N ASP F 261 58.92 8.44 47.94
CA ASP F 261 57.64 9.12 47.92
C ASP F 261 56.92 8.90 46.60
N LEU F 262 57.66 8.90 45.49
CA LEU F 262 57.06 8.58 44.20
C LEU F 262 56.51 7.16 44.18
N ALA F 263 57.24 6.22 44.78
CA ALA F 263 56.72 4.86 44.89
C ALA F 263 55.43 4.82 45.70
N VAL F 264 55.36 5.62 46.77
CA VAL F 264 54.16 5.67 47.59
C VAL F 264 52.98 6.23 46.78
N VAL F 265 53.22 7.30 46.01
CA VAL F 265 52.11 7.89 45.27
C VAL F 265 51.71 7.00 44.09
N TYR F 266 52.63 6.16 43.59
CA TYR F 266 52.24 5.19 42.58
C TYR F 266 51.40 4.07 43.18
N THR F 267 51.81 3.55 44.34
CA THR F 267 51.17 2.35 44.89
C THR F 267 50.00 2.64 45.81
N LEU F 268 49.75 3.90 46.17
CA LEU F 268 48.70 4.22 47.14
C LEU F 268 47.32 3.88 46.60
N GLY F 269 47.09 4.12 45.32
CA GLY F 269 45.83 3.79 44.69
C GLY F 269 45.52 2.31 44.66
N PRO F 270 46.34 1.54 43.93
CA PRO F 270 46.07 0.08 43.83
C PRO F 270 46.04 -0.61 45.17
N ALA F 271 46.91 -0.23 46.11
CA ALA F 271 46.89 -0.83 47.44
C ALA F 271 45.58 -0.55 48.15
N SER F 272 45.07 0.68 48.00
CA SER F 272 43.79 1.02 48.60
C SER F 272 42.66 0.22 47.99
N PHE F 273 42.70 0.01 46.67
CA PHE F 273 41.70 -0.84 46.03
C PHE F 273 41.76 -2.28 46.54
N LEU F 274 42.97 -2.83 46.70
CA LEU F 274 43.08 -4.18 47.23
C LEU F 274 42.60 -4.25 48.67
N VAL F 275 42.86 -3.21 49.46
CA VAL F 275 42.35 -3.16 50.84
C VAL F 275 40.82 -3.16 50.83
N SER F 276 40.22 -2.39 49.93
CA SER F 276 38.77 -2.35 49.83
C SER F 276 38.20 -3.72 49.45
N LEU F 277 38.81 -4.37 48.45
CA LEU F 277 38.34 -5.69 48.04
C LEU F 277 38.49 -6.72 49.16
N ALA F 278 39.61 -6.66 49.87
CA ALA F 278 39.84 -7.59 50.98
C ALA F 278 38.81 -7.37 52.10
N SER F 279 38.53 -6.10 52.42
CA SER F 279 37.55 -5.81 53.45
C SER F 279 36.16 -6.29 53.05
N CYS F 280 35.77 -6.06 51.79
CA CYS F 280 34.47 -6.52 51.31
C CYS F 280 34.39 -8.04 51.35
N LEU F 281 35.45 -8.72 50.91
CA LEU F 281 35.46 -10.18 50.91
C LEU F 281 35.37 -10.73 52.32
N ALA F 282 36.11 -10.13 53.26
CA ALA F 282 36.08 -10.59 54.64
C ALA F 282 34.70 -10.38 55.26
N LEU F 283 34.09 -9.22 55.02
CA LEU F 283 32.76 -8.96 55.56
C LEU F 283 31.74 -9.91 54.97
N GLY F 284 31.85 -10.19 53.66
CA GLY F 284 30.93 -11.13 53.04
C GLY F 284 31.09 -12.54 53.57
N SER F 285 32.34 -12.97 53.78
CA SER F 285 32.59 -14.29 54.34
C SER F 285 32.03 -14.39 55.75
N GLY F 286 32.22 -13.34 56.56
CA GLY F 286 31.67 -13.35 57.92
C GLY F 286 30.16 -13.39 57.93
N LEU F 287 29.52 -12.61 57.06
CA LEU F 287 28.06 -12.59 57.02
C LEU F 287 27.51 -13.91 56.50
N THR F 288 28.20 -14.52 55.53
CA THR F 288 27.78 -15.83 55.04
C THR F 288 27.91 -16.89 56.13
N ALA F 289 29.00 -16.84 56.90
CA ALA F 289 29.17 -17.78 58.01
C ALA F 289 28.09 -17.60 59.06
N CYS F 290 27.73 -16.35 59.36
CA CYS F 290 26.66 -16.09 60.33
C CYS F 290 25.31 -16.56 59.79
N ARG F 291 25.06 -16.36 58.50
CA ARG F 291 23.81 -16.79 57.89
C ARG F 291 23.69 -18.31 57.90
N ALA F 292 24.79 -19.01 57.63
CA ALA F 292 24.78 -20.48 57.69
C ALA F 292 24.53 -20.97 59.11
N ARG F 293 24.95 -20.20 60.11
CA ARG F 293 24.73 -20.54 61.51
C ARG F 293 23.25 -20.46 61.86
N ALA G 258 69.89 33.38 -16.72
CA ALA G 258 69.94 33.12 -18.15
C ALA G 258 68.59 32.64 -18.68
N LEU G 259 68.61 31.98 -19.82
CA LEU G 259 67.40 31.42 -20.44
C LEU G 259 67.49 29.92 -20.61
N ARG G 260 68.68 29.36 -20.78
CA ARG G 260 68.83 27.91 -20.92
C ARG G 260 68.39 27.20 -19.65
N ASP G 261 68.71 27.76 -18.48
CA ASP G 261 68.28 27.16 -17.22
C ASP G 261 66.77 27.15 -17.11
N LEU G 262 66.12 28.21 -17.59
CA LEU G 262 64.66 28.24 -17.60
C LEU G 262 64.09 27.14 -18.48
N ALA G 263 64.71 26.92 -19.64
CA ALA G 263 64.27 25.82 -20.51
C ALA G 263 64.47 24.47 -19.83
N VAL G 264 65.58 24.32 -19.10
CA VAL G 264 65.83 23.07 -18.39
C VAL G 264 64.78 22.83 -17.32
N VAL G 265 64.43 23.87 -16.56
CA VAL G 265 63.45 23.68 -15.48
C VAL G 265 62.05 23.54 -16.05
N TYR G 266 61.81 24.02 -17.28
CA TYR G 266 60.54 23.74 -17.94
C TYR G 266 60.46 22.28 -18.39
N THR G 267 61.53 21.77 -19.01
CA THR G 267 61.49 20.46 -19.64
C THR G 267 61.95 19.31 -18.76
N LEU G 268 62.42 19.60 -17.54
CA LEU G 268 62.94 18.53 -16.69
C LEU G 268 61.85 17.54 -16.29
N GLY G 269 60.65 18.04 -16.02
CA GLY G 269 59.53 17.19 -15.73
C GLY G 269 59.17 16.27 -16.88
N PRO G 270 58.77 16.84 -18.03
CA PRO G 270 58.41 15.99 -19.18
C PRO G 270 59.51 15.06 -19.62
N ALA G 271 60.76 15.50 -19.63
CA ALA G 271 61.87 14.64 -20.04
C ALA G 271 62.02 13.45 -19.08
N SER G 272 61.88 13.71 -17.78
CA SER G 272 62.00 12.62 -16.81
C SER G 272 60.82 11.65 -16.95
N PHE G 273 59.63 12.16 -17.25
CA PHE G 273 58.50 11.28 -17.52
C PHE G 273 58.76 10.40 -18.75
N LEU G 274 59.29 10.98 -19.83
CA LEU G 274 59.61 10.17 -21.01
C LEU G 274 60.69 9.15 -20.69
N VAL G 275 61.65 9.50 -19.84
CA VAL G 275 62.65 8.53 -19.40
C VAL G 275 61.98 7.39 -18.65
N SER G 276 61.01 7.70 -17.79
CA SER G 276 60.31 6.66 -17.05
C SER G 276 59.55 5.73 -17.99
N LEU G 277 58.82 6.30 -18.95
CA LEU G 277 58.12 5.48 -19.95
C LEU G 277 59.10 4.61 -20.74
N ALA G 278 60.23 5.18 -21.16
CA ALA G 278 61.20 4.43 -21.94
C ALA G 278 61.78 3.27 -21.13
N SER G 279 62.10 3.52 -19.87
CA SER G 279 62.66 2.47 -19.01
C SER G 279 61.63 1.37 -18.77
N CYS G 280 60.38 1.76 -18.50
CA CYS G 280 59.33 0.76 -18.27
C CYS G 280 59.09 -0.08 -19.51
N LEU G 281 59.04 0.57 -20.69
CA LEU G 281 58.83 -0.16 -21.94
C LEU G 281 59.99 -1.11 -22.23
N ALA G 282 61.22 -0.66 -21.98
CA ALA G 282 62.37 -1.51 -22.22
C ALA G 282 62.38 -2.72 -21.29
N LEU G 283 62.06 -2.48 -20.00
CA LEU G 283 62.01 -3.58 -19.05
C LEU G 283 60.92 -4.58 -19.42
N GLY G 284 59.76 -4.07 -19.83
CA GLY G 284 58.69 -4.97 -20.24
C GLY G 284 59.03 -5.77 -21.48
N SER G 285 59.66 -5.13 -22.47
CA SER G 285 60.08 -5.83 -23.67
C SER G 285 61.11 -6.91 -23.35
N GLY G 286 62.07 -6.59 -22.48
CA GLY G 286 63.06 -7.58 -22.10
C GLY G 286 62.46 -8.76 -21.36
N LEU G 287 61.54 -8.48 -20.43
CA LEU G 287 60.93 -9.57 -19.67
C LEU G 287 60.02 -10.42 -20.57
N THR G 288 59.32 -9.78 -21.52
CA THR G 288 58.52 -10.54 -22.47
C THR G 288 59.38 -11.42 -23.35
N ALA G 289 60.53 -10.90 -23.81
CA ALA G 289 61.44 -11.70 -24.61
C ALA G 289 61.98 -12.88 -23.81
N CYS G 290 62.32 -12.67 -22.54
CA CYS G 290 62.79 -13.76 -21.71
C CYS G 290 61.69 -14.79 -21.45
N ARG G 291 60.44 -14.32 -21.29
CA ARG G 291 59.32 -15.24 -21.08
C ARG G 291 59.06 -16.08 -22.32
N ALA G 292 59.19 -15.48 -23.50
CA ALA G 292 59.01 -16.23 -24.75
C ALA G 292 60.14 -17.24 -24.93
N ARG G 293 61.30 -16.98 -24.35
CA ARG G 293 62.44 -17.89 -24.41
C ARG G 293 62.15 -19.18 -23.63
N ALA H 258 18.12 76.54 -7.93
CA ALA H 258 16.73 76.95 -8.12
C ALA H 258 15.79 75.75 -8.03
N LEU H 259 14.59 75.91 -8.59
CA LEU H 259 13.58 74.85 -8.60
C LEU H 259 13.28 74.33 -10.01
N ARG H 260 13.38 75.20 -11.02
CA ARG H 260 13.09 74.76 -12.38
C ARG H 260 14.13 73.77 -12.89
N ASP H 261 15.39 73.96 -12.49
CA ASP H 261 16.41 72.97 -12.82
C ASP H 261 16.12 71.64 -12.16
N LEU H 262 15.71 71.67 -10.88
CA LEU H 262 15.30 70.44 -10.20
C LEU H 262 14.05 69.86 -10.84
N ALA H 263 13.16 70.71 -11.36
CA ALA H 263 11.99 70.22 -12.09
C ALA H 263 12.41 69.48 -13.35
N VAL H 264 13.40 70.01 -14.07
CA VAL H 264 13.93 69.32 -15.24
C VAL H 264 14.54 67.98 -14.84
N VAL H 265 15.28 67.97 -13.73
CA VAL H 265 15.87 66.73 -13.25
C VAL H 265 14.78 65.70 -12.93
N TYR H 266 13.70 66.13 -12.28
CA TYR H 266 12.62 65.21 -11.94
C TYR H 266 11.91 64.69 -13.19
N THR H 267 11.63 65.56 -14.14
CA THR H 267 10.77 65.22 -15.27
C THR H 267 11.51 64.72 -16.50
N LEU H 268 12.85 64.73 -16.49
CA LEU H 268 13.59 64.35 -17.69
C LEU H 268 13.47 62.85 -17.95
N GLY H 269 13.40 62.05 -16.89
CA GLY H 269 13.22 60.62 -17.00
C GLY H 269 11.91 60.21 -17.66
N PRO H 270 10.78 60.57 -17.05
CA PRO H 270 9.49 60.24 -17.67
C PRO H 270 9.32 60.83 -19.05
N ALA H 271 9.86 62.03 -19.29
CA ALA H 271 9.82 62.62 -20.63
C ALA H 271 10.59 61.76 -21.61
N SER H 272 11.74 61.23 -21.19
CA SER H 272 12.51 60.34 -22.06
C SER H 272 11.74 59.05 -22.35
N PHE H 273 11.05 58.51 -21.34
CA PHE H 273 10.22 57.34 -21.57
C PHE H 273 9.10 57.62 -22.57
N LEU H 274 8.43 58.77 -22.44
CA LEU H 274 7.37 59.11 -23.39
C LEU H 274 7.93 59.32 -24.79
N VAL H 275 9.13 59.90 -24.89
CA VAL H 275 9.78 60.04 -26.20
C VAL H 275 10.05 58.67 -26.81
N SER H 276 10.53 57.73 -25.99
CA SER H 276 10.77 56.38 -26.48
C SER H 276 9.49 55.71 -26.98
N LEU H 277 8.41 55.83 -26.18
CA LEU H 277 7.14 55.24 -26.59
C LEU H 277 6.60 55.87 -27.87
N ALA H 278 6.73 57.20 -27.98
CA ALA H 278 6.26 57.89 -29.18
C ALA H 278 7.06 57.46 -30.40
N SER H 279 8.39 57.33 -30.26
CA SER H 279 9.22 56.89 -31.36
C SER H 279 8.87 55.47 -31.79
N CYS H 280 8.68 54.57 -30.82
CA CYS H 280 8.30 53.19 -31.14
C CYS H 280 6.95 53.14 -31.84
N LEU H 281 5.98 53.92 -31.35
CA LEU H 281 4.65 53.93 -31.96
C LEU H 281 4.71 54.48 -33.38
N ALA H 282 5.48 55.55 -33.60
CA ALA H 282 5.60 56.13 -34.93
C ALA H 282 6.27 55.16 -35.90
N LEU H 283 7.34 54.49 -35.45
CA LEU H 283 8.02 53.52 -36.31
C LEU H 283 7.10 52.35 -36.63
N GLY H 284 6.34 51.89 -35.65
CA GLY H 284 5.40 50.81 -35.90
C GLY H 284 4.30 51.19 -36.86
N SER H 285 3.77 52.41 -36.72
CA SER H 285 2.75 52.89 -37.64
C SER H 285 3.29 52.99 -39.05
N GLY H 286 4.50 53.53 -39.20
CA GLY H 286 5.10 53.63 -40.52
C GLY H 286 5.35 52.27 -41.16
N LEU H 287 5.86 51.32 -40.37
CA LEU H 287 6.13 50.00 -40.91
C LEU H 287 4.83 49.28 -41.26
N THR H 288 3.78 49.46 -40.45
CA THR H 288 2.49 48.87 -40.78
C THR H 288 1.91 49.47 -42.05
N ALA H 289 2.05 50.78 -42.23
CA ALA H 289 1.57 51.42 -43.45
C ALA H 289 2.32 50.92 -44.67
N CYS H 290 3.64 50.74 -44.54
CA CYS H 290 4.44 50.21 -45.64
C CYS H 290 4.07 48.75 -45.94
N ARG H 291 3.82 47.96 -44.90
CA ARG H 291 3.46 46.56 -45.08
C ARG H 291 2.10 46.42 -45.77
N ALA H 292 1.14 47.28 -45.40
CA ALA H 292 -0.15 47.27 -46.06
C ALA H 292 -0.02 47.68 -47.53
N ARG H 293 0.91 48.57 -47.84
CA ARG H 293 1.16 48.98 -49.21
C ARG H 293 1.76 47.85 -50.03
#